data_2M5S
#
_entry.id   2M5S
#
_entity_poly.entity_id   1
_entity_poly.type   'polypeptide(L)'
_entity_poly.pdbx_seq_one_letter_code
;HHHHHHGSTATGITVSGAQSFKPVAWQLDNDGNKVNVDNRFATVTLSATTGMKRGDKISFAGVKFLGQMAKNVLAQDATF
SVVRVVDGTHVEITPKPVALDDVSLSPEQRAYANVNTSLADAMAVNILNV
;
_entity_poly.pdbx_strand_id   A
#
# COMPACT_ATOMS: atom_id res chain seq x y z
N GLY A 7 -13.51 -19.71 8.94
CA GLY A 7 -13.03 -19.44 7.57
C GLY A 7 -13.67 -18.21 6.98
N SER A 8 -13.63 -18.10 5.65
CA SER A 8 -14.22 -16.97 4.93
C SER A 8 -13.54 -15.67 5.33
N THR A 9 -12.25 -15.77 5.66
CA THR A 9 -11.48 -14.60 6.05
C THR A 9 -10.40 -14.32 5.01
N ALA A 10 -9.88 -15.37 4.40
CA ALA A 10 -8.86 -15.24 3.38
C ALA A 10 -9.47 -14.79 2.06
N THR A 11 -8.80 -13.88 1.38
CA THR A 11 -9.29 -13.33 0.14
C THR A 11 -8.47 -13.83 -1.05
N GLY A 12 -7.19 -13.50 -1.07
CA GLY A 12 -6.32 -13.93 -2.15
C GLY A 12 -6.78 -13.39 -3.49
N ILE A 13 -6.97 -12.09 -3.57
CA ILE A 13 -7.38 -11.43 -4.79
C ILE A 13 -6.18 -10.72 -5.41
N THR A 14 -6.14 -10.62 -6.73
CA THR A 14 -4.97 -10.07 -7.40
C THR A 14 -5.16 -8.59 -7.74
N VAL A 15 -4.05 -7.87 -7.76
CA VAL A 15 -4.03 -6.45 -8.08
C VAL A 15 -4.48 -6.20 -9.53
N SER A 16 -5.04 -5.03 -9.78
CA SER A 16 -5.48 -4.68 -11.12
C SER A 16 -4.66 -3.49 -11.63
N GLY A 17 -3.47 -3.77 -12.13
CA GLY A 17 -2.59 -2.72 -12.61
C GLY A 17 -1.50 -2.41 -11.61
N ALA A 18 -0.48 -1.69 -12.05
CA ALA A 18 0.62 -1.31 -11.18
C ALA A 18 0.47 0.15 -10.76
N GLN A 19 0.70 0.42 -9.49
CA GLN A 19 0.54 1.77 -8.97
C GLN A 19 1.58 2.08 -7.91
N SER A 20 2.10 3.30 -7.96
CA SER A 20 3.05 3.79 -6.98
C SER A 20 2.82 5.27 -6.76
N PHE A 21 2.20 5.61 -5.64
CA PHE A 21 1.95 6.99 -5.31
C PHE A 21 2.95 7.45 -4.26
N LYS A 22 3.27 8.72 -4.27
CA LYS A 22 4.24 9.27 -3.34
C LYS A 22 3.59 10.35 -2.47
N PRO A 23 3.80 10.27 -1.14
CA PRO A 23 3.25 11.26 -0.21
C PRO A 23 4.07 12.54 -0.21
N VAL A 24 3.40 13.66 0.05
CA VAL A 24 4.07 14.95 0.11
C VAL A 24 4.91 15.04 1.38
N ALA A 25 6.20 15.30 1.21
CA ALA A 25 7.14 15.29 2.32
C ALA A 25 7.19 16.63 3.02
N TRP A 26 8.06 16.75 4.03
CA TRP A 26 8.24 18.01 4.72
C TRP A 26 8.88 19.03 3.78
N GLN A 27 9.85 18.56 3.00
CA GLN A 27 10.53 19.43 2.04
C GLN A 27 9.91 19.25 0.66
N LEU A 28 9.08 20.21 0.26
CA LEU A 28 8.43 20.17 -1.04
C LEU A 28 9.36 20.70 -2.12
N ASP A 29 10.51 20.06 -2.27
CA ASP A 29 11.51 20.50 -3.21
C ASP A 29 11.25 19.93 -4.60
N ASN A 30 11.15 18.61 -4.69
CA ASN A 30 10.92 17.95 -5.97
C ASN A 30 9.49 18.18 -6.43
N ASP A 31 8.54 17.81 -5.59
CA ASP A 31 7.13 18.00 -5.89
C ASP A 31 6.51 19.02 -4.96
N GLY A 32 6.14 20.16 -5.53
CA GLY A 32 5.53 21.22 -4.75
C GLY A 32 4.04 21.24 -4.90
N ASN A 33 3.43 20.06 -4.82
CA ASN A 33 1.99 19.93 -4.90
C ASN A 33 1.30 20.74 -3.81
N LYS A 34 0.45 21.66 -4.23
CA LYS A 34 -0.19 22.58 -3.30
C LYS A 34 -1.38 21.94 -2.60
N VAL A 35 -2.13 21.12 -3.33
CA VAL A 35 -3.31 20.47 -2.76
C VAL A 35 -2.90 19.27 -1.92
N ASN A 36 -3.63 19.02 -0.85
CA ASN A 36 -3.34 17.89 0.03
C ASN A 36 -4.36 16.79 -0.19
N VAL A 37 -4.01 15.84 -1.02
CA VAL A 37 -4.91 14.74 -1.36
C VAL A 37 -4.12 13.48 -1.65
N ASP A 38 -4.62 12.35 -1.17
CA ASP A 38 -3.99 11.04 -1.39
C ASP A 38 -2.56 11.06 -0.84
N ASN A 39 -2.40 11.68 0.32
CA ASN A 39 -1.07 11.85 0.91
C ASN A 39 -0.75 10.72 1.89
N ARG A 40 -1.64 10.51 2.85
CA ARG A 40 -1.42 9.49 3.86
C ARG A 40 -2.20 8.23 3.54
N PHE A 41 -3.25 8.39 2.76
CA PHE A 41 -4.08 7.27 2.35
C PHE A 41 -3.63 6.76 0.98
N ALA A 42 -3.71 5.45 0.80
CA ALA A 42 -3.38 4.84 -0.47
C ALA A 42 -4.60 4.16 -1.05
N THR A 43 -5.04 4.66 -2.19
CA THR A 43 -6.22 4.12 -2.85
C THR A 43 -5.83 2.96 -3.76
N VAL A 44 -6.04 1.74 -3.26
CA VAL A 44 -5.58 0.53 -3.93
C VAL A 44 -6.54 0.09 -5.02
N THR A 45 -6.04 -0.01 -6.24
CA THR A 45 -6.83 -0.48 -7.36
C THR A 45 -6.60 -1.97 -7.58
N LEU A 46 -7.59 -2.76 -7.20
CA LEU A 46 -7.46 -4.21 -7.25
C LEU A 46 -8.58 -4.80 -8.09
N SER A 47 -8.45 -6.06 -8.47
CA SER A 47 -9.48 -6.70 -9.28
C SER A 47 -10.80 -6.69 -8.51
N ALA A 48 -10.76 -7.23 -7.31
CA ALA A 48 -11.91 -7.26 -6.43
C ALA A 48 -11.47 -6.90 -5.01
N THR A 49 -12.26 -6.11 -4.32
CA THR A 49 -11.96 -5.80 -2.93
C THR A 49 -13.22 -5.98 -2.11
N THR A 50 -14.13 -6.82 -2.64
CA THR A 50 -15.37 -7.14 -1.96
C THR A 50 -15.12 -8.17 -0.86
N GLY A 51 -15.77 -7.98 0.27
CA GLY A 51 -15.52 -8.83 1.42
C GLY A 51 -14.66 -8.12 2.44
N MET A 52 -14.15 -6.96 2.03
CA MET A 52 -13.34 -6.13 2.91
C MET A 52 -14.23 -5.09 3.59
N LYS A 53 -13.86 -4.72 4.79
CA LYS A 53 -14.59 -3.71 5.54
C LYS A 53 -13.60 -2.80 6.25
N ARG A 54 -14.06 -1.65 6.70
CA ARG A 54 -13.20 -0.69 7.38
C ARG A 54 -12.54 -1.32 8.60
N GLY A 55 -11.25 -1.07 8.77
CA GLY A 55 -10.53 -1.57 9.93
C GLY A 55 -10.09 -3.01 9.75
N ASP A 56 -10.03 -3.47 8.52
CA ASP A 56 -9.64 -4.85 8.25
C ASP A 56 -8.16 -4.93 7.96
N LYS A 57 -7.65 -6.14 7.81
CA LYS A 57 -6.23 -6.35 7.57
C LYS A 57 -6.01 -6.95 6.20
N ILE A 58 -5.33 -6.22 5.35
CA ILE A 58 -4.97 -6.75 4.04
C ILE A 58 -3.46 -6.70 3.86
N SER A 59 -2.93 -7.75 3.25
CA SER A 59 -1.50 -7.84 3.01
C SER A 59 -1.23 -7.95 1.52
N PHE A 60 -0.14 -7.36 1.09
CA PHE A 60 0.25 -7.39 -0.32
C PHE A 60 1.42 -8.32 -0.53
N ALA A 61 1.17 -9.44 -1.20
CA ALA A 61 2.18 -10.46 -1.41
C ALA A 61 3.31 -9.96 -2.29
N GLY A 62 4.49 -9.83 -1.70
CA GLY A 62 5.64 -9.34 -2.44
C GLY A 62 6.06 -7.97 -1.96
N VAL A 63 5.09 -7.18 -1.58
CA VAL A 63 5.32 -5.86 -1.01
C VAL A 63 5.52 -5.99 0.48
N LYS A 64 6.68 -5.62 1.00
CA LYS A 64 6.94 -5.73 2.43
C LYS A 64 7.90 -4.64 2.89
N PHE A 65 8.09 -4.53 4.20
CA PHE A 65 8.78 -3.40 4.80
C PHE A 65 10.30 -3.57 4.77
N LEU A 66 10.98 -2.44 4.69
CA LEU A 66 12.44 -2.40 4.64
C LEU A 66 13.04 -2.87 5.95
N GLY A 67 13.91 -3.87 5.87
CA GLY A 67 14.58 -4.37 7.05
C GLY A 67 14.15 -5.79 7.39
N GLN A 68 12.93 -6.13 7.00
CA GLN A 68 12.38 -7.45 7.28
C GLN A 68 13.18 -8.54 6.57
N MET A 69 13.43 -8.34 5.29
CA MET A 69 14.07 -9.35 4.45
C MET A 69 15.53 -9.57 4.83
N ALA A 70 16.10 -8.58 5.51
CA ALA A 70 17.51 -8.65 5.91
C ALA A 70 17.72 -9.66 7.04
N LYS A 71 16.63 -10.07 7.68
CA LYS A 71 16.71 -11.03 8.77
C LYS A 71 15.69 -12.15 8.56
N ASN A 72 14.45 -11.77 8.33
CA ASN A 72 13.37 -12.73 8.18
C ASN A 72 13.32 -13.25 6.76
N VAL A 73 13.74 -14.49 6.58
CA VAL A 73 13.70 -15.13 5.27
C VAL A 73 12.25 -15.28 4.82
N LEU A 74 11.39 -15.68 5.75
CA LEU A 74 9.97 -15.76 5.51
C LEU A 74 9.30 -14.48 6.02
N ALA A 75 9.78 -13.36 5.52
CA ALA A 75 9.29 -12.05 5.93
C ALA A 75 7.82 -11.87 5.55
N GLN A 76 7.03 -11.41 6.52
CA GLN A 76 5.61 -11.18 6.31
C GLN A 76 5.41 -10.06 5.30
N ASP A 77 4.26 -10.06 4.65
CA ASP A 77 3.95 -9.07 3.64
C ASP A 77 3.46 -7.78 4.30
N ALA A 78 3.41 -6.70 3.51
CA ALA A 78 3.02 -5.40 3.99
C ALA A 78 1.61 -5.43 4.60
N THR A 79 1.55 -5.21 5.90
CA THR A 79 0.29 -5.23 6.62
C THR A 79 -0.26 -3.83 6.79
N PHE A 80 -1.28 -3.49 6.02
CA PHE A 80 -1.90 -2.18 6.11
C PHE A 80 -3.35 -2.30 6.56
N SER A 81 -3.81 -1.31 7.29
CA SER A 81 -5.18 -1.28 7.77
C SER A 81 -6.05 -0.48 6.80
N VAL A 82 -7.11 -1.12 6.33
CA VAL A 82 -8.03 -0.49 5.40
C VAL A 82 -8.92 0.52 6.14
N VAL A 83 -9.18 1.65 5.51
CA VAL A 83 -10.00 2.68 6.12
C VAL A 83 -11.40 2.69 5.52
N ARG A 84 -11.50 2.45 4.22
CA ARG A 84 -12.78 2.46 3.54
C ARG A 84 -12.71 1.68 2.23
N VAL A 85 -13.74 0.88 1.98
CA VAL A 85 -13.91 0.24 0.69
C VAL A 85 -14.74 1.16 -0.20
N VAL A 86 -14.10 1.78 -1.16
CA VAL A 86 -14.72 2.81 -1.97
C VAL A 86 -15.66 2.22 -3.03
N ASP A 87 -15.10 1.40 -3.91
CA ASP A 87 -15.87 0.87 -5.04
C ASP A 87 -16.09 -0.63 -4.92
N GLY A 88 -15.51 -1.23 -3.88
CA GLY A 88 -15.52 -2.67 -3.73
C GLY A 88 -14.62 -3.34 -4.75
N THR A 89 -13.80 -2.51 -5.39
CA THR A 89 -12.76 -2.93 -6.31
C THR A 89 -11.63 -1.92 -6.20
N HIS A 90 -11.66 -1.20 -5.09
CA HIS A 90 -10.85 -0.02 -4.89
C HIS A 90 -10.95 0.38 -3.42
N VAL A 91 -9.86 0.29 -2.69
CA VAL A 91 -9.88 0.56 -1.25
C VAL A 91 -8.96 1.72 -0.92
N GLU A 92 -9.08 2.26 0.27
CA GLU A 92 -8.12 3.25 0.75
C GLU A 92 -7.52 2.80 2.07
N ILE A 93 -6.21 2.62 2.07
CA ILE A 93 -5.49 2.17 3.25
C ILE A 93 -4.57 3.26 3.77
N THR A 94 -4.00 3.04 4.94
CA THR A 94 -2.98 3.93 5.47
C THR A 94 -2.10 3.15 6.45
N PRO A 95 -0.79 3.45 6.51
CA PRO A 95 -0.14 4.47 5.67
C PRO A 95 0.00 4.05 4.21
N LYS A 96 0.58 4.93 3.41
CA LYS A 96 0.78 4.66 1.98
C LYS A 96 2.08 3.92 1.74
N PRO A 97 2.04 2.78 1.03
CA PRO A 97 3.23 2.01 0.68
C PRO A 97 4.10 2.73 -0.35
N VAL A 98 5.35 2.98 0.01
CA VAL A 98 6.31 3.62 -0.87
C VAL A 98 7.61 2.84 -0.91
N ALA A 99 8.07 2.53 -2.11
CA ALA A 99 9.25 1.68 -2.29
C ALA A 99 10.54 2.47 -2.25
N LEU A 100 11.53 1.89 -1.59
CA LEU A 100 12.87 2.48 -1.49
C LEU A 100 13.65 2.19 -2.77
N ASP A 101 13.31 1.09 -3.43
CA ASP A 101 13.99 0.70 -4.66
C ASP A 101 13.51 1.52 -5.85
N ASP A 102 12.45 2.28 -5.66
CA ASP A 102 11.89 3.07 -6.74
C ASP A 102 12.65 4.38 -6.88
N VAL A 103 13.30 4.55 -8.01
CA VAL A 103 14.10 5.74 -8.27
C VAL A 103 13.24 6.91 -8.75
N SER A 104 11.94 6.69 -8.86
CA SER A 104 11.03 7.71 -9.36
C SER A 104 10.86 8.84 -8.36
N LEU A 105 11.19 8.58 -7.11
CA LEU A 105 11.01 9.56 -6.05
C LEU A 105 12.29 10.36 -5.80
N SER A 106 12.16 11.43 -5.02
CA SER A 106 13.29 12.26 -4.64
C SER A 106 13.94 11.72 -3.38
N PRO A 107 15.26 11.94 -3.17
CA PRO A 107 15.99 11.46 -1.99
C PRO A 107 15.20 11.60 -0.68
N GLU A 108 14.57 12.74 -0.48
CA GLU A 108 13.75 12.99 0.71
C GLU A 108 12.73 11.87 0.91
N GLN A 109 12.07 11.49 -0.18
CA GLN A 109 11.02 10.49 -0.15
C GLN A 109 11.58 9.12 0.26
N ARG A 110 12.87 8.91 0.02
CA ARG A 110 13.51 7.64 0.36
C ARG A 110 13.53 7.44 1.87
N ALA A 111 13.60 8.55 2.59
CA ALA A 111 13.54 8.51 4.05
C ALA A 111 12.14 8.11 4.51
N TYR A 112 11.14 8.52 3.74
CA TYR A 112 9.75 8.21 4.05
C TYR A 112 9.35 6.85 3.50
N ALA A 113 10.21 6.27 2.67
CA ALA A 113 9.93 4.97 2.06
C ALA A 113 9.82 3.89 3.13
N ASN A 114 8.81 3.04 3.01
CA ASN A 114 8.54 2.05 4.03
C ASN A 114 8.63 0.62 3.48
N VAL A 115 8.31 0.44 2.20
CA VAL A 115 8.31 -0.89 1.61
C VAL A 115 9.42 -1.03 0.57
N ASN A 116 9.70 -2.26 0.20
CA ASN A 116 10.77 -2.57 -0.75
C ASN A 116 10.32 -2.30 -2.18
N THR A 117 9.12 -2.74 -2.52
CA THR A 117 8.64 -2.62 -3.88
C THR A 117 7.23 -2.03 -3.91
N SER A 118 6.96 -1.25 -4.96
CA SER A 118 5.64 -0.69 -5.16
C SER A 118 4.68 -1.78 -5.64
N LEU A 119 3.40 -1.47 -5.67
CA LEU A 119 2.39 -2.46 -6.04
C LEU A 119 2.40 -2.66 -7.55
N ALA A 120 3.00 -3.77 -7.98
CA ALA A 120 3.09 -4.10 -9.39
C ALA A 120 1.90 -4.96 -9.78
N ASP A 121 1.69 -5.11 -11.09
CA ASP A 121 0.51 -5.79 -11.60
C ASP A 121 0.66 -7.31 -11.56
N ALA A 122 0.82 -7.84 -10.35
CA ALA A 122 0.82 -9.28 -10.10
C ALA A 122 0.93 -9.57 -8.62
N MET A 123 0.42 -8.66 -7.79
CA MET A 123 0.52 -8.81 -6.35
C MET A 123 -0.79 -9.32 -5.78
N ALA A 124 -0.71 -10.31 -4.90
CA ALA A 124 -1.89 -10.88 -4.28
C ALA A 124 -2.23 -10.14 -2.99
N VAL A 125 -3.50 -9.81 -2.83
CA VAL A 125 -4.00 -9.12 -1.65
C VAL A 125 -4.83 -10.07 -0.82
N ASN A 126 -4.30 -10.48 0.32
CA ASN A 126 -4.96 -11.46 1.16
C ASN A 126 -5.18 -10.91 2.56
N ILE A 127 -6.38 -11.08 3.07
CA ILE A 127 -6.69 -10.74 4.46
C ILE A 127 -6.14 -11.80 5.40
N LEU A 128 -5.42 -11.35 6.41
CA LEU A 128 -4.84 -12.25 7.39
C LEU A 128 -5.88 -12.57 8.45
N ASN A 129 -5.98 -13.84 8.83
CA ASN A 129 -6.97 -14.27 9.79
C ASN A 129 -6.41 -14.20 11.20
N VAL A 130 -6.96 -13.30 12.00
CA VAL A 130 -6.54 -13.12 13.37
C VAL A 130 -7.65 -12.43 14.16
N GLY A 7 -16.85 -11.48 4.94
CA GLY A 7 -16.49 -12.76 5.59
C GLY A 7 -15.64 -13.64 4.70
N SER A 8 -14.33 -13.52 4.82
CA SER A 8 -13.41 -14.33 4.07
C SER A 8 -12.09 -14.47 4.82
N THR A 9 -11.63 -15.71 4.97
CA THR A 9 -10.38 -15.99 5.65
C THR A 9 -9.22 -16.10 4.65
N ALA A 10 -9.58 -16.11 3.37
CA ALA A 10 -8.61 -16.19 2.30
C ALA A 10 -9.19 -15.59 1.02
N THR A 11 -8.85 -14.34 0.75
CA THR A 11 -9.37 -13.64 -0.42
C THR A 11 -8.60 -14.02 -1.68
N GLY A 12 -7.29 -13.84 -1.66
CA GLY A 12 -6.47 -14.23 -2.79
C GLY A 12 -6.85 -13.51 -4.07
N ILE A 13 -6.96 -12.19 -3.98
CA ILE A 13 -7.30 -11.38 -5.14
C ILE A 13 -6.05 -10.68 -5.64
N THR A 14 -5.90 -10.56 -6.96
CA THR A 14 -4.69 -9.98 -7.52
C THR A 14 -4.87 -8.50 -7.86
N VAL A 15 -3.76 -7.79 -7.83
CA VAL A 15 -3.70 -6.37 -8.16
C VAL A 15 -4.21 -6.11 -9.58
N SER A 16 -4.76 -4.93 -9.81
CA SER A 16 -5.25 -4.57 -11.13
C SER A 16 -4.29 -3.58 -11.80
N GLY A 17 -3.14 -4.09 -12.23
CA GLY A 17 -2.16 -3.24 -12.88
C GLY A 17 -1.08 -2.80 -11.92
N ALA A 18 0.07 -2.42 -12.45
CA ALA A 18 1.17 -1.94 -11.63
C ALA A 18 0.86 -0.54 -11.09
N GLN A 19 0.77 -0.43 -9.77
CA GLN A 19 0.44 0.83 -9.13
C GLN A 19 1.43 1.15 -8.03
N SER A 20 2.00 2.33 -8.09
CA SER A 20 2.93 2.78 -7.07
C SER A 20 2.37 4.02 -6.38
N PHE A 21 2.28 3.96 -5.07
CA PHE A 21 1.65 5.03 -4.30
C PHE A 21 2.63 6.17 -4.07
N LYS A 22 2.19 7.39 -4.33
CA LYS A 22 3.07 8.55 -4.25
C LYS A 22 2.47 9.67 -3.41
N PRO A 23 3.06 9.93 -2.24
CA PRO A 23 2.73 11.09 -1.44
C PRO A 23 3.63 12.27 -1.79
N VAL A 24 3.04 13.36 -2.25
CA VAL A 24 3.82 14.54 -2.57
C VAL A 24 4.33 15.19 -1.29
N ALA A 25 5.64 15.15 -1.10
CA ALA A 25 6.26 15.66 0.11
C ALA A 25 7.47 16.53 -0.23
N TRP A 26 7.54 17.70 0.41
CA TRP A 26 8.63 18.65 0.19
C TRP A 26 8.75 19.03 -1.28
N GLN A 27 7.60 19.23 -1.92
CA GLN A 27 7.58 19.61 -3.33
C GLN A 27 6.46 20.60 -3.56
N LEU A 28 6.70 21.54 -4.49
CA LEU A 28 5.73 22.57 -4.83
C LEU A 28 5.54 23.56 -3.68
N ASP A 29 4.60 24.47 -3.85
CA ASP A 29 4.33 25.49 -2.85
C ASP A 29 3.15 25.06 -1.97
N ASN A 30 2.50 26.03 -1.33
CA ASN A 30 1.36 25.76 -0.47
C ASN A 30 0.22 25.11 -1.25
N ASP A 31 0.11 25.45 -2.52
CA ASP A 31 -0.96 24.92 -3.35
C ASP A 31 -0.51 23.65 -4.05
N GLY A 32 -1.11 22.54 -3.66
CA GLY A 32 -0.81 21.26 -4.27
C GLY A 32 -2.06 20.47 -4.55
N ASN A 33 -1.91 19.15 -4.60
CA ASN A 33 -3.04 18.25 -4.84
C ASN A 33 -3.97 18.21 -3.63
N LYS A 34 -5.13 18.84 -3.76
CA LYS A 34 -6.06 18.94 -2.64
C LYS A 34 -7.38 18.25 -2.97
N VAL A 35 -7.53 17.83 -4.22
CA VAL A 35 -8.78 17.22 -4.66
C VAL A 35 -8.82 15.76 -4.27
N ASN A 36 -7.69 15.13 -4.40
CA ASN A 36 -7.55 13.71 -4.09
C ASN A 36 -7.03 13.53 -2.67
N VAL A 37 -7.21 12.34 -2.13
CA VAL A 37 -6.75 12.04 -0.78
C VAL A 37 -5.68 10.97 -0.83
N ASP A 38 -4.75 11.16 -1.77
CA ASP A 38 -3.67 10.22 -1.97
C ASP A 38 -2.36 10.73 -1.38
N ASN A 39 -2.44 11.79 -0.61
CA ASN A 39 -1.27 12.31 0.08
C ASN A 39 -1.00 11.47 1.32
N ARG A 40 -2.01 11.31 2.14
CA ARG A 40 -1.90 10.53 3.37
C ARG A 40 -2.29 9.09 3.11
N PHE A 41 -3.54 8.87 2.75
CA PHE A 41 -4.04 7.52 2.56
C PHE A 41 -3.62 6.97 1.21
N ALA A 42 -3.51 5.66 1.12
CA ALA A 42 -3.15 4.99 -0.12
C ALA A 42 -4.36 4.31 -0.73
N THR A 43 -4.75 4.76 -1.92
CA THR A 43 -5.91 4.22 -2.58
C THR A 43 -5.51 3.06 -3.51
N VAL A 44 -5.73 1.83 -3.04
CA VAL A 44 -5.27 0.64 -3.73
C VAL A 44 -6.21 0.22 -4.84
N THR A 45 -5.70 0.21 -6.07
CA THR A 45 -6.46 -0.23 -7.22
C THR A 45 -6.27 -1.72 -7.44
N LEU A 46 -7.30 -2.49 -7.17
CA LEU A 46 -7.20 -3.94 -7.26
C LEU A 46 -8.32 -4.49 -8.13
N SER A 47 -8.21 -5.74 -8.55
CA SER A 47 -9.25 -6.35 -9.37
C SER A 47 -10.57 -6.32 -8.62
N ALA A 48 -10.55 -6.88 -7.42
CA ALA A 48 -11.69 -6.90 -6.55
C ALA A 48 -11.22 -6.61 -5.14
N THR A 49 -11.98 -5.85 -4.38
CA THR A 49 -11.64 -5.62 -3.00
C THR A 49 -12.84 -5.96 -2.14
N THR A 50 -13.68 -6.83 -2.69
CA THR A 50 -14.82 -7.38 -1.98
C THR A 50 -14.34 -8.35 -0.91
N GLY A 51 -14.94 -8.29 0.26
CA GLY A 51 -14.48 -9.08 1.37
C GLY A 51 -13.77 -8.21 2.39
N MET A 52 -13.50 -6.98 1.98
CA MET A 52 -12.86 -6.01 2.85
C MET A 52 -13.93 -5.14 3.51
N LYS A 53 -13.70 -4.79 4.76
CA LYS A 53 -14.61 -3.95 5.51
C LYS A 53 -13.85 -3.22 6.60
N ARG A 54 -14.21 -1.95 6.81
CA ARG A 54 -13.48 -1.03 7.67
C ARG A 54 -13.06 -1.68 9.00
N GLY A 55 -11.76 -1.76 9.22
CA GLY A 55 -11.24 -2.34 10.44
C GLY A 55 -10.44 -3.61 10.22
N ASP A 56 -10.49 -4.16 9.01
CA ASP A 56 -9.79 -5.41 8.72
C ASP A 56 -8.31 -5.18 8.41
N LYS A 57 -7.63 -6.28 8.09
CA LYS A 57 -6.22 -6.26 7.80
C LYS A 57 -5.96 -6.87 6.43
N ILE A 58 -5.41 -6.09 5.51
CA ILE A 58 -5.12 -6.61 4.19
C ILE A 58 -3.61 -6.70 3.98
N SER A 59 -3.18 -7.78 3.36
CA SER A 59 -1.77 -8.05 3.20
C SER A 59 -1.43 -8.27 1.74
N PHE A 60 -0.42 -7.58 1.26
CA PHE A 60 0.01 -7.72 -0.11
C PHE A 60 1.19 -8.68 -0.21
N ALA A 61 0.95 -9.84 -0.80
CA ALA A 61 1.99 -10.84 -0.96
C ALA A 61 2.97 -10.41 -2.04
N GLY A 62 4.22 -10.29 -1.66
CA GLY A 62 5.23 -9.81 -2.58
C GLY A 62 5.76 -8.46 -2.15
N VAL A 63 4.92 -7.71 -1.46
CA VAL A 63 5.30 -6.41 -0.93
C VAL A 63 5.60 -6.53 0.55
N LYS A 64 6.73 -6.00 0.99
CA LYS A 64 7.16 -6.15 2.38
C LYS A 64 7.81 -4.87 2.89
N PHE A 65 7.82 -4.72 4.21
CA PHE A 65 8.30 -3.49 4.84
C PHE A 65 9.81 -3.48 5.01
N LEU A 66 10.38 -2.29 4.96
CA LEU A 66 11.80 -2.08 5.17
C LEU A 66 12.13 -2.11 6.66
N GLY A 67 13.40 -1.95 6.99
CA GLY A 67 13.83 -2.01 8.37
C GLY A 67 14.02 -3.44 8.83
N GLN A 68 13.11 -4.31 8.41
CA GLN A 68 13.21 -5.72 8.70
C GLN A 68 13.98 -6.43 7.60
N MET A 69 14.25 -5.70 6.52
CA MET A 69 14.98 -6.26 5.38
C MET A 69 16.44 -5.88 5.43
N ALA A 70 16.98 -5.74 6.63
CA ALA A 70 18.40 -5.42 6.78
C ALA A 70 19.26 -6.57 6.28
N LYS A 71 18.89 -7.78 6.71
CA LYS A 71 19.53 -8.99 6.23
C LYS A 71 18.49 -10.08 5.97
N ASN A 72 17.31 -9.89 6.57
CA ASN A 72 16.24 -10.87 6.45
C ASN A 72 15.41 -10.59 5.22
N VAL A 73 15.29 -11.58 4.37
CA VAL A 73 14.49 -11.48 3.16
C VAL A 73 13.03 -11.77 3.48
N LEU A 74 12.83 -12.63 4.47
CA LEU A 74 11.48 -13.01 4.90
C LEU A 74 10.92 -11.99 5.89
N ALA A 75 11.07 -10.72 5.56
CA ALA A 75 10.60 -9.65 6.41
C ALA A 75 9.07 -9.61 6.45
N GLN A 76 8.53 -8.84 7.39
CA GLN A 76 7.09 -8.71 7.53
C GLN A 76 6.46 -8.14 6.25
N ASP A 77 5.48 -8.87 5.73
CA ASP A 77 4.76 -8.47 4.53
C ASP A 77 4.03 -7.15 4.78
N ALA A 78 3.71 -6.45 3.70
CA ALA A 78 3.01 -5.18 3.78
C ALA A 78 1.57 -5.37 4.21
N THR A 79 1.37 -5.43 5.52
CA THR A 79 0.05 -5.57 6.10
C THR A 79 -0.49 -4.21 6.50
N PHE A 80 -1.63 -3.83 5.95
CA PHE A 80 -2.24 -2.54 6.24
C PHE A 80 -3.65 -2.72 6.76
N SER A 81 -4.08 -1.74 7.54
CA SER A 81 -5.43 -1.74 8.08
C SER A 81 -6.37 -1.03 7.12
N VAL A 82 -7.45 -1.69 6.74
CA VAL A 82 -8.41 -1.12 5.81
C VAL A 82 -9.13 0.06 6.48
N VAL A 83 -9.25 1.16 5.77
CA VAL A 83 -9.91 2.33 6.29
C VAL A 83 -11.33 2.44 5.75
N ARG A 84 -11.45 2.40 4.42
CA ARG A 84 -12.76 2.55 3.78
C ARG A 84 -12.74 1.92 2.38
N VAL A 85 -13.75 1.11 2.12
CA VAL A 85 -13.95 0.52 0.80
C VAL A 85 -14.70 1.51 -0.10
N VAL A 86 -14.03 1.98 -1.14
CA VAL A 86 -14.59 3.02 -2.01
C VAL A 86 -15.64 2.45 -2.95
N ASP A 87 -15.23 1.49 -3.78
CA ASP A 87 -16.14 0.91 -4.78
C ASP A 87 -16.14 -0.60 -4.68
N GLY A 88 -15.25 -1.15 -3.87
CA GLY A 88 -15.08 -2.59 -3.82
C GLY A 88 -14.16 -3.05 -4.94
N THR A 89 -13.48 -2.09 -5.55
CA THR A 89 -12.44 -2.34 -6.53
C THR A 89 -11.27 -1.41 -6.25
N HIS A 90 -11.38 -0.70 -5.13
CA HIS A 90 -10.51 0.40 -4.80
C HIS A 90 -10.65 0.71 -3.32
N VAL A 91 -9.57 0.60 -2.56
CA VAL A 91 -9.63 0.80 -1.11
C VAL A 91 -8.72 1.96 -0.70
N GLU A 92 -8.93 2.50 0.48
CA GLU A 92 -8.02 3.48 1.04
C GLU A 92 -7.45 2.96 2.36
N ILE A 93 -6.12 3.00 2.48
CA ILE A 93 -5.45 2.47 3.66
C ILE A 93 -4.39 3.44 4.19
N THR A 94 -3.85 3.11 5.35
CA THR A 94 -2.76 3.86 5.94
C THR A 94 -1.94 2.93 6.84
N PRO A 95 -0.61 3.10 6.88
CA PRO A 95 0.10 4.12 6.10
C PRO A 95 0.21 3.77 4.62
N LYS A 96 0.85 4.65 3.85
CA LYS A 96 1.00 4.45 2.42
C LYS A 96 2.30 3.73 2.09
N PRO A 97 2.22 2.59 1.39
CA PRO A 97 3.41 1.85 0.95
C PRO A 97 4.18 2.58 -0.15
N VAL A 98 5.35 3.08 0.20
CA VAL A 98 6.23 3.74 -0.75
C VAL A 98 7.54 2.96 -0.86
N ALA A 99 7.94 2.66 -2.09
CA ALA A 99 9.12 1.84 -2.33
C ALA A 99 10.38 2.69 -2.38
N LEU A 100 11.39 2.22 -1.66
CA LEU A 100 12.69 2.89 -1.62
C LEU A 100 13.39 2.77 -2.97
N ASP A 101 13.06 1.71 -3.70
CA ASP A 101 13.67 1.47 -5.00
C ASP A 101 12.77 1.95 -6.15
N ASP A 102 11.84 2.83 -5.84
CA ASP A 102 10.94 3.36 -6.86
C ASP A 102 11.70 4.35 -7.75
N VAL A 103 11.58 4.17 -9.05
CA VAL A 103 12.35 4.97 -10.00
C VAL A 103 11.67 6.33 -10.30
N SER A 104 10.39 6.45 -9.98
CA SER A 104 9.60 7.58 -10.42
C SER A 104 9.64 8.74 -9.42
N LEU A 105 9.68 8.41 -8.13
CA LEU A 105 9.62 9.43 -7.09
C LEU A 105 10.90 10.26 -7.00
N SER A 106 10.86 11.25 -6.12
CA SER A 106 11.99 12.14 -5.88
C SER A 106 12.70 11.76 -4.58
N PRO A 107 13.98 12.16 -4.42
CA PRO A 107 14.81 11.84 -3.24
C PRO A 107 14.07 11.91 -1.90
N GLU A 108 13.40 13.03 -1.63
CA GLU A 108 12.72 13.24 -0.35
C GLU A 108 11.68 12.16 -0.09
N GLN A 109 11.02 11.70 -1.14
CA GLN A 109 9.97 10.70 -1.01
C GLN A 109 10.55 9.35 -0.63
N ARG A 110 11.81 9.11 -1.01
CA ARG A 110 12.50 7.88 -0.66
C ARG A 110 12.79 7.83 0.83
N ALA A 111 12.83 9.00 1.46
CA ALA A 111 13.00 9.07 2.91
C ALA A 111 11.74 8.59 3.61
N TYR A 112 10.59 8.87 3.00
CA TYR A 112 9.31 8.44 3.55
C TYR A 112 8.95 7.03 3.12
N ALA A 113 9.83 6.42 2.33
CA ALA A 113 9.62 5.07 1.84
C ALA A 113 9.62 4.06 2.99
N ASN A 114 8.80 3.04 2.88
CA ASN A 114 8.66 2.05 3.95
C ASN A 114 8.61 0.62 3.41
N VAL A 115 8.48 0.48 2.09
CA VAL A 115 8.50 -0.84 1.47
C VAL A 115 9.60 -0.90 0.43
N ASN A 116 10.08 -2.10 0.15
CA ASN A 116 11.20 -2.29 -0.78
C ASN A 116 10.71 -2.35 -2.21
N THR A 117 9.46 -2.75 -2.38
CA THR A 117 8.88 -2.88 -3.70
C THR A 117 7.49 -2.25 -3.71
N SER A 118 7.17 -1.58 -4.80
CA SER A 118 5.85 -1.00 -4.98
C SER A 118 4.88 -2.09 -5.41
N LEU A 119 3.60 -1.77 -5.49
CA LEU A 119 2.60 -2.75 -5.86
C LEU A 119 2.70 -3.04 -7.36
N ALA A 120 3.31 -4.19 -7.68
CA ALA A 120 3.52 -4.58 -9.06
C ALA A 120 2.34 -5.42 -9.54
N ASP A 121 2.23 -5.57 -10.86
CA ASP A 121 1.08 -6.23 -11.47
C ASP A 121 1.18 -7.75 -11.35
N ALA A 122 1.21 -8.23 -10.11
CA ALA A 122 1.18 -9.65 -9.79
C ALA A 122 1.20 -9.87 -8.28
N MET A 123 0.65 -8.91 -7.54
CA MET A 123 0.65 -9.00 -6.09
C MET A 123 -0.69 -9.53 -5.60
N ALA A 124 -0.64 -10.47 -4.68
CA ALA A 124 -1.84 -11.08 -4.14
C ALA A 124 -2.27 -10.38 -2.85
N VAL A 125 -3.55 -10.03 -2.78
CA VAL A 125 -4.10 -9.36 -1.62
C VAL A 125 -4.93 -10.33 -0.79
N ASN A 126 -4.47 -10.61 0.42
CA ASN A 126 -5.17 -11.53 1.31
C ASN A 126 -5.33 -10.91 2.69
N ILE A 127 -6.40 -11.30 3.39
CA ILE A 127 -6.69 -10.76 4.70
C ILE A 127 -6.30 -11.73 5.80
N LEU A 128 -5.58 -11.24 6.79
CA LEU A 128 -5.25 -12.01 7.97
C LEU A 128 -6.38 -11.89 8.98
N ASN A 129 -7.05 -12.98 9.28
CA ASN A 129 -8.19 -12.95 10.19
C ASN A 129 -7.80 -13.43 11.58
N VAL A 130 -8.45 -12.84 12.58
CA VAL A 130 -8.23 -13.23 13.96
C VAL A 130 -8.83 -14.60 14.23
N GLY A 7 -11.88 -18.38 11.47
CA GLY A 7 -12.34 -19.16 10.30
C GLY A 7 -11.58 -18.79 9.04
N SER A 8 -12.23 -18.94 7.90
CA SER A 8 -11.61 -18.61 6.62
C SER A 8 -11.93 -17.16 6.25
N THR A 9 -10.91 -16.42 5.84
CA THR A 9 -11.09 -15.03 5.44
C THR A 9 -11.58 -14.94 3.99
N ALA A 10 -11.33 -16.00 3.23
CA ALA A 10 -11.84 -16.14 1.86
C ALA A 10 -11.62 -14.88 1.04
N THR A 11 -10.38 -14.61 0.69
CA THR A 11 -10.05 -13.45 -0.12
C THR A 11 -9.69 -13.86 -1.55
N GLY A 12 -8.46 -14.33 -1.76
CA GLY A 12 -8.02 -14.70 -3.10
C GLY A 12 -8.09 -13.53 -4.05
N ILE A 13 -7.56 -12.41 -3.62
CA ILE A 13 -7.66 -11.17 -4.38
C ILE A 13 -6.36 -10.90 -5.14
N THR A 14 -6.48 -10.34 -6.33
CA THR A 14 -5.30 -9.98 -7.12
C THR A 14 -5.27 -8.49 -7.42
N VAL A 15 -4.13 -8.02 -7.91
CA VAL A 15 -3.92 -6.62 -8.21
C VAL A 15 -4.43 -6.27 -9.60
N SER A 16 -4.86 -5.03 -9.79
CA SER A 16 -5.33 -4.58 -11.10
C SER A 16 -4.31 -3.65 -11.74
N GLY A 17 -3.10 -4.15 -11.96
CA GLY A 17 -2.07 -3.37 -12.59
C GLY A 17 -1.04 -2.84 -11.61
N ALA A 18 0.13 -2.49 -12.12
CA ALA A 18 1.21 -1.96 -11.30
C ALA A 18 0.86 -0.56 -10.81
N GLN A 19 1.02 -0.33 -9.52
CA GLN A 19 0.66 0.93 -8.90
C GLN A 19 1.75 1.42 -7.97
N SER A 20 2.18 2.65 -8.19
CA SER A 20 3.15 3.29 -7.31
C SER A 20 2.47 4.41 -6.53
N PHE A 21 2.86 4.57 -5.28
CA PHE A 21 2.27 5.58 -4.43
C PHE A 21 3.35 6.48 -3.85
N LYS A 22 3.14 7.79 -3.96
CA LYS A 22 4.08 8.76 -3.42
C LYS A 22 3.36 9.79 -2.56
N PRO A 23 3.98 10.18 -1.43
CA PRO A 23 3.41 11.17 -0.54
C PRO A 23 3.85 12.59 -0.90
N VAL A 24 3.09 13.57 -0.43
CA VAL A 24 3.44 14.97 -0.66
C VAL A 24 4.53 15.42 0.29
N ALA A 25 5.77 15.16 -0.08
CA ALA A 25 6.91 15.57 0.72
C ALA A 25 7.57 16.78 0.10
N TRP A 26 7.35 17.94 0.71
CA TRP A 26 7.91 19.17 0.20
C TRP A 26 8.53 19.96 1.35
N GLN A 27 9.73 20.47 1.14
CA GLN A 27 10.43 21.23 2.16
C GLN A 27 9.66 22.49 2.52
N LEU A 28 9.37 22.63 3.80
CA LEU A 28 8.58 23.77 4.29
C LEU A 28 9.43 25.05 4.39
N ASP A 29 10.00 25.44 3.26
CA ASP A 29 10.81 26.65 3.19
C ASP A 29 9.91 27.88 3.27
N ASN A 30 8.87 27.89 2.43
CA ASN A 30 7.89 28.98 2.44
C ASN A 30 7.05 28.90 3.70
N ASP A 31 6.52 27.72 4.00
CA ASP A 31 5.77 27.46 5.22
C ASP A 31 5.40 25.99 5.33
N GLY A 32 4.96 25.43 4.22
CA GLY A 32 4.56 24.05 4.19
C GLY A 32 3.46 23.82 3.18
N ASN A 33 3.49 22.67 2.52
CA ASN A 33 2.51 22.37 1.50
C ASN A 33 1.36 21.56 2.08
N LYS A 34 0.51 22.24 2.83
CA LYS A 34 -0.66 21.60 3.40
C LYS A 34 -1.79 21.55 2.38
N VAL A 35 -1.62 20.69 1.39
CA VAL A 35 -2.63 20.49 0.38
C VAL A 35 -3.72 19.56 0.89
N ASN A 36 -4.96 20.02 0.86
CA ASN A 36 -6.08 19.23 1.35
C ASN A 36 -6.44 18.14 0.34
N VAL A 37 -5.76 17.02 0.45
CA VAL A 37 -6.01 15.87 -0.40
C VAL A 37 -5.73 14.59 0.38
N ASP A 38 -6.43 13.52 0.03
CA ASP A 38 -6.29 12.24 0.73
C ASP A 38 -5.01 11.53 0.32
N ASN A 39 -3.88 12.17 0.56
CA ASN A 39 -2.59 11.63 0.18
C ASN A 39 -2.03 10.73 1.27
N ARG A 40 -2.50 10.92 2.50
CA ARG A 40 -2.03 10.10 3.63
C ARG A 40 -2.68 8.73 3.57
N PHE A 41 -3.65 8.60 2.67
CA PHE A 41 -4.31 7.35 2.41
C PHE A 41 -3.91 6.85 1.03
N ALA A 42 -4.05 5.56 0.79
CA ALA A 42 -3.73 4.99 -0.51
C ALA A 42 -4.95 4.31 -1.11
N THR A 43 -5.41 4.86 -2.22
CA THR A 43 -6.56 4.31 -2.91
C THR A 43 -6.14 3.21 -3.88
N VAL A 44 -6.24 1.97 -3.44
CA VAL A 44 -5.75 0.82 -4.20
C VAL A 44 -6.78 0.35 -5.21
N THR A 45 -6.37 0.25 -6.46
CA THR A 45 -7.21 -0.32 -7.51
C THR A 45 -6.87 -1.80 -7.70
N LEU A 46 -7.77 -2.66 -7.28
CA LEU A 46 -7.52 -4.10 -7.33
C LEU A 46 -8.60 -4.77 -8.15
N SER A 47 -8.43 -6.05 -8.43
CA SER A 47 -9.42 -6.80 -9.19
C SER A 47 -10.76 -6.75 -8.46
N ALA A 48 -10.75 -7.21 -7.22
CA ALA A 48 -11.92 -7.20 -6.37
C ALA A 48 -11.52 -6.76 -4.98
N THR A 49 -12.29 -5.89 -4.36
CA THR A 49 -11.98 -5.51 -2.98
C THR A 49 -13.24 -5.61 -2.13
N THR A 50 -14.16 -6.45 -2.60
CA THR A 50 -15.35 -6.78 -1.84
C THR A 50 -15.00 -7.90 -0.87
N GLY A 51 -15.49 -7.79 0.35
CA GLY A 51 -15.07 -8.70 1.40
C GLY A 51 -14.26 -7.96 2.43
N MET A 52 -13.58 -6.91 1.97
CA MET A 52 -12.91 -5.99 2.88
C MET A 52 -13.96 -5.18 3.63
N LYS A 53 -13.58 -4.68 4.78
CA LYS A 53 -14.49 -3.91 5.61
C LYS A 53 -13.67 -2.98 6.48
N ARG A 54 -14.18 -1.78 6.72
CA ARG A 54 -13.43 -0.76 7.44
C ARG A 54 -12.90 -1.31 8.78
N GLY A 55 -11.59 -1.41 8.89
CA GLY A 55 -10.98 -1.97 10.08
C GLY A 55 -10.26 -3.29 9.80
N ASP A 56 -10.33 -3.76 8.56
CA ASP A 56 -9.69 -5.02 8.19
C ASP A 56 -8.21 -4.80 7.86
N LYS A 57 -7.50 -5.91 7.62
CA LYS A 57 -6.08 -5.86 7.35
C LYS A 57 -5.78 -6.58 6.04
N ILE A 58 -5.26 -5.85 5.06
CA ILE A 58 -4.89 -6.46 3.80
C ILE A 58 -3.38 -6.46 3.62
N SER A 59 -2.88 -7.55 3.08
CA SER A 59 -1.45 -7.72 2.88
C SER A 59 -1.16 -7.93 1.40
N PHE A 60 -0.12 -7.28 0.90
CA PHE A 60 0.27 -7.42 -0.48
C PHE A 60 1.44 -8.38 -0.61
N ALA A 61 1.20 -9.54 -1.20
CA ALA A 61 2.23 -10.55 -1.34
C ALA A 61 3.31 -10.10 -2.32
N GLY A 62 4.52 -9.95 -1.82
CA GLY A 62 5.63 -9.52 -2.65
C GLY A 62 6.10 -8.14 -2.27
N VAL A 63 5.15 -7.30 -1.91
CA VAL A 63 5.45 -5.98 -1.38
C VAL A 63 5.65 -6.12 0.12
N LYS A 64 6.86 -5.86 0.58
CA LYS A 64 7.18 -6.12 1.98
C LYS A 64 7.97 -4.98 2.59
N PHE A 65 7.92 -4.90 3.92
CA PHE A 65 8.65 -3.87 4.66
C PHE A 65 10.12 -4.20 4.71
N LEU A 66 10.94 -3.21 4.44
CA LEU A 66 12.39 -3.39 4.46
C LEU A 66 12.91 -3.44 5.89
N GLY A 67 14.04 -4.09 6.08
CA GLY A 67 14.58 -4.28 7.41
C GLY A 67 14.31 -5.67 7.92
N GLN A 68 13.20 -6.24 7.48
CA GLN A 68 12.82 -7.58 7.91
C GLN A 68 13.67 -8.64 7.20
N MET A 69 14.30 -8.26 6.10
CA MET A 69 15.14 -9.19 5.35
C MET A 69 16.59 -9.13 5.82
N ALA A 70 16.81 -8.44 6.94
CA ALA A 70 18.14 -8.35 7.52
C ALA A 70 18.55 -9.71 8.09
N LYS A 71 17.57 -10.50 8.48
CA LYS A 71 17.81 -11.84 8.99
C LYS A 71 16.65 -12.77 8.67
N ASN A 72 15.43 -12.26 8.81
CA ASN A 72 14.24 -13.05 8.53
C ASN A 72 14.08 -13.29 7.03
N VAL A 73 14.33 -14.52 6.61
CA VAL A 73 14.13 -14.89 5.22
C VAL A 73 12.64 -14.92 4.90
N LEU A 74 11.86 -15.28 5.91
CA LEU A 74 10.41 -15.26 5.82
C LEU A 74 9.89 -13.87 6.16
N ALA A 75 10.46 -12.88 5.50
CA ALA A 75 10.13 -11.49 5.74
C ALA A 75 8.65 -11.22 5.53
N GLN A 76 8.03 -10.63 6.55
CA GLN A 76 6.62 -10.30 6.52
C GLN A 76 6.30 -9.31 5.38
N ASP A 77 5.20 -9.55 4.70
CA ASP A 77 4.77 -8.68 3.61
C ASP A 77 4.13 -7.42 4.19
N ALA A 78 3.94 -6.43 3.33
CA ALA A 78 3.42 -5.14 3.75
C ALA A 78 1.93 -5.23 4.05
N THR A 79 1.61 -5.17 5.33
CA THR A 79 0.23 -5.21 5.78
C THR A 79 -0.27 -3.80 6.03
N PHE A 80 -1.46 -3.50 5.54
CA PHE A 80 -2.04 -2.17 5.72
C PHE A 80 -3.47 -2.28 6.22
N SER A 81 -3.89 -1.32 7.00
CA SER A 81 -5.24 -1.29 7.55
C SER A 81 -6.16 -0.52 6.63
N VAL A 82 -7.29 -1.12 6.30
CA VAL A 82 -8.28 -0.46 5.45
C VAL A 82 -8.98 0.65 6.24
N VAL A 83 -9.29 1.72 5.56
CA VAL A 83 -10.05 2.81 6.16
C VAL A 83 -11.48 2.78 5.62
N ARG A 84 -11.60 2.50 4.33
CA ARG A 84 -12.90 2.47 3.67
C ARG A 84 -12.81 1.71 2.35
N VAL A 85 -13.80 0.87 2.10
CA VAL A 85 -13.97 0.24 0.80
C VAL A 85 -14.78 1.19 -0.10
N VAL A 86 -14.12 1.75 -1.09
CA VAL A 86 -14.71 2.80 -1.90
C VAL A 86 -15.69 2.25 -2.92
N ASP A 87 -15.23 1.33 -3.76
CA ASP A 87 -16.06 0.84 -4.87
C ASP A 87 -16.14 -0.69 -4.87
N GLY A 88 -15.73 -1.30 -3.78
CA GLY A 88 -15.64 -2.76 -3.70
C GLY A 88 -14.69 -3.34 -4.75
N THR A 89 -13.91 -2.45 -5.35
CA THR A 89 -12.88 -2.78 -6.31
C THR A 89 -11.79 -1.73 -6.19
N HIS A 90 -11.80 -1.07 -5.05
CA HIS A 90 -11.05 0.15 -4.83
C HIS A 90 -11.08 0.47 -3.34
N VAL A 91 -9.93 0.45 -2.68
CA VAL A 91 -9.89 0.64 -1.23
C VAL A 91 -9.06 1.87 -0.90
N GLU A 92 -9.20 2.37 0.31
CA GLU A 92 -8.29 3.39 0.82
C GLU A 92 -7.68 2.92 2.13
N ILE A 93 -6.36 2.75 2.12
CA ILE A 93 -5.64 2.24 3.28
C ILE A 93 -4.68 3.29 3.82
N THR A 94 -4.12 3.01 4.99
CA THR A 94 -3.08 3.85 5.56
C THR A 94 -2.22 3.00 6.50
N PRO A 95 -0.90 3.25 6.59
CA PRO A 95 -0.22 4.32 5.84
C PRO A 95 -0.12 4.05 4.34
N LYS A 96 0.48 4.99 3.63
CA LYS A 96 0.61 4.91 2.18
C LYS A 96 1.82 4.05 1.81
N PRO A 97 1.60 2.94 1.08
CA PRO A 97 2.70 2.07 0.63
C PRO A 97 3.65 2.78 -0.31
N VAL A 98 4.85 3.06 0.19
CA VAL A 98 5.86 3.76 -0.57
C VAL A 98 7.17 2.99 -0.57
N ALA A 99 7.71 2.77 -1.76
CA ALA A 99 8.89 1.92 -1.92
C ALA A 99 10.18 2.70 -1.75
N LEU A 100 11.11 2.11 -1.02
CA LEU A 100 12.41 2.72 -0.79
C LEU A 100 13.33 2.50 -1.98
N ASP A 101 13.11 1.40 -2.70
CA ASP A 101 13.92 1.08 -3.88
C ASP A 101 13.37 1.76 -5.11
N ASP A 102 12.48 2.71 -4.93
CA ASP A 102 11.96 3.48 -6.05
C ASP A 102 13.00 4.50 -6.50
N VAL A 103 13.45 4.36 -7.73
CA VAL A 103 14.52 5.21 -8.24
C VAL A 103 13.98 6.55 -8.74
N SER A 104 12.68 6.76 -8.62
CA SER A 104 12.05 7.98 -9.10
C SER A 104 11.94 9.03 -7.99
N LEU A 105 11.84 8.55 -6.75
CA LEU A 105 11.73 9.47 -5.62
C LEU A 105 13.10 10.04 -5.23
N SER A 106 13.10 10.96 -4.29
CA SER A 106 14.30 11.65 -3.85
C SER A 106 14.59 11.33 -2.38
N PRO A 107 15.79 11.68 -1.87
CA PRO A 107 16.21 11.40 -0.47
C PRO A 107 15.10 11.60 0.57
N GLU A 108 14.41 12.73 0.53
CA GLU A 108 13.37 13.03 1.50
C GLU A 108 12.23 12.01 1.43
N GLN A 109 11.93 11.56 0.22
CA GLN A 109 10.90 10.56 0.01
C GLN A 109 11.34 9.21 0.56
N ARG A 110 12.64 8.96 0.54
CA ARG A 110 13.19 7.72 1.09
C ARG A 110 12.92 7.63 2.59
N ALA A 111 12.76 8.77 3.25
CA ALA A 111 12.45 8.80 4.67
C ALA A 111 11.02 8.34 4.91
N TYR A 112 10.14 8.67 3.97
CA TYR A 112 8.76 8.21 4.01
C TYR A 112 8.67 6.74 3.61
N ALA A 113 9.58 6.33 2.73
CA ALA A 113 9.60 4.98 2.18
C ALA A 113 9.72 3.92 3.27
N ASN A 114 8.97 2.83 3.09
CA ASN A 114 8.94 1.75 4.08
C ASN A 114 9.03 0.39 3.42
N VAL A 115 8.46 0.25 2.23
CA VAL A 115 8.43 -1.04 1.57
C VAL A 115 9.51 -1.12 0.49
N ASN A 116 9.71 -2.29 -0.06
CA ASN A 116 10.76 -2.52 -1.04
C ASN A 116 10.37 -1.94 -2.40
N THR A 117 9.26 -2.37 -2.95
CA THR A 117 8.85 -1.95 -4.28
C THR A 117 7.35 -1.69 -4.32
N SER A 118 6.91 -0.99 -5.37
CA SER A 118 5.50 -0.67 -5.53
C SER A 118 4.71 -1.90 -5.95
N LEU A 119 3.40 -1.82 -5.82
CA LEU A 119 2.52 -2.94 -6.09
C LEU A 119 2.54 -3.28 -7.58
N ALA A 120 3.24 -4.36 -7.92
CA ALA A 120 3.37 -4.77 -9.31
C ALA A 120 2.20 -5.67 -9.71
N ASP A 121 2.25 -6.22 -10.92
CA ASP A 121 1.15 -7.06 -11.40
C ASP A 121 1.28 -8.48 -10.84
N ALA A 122 0.14 -9.17 -10.81
CA ALA A 122 0.06 -10.53 -10.29
C ALA A 122 0.49 -10.62 -8.83
N MET A 123 0.12 -9.61 -8.05
CA MET A 123 0.38 -9.63 -6.62
C MET A 123 -0.90 -9.96 -5.87
N ALA A 124 -0.81 -10.92 -4.97
CA ALA A 124 -1.97 -11.37 -4.23
C ALA A 124 -2.26 -10.45 -3.04
N VAL A 125 -3.54 -10.17 -2.84
CA VAL A 125 -3.98 -9.35 -1.72
C VAL A 125 -4.76 -10.22 -0.75
N ASN A 126 -4.18 -10.47 0.42
CA ASN A 126 -4.76 -11.40 1.37
C ASN A 126 -5.00 -10.73 2.73
N ILE A 127 -6.08 -11.12 3.39
CA ILE A 127 -6.39 -10.64 4.73
C ILE A 127 -5.92 -11.65 5.77
N LEU A 128 -5.14 -11.16 6.73
CA LEU A 128 -4.57 -12.01 7.78
C LEU A 128 -5.66 -12.50 8.73
N ASN A 129 -5.54 -13.76 9.14
CA ASN A 129 -6.50 -14.37 10.06
C ASN A 129 -6.16 -14.00 11.50
N VAL A 130 -6.50 -12.78 11.88
CA VAL A 130 -6.26 -12.32 13.23
C VAL A 130 -7.54 -12.43 14.07
N GLY A 7 -17.17 -19.38 6.77
CA GLY A 7 -15.70 -19.36 6.91
C GLY A 7 -15.01 -19.76 5.63
N SER A 8 -13.68 -19.77 5.66
CA SER A 8 -12.87 -20.15 4.52
C SER A 8 -13.13 -19.25 3.33
N THR A 9 -13.24 -17.95 3.60
CA THR A 9 -13.48 -16.96 2.56
C THR A 9 -12.26 -16.82 1.65
N ALA A 10 -11.08 -16.66 2.27
CA ALA A 10 -9.83 -16.51 1.53
C ALA A 10 -9.90 -15.34 0.56
N THR A 11 -9.80 -14.14 1.11
CA THR A 11 -9.86 -12.91 0.32
C THR A 11 -8.59 -12.68 -0.51
N GLY A 12 -8.05 -13.74 -1.08
CA GLY A 12 -6.82 -13.64 -1.85
C GLY A 12 -7.08 -13.17 -3.27
N ILE A 13 -7.33 -11.89 -3.41
CA ILE A 13 -7.66 -11.29 -4.69
C ILE A 13 -6.40 -10.70 -5.32
N THR A 14 -6.37 -10.62 -6.64
CA THR A 14 -5.19 -10.17 -7.35
C THR A 14 -5.24 -8.69 -7.70
N VAL A 15 -4.07 -8.09 -7.78
CA VAL A 15 -3.91 -6.67 -8.08
C VAL A 15 -4.42 -6.32 -9.48
N SER A 16 -4.88 -5.10 -9.66
CA SER A 16 -5.31 -4.63 -10.97
C SER A 16 -4.27 -3.67 -11.54
N GLY A 17 -3.17 -4.23 -12.04
CA GLY A 17 -2.11 -3.42 -12.60
C GLY A 17 -1.14 -2.96 -11.55
N ALA A 18 0.02 -2.48 -11.99
CA ALA A 18 1.04 -1.99 -11.08
C ALA A 18 0.56 -0.73 -10.36
N GLN A 19 0.56 -0.80 -9.04
CA GLN A 19 0.10 0.31 -8.23
C GLN A 19 1.26 0.96 -7.50
N SER A 20 1.38 2.26 -7.66
CA SER A 20 2.47 3.02 -7.05
C SER A 20 1.92 4.31 -6.48
N PHE A 21 1.93 4.43 -5.15
CA PHE A 21 1.34 5.57 -4.50
C PHE A 21 2.39 6.38 -3.75
N LYS A 22 2.36 7.69 -3.94
CA LYS A 22 3.28 8.58 -3.26
C LYS A 22 2.53 9.52 -2.33
N PRO A 23 2.98 9.66 -1.08
CA PRO A 23 2.38 10.57 -0.12
C PRO A 23 2.84 12.00 -0.35
N VAL A 24 1.89 12.93 -0.37
CA VAL A 24 2.23 14.32 -0.61
C VAL A 24 2.68 14.97 0.70
N ALA A 25 3.94 14.78 1.04
CA ALA A 25 4.51 15.34 2.25
C ALA A 25 5.30 16.60 1.91
N TRP A 26 4.63 17.74 2.02
CA TRP A 26 5.21 19.03 1.68
C TRP A 26 5.48 19.13 0.18
N GLN A 27 6.12 20.22 -0.24
CA GLN A 27 6.40 20.50 -1.64
C GLN A 27 5.11 20.79 -2.40
N LEU A 28 5.07 21.97 -3.02
CA LEU A 28 3.88 22.45 -3.71
C LEU A 28 2.70 22.53 -2.74
N ASP A 29 2.97 23.03 -1.54
CA ASP A 29 1.93 23.12 -0.51
C ASP A 29 0.97 24.24 -0.82
N ASN A 30 1.39 25.17 -1.66
CA ASN A 30 0.55 26.31 -2.02
C ASN A 30 -0.35 25.99 -3.21
N ASP A 31 0.24 25.52 -4.30
CA ASP A 31 -0.50 25.31 -5.54
C ASP A 31 -0.82 23.83 -5.77
N GLY A 32 -0.06 22.95 -5.13
CA GLY A 32 -0.19 21.53 -5.39
C GLY A 32 -1.35 20.89 -4.64
N ASN A 33 -1.73 19.69 -5.09
CA ASN A 33 -2.82 18.93 -4.50
C ASN A 33 -4.12 19.74 -4.46
N LYS A 34 -4.55 20.18 -5.63
CA LYS A 34 -5.82 20.87 -5.77
C LYS A 34 -6.95 19.85 -5.75
N VAL A 35 -6.72 18.75 -6.46
CA VAL A 35 -7.68 17.67 -6.55
C VAL A 35 -7.04 16.36 -6.11
N ASN A 36 -7.84 15.29 -6.09
CA ASN A 36 -7.37 13.97 -5.68
C ASN A 36 -6.95 14.00 -4.21
N VAL A 37 -7.93 13.90 -3.32
CA VAL A 37 -7.67 13.93 -1.89
C VAL A 37 -7.24 12.55 -1.41
N ASP A 38 -6.10 12.11 -1.93
CA ASP A 38 -5.54 10.81 -1.61
C ASP A 38 -4.06 10.96 -1.30
N ASN A 39 -3.72 12.01 -0.56
CA ASN A 39 -2.32 12.30 -0.26
C ASN A 39 -1.74 11.31 0.76
N ARG A 40 -2.43 11.12 1.87
CA ARG A 40 -1.98 10.19 2.90
C ARG A 40 -2.49 8.78 2.60
N PHE A 41 -3.77 8.68 2.29
CA PHE A 41 -4.39 7.38 2.07
C PHE A 41 -4.07 6.86 0.68
N ALA A 42 -3.79 5.57 0.59
CA ALA A 42 -3.48 4.95 -0.68
C ALA A 42 -4.69 4.22 -1.24
N THR A 43 -5.17 4.68 -2.38
CA THR A 43 -6.32 4.07 -3.02
C THR A 43 -5.89 2.91 -3.90
N VAL A 44 -6.01 1.70 -3.37
CA VAL A 44 -5.51 0.51 -4.04
C VAL A 44 -6.52 0.01 -5.07
N THR A 45 -6.13 0.07 -6.34
CA THR A 45 -6.96 -0.44 -7.41
C THR A 45 -6.68 -1.93 -7.61
N LEU A 46 -7.62 -2.76 -7.20
CA LEU A 46 -7.47 -4.19 -7.28
C LEU A 46 -8.60 -4.77 -8.12
N SER A 47 -8.48 -6.03 -8.52
CA SER A 47 -9.53 -6.66 -9.32
C SER A 47 -10.86 -6.58 -8.57
N ALA A 48 -10.85 -7.07 -7.34
CA ALA A 48 -11.98 -6.97 -6.46
C ALA A 48 -11.48 -6.62 -5.08
N THR A 49 -12.24 -5.87 -4.31
CA THR A 49 -11.87 -5.60 -2.93
C THR A 49 -13.09 -5.81 -2.04
N THR A 50 -13.94 -6.73 -2.48
CA THR A 50 -15.12 -7.11 -1.73
C THR A 50 -14.75 -8.08 -0.63
N GLY A 51 -15.52 -8.11 0.45
CA GLY A 51 -15.18 -8.93 1.58
C GLY A 51 -14.33 -8.15 2.56
N MET A 52 -13.59 -7.19 2.02
CA MET A 52 -12.83 -6.26 2.81
C MET A 52 -13.77 -5.19 3.35
N LYS A 53 -13.64 -4.86 4.61
CA LYS A 53 -14.47 -3.84 5.22
C LYS A 53 -13.60 -2.90 6.04
N ARG A 54 -14.13 -1.74 6.39
CA ARG A 54 -13.38 -0.74 7.14
C ARG A 54 -12.79 -1.35 8.41
N GLY A 55 -11.48 -1.19 8.58
CA GLY A 55 -10.83 -1.70 9.77
C GLY A 55 -10.22 -3.08 9.58
N ASP A 56 -10.00 -3.48 8.33
CA ASP A 56 -9.44 -4.79 8.05
C ASP A 56 -7.96 -4.68 7.73
N LYS A 57 -7.26 -5.81 7.84
CA LYS A 57 -5.84 -5.87 7.56
C LYS A 57 -5.60 -6.57 6.24
N ILE A 58 -5.03 -5.88 5.28
CA ILE A 58 -4.75 -6.50 4.00
C ILE A 58 -3.25 -6.62 3.80
N SER A 59 -2.82 -7.73 3.25
CA SER A 59 -1.41 -7.99 3.01
C SER A 59 -1.13 -8.03 1.52
N PHE A 60 -0.07 -7.36 1.12
CA PHE A 60 0.35 -7.34 -0.28
C PHE A 60 1.49 -8.32 -0.47
N ALA A 61 1.22 -9.39 -1.20
CA ALA A 61 2.23 -10.42 -1.45
C ALA A 61 3.41 -9.85 -2.22
N GLY A 62 4.61 -10.12 -1.72
CA GLY A 62 5.82 -9.67 -2.38
C GLY A 62 6.25 -8.30 -1.90
N VAL A 63 5.27 -7.45 -1.63
CA VAL A 63 5.55 -6.13 -1.07
C VAL A 63 5.85 -6.28 0.41
N LYS A 64 7.01 -5.80 0.83
CA LYS A 64 7.43 -5.98 2.21
C LYS A 64 8.15 -4.74 2.74
N PHE A 65 8.21 -4.62 4.05
CA PHE A 65 8.75 -3.43 4.69
C PHE A 65 10.27 -3.44 4.69
N LEU A 66 10.85 -2.25 4.79
CA LEU A 66 12.29 -2.10 4.86
C LEU A 66 12.83 -2.72 6.15
N GLY A 67 13.99 -3.33 6.06
CA GLY A 67 14.57 -4.00 7.21
C GLY A 67 14.49 -5.50 7.06
N GLN A 68 13.66 -5.95 6.14
CA GLN A 68 13.53 -7.36 5.84
C GLN A 68 14.50 -7.75 4.73
N MET A 69 14.56 -9.04 4.43
CA MET A 69 15.39 -9.56 3.33
C MET A 69 16.87 -9.47 3.66
N ALA A 70 17.18 -9.22 4.91
CA ALA A 70 18.54 -9.17 5.36
C ALA A 70 19.03 -10.57 5.67
N LYS A 71 18.17 -11.34 6.33
CA LYS A 71 18.48 -12.72 6.67
C LYS A 71 17.20 -13.42 7.12
N ASN A 72 16.18 -13.36 6.27
CA ASN A 72 14.94 -14.04 6.55
C ASN A 72 14.20 -14.38 5.26
N VAL A 73 13.99 -15.67 5.06
CA VAL A 73 13.26 -16.13 3.90
C VAL A 73 11.76 -16.14 4.21
N LEU A 74 11.46 -16.17 5.51
CA LEU A 74 10.09 -16.07 5.98
C LEU A 74 9.68 -14.61 6.15
N ALA A 75 10.06 -13.80 5.17
CA ALA A 75 9.76 -12.38 5.19
C ALA A 75 8.26 -12.14 5.14
N GLN A 76 7.79 -11.27 6.04
CA GLN A 76 6.37 -10.97 6.12
C GLN A 76 5.97 -9.99 5.02
N ASP A 77 4.73 -10.07 4.58
CA ASP A 77 4.22 -9.18 3.54
C ASP A 77 3.69 -7.90 4.16
N ALA A 78 3.63 -6.85 3.35
CA ALA A 78 3.18 -5.55 3.80
C ALA A 78 1.71 -5.59 4.22
N THR A 79 1.49 -5.49 5.52
CA THR A 79 0.14 -5.54 6.07
C THR A 79 -0.33 -4.14 6.47
N PHE A 80 -1.31 -3.63 5.74
CA PHE A 80 -1.84 -2.31 5.98
C PHE A 80 -3.30 -2.36 6.41
N SER A 81 -3.73 -1.31 7.10
CA SER A 81 -5.09 -1.23 7.60
C SER A 81 -5.97 -0.43 6.63
N VAL A 82 -7.09 -1.03 6.24
CA VAL A 82 -8.03 -0.36 5.35
C VAL A 82 -8.95 0.56 6.16
N VAL A 83 -9.09 1.79 5.70
CA VAL A 83 -9.92 2.77 6.38
C VAL A 83 -11.33 2.74 5.80
N ARG A 84 -11.43 2.51 4.51
CA ARG A 84 -12.71 2.49 3.83
C ARG A 84 -12.58 1.81 2.46
N VAL A 85 -13.60 1.08 2.07
CA VAL A 85 -13.67 0.52 0.73
C VAL A 85 -14.39 1.51 -0.17
N VAL A 86 -13.68 2.04 -1.15
CA VAL A 86 -14.19 3.12 -1.98
C VAL A 86 -15.15 2.60 -3.05
N ASP A 87 -14.72 1.60 -3.81
CA ASP A 87 -15.48 1.15 -4.97
C ASP A 87 -15.78 -0.34 -4.92
N GLY A 88 -15.37 -0.99 -3.84
CA GLY A 88 -15.44 -2.44 -3.76
C GLY A 88 -14.52 -3.10 -4.78
N THR A 89 -13.63 -2.27 -5.32
CA THR A 89 -12.60 -2.67 -6.25
C THR A 89 -11.44 -1.70 -6.09
N HIS A 90 -11.44 -1.07 -4.92
CA HIS A 90 -10.63 0.10 -4.68
C HIS A 90 -10.71 0.44 -3.19
N VAL A 91 -9.59 0.34 -2.48
CA VAL A 91 -9.58 0.56 -1.03
C VAL A 91 -8.69 1.73 -0.68
N GLU A 92 -8.88 2.30 0.50
CA GLU A 92 -7.97 3.33 0.99
C GLU A 92 -7.29 2.86 2.27
N ILE A 93 -5.97 2.79 2.24
CA ILE A 93 -5.19 2.32 3.38
C ILE A 93 -4.26 3.42 3.89
N THR A 94 -3.77 3.22 5.10
CA THR A 94 -2.79 4.11 5.69
C THR A 94 -1.96 3.34 6.72
N PRO A 95 -0.64 3.60 6.80
CA PRO A 95 0.07 4.58 5.95
C PRO A 95 0.15 4.13 4.49
N LYS A 96 0.72 4.99 3.67
CA LYS A 96 0.83 4.73 2.25
C LYS A 96 2.14 4.00 1.94
N PRO A 97 2.06 2.84 1.27
CA PRO A 97 3.24 2.06 0.90
C PRO A 97 4.08 2.75 -0.19
N VAL A 98 5.24 3.23 0.20
CA VAL A 98 6.17 3.85 -0.74
C VAL A 98 7.41 3.00 -0.88
N ALA A 99 7.79 2.72 -2.12
CA ALA A 99 8.95 1.89 -2.39
C ALA A 99 10.25 2.68 -2.29
N LEU A 100 11.16 2.18 -1.48
CA LEU A 100 12.45 2.82 -1.27
C LEU A 100 13.30 2.73 -2.55
N ASP A 101 13.12 1.65 -3.30
CA ASP A 101 13.90 1.44 -4.52
C ASP A 101 13.31 2.20 -5.70
N ASP A 102 12.26 2.97 -5.45
CA ASP A 102 11.63 3.78 -6.49
C ASP A 102 12.53 4.97 -6.84
N VAL A 103 12.89 5.07 -8.11
CA VAL A 103 13.80 6.11 -8.56
C VAL A 103 13.06 7.42 -8.87
N SER A 104 11.76 7.44 -8.65
CA SER A 104 10.94 8.59 -9.03
C SER A 104 10.77 9.57 -7.87
N LEU A 105 10.76 9.07 -6.64
CA LEU A 105 10.54 9.92 -5.48
C LEU A 105 11.84 10.61 -5.00
N SER A 106 11.66 11.74 -4.34
CA SER A 106 12.75 12.57 -3.86
C SER A 106 13.34 12.01 -2.56
N PRO A 107 14.63 12.31 -2.26
CA PRO A 107 15.31 11.88 -1.02
C PRO A 107 14.41 11.87 0.21
N GLU A 108 13.74 12.99 0.48
CA GLU A 108 12.87 13.10 1.66
C GLU A 108 11.76 12.05 1.63
N GLN A 109 11.22 11.82 0.45
CA GLN A 109 10.14 10.85 0.28
C GLN A 109 10.63 9.43 0.59
N ARG A 110 11.94 9.22 0.42
CA ARG A 110 12.56 7.94 0.69
C ARG A 110 12.67 7.68 2.19
N ALA A 111 12.57 8.75 2.97
CA ALA A 111 12.55 8.63 4.42
C ALA A 111 11.16 8.22 4.89
N TYR A 112 10.16 8.54 4.08
CA TYR A 112 8.78 8.13 4.36
C TYR A 112 8.49 6.76 3.76
N ALA A 113 9.40 6.29 2.92
CA ALA A 113 9.24 5.00 2.27
C ALA A 113 9.32 3.87 3.28
N ASN A 114 8.27 3.08 3.35
CA ASN A 114 8.18 2.00 4.33
C ASN A 114 8.47 0.64 3.70
N VAL A 115 8.20 0.50 2.41
CA VAL A 115 8.40 -0.78 1.73
C VAL A 115 9.52 -0.67 0.69
N ASN A 116 9.96 -1.82 0.19
CA ASN A 116 11.04 -1.86 -0.78
C ASN A 116 10.51 -1.74 -2.21
N THR A 117 9.41 -2.42 -2.48
CA THR A 117 8.87 -2.48 -3.82
C THR A 117 7.43 -1.99 -3.86
N SER A 118 7.08 -1.35 -4.95
CA SER A 118 5.71 -0.96 -5.20
C SER A 118 4.89 -2.19 -5.55
N LEU A 119 3.57 -2.07 -5.46
CA LEU A 119 2.70 -3.19 -5.76
C LEU A 119 2.69 -3.44 -7.26
N ALA A 120 3.38 -4.50 -7.68
CA ALA A 120 3.49 -4.83 -9.09
C ALA A 120 2.24 -5.55 -9.56
N ASP A 121 2.20 -5.86 -10.85
CA ASP A 121 1.06 -6.56 -11.42
C ASP A 121 1.13 -8.05 -11.15
N ALA A 122 -0.04 -8.69 -11.10
CA ALA A 122 -0.17 -10.13 -10.84
C ALA A 122 0.26 -10.48 -9.41
N MET A 123 -0.01 -9.58 -8.46
CA MET A 123 0.31 -9.84 -7.07
C MET A 123 -0.98 -10.12 -6.29
N ALA A 124 -0.87 -10.92 -5.25
CA ALA A 124 -2.03 -11.30 -4.45
C ALA A 124 -2.17 -10.39 -3.23
N VAL A 125 -3.42 -10.04 -2.93
CA VAL A 125 -3.76 -9.23 -1.77
C VAL A 125 -4.80 -9.98 -0.94
N ASN A 126 -4.47 -10.26 0.32
CA ASN A 126 -5.35 -11.08 1.16
C ASN A 126 -5.42 -10.51 2.58
N ILE A 127 -6.56 -10.68 3.23
CA ILE A 127 -6.73 -10.30 4.63
C ILE A 127 -6.32 -11.45 5.54
N LEU A 128 -5.38 -11.19 6.41
CA LEU A 128 -4.92 -12.18 7.37
C LEU A 128 -5.79 -12.17 8.61
N ASN A 129 -6.55 -13.24 8.81
CA ASN A 129 -7.40 -13.35 9.97
C ASN A 129 -6.72 -14.22 11.03
N VAL A 130 -5.94 -13.59 11.89
CA VAL A 130 -5.22 -14.30 12.92
C VAL A 130 -5.74 -13.93 14.30
N GLY A 7 -10.80 -17.57 11.32
CA GLY A 7 -11.83 -17.27 10.30
C GLY A 7 -11.28 -17.39 8.89
N SER A 8 -12.12 -17.78 7.95
CA SER A 8 -11.70 -17.92 6.57
C SER A 8 -11.81 -16.60 5.81
N THR A 9 -10.92 -15.67 6.14
CA THR A 9 -10.92 -14.36 5.49
C THR A 9 -9.84 -14.29 4.41
N ALA A 10 -9.52 -15.44 3.83
CA ALA A 10 -8.49 -15.51 2.79
C ALA A 10 -9.05 -15.05 1.46
N THR A 11 -8.81 -13.78 1.14
CA THR A 11 -9.28 -13.21 -0.10
C THR A 11 -8.47 -13.73 -1.29
N GLY A 12 -7.17 -13.49 -1.28
CA GLY A 12 -6.31 -13.97 -2.36
C GLY A 12 -6.72 -13.41 -3.71
N ILE A 13 -6.92 -12.11 -3.76
CA ILE A 13 -7.33 -11.44 -4.99
C ILE A 13 -6.12 -10.73 -5.60
N THR A 14 -6.03 -10.71 -6.91
CA THR A 14 -4.84 -10.18 -7.56
C THR A 14 -5.01 -8.73 -7.99
N VAL A 15 -3.88 -8.02 -7.99
CA VAL A 15 -3.81 -6.63 -8.39
C VAL A 15 -4.21 -6.43 -9.86
N SER A 16 -4.75 -5.26 -10.18
CA SER A 16 -5.08 -4.94 -11.56
C SER A 16 -4.03 -4.01 -12.16
N GLY A 17 -2.86 -4.55 -12.44
CA GLY A 17 -1.79 -3.77 -13.04
C GLY A 17 -0.78 -3.30 -12.02
N ALA A 18 0.37 -2.86 -12.49
CA ALA A 18 1.42 -2.36 -11.61
C ALA A 18 1.24 -0.87 -11.36
N GLN A 19 1.44 -0.45 -10.12
CA GLN A 19 1.30 0.95 -9.76
C GLN A 19 2.16 1.30 -8.55
N SER A 20 2.66 2.52 -8.52
CA SER A 20 3.50 2.96 -7.43
C SER A 20 2.86 4.15 -6.72
N PHE A 21 2.67 4.01 -5.42
CA PHE A 21 2.02 5.04 -4.63
C PHE A 21 3.03 6.13 -4.27
N LYS A 22 2.57 7.36 -4.19
CA LYS A 22 3.43 8.49 -3.87
C LYS A 22 2.72 9.48 -2.94
N PRO A 23 3.22 9.68 -1.72
CA PRO A 23 2.82 10.79 -0.88
C PRO A 23 3.73 11.98 -1.08
N VAL A 24 3.18 13.10 -1.53
CA VAL A 24 4.00 14.26 -1.78
C VAL A 24 4.13 15.11 -0.52
N ALA A 25 5.36 15.52 -0.22
CA ALA A 25 5.62 16.25 1.01
C ALA A 25 6.10 17.67 0.72
N TRP A 26 5.21 18.63 0.92
CA TRP A 26 5.52 20.05 0.79
C TRP A 26 5.77 20.44 -0.66
N GLN A 27 5.11 19.75 -1.57
CA GLN A 27 5.18 20.04 -2.99
C GLN A 27 3.80 19.92 -3.60
N LEU A 28 3.33 20.98 -4.25
CA LEU A 28 1.98 21.04 -4.80
C LEU A 28 0.94 20.89 -3.69
N ASP A 29 1.35 21.20 -2.46
CA ASP A 29 0.45 21.12 -1.32
C ASP A 29 -0.38 22.38 -1.22
N ASN A 30 0.23 23.52 -1.54
CA ASN A 30 -0.45 24.79 -1.51
C ASN A 30 -1.57 24.83 -2.55
N ASP A 31 -1.25 24.39 -3.75
CA ASP A 31 -2.24 24.30 -4.82
C ASP A 31 -2.08 22.99 -5.57
N GLY A 32 -3.00 22.07 -5.34
CA GLY A 32 -2.92 20.75 -5.94
C GLY A 32 -3.42 19.67 -5.00
N ASN A 33 -2.78 19.58 -3.85
CA ASN A 33 -3.19 18.65 -2.80
C ASN A 33 -3.98 19.40 -1.74
N LYS A 34 -5.20 19.78 -2.07
CA LYS A 34 -6.03 20.55 -1.17
C LYS A 34 -6.87 19.64 -0.28
N VAL A 35 -7.55 18.70 -0.90
CA VAL A 35 -8.41 17.77 -0.18
C VAL A 35 -7.85 16.36 -0.24
N ASN A 36 -8.31 15.51 0.68
CA ASN A 36 -7.86 14.12 0.80
C ASN A 36 -6.43 14.04 1.31
N VAL A 37 -6.22 13.28 2.36
CA VAL A 37 -4.90 13.12 2.94
C VAL A 37 -4.13 12.01 2.22
N ASP A 38 -3.90 12.24 0.94
CA ASP A 38 -3.19 11.28 0.09
C ASP A 38 -1.73 11.15 0.51
N ASN A 39 -1.26 12.11 1.29
CA ASN A 39 0.10 12.04 1.82
C ASN A 39 0.17 11.05 2.98
N ARG A 40 -0.99 10.70 3.54
CA ARG A 40 -1.05 9.80 4.67
C ARG A 40 -1.68 8.46 4.28
N PHE A 41 -2.61 8.49 3.35
CA PHE A 41 -3.34 7.30 2.93
C PHE A 41 -3.03 6.94 1.48
N ALA A 42 -3.38 5.72 1.09
CA ALA A 42 -3.19 5.24 -0.27
C ALA A 42 -4.47 4.60 -0.80
N THR A 43 -4.79 4.88 -2.05
CA THR A 43 -5.95 4.27 -2.68
C THR A 43 -5.51 3.12 -3.60
N VAL A 44 -5.90 1.90 -3.24
CA VAL A 44 -5.44 0.72 -3.96
C VAL A 44 -6.45 0.28 -5.01
N THR A 45 -5.99 0.17 -6.26
CA THR A 45 -6.83 -0.28 -7.36
C THR A 45 -6.60 -1.76 -7.62
N LEU A 46 -7.61 -2.57 -7.33
CA LEU A 46 -7.47 -4.02 -7.43
C LEU A 46 -8.62 -4.61 -8.22
N SER A 47 -8.50 -5.88 -8.58
CA SER A 47 -9.56 -6.55 -9.33
C SER A 47 -10.84 -6.57 -8.51
N ALA A 48 -10.73 -7.12 -7.31
CA ALA A 48 -11.84 -7.18 -6.39
C ALA A 48 -11.36 -6.82 -5.00
N THR A 49 -12.09 -5.99 -4.30
CA THR A 49 -11.80 -5.72 -2.91
C THR A 49 -13.08 -5.95 -2.13
N THR A 50 -13.90 -6.82 -2.72
CA THR A 50 -15.20 -7.20 -2.18
C THR A 50 -15.03 -8.14 -0.99
N GLY A 51 -15.86 -7.96 0.03
CA GLY A 51 -15.74 -8.75 1.23
C GLY A 51 -14.90 -8.04 2.28
N MET A 52 -14.23 -6.99 1.85
CA MET A 52 -13.42 -6.18 2.74
C MET A 52 -14.29 -5.13 3.41
N LYS A 53 -13.99 -4.82 4.65
CA LYS A 53 -14.78 -3.87 5.41
C LYS A 53 -13.86 -2.94 6.17
N ARG A 54 -14.35 -1.75 6.48
CA ARG A 54 -13.57 -0.77 7.23
C ARG A 54 -13.11 -1.38 8.56
N GLY A 55 -11.83 -1.30 8.84
CA GLY A 55 -11.30 -1.89 10.05
C GLY A 55 -10.77 -3.29 9.84
N ASP A 56 -10.48 -3.63 8.58
CA ASP A 56 -9.92 -4.94 8.28
C ASP A 56 -8.43 -4.78 8.04
N LYS A 57 -7.75 -5.89 7.78
CA LYS A 57 -6.31 -5.85 7.58
C LYS A 57 -5.94 -6.60 6.32
N ILE A 58 -5.39 -5.89 5.35
CA ILE A 58 -5.01 -6.49 4.08
C ILE A 58 -3.50 -6.48 3.93
N SER A 59 -2.99 -7.44 3.20
CA SER A 59 -1.55 -7.54 2.99
C SER A 59 -1.25 -7.94 1.56
N PHE A 60 -0.18 -7.41 1.02
CA PHE A 60 0.19 -7.65 -0.36
C PHE A 60 1.33 -8.66 -0.44
N ALA A 61 1.04 -9.84 -0.95
CA ALA A 61 2.03 -10.90 -1.08
C ALA A 61 3.08 -10.52 -2.11
N GLY A 62 4.31 -10.30 -1.65
CA GLY A 62 5.36 -9.88 -2.54
C GLY A 62 5.82 -8.46 -2.23
N VAL A 63 4.97 -7.73 -1.52
CA VAL A 63 5.30 -6.39 -1.08
C VAL A 63 5.48 -6.39 0.43
N LYS A 64 6.69 -6.14 0.89
CA LYS A 64 6.98 -6.19 2.32
C LYS A 64 7.72 -4.94 2.79
N PHE A 65 7.66 -4.69 4.09
CA PHE A 65 8.21 -3.48 4.68
C PHE A 65 9.74 -3.46 4.65
N LEU A 66 10.30 -2.28 4.80
CA LEU A 66 11.75 -2.09 4.85
C LEU A 66 12.31 -2.51 6.21
N GLY A 67 13.61 -2.34 6.38
CA GLY A 67 14.26 -2.71 7.63
C GLY A 67 14.34 -4.20 7.79
N GLN A 68 14.16 -4.92 6.69
CA GLN A 68 14.15 -6.36 6.70
C GLN A 68 14.98 -6.87 5.54
N MET A 69 14.77 -8.15 5.17
CA MET A 69 15.39 -8.75 3.99
C MET A 69 16.88 -9.07 4.22
N ALA A 70 17.60 -8.12 4.80
CA ALA A 70 19.02 -8.28 5.07
C ALA A 70 19.27 -9.39 6.10
N LYS A 71 18.38 -9.50 7.07
CA LYS A 71 18.49 -10.54 8.08
C LYS A 71 17.18 -11.31 8.21
N ASN A 72 16.08 -10.58 8.20
CA ASN A 72 14.75 -11.18 8.28
C ASN A 72 14.38 -11.80 6.94
N VAL A 73 14.47 -13.13 6.86
CA VAL A 73 14.10 -13.85 5.65
C VAL A 73 12.58 -13.88 5.51
N LEU A 74 11.92 -14.24 6.59
CA LEU A 74 10.46 -14.23 6.65
C LEU A 74 10.00 -12.84 6.99
N ALA A 75 10.45 -11.88 6.20
CA ALA A 75 10.16 -10.48 6.41
C ALA A 75 8.67 -10.18 6.24
N GLN A 76 8.08 -9.58 7.26
CA GLN A 76 6.65 -9.28 7.29
C GLN A 76 6.23 -8.47 6.07
N ASP A 77 5.19 -8.94 5.41
CA ASP A 77 4.66 -8.29 4.23
C ASP A 77 3.89 -7.03 4.61
N ALA A 78 3.58 -6.23 3.61
CA ALA A 78 2.91 -4.95 3.82
C ALA A 78 1.50 -5.13 4.39
N THR A 79 1.45 -5.21 5.71
CA THR A 79 0.20 -5.35 6.43
C THR A 79 -0.40 -3.97 6.74
N PHE A 80 -1.50 -3.65 6.09
CA PHE A 80 -2.13 -2.35 6.26
C PHE A 80 -3.55 -2.48 6.80
N SER A 81 -3.95 -1.51 7.59
CA SER A 81 -5.31 -1.45 8.10
C SER A 81 -6.18 -0.62 7.16
N VAL A 82 -7.31 -1.18 6.74
CA VAL A 82 -8.19 -0.49 5.82
C VAL A 82 -9.10 0.47 6.59
N VAL A 83 -9.17 1.70 6.12
CA VAL A 83 -10.01 2.70 6.77
C VAL A 83 -11.38 2.77 6.10
N ARG A 84 -11.42 2.48 4.80
CA ARG A 84 -12.65 2.56 4.04
C ARG A 84 -12.55 1.80 2.72
N VAL A 85 -13.62 1.10 2.37
CA VAL A 85 -13.76 0.52 1.05
C VAL A 85 -14.59 1.45 0.18
N VAL A 86 -14.00 1.93 -0.91
CA VAL A 86 -14.64 2.94 -1.74
C VAL A 86 -15.76 2.36 -2.58
N ASP A 87 -15.44 1.40 -3.44
CA ASP A 87 -16.44 0.81 -4.34
C ASP A 87 -16.42 -0.72 -4.24
N GLY A 88 -15.49 -1.24 -3.46
CA GLY A 88 -15.32 -2.68 -3.38
C GLY A 88 -14.46 -3.20 -4.53
N THR A 89 -13.80 -2.27 -5.19
CA THR A 89 -12.84 -2.57 -6.24
C THR A 89 -11.70 -1.57 -6.14
N HIS A 90 -11.65 -0.91 -4.99
CA HIS A 90 -10.81 0.24 -4.78
C HIS A 90 -10.85 0.60 -3.29
N VAL A 91 -9.72 0.50 -2.61
CA VAL A 91 -9.70 0.70 -1.16
C VAL A 91 -8.79 1.87 -0.79
N GLU A 92 -8.94 2.36 0.43
CA GLU A 92 -8.03 3.36 0.96
C GLU A 92 -7.44 2.88 2.29
N ILE A 93 -6.11 2.83 2.34
CA ILE A 93 -5.40 2.29 3.49
C ILE A 93 -4.33 3.25 3.99
N THR A 94 -3.69 2.90 5.09
CA THR A 94 -2.60 3.68 5.64
C THR A 94 -1.69 2.76 6.45
N PRO A 95 -0.36 3.00 6.46
CA PRO A 95 0.27 4.07 5.67
C PRO A 95 0.33 3.74 4.18
N LYS A 96 0.89 4.66 3.41
CA LYS A 96 1.01 4.49 1.98
C LYS A 96 2.27 3.68 1.63
N PRO A 97 2.12 2.61 0.82
CA PRO A 97 3.26 1.80 0.39
C PRO A 97 4.15 2.53 -0.61
N VAL A 98 5.34 2.91 -0.16
CA VAL A 98 6.33 3.52 -1.03
C VAL A 98 7.62 2.73 -1.00
N ALA A 99 8.13 2.42 -2.18
CA ALA A 99 9.35 1.64 -2.31
C ALA A 99 10.58 2.54 -2.24
N LEU A 100 11.53 2.16 -1.41
CA LEU A 100 12.79 2.90 -1.29
C LEU A 100 13.53 2.87 -2.62
N ASP A 101 13.37 1.77 -3.35
CA ASP A 101 14.04 1.61 -4.64
C ASP A 101 13.15 2.08 -5.78
N ASP A 102 12.23 2.99 -5.49
CA ASP A 102 11.39 3.57 -6.52
C ASP A 102 12.13 4.70 -7.22
N VAL A 103 12.15 4.65 -8.54
CA VAL A 103 12.94 5.59 -9.33
C VAL A 103 12.22 6.92 -9.61
N SER A 104 10.99 7.04 -9.15
CA SER A 104 10.18 8.20 -9.50
C SER A 104 9.95 9.13 -8.30
N LEU A 105 10.23 8.64 -7.10
CA LEU A 105 9.99 9.43 -5.90
C LEU A 105 11.02 10.54 -5.70
N SER A 106 10.71 11.43 -4.78
CA SER A 106 11.60 12.51 -4.42
C SER A 106 12.34 12.16 -3.13
N PRO A 107 13.54 12.71 -2.88
CA PRO A 107 14.31 12.44 -1.67
C PRO A 107 13.48 12.40 -0.39
N GLU A 108 12.62 13.41 -0.23
CA GLU A 108 11.75 13.50 0.94
C GLU A 108 10.94 12.22 1.13
N GLN A 109 10.47 11.66 0.03
CA GLN A 109 9.62 10.49 0.05
C GLN A 109 10.42 9.25 0.42
N ARG A 110 11.74 9.28 0.18
CA ARG A 110 12.61 8.18 0.55
C ARG A 110 12.69 8.05 2.07
N ALA A 111 12.48 9.17 2.75
CA ALA A 111 12.47 9.17 4.21
C ALA A 111 11.18 8.55 4.73
N TYR A 112 10.11 8.69 3.95
CA TYR A 112 8.81 8.14 4.31
C TYR A 112 8.59 6.78 3.65
N ALA A 113 9.64 6.26 3.00
CA ALA A 113 9.55 4.97 2.32
C ALA A 113 9.18 3.88 3.31
N ASN A 114 8.32 2.97 2.88
CA ASN A 114 7.76 2.00 3.79
C ASN A 114 8.03 0.56 3.33
N VAL A 115 8.08 0.36 2.02
CA VAL A 115 8.30 -0.96 1.46
C VAL A 115 9.49 -0.93 0.50
N ASN A 116 9.94 -2.11 0.09
CA ASN A 116 11.12 -2.21 -0.77
C ASN A 116 10.71 -2.27 -2.24
N THR A 117 9.45 -2.58 -2.48
CA THR A 117 8.94 -2.72 -3.83
C THR A 117 7.51 -2.20 -3.91
N SER A 118 7.18 -1.54 -5.01
CA SER A 118 5.85 -1.01 -5.21
C SER A 118 4.91 -2.11 -5.69
N LEU A 119 3.63 -1.80 -5.76
CA LEU A 119 2.62 -2.80 -6.10
C LEU A 119 2.77 -3.22 -7.56
N ALA A 120 3.34 -4.41 -7.75
CA ALA A 120 3.59 -4.95 -9.08
C ALA A 120 2.32 -5.57 -9.65
N ASP A 121 2.37 -5.92 -10.95
CA ASP A 121 1.20 -6.37 -11.68
C ASP A 121 0.83 -7.82 -11.39
N ALA A 122 1.45 -8.39 -10.38
CA ALA A 122 1.15 -9.76 -9.98
C ALA A 122 1.19 -9.92 -8.47
N MET A 123 0.64 -8.93 -7.76
CA MET A 123 0.62 -8.97 -6.31
C MET A 123 -0.73 -9.45 -5.81
N ALA A 124 -0.71 -10.38 -4.88
CA ALA A 124 -1.93 -10.91 -4.30
C ALA A 124 -2.29 -10.17 -3.02
N VAL A 125 -3.54 -9.76 -2.94
CA VAL A 125 -4.06 -9.05 -1.79
C VAL A 125 -4.84 -10.02 -0.91
N ASN A 126 -4.32 -10.28 0.29
CA ASN A 126 -4.94 -11.23 1.19
C ASN A 126 -5.09 -10.64 2.58
N ILE A 127 -6.23 -10.91 3.20
CA ILE A 127 -6.47 -10.52 4.58
C ILE A 127 -5.94 -11.59 5.52
N LEU A 128 -5.04 -11.20 6.41
CA LEU A 128 -4.43 -12.14 7.33
C LEU A 128 -5.29 -12.31 8.57
N ASN A 129 -5.76 -13.53 8.79
CA ASN A 129 -6.58 -13.83 9.94
C ASN A 129 -5.71 -14.39 11.06
N VAL A 130 -5.41 -13.56 12.05
CA VAL A 130 -4.58 -13.98 13.15
C VAL A 130 -5.39 -14.06 14.45
N GLY A 7 -16.71 -13.10 2.99
CA GLY A 7 -15.94 -13.27 4.25
C GLY A 7 -14.49 -12.86 4.06
N SER A 8 -13.79 -12.66 5.18
CA SER A 8 -12.39 -12.26 5.14
C SER A 8 -11.47 -13.42 4.79
N THR A 9 -11.98 -14.64 4.95
CA THR A 9 -11.22 -15.84 4.59
C THR A 9 -11.13 -15.96 3.07
N ALA A 10 -12.15 -15.46 2.38
CA ALA A 10 -12.15 -15.46 0.93
C ALA A 10 -11.51 -14.19 0.38
N THR A 11 -10.23 -14.01 0.67
CA THR A 11 -9.51 -12.85 0.19
C THR A 11 -8.19 -13.24 -0.46
N GLY A 12 -8.29 -13.96 -1.58
CA GLY A 12 -7.13 -14.28 -2.37
C GLY A 12 -7.20 -13.58 -3.70
N ILE A 13 -7.32 -12.27 -3.65
CA ILE A 13 -7.55 -11.46 -4.83
C ILE A 13 -6.24 -10.97 -5.42
N THR A 14 -6.25 -10.57 -6.68
CA THR A 14 -5.05 -10.09 -7.33
C THR A 14 -5.13 -8.60 -7.66
N VAL A 15 -3.97 -7.99 -7.82
CA VAL A 15 -3.85 -6.57 -8.12
C VAL A 15 -4.30 -6.25 -9.55
N SER A 16 -4.78 -5.04 -9.76
CA SER A 16 -5.14 -4.58 -11.09
C SER A 16 -4.10 -3.57 -11.58
N GLY A 17 -3.12 -4.05 -12.35
CA GLY A 17 -2.12 -3.18 -12.91
C GLY A 17 -0.99 -2.86 -11.94
N ALA A 18 0.10 -2.33 -12.47
CA ALA A 18 1.24 -1.95 -11.65
C ALA A 18 1.14 -0.49 -11.24
N GLN A 19 1.23 -0.23 -9.95
CA GLN A 19 1.03 1.11 -9.42
C GLN A 19 1.98 1.40 -8.27
N SER A 20 2.66 2.53 -8.36
CA SER A 20 3.59 2.94 -7.32
C SER A 20 2.98 4.09 -6.53
N PHE A 21 2.84 3.90 -5.23
CA PHE A 21 2.21 4.91 -4.38
C PHE A 21 3.23 5.97 -3.97
N LYS A 22 3.02 7.19 -4.45
CA LYS A 22 3.94 8.27 -4.21
C LYS A 22 3.25 9.47 -3.55
N PRO A 23 3.67 9.84 -2.34
CA PRO A 23 3.12 11.01 -1.64
C PRO A 23 3.67 12.32 -2.20
N VAL A 24 2.79 13.28 -2.41
CA VAL A 24 3.18 14.57 -2.96
C VAL A 24 3.99 15.38 -1.94
N ALA A 25 5.30 15.28 -2.03
CA ALA A 25 6.19 16.02 -1.14
C ALA A 25 7.18 16.85 -1.95
N TRP A 26 6.72 18.00 -2.42
CA TRP A 26 7.54 18.90 -3.22
C TRP A 26 7.25 20.35 -2.84
N GLN A 27 8.08 20.91 -1.97
CA GLN A 27 7.91 22.31 -1.59
C GLN A 27 8.28 23.23 -2.74
N LEU A 28 7.25 23.78 -3.39
CA LEU A 28 7.46 24.67 -4.51
C LEU A 28 7.96 26.02 -4.03
N ASP A 29 7.18 26.65 -3.17
CA ASP A 29 7.59 27.89 -2.54
C ASP A 29 7.93 27.66 -1.07
N ASN A 30 6.94 27.85 -0.21
CA ASN A 30 7.13 27.63 1.22
C ASN A 30 6.84 26.19 1.59
N ASP A 31 5.80 25.63 0.99
CA ASP A 31 5.36 24.29 1.32
C ASP A 31 5.10 23.47 0.06
N GLY A 32 4.71 22.22 0.26
CA GLY A 32 4.38 21.35 -0.84
C GLY A 32 3.14 20.54 -0.56
N ASN A 33 1.99 21.19 -0.66
CA ASN A 33 0.69 20.56 -0.40
C ASN A 33 0.63 20.03 1.02
N LYS A 34 0.92 20.90 1.98
CA LYS A 34 1.00 20.49 3.39
C LYS A 34 -0.39 20.33 4.01
N VAL A 35 -1.41 20.92 3.38
CA VAL A 35 -2.76 20.82 3.90
C VAL A 35 -3.37 19.49 3.48
N ASN A 36 -2.78 18.92 2.46
CA ASN A 36 -3.23 17.65 1.92
C ASN A 36 -2.61 16.50 2.67
N VAL A 37 -3.21 16.11 3.80
CA VAL A 37 -2.70 15.00 4.59
C VAL A 37 -3.34 13.70 4.14
N ASP A 38 -3.76 13.71 2.90
CA ASP A 38 -4.38 12.55 2.27
C ASP A 38 -3.30 11.54 1.89
N ASN A 39 -2.06 12.02 1.88
CA ASN A 39 -0.91 11.20 1.50
C ASN A 39 -0.59 10.16 2.57
N ARG A 40 -1.27 10.26 3.70
CA ARG A 40 -1.15 9.25 4.75
C ARG A 40 -1.93 8.00 4.36
N PHE A 41 -2.79 8.15 3.36
CA PHE A 41 -3.62 7.06 2.89
C PHE A 41 -3.15 6.60 1.52
N ALA A 42 -3.61 5.43 1.11
CA ALA A 42 -3.29 4.89 -0.22
C ALA A 42 -4.51 4.24 -0.83
N THR A 43 -4.93 4.74 -1.98
CA THR A 43 -6.09 4.20 -2.66
C THR A 43 -5.68 3.08 -3.62
N VAL A 44 -5.93 1.85 -3.22
CA VAL A 44 -5.47 0.69 -3.98
C VAL A 44 -6.50 0.27 -5.02
N THR A 45 -6.09 0.33 -6.28
CA THR A 45 -6.93 -0.14 -7.38
C THR A 45 -6.65 -1.61 -7.64
N LEU A 46 -7.61 -2.45 -7.27
CA LEU A 46 -7.46 -3.89 -7.40
C LEU A 46 -8.59 -4.44 -8.24
N SER A 47 -8.43 -5.66 -8.72
CA SER A 47 -9.49 -6.29 -9.51
C SER A 47 -10.77 -6.35 -8.70
N ALA A 48 -10.67 -6.90 -7.51
CA ALA A 48 -11.77 -6.95 -6.57
C ALA A 48 -11.25 -6.62 -5.20
N THR A 49 -12.04 -5.96 -4.39
CA THR A 49 -11.65 -5.71 -3.02
C THR A 49 -12.82 -6.09 -2.11
N THR A 50 -13.59 -7.06 -2.58
CA THR A 50 -14.71 -7.59 -1.85
C THR A 50 -14.22 -8.46 -0.69
N GLY A 51 -14.88 -8.35 0.46
CA GLY A 51 -14.47 -9.10 1.62
C GLY A 51 -13.65 -8.24 2.57
N MET A 52 -13.44 -7.00 2.16
CA MET A 52 -12.71 -6.05 2.98
C MET A 52 -13.70 -5.12 3.67
N LYS A 53 -13.40 -4.74 4.90
CA LYS A 53 -14.28 -3.87 5.66
C LYS A 53 -13.45 -2.92 6.51
N ARG A 54 -13.99 -1.72 6.73
CA ARG A 54 -13.27 -0.66 7.45
C ARG A 54 -12.71 -1.17 8.79
N GLY A 55 -11.40 -1.05 8.94
CA GLY A 55 -10.73 -1.50 10.15
C GLY A 55 -10.12 -2.88 9.99
N ASP A 56 -9.93 -3.32 8.76
CA ASP A 56 -9.36 -4.64 8.51
C ASP A 56 -7.87 -4.53 8.24
N LYS A 57 -7.28 -5.64 7.82
CA LYS A 57 -5.86 -5.69 7.53
C LYS A 57 -5.62 -6.42 6.22
N ILE A 58 -5.07 -5.73 5.25
CA ILE A 58 -4.79 -6.36 3.97
C ILE A 58 -3.29 -6.46 3.75
N SER A 59 -2.87 -7.57 3.19
CA SER A 59 -1.47 -7.83 2.94
C SER A 59 -1.22 -8.06 1.47
N PHE A 60 -0.15 -7.47 0.95
CA PHE A 60 0.20 -7.64 -0.45
C PHE A 60 1.36 -8.61 -0.59
N ALA A 61 1.08 -9.78 -1.16
CA ALA A 61 2.09 -10.80 -1.36
C ALA A 61 3.11 -10.35 -2.39
N GLY A 62 4.36 -10.26 -1.97
CA GLY A 62 5.42 -9.78 -2.83
C GLY A 62 5.94 -8.43 -2.38
N VAL A 63 5.06 -7.64 -1.80
CA VAL A 63 5.41 -6.34 -1.26
C VAL A 63 5.67 -6.47 0.23
N LYS A 64 6.86 -6.10 0.68
CA LYS A 64 7.21 -6.27 2.09
C LYS A 64 7.99 -5.07 2.60
N PHE A 65 8.19 -5.04 3.91
CA PHE A 65 8.82 -3.90 4.57
C PHE A 65 10.34 -3.94 4.47
N LEU A 66 10.98 -2.87 4.93
CA LEU A 66 12.42 -2.72 4.84
C LEU A 66 13.13 -3.50 5.94
N GLY A 67 13.11 -4.81 5.83
CA GLY A 67 13.80 -5.66 6.79
C GLY A 67 13.04 -6.93 7.06
N GLN A 68 13.40 -7.61 8.16
CA GLN A 68 12.76 -8.85 8.56
C GLN A 68 12.92 -9.93 7.50
N MET A 69 14.03 -9.86 6.78
CA MET A 69 14.30 -10.82 5.71
C MET A 69 15.63 -11.53 5.94
N ALA A 70 16.44 -10.98 6.83
CA ALA A 70 17.76 -11.52 7.12
C ALA A 70 17.67 -12.89 7.76
N LYS A 71 16.95 -12.97 8.87
CA LYS A 71 16.80 -14.22 9.59
C LYS A 71 15.35 -14.69 9.54
N ASN A 72 14.44 -13.74 9.36
CA ASN A 72 13.03 -14.06 9.23
C ASN A 72 12.70 -14.49 7.81
N VAL A 73 12.51 -15.80 7.63
CA VAL A 73 12.15 -16.34 6.33
C VAL A 73 10.69 -16.02 6.04
N LEU A 74 9.88 -16.01 7.08
CA LEU A 74 8.47 -15.64 6.98
C LEU A 74 8.34 -14.15 7.17
N ALA A 75 8.98 -13.40 6.29
CA ALA A 75 8.93 -11.96 6.33
C ALA A 75 7.50 -11.47 6.14
N GLN A 76 7.03 -10.67 7.10
CA GLN A 76 5.67 -10.16 7.04
C GLN A 76 5.49 -9.26 5.81
N ASP A 77 4.47 -9.56 5.03
CA ASP A 77 4.18 -8.80 3.83
C ASP A 77 3.53 -7.48 4.21
N ALA A 78 3.46 -6.55 3.27
CA ALA A 78 2.91 -5.23 3.50
C ALA A 78 1.53 -5.30 4.13
N THR A 79 1.48 -5.03 5.42
CA THR A 79 0.25 -5.14 6.17
C THR A 79 -0.30 -3.76 6.53
N PHE A 80 -1.36 -3.35 5.86
CA PHE A 80 -1.93 -2.03 6.08
C PHE A 80 -3.39 -2.14 6.47
N SER A 81 -3.87 -1.11 7.18
CA SER A 81 -5.23 -1.08 7.66
C SER A 81 -6.13 -0.40 6.64
N VAL A 82 -7.29 -0.99 6.39
CA VAL A 82 -8.24 -0.43 5.45
C VAL A 82 -9.16 0.57 6.16
N VAL A 83 -9.24 1.78 5.63
CA VAL A 83 -10.03 2.82 6.25
C VAL A 83 -11.43 2.85 5.68
N ARG A 84 -11.53 2.63 4.37
CA ARG A 84 -12.81 2.65 3.67
C ARG A 84 -12.74 1.88 2.36
N VAL A 85 -13.73 1.06 2.12
CA VAL A 85 -13.90 0.40 0.82
C VAL A 85 -14.83 1.25 -0.03
N VAL A 86 -14.27 1.87 -1.06
CA VAL A 86 -15.00 2.84 -1.86
C VAL A 86 -16.08 2.18 -2.72
N ASP A 87 -15.68 1.25 -3.57
CA ASP A 87 -16.62 0.60 -4.48
C ASP A 87 -16.61 -0.91 -4.31
N GLY A 88 -15.65 -1.40 -3.54
CA GLY A 88 -15.43 -2.82 -3.44
C GLY A 88 -14.58 -3.33 -4.59
N THR A 89 -13.97 -2.37 -5.27
CA THR A 89 -12.98 -2.63 -6.31
C THR A 89 -11.86 -1.62 -6.17
N HIS A 90 -11.85 -0.95 -5.02
CA HIS A 90 -10.98 0.19 -4.77
C HIS A 90 -11.00 0.50 -3.28
N VAL A 91 -9.85 0.45 -2.63
CA VAL A 91 -9.79 0.65 -1.19
C VAL A 91 -8.90 1.85 -0.86
N GLU A 92 -9.07 2.40 0.33
CA GLU A 92 -8.11 3.38 0.84
C GLU A 92 -7.56 2.90 2.18
N ILE A 93 -6.26 2.64 2.19
CA ILE A 93 -5.58 2.11 3.36
C ILE A 93 -4.64 3.14 3.96
N THR A 94 -3.99 2.76 5.05
CA THR A 94 -2.99 3.61 5.67
C THR A 94 -2.01 2.73 6.45
N PRO A 95 -0.72 3.08 6.45
CA PRO A 95 -0.17 4.22 5.71
C PRO A 95 0.10 3.90 4.24
N LYS A 96 0.60 4.90 3.50
CA LYS A 96 0.89 4.73 2.09
C LYS A 96 2.20 3.95 1.91
N PRO A 97 2.15 2.83 1.16
CA PRO A 97 3.35 2.05 0.85
C PRO A 97 4.19 2.69 -0.26
N VAL A 98 5.33 3.22 0.12
CA VAL A 98 6.26 3.80 -0.83
C VAL A 98 7.48 2.91 -0.94
N ALA A 99 7.94 2.67 -2.16
CA ALA A 99 9.09 1.81 -2.38
C ALA A 99 10.39 2.56 -2.14
N LEU A 100 11.13 2.12 -1.14
CA LEU A 100 12.41 2.73 -0.78
C LEU A 100 13.45 2.49 -1.89
N ASP A 101 13.27 1.41 -2.64
CA ASP A 101 14.19 1.08 -3.73
C ASP A 101 13.73 1.67 -5.06
N ASP A 102 12.75 2.57 -5.00
CA ASP A 102 12.30 3.26 -6.21
C ASP A 102 13.17 4.47 -6.48
N VAL A 103 13.83 4.47 -7.62
CA VAL A 103 14.75 5.53 -7.97
C VAL A 103 14.01 6.73 -8.58
N SER A 104 12.75 6.51 -8.98
CA SER A 104 11.99 7.52 -9.69
C SER A 104 11.46 8.60 -8.73
N LEU A 105 11.24 8.22 -7.47
CA LEU A 105 10.71 9.16 -6.47
C LEU A 105 11.75 10.21 -6.08
N SER A 106 11.30 11.18 -5.29
CA SER A 106 12.15 12.25 -4.80
C SER A 106 12.54 12.00 -3.34
N PRO A 107 13.59 12.69 -2.83
CA PRO A 107 14.18 12.44 -1.51
C PRO A 107 13.17 12.26 -0.36
N GLU A 108 12.24 13.19 -0.21
CA GLU A 108 11.36 13.17 0.95
C GLU A 108 10.30 12.06 0.83
N GLN A 109 10.10 11.57 -0.38
CA GLN A 109 9.14 10.49 -0.59
C GLN A 109 9.71 9.17 -0.05
N ARG A 110 11.00 8.94 -0.27
CA ARG A 110 11.64 7.72 0.22
C ARG A 110 11.87 7.80 1.72
N ALA A 111 11.78 9.00 2.26
CA ALA A 111 11.87 9.20 3.70
C ALA A 111 10.67 8.58 4.41
N TYR A 112 9.51 8.65 3.76
CA TYR A 112 8.30 8.07 4.33
C TYR A 112 8.06 6.65 3.78
N ALA A 113 8.96 6.20 2.91
CA ALA A 113 8.85 4.89 2.31
C ALA A 113 9.01 3.79 3.36
N ASN A 114 8.07 2.87 3.37
CA ASN A 114 8.05 1.80 4.36
C ASN A 114 8.33 0.44 3.72
N VAL A 115 8.01 0.30 2.44
CA VAL A 115 8.20 -0.96 1.74
C VAL A 115 9.35 -0.85 0.74
N ASN A 116 9.84 -2.01 0.29
CA ASN A 116 11.00 -2.04 -0.60
C ASN A 116 10.60 -2.18 -2.06
N THR A 117 9.31 -2.37 -2.31
CA THR A 117 8.83 -2.56 -3.67
C THR A 117 7.45 -1.95 -3.85
N SER A 118 7.19 -1.47 -5.06
CA SER A 118 5.89 -0.93 -5.40
C SER A 118 4.94 -2.06 -5.74
N LEU A 119 3.65 -1.75 -5.83
CA LEU A 119 2.66 -2.76 -6.11
C LEU A 119 2.69 -3.12 -7.59
N ALA A 120 3.30 -4.27 -7.89
CA ALA A 120 3.41 -4.73 -9.27
C ALA A 120 2.12 -5.39 -9.72
N ASP A 121 2.00 -5.63 -11.02
CA ASP A 121 0.75 -6.08 -11.62
C ASP A 121 0.53 -7.58 -11.45
N ALA A 122 1.07 -8.15 -10.38
CA ALA A 122 0.86 -9.56 -10.07
C ALA A 122 0.99 -9.80 -8.57
N MET A 123 0.60 -8.81 -7.78
CA MET A 123 0.66 -8.93 -6.33
C MET A 123 -0.68 -9.40 -5.80
N ALA A 124 -0.65 -10.43 -4.96
CA ALA A 124 -1.87 -10.97 -4.37
C ALA A 124 -2.25 -10.19 -3.12
N VAL A 125 -3.54 -9.96 -2.94
CA VAL A 125 -4.04 -9.22 -1.81
C VAL A 125 -4.78 -10.15 -0.86
N ASN A 126 -4.17 -10.42 0.28
CA ASN A 126 -4.70 -11.37 1.24
C ASN A 126 -4.98 -10.69 2.59
N ILE A 127 -6.17 -10.94 3.13
CA ILE A 127 -6.52 -10.43 4.44
C ILE A 127 -6.19 -11.46 5.51
N LEU A 128 -5.48 -11.02 6.54
CA LEU A 128 -5.17 -11.87 7.67
C LEU A 128 -6.41 -12.00 8.55
N ASN A 129 -6.99 -13.19 8.58
CA ASN A 129 -8.24 -13.40 9.28
C ASN A 129 -8.10 -14.51 10.31
N VAL A 130 -8.79 -14.35 11.42
CA VAL A 130 -8.71 -15.30 12.52
C VAL A 130 -10.09 -15.89 12.84
N GLY A 7 -13.73 -27.38 0.18
CA GLY A 7 -12.43 -27.08 0.85
C GLY A 7 -12.47 -25.75 1.56
N SER A 8 -11.34 -25.04 1.55
CA SER A 8 -11.25 -23.73 2.17
C SER A 8 -10.76 -22.71 1.15
N THR A 9 -10.90 -21.44 1.47
CA THR A 9 -10.46 -20.38 0.57
C THR A 9 -10.26 -19.07 1.34
N ALA A 10 -9.51 -18.17 0.76
CA ALA A 10 -9.25 -16.87 1.35
C ALA A 10 -9.48 -15.78 0.31
N THR A 11 -9.14 -14.55 0.65
CA THR A 11 -9.25 -13.46 -0.31
C THR A 11 -8.24 -13.65 -1.44
N GLY A 12 -6.97 -13.35 -1.16
CA GLY A 12 -5.90 -13.56 -2.12
C GLY A 12 -6.21 -12.98 -3.49
N ILE A 13 -6.84 -11.82 -3.50
CA ILE A 13 -7.27 -11.19 -4.74
C ILE A 13 -6.09 -10.43 -5.35
N THR A 14 -5.97 -10.46 -6.66
CA THR A 14 -4.79 -9.93 -7.30
C THR A 14 -4.98 -8.49 -7.76
N VAL A 15 -3.89 -7.74 -7.71
CA VAL A 15 -3.85 -6.33 -8.05
C VAL A 15 -4.34 -6.07 -9.49
N SER A 16 -4.90 -4.89 -9.72
CA SER A 16 -5.38 -4.53 -11.05
C SER A 16 -4.39 -3.61 -11.75
N GLY A 17 -3.12 -3.97 -11.72
CA GLY A 17 -2.10 -3.18 -12.38
C GLY A 17 -1.01 -2.74 -11.42
N ALA A 18 0.12 -2.30 -11.97
CA ALA A 18 1.23 -1.83 -11.16
C ALA A 18 0.98 -0.42 -10.68
N GLN A 19 1.01 -0.23 -9.37
CA GLN A 19 0.74 1.07 -8.78
C GLN A 19 1.79 1.43 -7.73
N SER A 20 2.32 2.63 -7.84
CA SER A 20 3.26 3.15 -6.86
C SER A 20 2.81 4.55 -6.43
N PHE A 21 2.20 4.63 -5.26
CA PHE A 21 1.67 5.90 -4.78
C PHE A 21 2.68 6.58 -3.88
N LYS A 22 2.82 7.88 -4.06
CA LYS A 22 3.80 8.64 -3.30
C LYS A 22 3.14 9.56 -2.29
N PRO A 23 3.79 9.76 -1.14
CA PRO A 23 3.37 10.78 -0.17
C PRO A 23 3.85 12.16 -0.58
N VAL A 24 2.97 13.15 -0.44
CA VAL A 24 3.33 14.51 -0.77
C VAL A 24 4.23 15.11 0.30
N ALA A 25 5.49 15.30 -0.06
CA ALA A 25 6.48 15.84 0.87
C ALA A 25 7.34 16.89 0.19
N TRP A 26 7.47 18.05 0.82
CA TRP A 26 8.25 19.18 0.32
C TRP A 26 7.56 19.86 -0.88
N GLN A 27 7.23 19.05 -1.89
CA GLN A 27 6.52 19.56 -3.05
C GLN A 27 5.06 19.81 -2.70
N LEU A 28 4.42 20.73 -3.43
CA LEU A 28 3.04 21.12 -3.16
C LEU A 28 2.90 21.62 -1.72
N ASP A 29 3.76 22.57 -1.36
CA ASP A 29 3.81 23.08 0.01
C ASP A 29 2.65 24.02 0.31
N ASN A 30 1.91 24.37 -0.73
CA ASN A 30 0.73 25.22 -0.57
C ASN A 30 -0.47 24.40 -0.10
N ASP A 31 -0.47 23.12 -0.40
CA ASP A 31 -1.62 22.27 -0.12
C ASP A 31 -1.23 21.07 0.73
N GLY A 32 -0.32 20.24 0.21
CA GLY A 32 0.07 19.04 0.89
C GLY A 32 -1.09 18.10 1.10
N ASN A 33 -1.12 17.43 2.24
CA ASN A 33 -2.24 16.55 2.58
C ASN A 33 -3.11 17.20 3.62
N LYS A 34 -2.88 18.49 3.82
CA LYS A 34 -3.63 19.27 4.79
C LYS A 34 -4.99 19.64 4.23
N VAL A 35 -5.02 19.86 2.93
CA VAL A 35 -6.25 20.17 2.22
C VAL A 35 -6.45 19.20 1.06
N ASN A 36 -7.55 19.37 0.32
CA ASN A 36 -7.85 18.51 -0.82
C ASN A 36 -8.03 17.07 -0.35
N VAL A 37 -7.80 16.11 -1.24
CA VAL A 37 -7.77 14.71 -0.84
C VAL A 37 -6.57 14.47 0.08
N ASP A 38 -6.78 13.70 1.13
CA ASP A 38 -5.72 13.42 2.07
C ASP A 38 -4.77 12.39 1.48
N ASN A 39 -3.57 12.85 1.16
CA ASN A 39 -2.58 12.02 0.48
C ASN A 39 -2.00 10.96 1.41
N ARG A 40 -2.36 11.05 2.69
CA ARG A 40 -1.90 10.10 3.69
C ARG A 40 -2.50 8.71 3.45
N PHE A 41 -3.55 8.65 2.66
CA PHE A 41 -4.23 7.39 2.37
C PHE A 41 -3.94 6.95 0.94
N ALA A 42 -3.63 5.67 0.77
CA ALA A 42 -3.35 5.12 -0.54
C ALA A 42 -4.56 4.39 -1.08
N THR A 43 -5.03 4.80 -2.25
CA THR A 43 -6.16 4.17 -2.88
C THR A 43 -5.72 3.03 -3.80
N VAL A 44 -5.86 1.81 -3.30
CA VAL A 44 -5.39 0.62 -4.01
C VAL A 44 -6.42 0.15 -5.03
N THR A 45 -6.01 0.10 -6.30
CA THR A 45 -6.88 -0.40 -7.34
C THR A 45 -6.62 -1.89 -7.57
N LEU A 46 -7.54 -2.71 -7.13
CA LEU A 46 -7.38 -4.15 -7.22
C LEU A 46 -8.50 -4.75 -8.04
N SER A 47 -8.34 -5.97 -8.50
CA SER A 47 -9.36 -6.63 -9.30
C SER A 47 -10.70 -6.62 -8.54
N ALA A 48 -10.65 -7.14 -7.32
CA ALA A 48 -11.80 -7.12 -6.45
C ALA A 48 -11.35 -6.75 -5.05
N THR A 49 -12.08 -5.88 -4.39
CA THR A 49 -11.79 -5.58 -3.01
C THR A 49 -13.08 -5.78 -2.22
N THR A 50 -13.88 -6.69 -2.74
CA THR A 50 -15.15 -7.06 -2.14
C THR A 50 -14.93 -8.07 -1.03
N GLY A 51 -15.66 -7.92 0.06
CA GLY A 51 -15.45 -8.78 1.21
C GLY A 51 -14.54 -8.10 2.20
N MET A 52 -14.43 -6.79 2.05
CA MET A 52 -13.62 -5.98 2.95
C MET A 52 -14.49 -4.92 3.60
N LYS A 53 -14.15 -4.57 4.83
CA LYS A 53 -14.85 -3.54 5.55
C LYS A 53 -13.86 -2.68 6.32
N ARG A 54 -14.31 -1.56 6.86
CA ARG A 54 -13.43 -0.66 7.60
C ARG A 54 -12.74 -1.40 8.76
N GLY A 55 -11.43 -1.28 8.83
CA GLY A 55 -10.69 -1.84 9.94
C GLY A 55 -10.20 -3.26 9.67
N ASP A 56 -10.14 -3.65 8.40
CA ASP A 56 -9.68 -4.98 8.06
C ASP A 56 -8.19 -4.96 7.75
N LYS A 57 -7.56 -6.10 7.90
CA LYS A 57 -6.12 -6.22 7.67
C LYS A 57 -5.85 -6.87 6.33
N ILE A 58 -5.22 -6.15 5.43
CA ILE A 58 -4.85 -6.73 4.15
C ILE A 58 -3.33 -6.81 4.04
N SER A 59 -2.86 -7.92 3.50
CA SER A 59 -1.45 -8.13 3.33
C SER A 59 -1.15 -8.34 1.86
N PHE A 60 -0.14 -7.64 1.37
CA PHE A 60 0.23 -7.74 -0.02
C PHE A 60 1.35 -8.76 -0.19
N ALA A 61 1.01 -9.88 -0.81
CA ALA A 61 1.97 -10.96 -1.01
C ALA A 61 2.98 -10.59 -2.08
N GLY A 62 4.22 -10.39 -1.67
CA GLY A 62 5.26 -9.96 -2.59
C GLY A 62 5.72 -8.56 -2.27
N VAL A 63 4.89 -7.82 -1.55
CA VAL A 63 5.25 -6.49 -1.09
C VAL A 63 5.57 -6.56 0.39
N LYS A 64 6.72 -6.03 0.79
CA LYS A 64 7.14 -6.13 2.17
C LYS A 64 7.94 -4.90 2.59
N PHE A 65 8.01 -4.69 3.90
CA PHE A 65 8.66 -3.51 4.46
C PHE A 65 10.17 -3.60 4.35
N LEU A 66 10.84 -2.48 4.55
CA LEU A 66 12.30 -2.43 4.52
C LEU A 66 12.89 -3.34 5.60
N GLY A 67 13.92 -4.08 5.24
CA GLY A 67 14.54 -5.02 6.16
C GLY A 67 14.06 -6.44 5.94
N GLN A 68 12.89 -6.58 5.33
CA GLN A 68 12.34 -7.89 5.02
C GLN A 68 13.08 -8.47 3.83
N MET A 69 13.56 -9.71 3.99
CA MET A 69 14.37 -10.40 2.98
C MET A 69 15.75 -9.76 2.83
N ALA A 70 16.15 -8.98 3.83
CA ALA A 70 17.52 -8.49 3.89
C ALA A 70 18.43 -9.62 4.33
N LYS A 71 17.91 -10.43 5.24
CA LYS A 71 18.55 -11.67 5.65
C LYS A 71 17.47 -12.66 6.10
N ASN A 72 16.27 -12.44 5.60
CA ASN A 72 15.10 -13.22 6.02
C ASN A 72 14.35 -13.73 4.80
N VAL A 73 14.63 -14.96 4.40
CA VAL A 73 13.94 -15.57 3.27
C VAL A 73 12.45 -15.69 3.56
N LEU A 74 12.13 -16.24 4.72
CA LEU A 74 10.74 -16.37 5.15
C LEU A 74 10.31 -15.12 5.88
N ALA A 75 10.34 -14.00 5.16
CA ALA A 75 10.01 -12.71 5.74
C ALA A 75 8.50 -12.49 5.74
N GLN A 76 8.06 -11.40 6.34
CA GLN A 76 6.65 -11.09 6.45
C GLN A 76 6.27 -10.02 5.43
N ASP A 77 5.12 -10.21 4.79
CA ASP A 77 4.64 -9.28 3.77
C ASP A 77 4.06 -8.03 4.44
N ALA A 78 3.85 -7.00 3.63
CA ALA A 78 3.31 -5.73 4.11
C ALA A 78 1.86 -5.89 4.54
N THR A 79 1.56 -5.41 5.74
CA THR A 79 0.22 -5.50 6.29
C THR A 79 -0.34 -4.12 6.57
N PHE A 80 -1.34 -3.72 5.80
CA PHE A 80 -1.93 -2.40 5.94
C PHE A 80 -3.39 -2.50 6.36
N SER A 81 -3.86 -1.49 7.06
CA SER A 81 -5.23 -1.46 7.53
C SER A 81 -6.12 -0.62 6.61
N VAL A 82 -7.25 -1.18 6.23
CA VAL A 82 -8.19 -0.49 5.35
C VAL A 82 -9.01 0.53 6.14
N VAL A 83 -9.09 1.74 5.61
CA VAL A 83 -9.81 2.82 6.27
C VAL A 83 -11.23 2.92 5.72
N ARG A 84 -11.43 2.43 4.49
CA ARG A 84 -12.73 2.46 3.84
C ARG A 84 -12.65 1.76 2.48
N VAL A 85 -13.69 1.00 2.15
CA VAL A 85 -13.83 0.42 0.82
C VAL A 85 -14.62 1.38 -0.05
N VAL A 86 -13.94 1.97 -1.03
CA VAL A 86 -14.53 3.05 -1.83
C VAL A 86 -15.57 2.51 -2.81
N ASP A 87 -15.18 1.56 -3.65
CA ASP A 87 -16.08 1.05 -4.68
C ASP A 87 -16.16 -0.47 -4.65
N GLY A 88 -15.36 -1.08 -3.79
CA GLY A 88 -15.26 -2.53 -3.74
C GLY A 88 -14.36 -3.06 -4.83
N THR A 89 -13.61 -2.14 -5.43
CA THR A 89 -12.55 -2.48 -6.37
C THR A 89 -11.41 -1.49 -6.17
N HIS A 90 -11.46 -0.83 -5.02
CA HIS A 90 -10.59 0.30 -4.72
C HIS A 90 -10.67 0.57 -3.22
N VAL A 91 -9.55 0.45 -2.52
CA VAL A 91 -9.54 0.62 -1.07
C VAL A 91 -8.63 1.78 -0.69
N GLU A 92 -8.86 2.35 0.48
CA GLU A 92 -7.96 3.37 1.01
C GLU A 92 -7.30 2.86 2.28
N ILE A 93 -5.97 2.83 2.27
CA ILE A 93 -5.21 2.33 3.41
C ILE A 93 -4.24 3.39 3.91
N THR A 94 -3.74 3.20 5.12
CA THR A 94 -2.74 4.07 5.69
C THR A 94 -1.84 3.27 6.65
N PRO A 95 -0.53 3.56 6.66
CA PRO A 95 0.08 4.60 5.84
C PRO A 95 0.21 4.19 4.37
N LYS A 96 0.75 5.09 3.56
CA LYS A 96 0.90 4.84 2.14
C LYS A 96 2.16 4.02 1.84
N PRO A 97 2.01 2.88 1.15
CA PRO A 97 3.13 2.03 0.76
C PRO A 97 3.95 2.66 -0.37
N VAL A 98 5.15 3.10 -0.05
CA VAL A 98 6.06 3.64 -1.04
C VAL A 98 7.32 2.80 -1.08
N ALA A 99 7.80 2.52 -2.27
CA ALA A 99 9.02 1.75 -2.44
C ALA A 99 10.25 2.64 -2.27
N LEU A 100 11.17 2.17 -1.46
CA LEU A 100 12.40 2.89 -1.18
C LEU A 100 13.34 2.81 -2.38
N ASP A 101 13.24 1.73 -3.14
CA ASP A 101 14.05 1.55 -4.33
C ASP A 101 13.29 2.04 -5.57
N ASP A 102 12.37 2.95 -5.34
CA ASP A 102 11.59 3.56 -6.43
C ASP A 102 12.41 4.69 -7.04
N VAL A 103 12.68 4.59 -8.33
CA VAL A 103 13.49 5.61 -9.01
C VAL A 103 12.63 6.80 -9.44
N SER A 104 11.32 6.58 -9.50
CA SER A 104 10.39 7.58 -10.01
C SER A 104 10.24 8.75 -9.02
N LEU A 105 10.04 8.43 -7.75
CA LEU A 105 9.78 9.45 -6.74
C LEU A 105 11.03 10.26 -6.35
N SER A 106 10.78 11.33 -5.60
CA SER A 106 11.84 12.21 -5.13
C SER A 106 12.47 11.65 -3.85
N PRO A 107 13.76 11.96 -3.60
CA PRO A 107 14.45 11.55 -2.37
C PRO A 107 13.64 11.78 -1.10
N GLU A 108 12.94 12.91 -1.04
CA GLU A 108 12.12 13.25 0.14
C GLU A 108 11.04 12.20 0.37
N GLN A 109 10.43 11.76 -0.71
CA GLN A 109 9.34 10.80 -0.63
C GLN A 109 9.88 9.43 -0.21
N ARG A 110 11.17 9.20 -0.48
CA ARG A 110 11.84 7.96 -0.08
C ARG A 110 12.02 7.92 1.43
N ALA A 111 12.08 9.10 2.04
CA ALA A 111 12.19 9.19 3.50
C ALA A 111 10.89 8.70 4.14
N TYR A 112 9.79 8.87 3.42
CA TYR A 112 8.49 8.42 3.89
C TYR A 112 8.14 7.05 3.30
N ALA A 113 9.07 6.45 2.58
CA ALA A 113 8.88 5.12 2.01
C ALA A 113 8.90 4.06 3.11
N ASN A 114 8.16 2.97 2.90
CA ASN A 114 8.00 1.95 3.92
C ASN A 114 8.36 0.57 3.39
N VAL A 115 8.11 0.35 2.12
CA VAL A 115 8.32 -0.94 1.50
C VAL A 115 9.46 -0.87 0.49
N ASN A 116 10.11 -1.99 0.23
CA ASN A 116 11.23 -2.03 -0.69
C ASN A 116 10.73 -2.16 -2.12
N THR A 117 9.50 -2.67 -2.25
CA THR A 117 8.91 -2.91 -3.53
C THR A 117 7.52 -2.30 -3.61
N SER A 118 7.27 -1.58 -4.69
CA SER A 118 5.96 -1.00 -4.93
C SER A 118 5.00 -2.07 -5.38
N LEU A 119 3.71 -1.74 -5.41
CA LEU A 119 2.69 -2.71 -5.78
C LEU A 119 2.80 -3.01 -7.28
N ALA A 120 3.37 -4.16 -7.61
CA ALA A 120 3.54 -4.56 -8.99
C ALA A 120 2.25 -5.12 -9.56
N ASP A 121 2.24 -5.40 -10.86
CA ASP A 121 1.03 -5.81 -11.55
C ASP A 121 0.69 -7.28 -11.30
N ALA A 122 1.39 -7.88 -10.36
CA ALA A 122 1.15 -9.27 -9.98
C ALA A 122 1.32 -9.46 -8.48
N MET A 123 0.55 -8.71 -7.70
CA MET A 123 0.59 -8.83 -6.25
C MET A 123 -0.76 -9.30 -5.73
N ALA A 124 -0.73 -10.24 -4.79
CA ALA A 124 -1.95 -10.76 -4.20
C ALA A 124 -2.26 -10.06 -2.89
N VAL A 125 -3.49 -9.63 -2.74
CA VAL A 125 -3.95 -8.95 -1.54
C VAL A 125 -4.78 -9.91 -0.69
N ASN A 126 -4.21 -10.33 0.42
CA ASN A 126 -4.83 -11.36 1.26
C ASN A 126 -5.03 -10.85 2.68
N ILE A 127 -6.26 -11.01 3.17
CA ILE A 127 -6.57 -10.66 4.56
C ILE A 127 -6.12 -11.78 5.50
N LEU A 128 -5.32 -11.41 6.48
CA LEU A 128 -4.86 -12.35 7.49
C LEU A 128 -6.00 -12.70 8.43
N ASN A 129 -6.46 -13.93 8.37
CA ASN A 129 -7.60 -14.37 9.16
C ASN A 129 -7.14 -14.87 10.53
N VAL A 130 -6.85 -13.94 11.42
CA VAL A 130 -6.45 -14.29 12.77
C VAL A 130 -7.14 -13.35 13.78
N GLY A 7 -6.83 -19.03 7.60
CA GLY A 7 -8.20 -18.98 8.17
C GLY A 7 -9.20 -19.74 7.32
N SER A 8 -10.45 -19.75 7.75
CA SER A 8 -11.51 -20.45 7.02
C SER A 8 -11.91 -19.67 5.78
N THR A 9 -12.03 -18.35 5.93
CA THR A 9 -12.35 -17.49 4.79
C THR A 9 -11.14 -17.43 3.86
N ALA A 10 -11.38 -17.25 2.57
CA ALA A 10 -10.32 -17.23 1.59
C ALA A 10 -10.43 -16.03 0.68
N THR A 11 -9.47 -15.14 0.80
CA THR A 11 -9.44 -13.93 -0.01
C THR A 11 -8.55 -14.11 -1.22
N GLY A 12 -9.10 -14.72 -2.26
CA GLY A 12 -8.38 -14.87 -3.52
C GLY A 12 -8.34 -13.58 -4.31
N ILE A 13 -7.70 -12.58 -3.74
CA ILE A 13 -7.68 -11.25 -4.32
C ILE A 13 -6.39 -11.01 -5.11
N THR A 14 -6.51 -10.36 -6.26
CA THR A 14 -5.35 -9.97 -7.04
C THR A 14 -5.32 -8.47 -7.24
N VAL A 15 -4.14 -7.94 -7.58
CA VAL A 15 -3.97 -6.52 -7.86
C VAL A 15 -4.46 -6.20 -9.27
N SER A 16 -4.93 -4.97 -9.48
CA SER A 16 -5.37 -4.55 -10.80
C SER A 16 -4.47 -3.42 -11.30
N GLY A 17 -3.30 -3.78 -11.78
CA GLY A 17 -2.34 -2.79 -12.22
C GLY A 17 -1.15 -2.70 -11.30
N ALA A 18 -0.09 -2.05 -11.74
CA ALA A 18 1.06 -1.83 -10.90
C ALA A 18 1.00 -0.44 -10.29
N GLN A 19 0.78 -0.38 -8.98
CA GLN A 19 0.64 0.89 -8.29
C GLN A 19 1.94 1.31 -7.63
N SER A 20 2.36 2.53 -7.93
CA SER A 20 3.52 3.13 -7.27
C SER A 20 3.12 4.49 -6.72
N PHE A 21 2.87 4.54 -5.42
CA PHE A 21 2.37 5.76 -4.79
C PHE A 21 3.50 6.70 -4.42
N LYS A 22 3.14 7.93 -4.07
CA LYS A 22 4.10 8.92 -3.61
C LYS A 22 3.55 9.69 -2.42
N PRO A 23 4.37 9.92 -1.39
CA PRO A 23 3.97 10.68 -0.22
C PRO A 23 4.26 12.17 -0.40
N VAL A 24 3.25 12.99 -0.17
CA VAL A 24 3.42 14.44 -0.25
C VAL A 24 4.44 14.90 0.80
N ALA A 25 5.46 15.61 0.34
CA ALA A 25 6.48 16.13 1.23
C ALA A 25 5.94 17.29 2.04
N TRP A 26 5.85 17.09 3.36
CA TRP A 26 5.36 18.10 4.30
C TRP A 26 3.85 18.33 4.16
N GLN A 27 3.24 18.81 5.24
CA GLN A 27 1.80 18.98 5.32
C GLN A 27 1.37 20.24 4.59
N LEU A 28 0.31 20.11 3.78
CA LEU A 28 -0.20 21.22 3.00
C LEU A 28 -1.39 21.87 3.71
N ASP A 29 -1.77 23.03 3.21
CA ASP A 29 -2.93 23.75 3.73
C ASP A 29 -3.96 23.92 2.62
N ASN A 30 -4.76 24.97 2.68
CA ASN A 30 -5.70 25.29 1.60
C ASN A 30 -4.94 25.52 0.30
N ASP A 31 -3.81 26.21 0.42
CA ASP A 31 -2.99 26.51 -0.74
C ASP A 31 -1.78 25.59 -0.80
N GLY A 32 -0.97 25.76 -1.82
CA GLY A 32 0.19 24.91 -2.00
C GLY A 32 0.10 24.11 -3.28
N ASN A 33 -0.46 22.92 -3.19
CA ASN A 33 -0.64 22.06 -4.35
C ASN A 33 -2.07 22.15 -4.87
N LYS A 34 -2.30 21.54 -6.02
CA LYS A 34 -3.63 21.55 -6.62
C LYS A 34 -4.52 20.50 -5.96
N VAL A 35 -3.93 19.35 -5.66
CA VAL A 35 -4.66 18.28 -5.00
C VAL A 35 -4.90 18.62 -3.53
N ASN A 36 -6.16 18.80 -3.18
CA ASN A 36 -6.53 19.15 -1.81
C ASN A 36 -7.10 17.95 -1.09
N VAL A 37 -6.76 16.78 -1.59
CA VAL A 37 -7.19 15.52 -1.01
C VAL A 37 -6.07 14.95 -0.14
N ASP A 38 -6.43 14.23 0.92
CA ASP A 38 -5.44 13.64 1.81
C ASP A 38 -4.57 12.67 1.05
N ASN A 39 -3.27 12.96 1.02
CA ASN A 39 -2.33 12.18 0.25
C ASN A 39 -1.69 11.08 1.11
N ARG A 40 -2.12 10.99 2.36
CA ARG A 40 -1.58 10.01 3.28
C ARG A 40 -2.32 8.69 3.13
N PHE A 41 -3.61 8.77 2.81
CA PHE A 41 -4.39 7.58 2.50
C PHE A 41 -4.12 7.13 1.08
N ALA A 42 -3.78 5.87 0.91
CA ALA A 42 -3.47 5.32 -0.41
C ALA A 42 -4.66 4.55 -0.95
N THR A 43 -5.13 4.95 -2.12
CA THR A 43 -6.26 4.31 -2.75
C THR A 43 -5.80 3.18 -3.67
N VAL A 44 -5.96 1.94 -3.21
CA VAL A 44 -5.44 0.77 -3.90
C VAL A 44 -6.40 0.27 -4.97
N THR A 45 -5.94 0.21 -6.21
CA THR A 45 -6.74 -0.35 -7.29
C THR A 45 -6.45 -1.84 -7.44
N LEU A 46 -7.39 -2.66 -6.99
CA LEU A 46 -7.22 -4.11 -7.03
C LEU A 46 -8.34 -4.73 -7.83
N SER A 47 -8.17 -5.97 -8.26
CA SER A 47 -9.17 -6.63 -9.08
C SER A 47 -10.49 -6.70 -8.32
N ALA A 48 -10.42 -7.22 -7.11
CA ALA A 48 -11.59 -7.32 -6.26
C ALA A 48 -11.24 -6.90 -4.85
N THR A 49 -11.97 -5.94 -4.30
CA THR A 49 -11.75 -5.57 -2.91
C THR A 49 -13.08 -5.68 -2.17
N THR A 50 -13.92 -6.57 -2.70
CA THR A 50 -15.22 -6.85 -2.11
C THR A 50 -15.05 -7.87 -0.98
N GLY A 51 -15.74 -7.64 0.12
CA GLY A 51 -15.57 -8.49 1.28
C GLY A 51 -14.71 -7.81 2.32
N MET A 52 -14.03 -6.76 1.88
CA MET A 52 -13.24 -5.93 2.77
C MET A 52 -14.15 -4.93 3.47
N LYS A 53 -13.74 -4.48 4.63
CA LYS A 53 -14.55 -3.59 5.43
C LYS A 53 -13.67 -2.75 6.34
N ARG A 54 -14.05 -1.48 6.52
CA ARG A 54 -13.23 -0.52 7.24
C ARG A 54 -12.79 -1.07 8.60
N GLY A 55 -11.48 -1.28 8.75
CA GLY A 55 -10.96 -1.87 9.96
C GLY A 55 -10.32 -3.24 9.72
N ASP A 56 -10.37 -3.72 8.48
CA ASP A 56 -9.79 -5.02 8.14
C ASP A 56 -8.28 -4.90 7.90
N LYS A 57 -7.66 -6.01 7.58
CA LYS A 57 -6.23 -6.08 7.38
C LYS A 57 -5.91 -6.81 6.09
N ILE A 58 -5.31 -6.12 5.14
CA ILE A 58 -4.96 -6.73 3.88
C ILE A 58 -3.44 -6.79 3.72
N SER A 59 -2.96 -7.91 3.20
CA SER A 59 -1.54 -8.10 3.00
C SER A 59 -1.27 -8.31 1.52
N PHE A 60 -0.21 -7.68 1.03
CA PHE A 60 0.16 -7.80 -0.37
C PHE A 60 1.36 -8.73 -0.50
N ALA A 61 1.14 -9.90 -1.10
CA ALA A 61 2.19 -10.89 -1.25
C ALA A 61 3.21 -10.43 -2.29
N GLY A 62 4.45 -10.28 -1.85
CA GLY A 62 5.49 -9.80 -2.72
C GLY A 62 5.97 -8.43 -2.33
N VAL A 63 5.20 -7.77 -1.47
CA VAL A 63 5.56 -6.46 -0.95
C VAL A 63 5.87 -6.60 0.54
N LYS A 64 6.80 -5.78 1.05
CA LYS A 64 7.15 -5.87 2.46
C LYS A 64 7.85 -4.59 2.94
N PHE A 65 7.78 -4.35 4.25
CA PHE A 65 8.23 -3.10 4.86
C PHE A 65 9.74 -3.06 5.06
N LEU A 66 10.27 -1.84 5.06
CA LEU A 66 11.68 -1.60 5.33
C LEU A 66 11.98 -1.84 6.82
N GLY A 67 13.14 -2.39 7.09
CA GLY A 67 13.50 -2.73 8.47
C GLY A 67 13.29 -4.19 8.74
N GLN A 68 12.20 -4.72 8.21
CA GLN A 68 11.88 -6.13 8.36
C GLN A 68 12.76 -6.97 7.42
N MET A 69 13.29 -6.30 6.40
CA MET A 69 14.16 -6.96 5.43
C MET A 69 15.63 -6.71 5.77
N ALA A 70 15.89 -6.29 7.00
CA ALA A 70 17.24 -5.96 7.42
C ALA A 70 18.03 -7.22 7.77
N LYS A 71 17.49 -8.00 8.69
CA LYS A 71 18.13 -9.25 9.09
C LYS A 71 17.19 -10.42 8.87
N ASN A 72 15.89 -10.16 8.98
CA ASN A 72 14.90 -11.20 8.75
C ASN A 72 14.76 -11.48 7.26
N VAL A 73 15.23 -12.64 6.84
CA VAL A 73 15.15 -13.04 5.44
C VAL A 73 13.73 -13.44 5.10
N LEU A 74 13.03 -13.99 6.08
CA LEU A 74 11.64 -14.36 5.92
C LEU A 74 10.74 -13.20 6.32
N ALA A 75 10.99 -12.05 5.72
CA ALA A 75 10.24 -10.84 6.03
C ALA A 75 8.78 -10.98 5.63
N GLN A 76 7.90 -10.75 6.60
CA GLN A 76 6.46 -10.84 6.38
C GLN A 76 6.01 -9.85 5.32
N ASP A 77 5.05 -10.28 4.50
CA ASP A 77 4.51 -9.44 3.45
C ASP A 77 3.75 -8.25 4.05
N ALA A 78 3.79 -7.14 3.33
CA ALA A 78 3.25 -5.87 3.81
C ALA A 78 1.78 -5.98 4.19
N THR A 79 1.50 -5.74 5.46
CA THR A 79 0.14 -5.77 5.96
C THR A 79 -0.37 -4.36 6.21
N PHE A 80 -1.36 -3.95 5.44
CA PHE A 80 -1.93 -2.62 5.58
C PHE A 80 -3.34 -2.69 6.15
N SER A 81 -3.70 -1.66 6.89
CA SER A 81 -5.03 -1.58 7.49
C SER A 81 -5.95 -0.75 6.61
N VAL A 82 -7.11 -1.30 6.28
CA VAL A 82 -8.07 -0.59 5.45
C VAL A 82 -8.75 0.50 6.26
N VAL A 83 -8.97 1.64 5.64
CA VAL A 83 -9.65 2.74 6.29
C VAL A 83 -11.08 2.83 5.79
N ARG A 84 -11.27 2.47 4.52
CA ARG A 84 -12.57 2.56 3.86
C ARG A 84 -12.50 1.92 2.49
N VAL A 85 -13.54 1.18 2.12
CA VAL A 85 -13.63 0.58 0.80
C VAL A 85 -14.36 1.54 -0.14
N VAL A 86 -13.66 2.01 -1.16
CA VAL A 86 -14.19 3.04 -2.05
C VAL A 86 -15.19 2.49 -3.04
N ASP A 87 -14.75 1.53 -3.86
CA ASP A 87 -15.60 1.01 -4.94
C ASP A 87 -15.93 -0.46 -4.75
N GLY A 88 -15.25 -1.09 -3.80
CA GLY A 88 -15.33 -2.54 -3.65
C GLY A 88 -14.47 -3.23 -4.69
N THR A 89 -13.64 -2.43 -5.33
CA THR A 89 -12.61 -2.87 -6.26
C THR A 89 -11.48 -1.87 -6.18
N HIS A 90 -11.45 -1.17 -5.04
CA HIS A 90 -10.64 0.01 -4.86
C HIS A 90 -10.77 0.43 -3.39
N VAL A 91 -9.66 0.39 -2.65
CA VAL A 91 -9.70 0.66 -1.21
C VAL A 91 -8.84 1.86 -0.87
N GLU A 92 -8.98 2.38 0.34
CA GLU A 92 -8.04 3.38 0.83
C GLU A 92 -7.45 2.91 2.15
N ILE A 93 -6.13 2.81 2.19
CA ILE A 93 -5.43 2.26 3.34
C ILE A 93 -4.45 3.27 3.92
N THR A 94 -3.90 2.92 5.08
CA THR A 94 -2.84 3.70 5.69
C THR A 94 -1.98 2.76 6.56
N PRO A 95 -0.65 2.93 6.56
CA PRO A 95 0.04 3.98 5.80
C PRO A 95 0.03 3.76 4.29
N LYS A 96 0.62 4.69 3.56
CA LYS A 96 0.69 4.62 2.11
C LYS A 96 1.88 3.76 1.67
N PRO A 97 1.64 2.75 0.82
CA PRO A 97 2.71 1.92 0.27
C PRO A 97 3.62 2.71 -0.65
N VAL A 98 4.83 2.98 -0.19
CA VAL A 98 5.82 3.68 -0.99
C VAL A 98 7.14 2.94 -0.95
N ALA A 99 7.69 2.69 -2.12
CA ALA A 99 8.89 1.87 -2.25
C ALA A 99 10.15 2.72 -2.23
N LEU A 100 11.17 2.21 -1.59
CA LEU A 100 12.47 2.87 -1.53
C LEU A 100 13.18 2.70 -2.88
N ASP A 101 12.83 1.63 -3.59
CA ASP A 101 13.42 1.35 -4.89
C ASP A 101 12.56 1.88 -6.03
N ASP A 102 11.77 2.91 -5.74
CA ASP A 102 10.97 3.55 -6.77
C ASP A 102 11.81 4.57 -7.54
N VAL A 103 11.67 4.58 -8.85
CA VAL A 103 12.51 5.39 -9.71
C VAL A 103 12.01 6.83 -9.84
N SER A 104 10.81 7.11 -9.36
CA SER A 104 10.18 8.41 -9.60
C SER A 104 9.89 9.15 -8.30
N LEU A 105 10.62 8.81 -7.24
CA LEU A 105 10.44 9.50 -5.97
C LEU A 105 11.46 10.62 -5.81
N SER A 106 11.25 11.46 -4.80
CA SER A 106 12.13 12.58 -4.53
C SER A 106 12.87 12.35 -3.20
N PRO A 107 13.95 13.14 -2.93
CA PRO A 107 14.81 12.97 -1.75
C PRO A 107 14.04 12.76 -0.43
N GLU A 108 13.07 13.60 -0.15
CA GLU A 108 12.35 13.49 1.11
C GLU A 108 11.39 12.31 1.08
N GLN A 109 10.91 11.96 -0.11
CA GLN A 109 9.98 10.85 -0.27
C GLN A 109 10.65 9.51 0.02
N ARG A 110 11.88 9.34 -0.44
CA ARG A 110 12.62 8.10 -0.21
C ARG A 110 12.97 7.98 1.27
N ALA A 111 13.03 9.11 1.95
CA ALA A 111 13.28 9.14 3.38
C ALA A 111 12.00 8.84 4.15
N TYR A 112 10.88 8.82 3.45
CA TYR A 112 9.59 8.49 4.05
C TYR A 112 8.99 7.24 3.42
N ALA A 113 9.83 6.50 2.71
CA ALA A 113 9.41 5.24 2.10
C ALA A 113 9.04 4.23 3.19
N ASN A 114 8.12 3.33 2.87
CA ASN A 114 7.62 2.38 3.86
C ASN A 114 7.99 0.96 3.47
N VAL A 115 7.93 0.66 2.19
CA VAL A 115 8.24 -0.67 1.69
C VAL A 115 9.43 -0.61 0.73
N ASN A 116 9.98 -1.76 0.39
CA ASN A 116 11.14 -1.80 -0.50
C ASN A 116 10.70 -1.70 -1.95
N THR A 117 9.73 -2.53 -2.33
CA THR A 117 9.27 -2.60 -3.70
C THR A 117 7.79 -2.20 -3.79
N SER A 118 7.40 -1.63 -4.92
CA SER A 118 6.05 -1.14 -5.10
C SER A 118 5.09 -2.28 -5.47
N LEU A 119 3.80 -1.98 -5.48
CA LEU A 119 2.80 -2.98 -5.80
C LEU A 119 2.83 -3.30 -7.29
N ALA A 120 3.27 -4.49 -7.63
CA ALA A 120 3.41 -4.88 -9.03
C ALA A 120 2.08 -5.33 -9.61
N ASP A 121 2.09 -5.52 -10.93
CA ASP A 121 0.88 -5.73 -11.71
C ASP A 121 0.27 -7.11 -11.50
N ALA A 122 0.98 -7.98 -10.80
CA ALA A 122 0.48 -9.32 -10.52
C ALA A 122 0.78 -9.74 -9.09
N MET A 123 0.35 -8.93 -8.13
CA MET A 123 0.50 -9.27 -6.73
C MET A 123 -0.83 -9.76 -6.16
N ALA A 124 -0.75 -10.68 -5.21
CA ALA A 124 -1.93 -11.22 -4.57
C ALA A 124 -2.21 -10.49 -3.27
N VAL A 125 -3.49 -10.29 -2.97
CA VAL A 125 -3.91 -9.61 -1.76
C VAL A 125 -4.67 -10.57 -0.86
N ASN A 126 -4.25 -10.67 0.39
CA ASN A 126 -4.84 -11.62 1.32
C ASN A 126 -5.15 -10.96 2.66
N ILE A 127 -6.32 -11.24 3.21
CA ILE A 127 -6.67 -10.77 4.54
C ILE A 127 -6.25 -11.78 5.60
N LEU A 128 -5.46 -11.33 6.55
CA LEU A 128 -5.01 -12.19 7.63
C LEU A 128 -6.15 -12.41 8.63
N ASN A 129 -6.61 -13.65 8.70
CA ASN A 129 -7.63 -14.01 9.69
C ASN A 129 -6.98 -14.14 11.05
N VAL A 130 -6.91 -13.03 11.77
CA VAL A 130 -6.27 -13.00 13.08
C VAL A 130 -7.10 -12.17 14.06
N GLY A 7 -14.51 -15.47 10.16
CA GLY A 7 -14.71 -14.99 8.77
C GLY A 7 -13.88 -15.79 7.78
N SER A 8 -13.98 -15.43 6.52
CA SER A 8 -13.25 -16.11 5.47
C SER A 8 -12.12 -15.23 4.94
N THR A 9 -10.90 -15.55 5.34
CA THR A 9 -9.74 -14.75 4.96
C THR A 9 -9.10 -15.27 3.67
N ALA A 10 -9.69 -16.32 3.10
CA ALA A 10 -9.21 -16.87 1.84
C ALA A 10 -9.63 -16.00 0.67
N THR A 11 -9.02 -14.82 0.58
CA THR A 11 -9.35 -13.85 -0.45
C THR A 11 -8.93 -14.35 -1.84
N GLY A 12 -7.66 -14.62 -2.03
CA GLY A 12 -7.18 -15.09 -3.32
C GLY A 12 -7.44 -14.08 -4.43
N ILE A 13 -7.25 -12.80 -4.10
CA ILE A 13 -7.46 -11.74 -5.06
C ILE A 13 -6.13 -11.23 -5.58
N THR A 14 -6.08 -10.87 -6.85
CA THR A 14 -4.84 -10.36 -7.44
C THR A 14 -4.95 -8.88 -7.77
N VAL A 15 -3.81 -8.21 -7.74
CA VAL A 15 -3.72 -6.79 -8.08
C VAL A 15 -4.17 -6.54 -9.53
N SER A 16 -4.70 -5.36 -9.79
CA SER A 16 -5.13 -5.01 -11.14
C SER A 16 -4.24 -3.90 -11.69
N GLY A 17 -3.08 -4.29 -12.21
CA GLY A 17 -2.14 -3.34 -12.74
C GLY A 17 -1.13 -2.90 -11.70
N ALA A 18 0.06 -2.56 -12.15
CA ALA A 18 1.12 -2.11 -11.25
C ALA A 18 0.77 -0.76 -10.67
N GLN A 19 0.71 -0.69 -9.34
CA GLN A 19 0.36 0.54 -8.66
C GLN A 19 1.54 1.06 -7.86
N SER A 20 1.88 2.31 -8.09
CA SER A 20 3.00 2.92 -7.40
C SER A 20 2.56 4.24 -6.76
N PHE A 21 2.37 4.21 -5.46
CA PHE A 21 1.87 5.36 -4.74
C PHE A 21 2.99 6.36 -4.45
N LYS A 22 2.61 7.59 -4.16
CA LYS A 22 3.56 8.64 -3.83
C LYS A 22 3.01 9.53 -2.72
N PRO A 23 3.82 9.82 -1.71
CA PRO A 23 3.46 10.72 -0.63
C PRO A 23 3.79 12.17 -0.97
N VAL A 24 3.40 13.09 -0.11
CA VAL A 24 3.67 14.50 -0.34
C VAL A 24 4.73 14.98 0.65
N ALA A 25 5.98 15.02 0.20
CA ALA A 25 7.08 15.45 1.04
C ALA A 25 7.37 16.93 0.80
N TRP A 26 8.53 17.38 1.26
CA TRP A 26 8.90 18.79 1.11
C TRP A 26 9.40 19.06 -0.31
N GLN A 27 10.37 18.27 -0.77
CA GLN A 27 10.88 18.41 -2.12
C GLN A 27 10.38 17.28 -3.00
N LEU A 28 10.01 17.62 -4.22
CA LEU A 28 9.42 16.67 -5.16
C LEU A 28 9.93 16.93 -6.58
N ASP A 29 11.20 17.32 -6.67
CA ASP A 29 11.85 17.63 -7.94
C ASP A 29 11.13 18.76 -8.68
N ASN A 30 10.45 18.43 -9.76
CA ASN A 30 9.76 19.43 -10.57
C ASN A 30 8.36 19.65 -10.06
N ASP A 31 7.64 18.57 -9.82
CA ASP A 31 6.26 18.62 -9.38
C ASP A 31 5.87 17.30 -8.77
N GLY A 32 4.86 17.32 -7.90
CA GLY A 32 4.42 16.11 -7.25
C GLY A 32 2.92 16.12 -7.00
N ASN A 33 2.48 16.97 -6.09
CA ASN A 33 1.07 17.04 -5.71
C ASN A 33 0.29 17.92 -6.67
N LYS A 34 0.20 17.48 -7.93
CA LYS A 34 -0.55 18.19 -8.94
C LYS A 34 -2.05 18.00 -8.71
N VAL A 35 -2.48 16.75 -8.69
CA VAL A 35 -3.86 16.43 -8.39
C VAL A 35 -4.07 16.31 -6.89
N ASN A 36 -5.32 16.38 -6.46
CA ASN A 36 -5.65 16.35 -5.04
C ASN A 36 -5.62 14.92 -4.51
N VAL A 37 -4.48 14.54 -3.92
CA VAL A 37 -4.32 13.23 -3.33
C VAL A 37 -4.09 13.35 -1.83
N ASP A 38 -4.44 12.30 -1.10
CA ASP A 38 -4.25 12.27 0.33
C ASP A 38 -2.84 11.78 0.65
N ASN A 39 -2.14 12.53 1.49
CA ASN A 39 -0.73 12.25 1.81
C ASN A 39 -0.60 10.95 2.62
N ARG A 40 -1.58 10.66 3.46
CA ARG A 40 -1.48 9.52 4.35
C ARG A 40 -2.16 8.29 3.77
N PHE A 41 -3.38 8.44 3.30
CA PHE A 41 -4.15 7.31 2.78
C PHE A 41 -3.71 6.95 1.37
N ALA A 42 -3.78 5.67 1.04
CA ALA A 42 -3.44 5.19 -0.28
C ALA A 42 -4.64 4.51 -0.92
N THR A 43 -4.99 4.94 -2.13
CA THR A 43 -6.15 4.39 -2.81
C THR A 43 -5.73 3.25 -3.75
N VAL A 44 -5.90 2.02 -3.28
CA VAL A 44 -5.44 0.86 -4.02
C VAL A 44 -6.46 0.43 -5.08
N THR A 45 -6.03 0.44 -6.32
CA THR A 45 -6.86 -0.04 -7.42
C THR A 45 -6.60 -1.52 -7.66
N LEU A 46 -7.54 -2.35 -7.24
CA LEU A 46 -7.38 -3.79 -7.35
C LEU A 46 -8.50 -4.39 -8.18
N SER A 47 -8.36 -5.66 -8.54
CA SER A 47 -9.39 -6.34 -9.31
C SER A 47 -10.69 -6.39 -8.51
N ALA A 48 -10.59 -6.94 -7.31
CA ALA A 48 -11.73 -7.03 -6.41
C ALA A 48 -11.30 -6.66 -5.00
N THR A 49 -12.04 -5.78 -4.36
CA THR A 49 -11.78 -5.46 -2.98
C THR A 49 -13.08 -5.58 -2.20
N THR A 50 -13.95 -6.45 -2.73
CA THR A 50 -15.26 -6.69 -2.14
C THR A 50 -15.15 -7.70 -1.01
N GLY A 51 -15.91 -7.48 0.05
CA GLY A 51 -15.80 -8.31 1.23
C GLY A 51 -14.94 -7.63 2.27
N MET A 52 -14.40 -6.48 1.90
CA MET A 52 -13.59 -5.69 2.81
C MET A 52 -14.48 -4.77 3.62
N LYS A 53 -14.03 -4.42 4.80
CA LYS A 53 -14.81 -3.63 5.73
C LYS A 53 -13.87 -2.89 6.67
N ARG A 54 -14.22 -1.64 6.99
CA ARG A 54 -13.34 -0.81 7.80
C ARG A 54 -12.93 -1.51 9.09
N GLY A 55 -11.63 -1.75 9.22
CA GLY A 55 -11.11 -2.50 10.34
C GLY A 55 -10.47 -3.80 9.91
N ASP A 56 -10.44 -4.07 8.61
CA ASP A 56 -9.80 -5.28 8.10
C ASP A 56 -8.31 -5.07 7.94
N LYS A 57 -7.63 -6.11 7.48
CA LYS A 57 -6.19 -6.06 7.30
C LYS A 57 -5.82 -6.73 6.00
N ILE A 58 -5.27 -5.98 5.07
CA ILE A 58 -4.85 -6.55 3.80
C ILE A 58 -3.34 -6.50 3.67
N SER A 59 -2.79 -7.56 3.14
CA SER A 59 -1.36 -7.66 2.92
C SER A 59 -1.09 -8.13 1.51
N PHE A 60 -0.09 -7.52 0.88
CA PHE A 60 0.25 -7.85 -0.49
C PHE A 60 1.44 -8.79 -0.52
N ALA A 61 1.20 -10.01 -0.97
CA ALA A 61 2.22 -11.05 -0.99
C ALA A 61 3.42 -10.64 -1.84
N GLY A 62 4.55 -10.46 -1.19
CA GLY A 62 5.76 -10.05 -1.88
C GLY A 62 6.18 -8.65 -1.50
N VAL A 63 5.21 -7.79 -1.25
CA VAL A 63 5.49 -6.44 -0.79
C VAL A 63 5.77 -6.46 0.71
N LYS A 64 6.88 -5.89 1.14
CA LYS A 64 7.25 -5.91 2.54
C LYS A 64 8.04 -4.66 2.91
N PHE A 65 8.11 -4.38 4.21
CA PHE A 65 8.75 -3.17 4.70
C PHE A 65 10.26 -3.36 4.83
N LEU A 66 10.99 -2.25 4.83
CA LEU A 66 12.45 -2.27 4.93
C LEU A 66 12.90 -2.43 6.38
N GLY A 67 12.25 -3.33 7.09
CA GLY A 67 12.62 -3.64 8.45
C GLY A 67 12.44 -5.11 8.74
N GLN A 68 12.51 -5.90 7.68
CA GLN A 68 12.27 -7.33 7.77
C GLN A 68 13.39 -8.09 7.09
N MET A 69 13.41 -9.41 7.25
CA MET A 69 14.43 -10.27 6.65
C MET A 69 15.82 -9.93 7.19
N ALA A 70 15.87 -9.39 8.40
CA ALA A 70 17.13 -9.05 9.02
C ALA A 70 17.80 -10.29 9.58
N LYS A 71 16.98 -11.22 10.02
CA LYS A 71 17.45 -12.52 10.50
C LYS A 71 16.34 -13.55 10.35
N ASN A 72 15.13 -13.13 10.68
CA ASN A 72 13.95 -13.99 10.56
C ASN A 72 13.58 -14.17 9.09
N VAL A 73 13.48 -15.42 8.67
CA VAL A 73 13.12 -15.73 7.29
C VAL A 73 11.61 -15.75 7.14
N LEU A 74 10.91 -15.96 8.26
CA LEU A 74 9.46 -15.97 8.28
C LEU A 74 8.94 -14.53 8.33
N ALA A 75 9.30 -13.77 7.31
CA ALA A 75 8.94 -12.37 7.25
C ALA A 75 7.51 -12.18 6.77
N GLN A 76 6.78 -11.33 7.47
CA GLN A 76 5.41 -11.01 7.11
C GLN A 76 5.37 -10.21 5.82
N ASP A 77 4.19 -10.07 5.25
CA ASP A 77 4.01 -9.20 4.10
C ASP A 77 3.51 -7.85 4.58
N ALA A 78 3.55 -6.86 3.69
CA ALA A 78 3.17 -5.50 4.04
C ALA A 78 1.73 -5.43 4.52
N THR A 79 1.57 -5.23 5.82
CA THR A 79 0.25 -5.19 6.44
C THR A 79 -0.32 -3.77 6.44
N PHE A 80 -1.42 -3.58 5.73
CA PHE A 80 -2.08 -2.29 5.68
C PHE A 80 -3.52 -2.41 6.17
N SER A 81 -3.99 -1.39 6.86
CA SER A 81 -5.34 -1.38 7.40
C SER A 81 -6.27 -0.56 6.52
N VAL A 82 -7.42 -1.13 6.20
CA VAL A 82 -8.43 -0.43 5.41
C VAL A 82 -8.99 0.75 6.20
N VAL A 83 -9.22 1.85 5.51
CA VAL A 83 -9.85 3.00 6.12
C VAL A 83 -11.29 3.13 5.63
N ARG A 84 -11.48 2.92 4.34
CA ARG A 84 -12.79 3.05 3.72
C ARG A 84 -12.86 2.25 2.42
N VAL A 85 -13.87 1.40 2.30
CA VAL A 85 -14.15 0.69 1.07
C VAL A 85 -15.02 1.57 0.17
N VAL A 86 -14.37 2.25 -0.76
CA VAL A 86 -15.04 3.23 -1.60
C VAL A 86 -16.07 2.59 -2.51
N ASP A 87 -15.64 1.66 -3.35
CA ASP A 87 -16.55 1.03 -4.31
C ASP A 87 -16.49 -0.50 -4.20
N GLY A 88 -15.56 -1.00 -3.41
CA GLY A 88 -15.37 -2.44 -3.31
C GLY A 88 -14.54 -2.99 -4.45
N THR A 89 -13.91 -2.07 -5.17
CA THR A 89 -12.90 -2.41 -6.18
C THR A 89 -11.75 -1.43 -6.07
N HIS A 90 -11.79 -0.66 -5.00
CA HIS A 90 -10.91 0.48 -4.82
C HIS A 90 -10.92 0.87 -3.34
N VAL A 91 -9.78 0.75 -2.68
CA VAL A 91 -9.73 0.92 -1.23
C VAL A 91 -8.82 2.09 -0.87
N GLU A 92 -8.98 2.62 0.34
CA GLU A 92 -8.03 3.55 0.89
C GLU A 92 -7.47 3.00 2.19
N ILE A 93 -6.15 2.85 2.25
CA ILE A 93 -5.50 2.22 3.39
C ILE A 93 -4.46 3.12 4.04
N THR A 94 -3.99 2.70 5.20
CA THR A 94 -2.89 3.34 5.88
C THR A 94 -2.06 2.27 6.61
N PRO A 95 -0.72 2.36 6.58
CA PRO A 95 0.00 3.42 5.87
C PRO A 95 -0.03 3.28 4.34
N LYS A 96 0.61 4.20 3.66
CA LYS A 96 0.67 4.19 2.21
C LYS A 96 1.86 3.36 1.73
N PRO A 97 1.61 2.36 0.85
CA PRO A 97 2.69 1.55 0.27
C PRO A 97 3.55 2.37 -0.69
N VAL A 98 4.77 2.65 -0.28
CA VAL A 98 5.71 3.42 -1.10
C VAL A 98 7.10 2.80 -1.07
N ALA A 99 7.59 2.43 -2.24
CA ALA A 99 8.86 1.73 -2.36
C ALA A 99 10.02 2.69 -2.33
N LEU A 100 11.04 2.34 -1.55
CA LEU A 100 12.27 3.11 -1.47
C LEU A 100 13.11 2.85 -2.71
N ASP A 101 12.90 1.69 -3.34
CA ASP A 101 13.62 1.33 -4.55
C ASP A 101 12.93 1.89 -5.78
N ASP A 102 11.90 2.70 -5.57
CA ASP A 102 11.20 3.35 -6.66
C ASP A 102 12.03 4.53 -7.15
N VAL A 103 12.30 4.58 -8.44
CA VAL A 103 13.18 5.61 -9.00
C VAL A 103 12.44 6.92 -9.28
N SER A 104 11.16 6.96 -8.95
CA SER A 104 10.34 8.10 -9.32
C SER A 104 10.08 9.03 -8.13
N LEU A 105 10.96 8.99 -7.14
CA LEU A 105 10.79 9.83 -5.96
C LEU A 105 12.03 10.68 -5.67
N SER A 106 11.82 11.76 -4.95
CA SER A 106 12.86 12.71 -4.59
C SER A 106 13.47 12.35 -3.22
N PRO A 107 14.63 12.94 -2.85
CA PRO A 107 15.30 12.71 -1.56
C PRO A 107 14.34 12.67 -0.37
N GLU A 108 13.58 13.74 -0.16
CA GLU A 108 12.62 13.81 0.94
C GLU A 108 11.56 12.72 0.81
N GLN A 109 11.17 12.43 -0.42
CA GLN A 109 10.16 11.40 -0.68
C GLN A 109 10.67 10.03 -0.25
N ARG A 110 11.98 9.83 -0.30
CA ARG A 110 12.60 8.59 0.15
C ARG A 110 12.35 8.36 1.64
N ALA A 111 12.41 9.44 2.41
CA ALA A 111 12.21 9.36 3.86
C ALA A 111 10.78 8.90 4.18
N TYR A 112 9.87 9.17 3.26
CA TYR A 112 8.47 8.78 3.43
C TYR A 112 8.22 7.36 2.94
N ALA A 113 9.18 6.81 2.20
CA ALA A 113 9.07 5.46 1.67
C ALA A 113 9.21 4.43 2.80
N ASN A 114 8.59 3.27 2.63
CA ASN A 114 8.54 2.29 3.71
C ASN A 114 8.78 0.85 3.21
N VAL A 115 8.30 0.53 2.02
CA VAL A 115 8.46 -0.81 1.48
C VAL A 115 9.59 -0.87 0.45
N ASN A 116 9.99 -2.08 0.09
CA ASN A 116 11.06 -2.26 -0.87
C ASN A 116 10.54 -2.17 -2.30
N THR A 117 9.37 -2.73 -2.54
CA THR A 117 8.79 -2.75 -3.87
C THR A 117 7.38 -2.18 -3.83
N SER A 118 7.05 -1.39 -4.86
CA SER A 118 5.70 -0.91 -5.03
C SER A 118 4.81 -2.07 -5.43
N LEU A 119 3.50 -1.83 -5.48
CA LEU A 119 2.57 -2.90 -5.80
C LEU A 119 2.69 -3.24 -7.28
N ALA A 120 3.34 -4.36 -7.56
CA ALA A 120 3.60 -4.77 -8.93
C ALA A 120 2.37 -5.40 -9.55
N ASP A 121 2.45 -5.66 -10.86
CA ASP A 121 1.31 -6.10 -11.65
C ASP A 121 0.87 -7.52 -11.29
N ALA A 122 1.70 -8.23 -10.52
CA ALA A 122 1.35 -9.56 -10.06
C ALA A 122 1.60 -9.71 -8.58
N MET A 123 0.78 -9.06 -7.77
CA MET A 123 0.85 -9.19 -6.33
C MET A 123 -0.49 -9.69 -5.79
N ALA A 124 -0.45 -10.67 -4.90
CA ALA A 124 -1.65 -11.25 -4.32
C ALA A 124 -2.11 -10.44 -3.11
N VAL A 125 -3.41 -10.20 -3.05
CA VAL A 125 -4.03 -9.46 -1.96
C VAL A 125 -4.67 -10.44 -0.97
N ASN A 126 -4.12 -10.52 0.23
CA ASN A 126 -4.63 -11.46 1.22
C ASN A 126 -4.88 -10.77 2.56
N ILE A 127 -5.98 -11.12 3.20
CA ILE A 127 -6.27 -10.66 4.55
C ILE A 127 -5.74 -11.67 5.55
N LEU A 128 -4.93 -11.20 6.49
CA LEU A 128 -4.34 -12.08 7.48
C LEU A 128 -5.35 -12.47 8.54
N ASN A 129 -5.53 -13.77 8.72
CA ASN A 129 -6.43 -14.28 9.75
C ASN A 129 -5.69 -14.39 11.06
N VAL A 130 -5.57 -13.27 11.75
CA VAL A 130 -4.84 -13.23 13.01
C VAL A 130 -5.67 -13.83 14.13
N GLY A 7 -10.12 -20.98 6.62
CA GLY A 7 -9.78 -19.54 6.79
C GLY A 7 -10.97 -18.64 6.63
N SER A 8 -11.22 -17.80 7.63
CA SER A 8 -12.30 -16.83 7.57
C SER A 8 -11.92 -15.67 6.64
N THR A 9 -12.89 -15.14 5.92
CA THR A 9 -12.65 -14.07 4.95
C THR A 9 -11.65 -14.55 3.89
N ALA A 10 -12.10 -15.47 3.05
CA ALA A 10 -11.26 -16.03 2.00
C ALA A 10 -10.96 -14.98 0.95
N THR A 11 -9.74 -14.48 0.95
CA THR A 11 -9.33 -13.45 0.02
C THR A 11 -8.03 -13.82 -0.69
N GLY A 12 -8.17 -14.34 -1.90
CA GLY A 12 -7.01 -14.65 -2.71
C GLY A 12 -7.00 -13.80 -3.97
N ILE A 13 -7.44 -12.56 -3.83
CA ILE A 13 -7.62 -11.68 -4.95
C ILE A 13 -6.29 -11.05 -5.35
N THR A 14 -6.14 -10.69 -6.61
CA THR A 14 -4.88 -10.14 -7.08
C THR A 14 -5.03 -8.69 -7.52
N VAL A 15 -3.89 -8.03 -7.62
CA VAL A 15 -3.81 -6.63 -8.06
C VAL A 15 -4.31 -6.49 -9.50
N SER A 16 -4.84 -5.31 -9.84
CA SER A 16 -5.28 -5.05 -11.19
C SER A 16 -4.45 -3.91 -11.78
N GLY A 17 -3.25 -4.26 -12.23
CA GLY A 17 -2.35 -3.27 -12.78
C GLY A 17 -1.29 -2.85 -11.78
N ALA A 18 -0.10 -2.55 -12.28
CA ALA A 18 0.98 -2.11 -11.42
C ALA A 18 0.70 -0.71 -10.88
N GLN A 19 0.47 -0.62 -9.59
CA GLN A 19 0.15 0.65 -8.95
C GLN A 19 1.31 1.13 -8.08
N SER A 20 1.71 2.35 -8.32
CA SER A 20 2.78 2.96 -7.54
C SER A 20 2.23 4.15 -6.76
N PHE A 21 2.72 4.35 -5.54
CA PHE A 21 2.19 5.39 -4.67
C PHE A 21 3.26 6.43 -4.37
N LYS A 22 2.82 7.65 -4.05
CA LYS A 22 3.72 8.76 -3.76
C LYS A 22 3.15 9.64 -2.67
N PRO A 23 3.99 10.04 -1.69
CA PRO A 23 3.63 11.06 -0.71
C PRO A 23 4.05 12.44 -1.20
N VAL A 24 3.10 13.36 -1.33
CA VAL A 24 3.38 14.69 -1.85
C VAL A 24 4.37 15.44 -0.95
N ALA A 25 5.38 16.02 -1.56
CA ALA A 25 6.42 16.73 -0.82
C ALA A 25 6.19 18.23 -0.87
N TRP A 26 7.20 18.98 -0.42
CA TRP A 26 7.16 20.45 -0.35
C TRP A 26 6.25 20.92 0.79
N GLN A 27 6.79 21.77 1.63
CA GLN A 27 6.07 22.31 2.76
C GLN A 27 4.95 23.25 2.29
N LEU A 28 3.93 23.39 3.10
CA LEU A 28 2.75 24.15 2.72
C LEU A 28 2.60 25.42 3.55
N ASP A 29 3.72 26.03 3.91
CA ASP A 29 3.72 27.24 4.71
C ASP A 29 3.28 28.43 3.88
N ASN A 30 3.95 28.63 2.76
CA ASN A 30 3.58 29.71 1.83
C ASN A 30 2.54 29.20 0.86
N ASP A 31 2.85 28.07 0.22
CA ASP A 31 1.94 27.42 -0.71
C ASP A 31 2.14 25.92 -0.65
N GLY A 32 1.16 25.17 -1.09
CA GLY A 32 1.24 23.72 -1.05
C GLY A 32 -0.01 23.07 -1.59
N ASN A 33 -0.15 21.78 -1.33
CA ASN A 33 -1.32 21.04 -1.79
C ASN A 33 -2.40 21.02 -0.72
N LYS A 34 -3.13 22.12 -0.62
CA LYS A 34 -4.19 22.25 0.37
C LYS A 34 -5.47 21.58 -0.16
N VAL A 35 -5.36 20.29 -0.42
CA VAL A 35 -6.47 19.52 -0.96
C VAL A 35 -6.56 18.18 -0.24
N ASN A 36 -7.37 17.27 -0.76
CA ASN A 36 -7.48 15.93 -0.20
C ASN A 36 -6.24 15.11 -0.56
N VAL A 37 -5.14 15.43 0.08
CA VAL A 37 -3.89 14.73 -0.15
C VAL A 37 -3.88 13.40 0.58
N ASP A 38 -3.56 12.35 -0.15
CA ASP A 38 -3.53 11.01 0.41
C ASP A 38 -2.13 10.65 0.88
N ASN A 39 -1.57 11.51 1.73
CA ASN A 39 -0.21 11.31 2.24
C ASN A 39 -0.15 10.11 3.17
N ARG A 40 -1.07 10.07 4.12
CA ARG A 40 -1.09 9.00 5.11
C ARG A 40 -1.73 7.75 4.52
N PHE A 41 -2.69 7.96 3.64
CA PHE A 41 -3.51 6.88 3.12
C PHE A 41 -3.02 6.45 1.73
N ALA A 42 -3.65 5.42 1.20
CA ALA A 42 -3.33 4.94 -0.14
C ALA A 42 -4.53 4.26 -0.77
N THR A 43 -4.92 4.71 -1.95
CA THR A 43 -6.03 4.11 -2.67
C THR A 43 -5.54 2.99 -3.59
N VAL A 44 -5.77 1.76 -3.17
CA VAL A 44 -5.30 0.59 -3.88
C VAL A 44 -6.28 0.17 -4.96
N THR A 45 -5.81 0.14 -6.21
CA THR A 45 -6.63 -0.33 -7.31
C THR A 45 -6.38 -1.81 -7.55
N LEU A 46 -7.37 -2.62 -7.24
CA LEU A 46 -7.24 -4.07 -7.34
C LEU A 46 -8.33 -4.64 -8.22
N SER A 47 -8.29 -5.94 -8.49
CA SER A 47 -9.33 -6.56 -9.27
C SER A 47 -10.65 -6.47 -8.53
N ALA A 48 -10.68 -7.05 -7.34
CA ALA A 48 -11.83 -7.00 -6.48
C ALA A 48 -11.38 -6.74 -5.06
N THR A 49 -12.09 -5.90 -4.35
CA THR A 49 -11.74 -5.63 -2.97
C THR A 49 -12.96 -5.86 -2.09
N THR A 50 -13.83 -6.75 -2.57
CA THR A 50 -15.03 -7.12 -1.87
C THR A 50 -14.72 -8.11 -0.75
N GLY A 51 -15.52 -8.09 0.30
CA GLY A 51 -15.24 -8.93 1.46
C GLY A 51 -14.44 -8.17 2.49
N MET A 52 -13.76 -7.13 2.02
CA MET A 52 -13.01 -6.25 2.89
C MET A 52 -13.96 -5.27 3.55
N LYS A 53 -13.69 -4.93 4.79
CA LYS A 53 -14.53 -3.99 5.51
C LYS A 53 -13.66 -3.01 6.28
N ARG A 54 -14.17 -1.81 6.51
CA ARG A 54 -13.44 -0.76 7.20
C ARG A 54 -12.86 -1.27 8.52
N GLY A 55 -11.55 -1.09 8.68
CA GLY A 55 -10.89 -1.54 9.90
C GLY A 55 -10.32 -2.93 9.75
N ASP A 56 -10.13 -3.38 8.52
CA ASP A 56 -9.61 -4.73 8.27
C ASP A 56 -8.13 -4.68 7.98
N LYS A 57 -7.54 -5.85 7.80
CA LYS A 57 -6.12 -5.96 7.54
C LYS A 57 -5.89 -6.66 6.22
N ILE A 58 -5.29 -5.97 5.26
CA ILE A 58 -4.99 -6.58 3.98
C ILE A 58 -3.48 -6.69 3.79
N SER A 59 -3.06 -7.80 3.23
CA SER A 59 -1.64 -8.07 3.04
C SER A 59 -1.32 -8.21 1.57
N PHE A 60 -0.27 -7.56 1.14
CA PHE A 60 0.18 -7.67 -0.25
C PHE A 60 1.33 -8.65 -0.35
N ALA A 61 1.08 -9.79 -0.97
CA ALA A 61 2.06 -10.84 -1.10
C ALA A 61 3.13 -10.45 -2.12
N GLY A 62 4.36 -10.34 -1.65
CA GLY A 62 5.44 -9.92 -2.53
C GLY A 62 5.96 -8.55 -2.14
N VAL A 63 5.10 -7.78 -1.50
CA VAL A 63 5.47 -6.46 -1.00
C VAL A 63 5.77 -6.57 0.48
N LYS A 64 6.87 -5.96 0.93
CA LYS A 64 7.24 -6.02 2.33
C LYS A 64 8.03 -4.79 2.75
N PHE A 65 8.07 -4.56 4.05
CA PHE A 65 8.59 -3.32 4.63
C PHE A 65 10.11 -3.29 4.64
N LEU A 66 10.64 -2.07 4.63
CA LEU A 66 12.08 -1.84 4.70
C LEU A 66 12.60 -2.15 6.10
N GLY A 67 13.77 -2.75 6.17
CA GLY A 67 14.36 -3.12 7.43
C GLY A 67 14.05 -4.55 7.80
N GLN A 68 12.90 -5.03 7.32
CA GLN A 68 12.45 -6.38 7.62
C GLN A 68 13.08 -7.39 6.66
N MET A 69 14.02 -6.92 5.86
CA MET A 69 14.76 -7.79 4.95
C MET A 69 16.25 -7.69 5.24
N ALA A 70 16.59 -6.99 6.32
CA ALA A 70 17.99 -6.78 6.67
C ALA A 70 18.55 -7.97 7.44
N LYS A 71 17.71 -8.62 8.22
CA LYS A 71 18.11 -9.80 8.98
C LYS A 71 16.89 -10.60 9.38
N ASN A 72 15.87 -10.57 8.55
CA ASN A 72 14.62 -11.24 8.86
C ASN A 72 14.20 -12.15 7.72
N VAL A 73 14.40 -13.44 7.90
CA VAL A 73 13.97 -14.42 6.90
C VAL A 73 12.44 -14.52 6.90
N LEU A 74 11.85 -14.30 8.06
CA LEU A 74 10.41 -14.33 8.20
C LEU A 74 9.84 -12.93 7.95
N ALA A 75 10.15 -12.39 6.79
CA ALA A 75 9.70 -11.06 6.41
C ALA A 75 8.21 -11.06 6.13
N GLN A 76 7.47 -10.38 7.00
CA GLN A 76 6.02 -10.32 6.88
C GLN A 76 5.61 -9.51 5.65
N ASP A 77 4.52 -9.94 5.03
CA ASP A 77 3.99 -9.26 3.86
C ASP A 77 3.42 -7.92 4.27
N ALA A 78 3.38 -6.98 3.33
CA ALA A 78 2.91 -5.63 3.60
C ALA A 78 1.46 -5.63 4.08
N THR A 79 1.29 -5.47 5.38
CA THR A 79 -0.02 -5.49 5.99
C THR A 79 -0.48 -4.08 6.34
N PHE A 80 -1.58 -3.67 5.74
CA PHE A 80 -2.10 -2.32 5.95
C PHE A 80 -3.54 -2.36 6.43
N SER A 81 -3.93 -1.32 7.16
CA SER A 81 -5.28 -1.23 7.70
C SER A 81 -6.17 -0.46 6.73
N VAL A 82 -7.29 -1.07 6.35
CA VAL A 82 -8.21 -0.43 5.42
C VAL A 82 -9.12 0.55 6.17
N VAL A 83 -9.21 1.75 5.64
CA VAL A 83 -10.03 2.79 6.25
C VAL A 83 -11.44 2.75 5.68
N ARG A 84 -11.55 2.50 4.38
CA ARG A 84 -12.85 2.48 3.71
C ARG A 84 -12.77 1.72 2.39
N VAL A 85 -13.82 0.95 2.10
CA VAL A 85 -14.00 0.35 0.79
C VAL A 85 -14.88 1.27 -0.05
N VAL A 86 -14.28 1.94 -1.02
CA VAL A 86 -14.97 2.96 -1.79
C VAL A 86 -15.92 2.35 -2.82
N ASP A 87 -15.37 1.56 -3.74
CA ASP A 87 -16.17 1.00 -4.83
C ASP A 87 -16.13 -0.53 -4.79
N GLY A 88 -15.29 -1.07 -3.92
CA GLY A 88 -15.09 -2.51 -3.88
C GLY A 88 -14.15 -2.96 -4.98
N THR A 89 -13.46 -1.99 -5.57
CA THR A 89 -12.41 -2.24 -6.55
C THR A 89 -11.25 -1.30 -6.24
N HIS A 90 -11.38 -0.62 -5.12
CA HIS A 90 -10.49 0.46 -4.75
C HIS A 90 -10.61 0.71 -3.26
N VAL A 91 -9.53 0.54 -2.53
CA VAL A 91 -9.55 0.68 -1.08
C VAL A 91 -8.63 1.81 -0.64
N GLU A 92 -8.90 2.39 0.50
CA GLU A 92 -8.00 3.38 1.08
C GLU A 92 -7.42 2.85 2.38
N ILE A 93 -6.10 2.65 2.38
CA ILE A 93 -5.42 2.05 3.53
C ILE A 93 -4.47 3.04 4.19
N THR A 94 -3.86 2.60 5.27
CA THR A 94 -2.83 3.38 5.97
C THR A 94 -1.90 2.43 6.73
N PRO A 95 -0.59 2.72 6.75
CA PRO A 95 0.01 3.83 6.00
C PRO A 95 0.14 3.54 4.50
N LYS A 96 0.68 4.49 3.75
CA LYS A 96 0.85 4.35 2.32
C LYS A 96 2.10 3.53 2.00
N PRO A 97 1.96 2.46 1.20
CA PRO A 97 3.11 1.69 0.73
C PRO A 97 3.89 2.42 -0.35
N VAL A 98 5.08 2.88 0.00
CA VAL A 98 5.94 3.57 -0.95
C VAL A 98 7.32 2.92 -0.99
N ALA A 99 7.82 2.72 -2.20
CA ALA A 99 9.05 1.98 -2.42
C ALA A 99 10.27 2.90 -2.44
N LEU A 100 11.31 2.48 -1.75
CA LEU A 100 12.57 3.21 -1.71
C LEU A 100 13.26 3.10 -3.06
N ASP A 101 13.04 1.98 -3.75
CA ASP A 101 13.67 1.71 -5.03
C ASP A 101 12.87 2.32 -6.18
N ASP A 102 11.90 3.17 -5.83
CA ASP A 102 11.10 3.85 -6.84
C ASP A 102 11.88 5.03 -7.42
N VAL A 103 12.08 5.02 -8.73
CA VAL A 103 12.92 6.02 -9.39
C VAL A 103 12.16 7.31 -9.69
N SER A 104 10.90 7.38 -9.29
CA SER A 104 10.06 8.52 -9.63
C SER A 104 9.90 9.47 -8.45
N LEU A 105 10.41 9.07 -7.28
CA LEU A 105 10.30 9.92 -6.11
C LEU A 105 11.62 10.63 -5.80
N SER A 106 11.51 11.77 -5.15
CA SER A 106 12.65 12.62 -4.82
C SER A 106 13.27 12.20 -3.49
N PRO A 107 14.54 12.61 -3.24
CA PRO A 107 15.27 12.27 -2.00
C PRO A 107 14.43 12.32 -0.72
N GLU A 108 13.71 13.42 -0.52
CA GLU A 108 12.85 13.56 0.66
C GLU A 108 11.82 12.44 0.76
N GLN A 109 11.25 12.10 -0.39
CA GLN A 109 10.21 11.08 -0.44
C GLN A 109 10.79 9.69 -0.17
N ARG A 110 12.08 9.53 -0.47
CA ARG A 110 12.78 8.27 -0.18
C ARG A 110 12.76 7.99 1.31
N ALA A 111 12.86 9.05 2.10
CA ALA A 111 12.83 8.93 3.56
C ALA A 111 11.45 8.49 4.03
N TYR A 112 10.43 8.85 3.26
CA TYR A 112 9.06 8.49 3.58
C TYR A 112 8.74 7.06 3.14
N ALA A 113 9.65 6.49 2.35
CA ALA A 113 9.45 5.13 1.83
C ALA A 113 9.46 4.11 2.95
N ASN A 114 8.58 3.14 2.88
CA ASN A 114 8.41 2.16 3.94
C ASN A 114 8.48 0.73 3.42
N VAL A 115 8.33 0.54 2.12
CA VAL A 115 8.43 -0.78 1.51
C VAL A 115 9.52 -0.79 0.44
N ASN A 116 10.04 -1.96 0.13
CA ASN A 116 11.15 -2.09 -0.79
C ASN A 116 10.68 -2.27 -2.22
N THR A 117 9.38 -2.43 -2.39
CA THR A 117 8.82 -2.67 -3.72
C THR A 117 7.44 -2.07 -3.83
N SER A 118 7.16 -1.51 -4.99
CA SER A 118 5.84 -0.98 -5.30
C SER A 118 4.90 -2.13 -5.65
N LEU A 119 3.62 -1.84 -5.72
CA LEU A 119 2.63 -2.85 -6.03
C LEU A 119 2.70 -3.19 -7.52
N ALA A 120 3.28 -4.34 -7.83
CA ALA A 120 3.46 -4.75 -9.21
C ALA A 120 2.18 -5.33 -9.80
N ASP A 121 2.25 -5.75 -11.05
CA ASP A 121 1.06 -6.18 -11.79
C ASP A 121 0.62 -7.60 -11.41
N ALA A 122 1.43 -8.28 -10.61
CA ALA A 122 1.10 -9.62 -10.18
C ALA A 122 1.31 -9.81 -8.68
N MET A 123 0.63 -8.99 -7.88
CA MET A 123 0.70 -9.12 -6.43
C MET A 123 -0.63 -9.59 -5.88
N ALA A 124 -0.58 -10.51 -4.93
CA ALA A 124 -1.79 -11.06 -4.33
C ALA A 124 -2.18 -10.27 -3.08
N VAL A 125 -3.48 -10.15 -2.85
CA VAL A 125 -4.00 -9.41 -1.71
C VAL A 125 -4.82 -10.35 -0.82
N ASN A 126 -4.38 -10.53 0.41
CA ASN A 126 -5.03 -11.45 1.33
C ASN A 126 -5.22 -10.83 2.71
N ILE A 127 -6.41 -11.04 3.28
CA ILE A 127 -6.70 -10.57 4.62
C ILE A 127 -6.30 -11.62 5.65
N LEU A 128 -5.53 -11.19 6.64
CA LEU A 128 -5.14 -12.07 7.73
C LEU A 128 -6.30 -12.27 8.68
N ASN A 129 -6.85 -13.47 8.70
CA ASN A 129 -7.95 -13.79 9.58
C ASN A 129 -7.42 -14.10 10.99
N VAL A 130 -8.20 -13.75 11.99
CA VAL A 130 -7.80 -13.92 13.38
C VAL A 130 -7.81 -15.41 13.75
N GLY A 7 -11.63 -19.49 7.32
CA GLY A 7 -11.70 -18.02 7.38
C GLY A 7 -12.94 -17.48 6.71
N SER A 8 -13.47 -16.39 7.25
CA SER A 8 -14.66 -15.77 6.69
C SER A 8 -14.28 -14.91 5.49
N THR A 9 -13.13 -14.25 5.58
CA THR A 9 -12.66 -13.41 4.49
C THR A 9 -11.96 -14.25 3.42
N ALA A 10 -10.68 -14.54 3.63
CA ALA A 10 -9.88 -15.32 2.71
C ALA A 10 -10.05 -14.81 1.27
N THR A 11 -9.53 -13.63 1.03
CA THR A 11 -9.71 -12.97 -0.26
C THR A 11 -8.83 -13.60 -1.33
N GLY A 12 -7.52 -13.47 -1.18
CA GLY A 12 -6.59 -13.98 -2.18
C GLY A 12 -6.89 -13.41 -3.55
N ILE A 13 -7.03 -12.10 -3.61
CA ILE A 13 -7.37 -11.40 -4.84
C ILE A 13 -6.12 -10.75 -5.42
N THR A 14 -5.99 -10.75 -6.74
CA THR A 14 -4.77 -10.27 -7.36
C THR A 14 -4.89 -8.82 -7.84
N VAL A 15 -3.77 -8.13 -7.83
CA VAL A 15 -3.67 -6.73 -8.27
C VAL A 15 -4.05 -6.59 -9.75
N SER A 16 -4.58 -5.42 -10.09
CA SER A 16 -4.90 -5.09 -11.47
C SER A 16 -4.23 -3.79 -11.88
N GLY A 17 -2.97 -3.87 -12.29
CA GLY A 17 -2.24 -2.70 -12.70
C GLY A 17 -1.09 -2.37 -11.76
N ALA A 18 0.09 -2.15 -12.33
CA ALA A 18 1.27 -1.80 -11.56
C ALA A 18 1.22 -0.32 -11.19
N GLN A 19 1.29 -0.03 -9.90
CA GLN A 19 1.10 1.32 -9.40
C GLN A 19 2.04 1.63 -8.24
N SER A 20 2.72 2.76 -8.33
CA SER A 20 3.62 3.21 -7.29
C SER A 20 2.99 4.40 -6.56
N PHE A 21 2.59 4.19 -5.31
CA PHE A 21 1.89 5.22 -4.56
C PHE A 21 2.89 6.21 -3.97
N LYS A 22 2.74 7.48 -4.34
CA LYS A 22 3.68 8.49 -3.94
C LYS A 22 3.01 9.54 -3.04
N PRO A 23 3.61 9.80 -1.87
CA PRO A 23 3.16 10.86 -0.97
C PRO A 23 3.75 12.22 -1.37
N VAL A 24 3.46 13.25 -0.61
CA VAL A 24 4.00 14.56 -0.90
C VAL A 24 4.97 15.00 0.21
N ALA A 25 6.25 15.05 -0.14
CA ALA A 25 7.26 15.55 0.78
C ALA A 25 7.02 17.04 1.02
N TRP A 26 7.06 17.44 2.28
CA TRP A 26 6.76 18.81 2.64
C TRP A 26 7.92 19.72 2.25
N GLN A 27 7.72 20.44 1.15
CA GLN A 27 8.73 21.34 0.62
C GLN A 27 8.18 22.76 0.59
N LEU A 28 8.60 23.58 1.53
CA LEU A 28 8.11 24.95 1.60
C LEU A 28 8.93 25.85 0.66
N ASP A 29 8.75 25.63 -0.63
CA ASP A 29 9.46 26.42 -1.64
C ASP A 29 8.51 26.85 -2.75
N ASN A 30 7.96 25.88 -3.47
CA ASN A 30 7.01 26.17 -4.53
C ASN A 30 5.60 26.25 -3.97
N ASP A 31 5.17 25.19 -3.31
CA ASP A 31 3.83 25.11 -2.74
C ASP A 31 3.93 24.82 -1.26
N GLY A 32 2.95 25.30 -0.49
CA GLY A 32 2.98 25.13 0.95
C GLY A 32 2.58 23.74 1.38
N ASN A 33 2.14 22.92 0.41
CA ASN A 33 1.79 21.53 0.64
C ASN A 33 0.67 21.41 1.68
N LYS A 34 -0.28 22.33 1.59
CA LYS A 34 -1.42 22.34 2.49
C LYS A 34 -2.31 21.15 2.20
N VAL A 35 -2.85 21.11 0.99
CA VAL A 35 -3.68 20.01 0.55
C VAL A 35 -3.24 19.55 -0.83
N ASN A 36 -2.58 18.40 -0.88
CA ASN A 36 -2.02 17.87 -2.12
C ASN A 36 -2.27 16.38 -2.21
N VAL A 37 -3.54 15.99 -2.05
CA VAL A 37 -3.94 14.58 -2.07
C VAL A 37 -3.52 13.87 -0.78
N ASP A 38 -4.37 12.97 -0.31
CA ASP A 38 -4.09 12.20 0.91
C ASP A 38 -2.80 11.41 0.74
N ASN A 39 -1.75 11.91 1.39
CA ASN A 39 -0.42 11.34 1.23
C ASN A 39 -0.13 10.31 2.32
N ARG A 40 -0.93 10.33 3.37
CA ARG A 40 -0.78 9.36 4.45
C ARG A 40 -1.65 8.14 4.19
N PHE A 41 -2.47 8.22 3.17
CA PHE A 41 -3.36 7.12 2.79
C PHE A 41 -3.05 6.66 1.36
N ALA A 42 -3.46 5.47 1.01
CA ALA A 42 -3.25 4.94 -0.33
C ALA A 42 -4.51 4.26 -0.84
N THR A 43 -4.92 4.63 -2.04
CA THR A 43 -6.11 4.05 -2.64
C THR A 43 -5.70 2.93 -3.61
N VAL A 44 -5.95 1.69 -3.21
CA VAL A 44 -5.49 0.53 -3.95
C VAL A 44 -6.50 0.13 -5.01
N THR A 45 -6.07 0.13 -6.27
CA THR A 45 -6.89 -0.36 -7.36
C THR A 45 -6.62 -1.84 -7.59
N LEU A 46 -7.63 -2.66 -7.36
CA LEU A 46 -7.48 -4.09 -7.48
C LEU A 46 -8.64 -4.64 -8.30
N SER A 47 -8.56 -5.90 -8.71
CA SER A 47 -9.64 -6.51 -9.47
C SER A 47 -10.92 -6.51 -8.66
N ALA A 48 -10.86 -7.09 -7.48
CA ALA A 48 -11.99 -7.12 -6.57
C ALA A 48 -11.49 -6.81 -5.16
N THR A 49 -12.22 -5.99 -4.44
CA THR A 49 -11.89 -5.73 -3.06
C THR A 49 -13.15 -5.86 -2.22
N THR A 50 -14.02 -6.76 -2.67
CA THR A 50 -15.28 -7.02 -2.00
C THR A 50 -15.07 -7.99 -0.83
N GLY A 51 -15.90 -7.85 0.19
CA GLY A 51 -15.77 -8.68 1.36
C GLY A 51 -14.91 -8.02 2.41
N MET A 52 -14.67 -6.73 2.22
CA MET A 52 -13.86 -5.96 3.12
C MET A 52 -14.70 -4.91 3.82
N LYS A 53 -14.33 -4.60 5.06
CA LYS A 53 -14.96 -3.52 5.80
C LYS A 53 -13.87 -2.69 6.46
N ARG A 54 -14.18 -1.44 6.76
CA ARG A 54 -13.20 -0.55 7.39
C ARG A 54 -12.63 -1.17 8.66
N GLY A 55 -11.32 -1.33 8.69
CA GLY A 55 -10.66 -1.93 9.83
C GLY A 55 -10.17 -3.33 9.56
N ASP A 56 -10.24 -3.78 8.30
CA ASP A 56 -9.77 -5.11 7.96
C ASP A 56 -8.31 -5.06 7.55
N LYS A 57 -7.59 -6.14 7.83
CA LYS A 57 -6.17 -6.20 7.54
C LYS A 57 -5.92 -6.87 6.21
N ILE A 58 -5.34 -6.13 5.27
CA ILE A 58 -4.99 -6.72 3.99
C ILE A 58 -3.48 -6.78 3.84
N SER A 59 -3.00 -7.87 3.27
CA SER A 59 -1.58 -8.07 3.08
C SER A 59 -1.27 -8.25 1.60
N PHE A 60 -0.21 -7.60 1.17
CA PHE A 60 0.23 -7.69 -0.21
C PHE A 60 1.40 -8.66 -0.32
N ALA A 61 1.18 -9.80 -0.95
CA ALA A 61 2.20 -10.82 -1.08
C ALA A 61 3.25 -10.40 -2.11
N GLY A 62 4.46 -10.19 -1.63
CA GLY A 62 5.54 -9.74 -2.49
C GLY A 62 5.97 -8.33 -2.16
N VAL A 63 4.99 -7.53 -1.75
CA VAL A 63 5.24 -6.18 -1.28
C VAL A 63 5.44 -6.22 0.23
N LYS A 64 6.66 -5.96 0.69
CA LYS A 64 6.95 -6.04 2.11
C LYS A 64 7.63 -4.77 2.61
N PHE A 65 7.74 -4.68 3.93
CA PHE A 65 8.28 -3.48 4.57
C PHE A 65 9.80 -3.41 4.43
N LEU A 66 10.35 -2.27 4.83
CA LEU A 66 11.79 -2.06 4.81
C LEU A 66 12.43 -2.65 6.07
N GLY A 67 12.65 -3.94 6.04
CA GLY A 67 13.23 -4.62 7.17
C GLY A 67 13.38 -6.10 6.91
N GLN A 68 14.17 -6.77 7.75
CA GLN A 68 14.44 -8.19 7.61
C GLN A 68 15.13 -8.49 6.28
N MET A 69 14.95 -9.71 5.77
CA MET A 69 15.46 -10.12 4.45
C MET A 69 16.97 -10.32 4.48
N ALA A 70 17.56 -10.24 5.66
CA ALA A 70 19.00 -10.44 5.81
C ALA A 70 19.32 -11.93 5.88
N LYS A 71 18.68 -12.62 6.80
CA LYS A 71 18.82 -14.06 6.93
C LYS A 71 17.45 -14.70 7.07
N ASN A 72 16.56 -14.01 7.76
CA ASN A 72 15.18 -14.47 7.93
C ASN A 72 14.42 -14.39 6.60
N VAL A 73 13.71 -15.46 6.28
CA VAL A 73 12.96 -15.53 5.03
C VAL A 73 11.53 -15.06 5.25
N LEU A 74 11.09 -15.11 6.51
CA LEU A 74 9.74 -14.71 6.87
C LEU A 74 9.67 -13.20 7.07
N ALA A 75 10.04 -12.46 6.04
CA ALA A 75 9.98 -11.02 6.07
C ALA A 75 8.55 -10.55 5.85
N GLN A 76 7.97 -9.98 6.91
CA GLN A 76 6.56 -9.59 6.92
C GLN A 76 6.18 -8.76 5.71
N ASP A 77 5.17 -9.23 4.99
CA ASP A 77 4.63 -8.51 3.84
C ASP A 77 3.79 -7.34 4.32
N ALA A 78 3.47 -6.44 3.40
CA ALA A 78 2.76 -5.20 3.71
C ALA A 78 1.40 -5.47 4.34
N THR A 79 1.35 -5.35 5.66
CA THR A 79 0.14 -5.53 6.41
C THR A 79 -0.49 -4.18 6.74
N PHE A 80 -1.49 -3.79 5.98
CA PHE A 80 -2.16 -2.50 6.18
C PHE A 80 -3.62 -2.69 6.53
N SER A 81 -4.11 -1.85 7.41
CA SER A 81 -5.51 -1.87 7.80
C SER A 81 -6.30 -0.93 6.89
N VAL A 82 -7.35 -1.47 6.28
CA VAL A 82 -8.19 -0.69 5.38
C VAL A 82 -8.97 0.36 6.17
N VAL A 83 -9.00 1.57 5.66
CA VAL A 83 -9.66 2.67 6.33
C VAL A 83 -11.09 2.83 5.85
N ARG A 84 -11.31 2.53 4.58
CA ARG A 84 -12.61 2.71 3.95
C ARG A 84 -12.65 2.01 2.60
N VAL A 85 -13.76 1.32 2.33
CA VAL A 85 -13.98 0.70 1.04
C VAL A 85 -14.56 1.71 0.07
N VAL A 86 -13.77 2.07 -0.94
CA VAL A 86 -14.14 3.15 -1.85
C VAL A 86 -15.15 2.68 -2.89
N ASP A 87 -14.83 1.59 -3.60
CA ASP A 87 -15.70 1.10 -4.67
C ASP A 87 -16.07 -0.36 -4.48
N GLY A 88 -15.38 -1.02 -3.56
CA GLY A 88 -15.50 -2.47 -3.43
C GLY A 88 -14.70 -3.17 -4.50
N THR A 89 -13.86 -2.37 -5.16
CA THR A 89 -12.90 -2.82 -6.15
C THR A 89 -11.74 -1.85 -6.08
N HIS A 90 -11.65 -1.21 -4.92
CA HIS A 90 -10.85 -0.01 -4.73
C HIS A 90 -10.89 0.34 -3.24
N VAL A 91 -9.75 0.23 -2.55
CA VAL A 91 -9.72 0.43 -1.11
C VAL A 91 -8.79 1.59 -0.77
N GLU A 92 -8.88 2.12 0.46
CA GLU A 92 -7.91 3.08 0.93
C GLU A 92 -7.31 2.60 2.25
N ILE A 93 -5.98 2.56 2.29
CA ILE A 93 -5.25 2.08 3.46
C ILE A 93 -4.33 3.16 4.00
N THR A 94 -3.67 2.86 5.12
CA THR A 94 -2.73 3.78 5.73
C THR A 94 -1.71 3.00 6.57
N PRO A 95 -0.43 3.44 6.59
CA PRO A 95 0.05 4.56 5.78
C PRO A 95 0.25 4.20 4.31
N LYS A 96 0.69 5.17 3.52
CA LYS A 96 0.88 4.95 2.09
C LYS A 96 2.18 4.19 1.84
N PRO A 97 2.09 3.01 1.18
CA PRO A 97 3.26 2.22 0.85
C PRO A 97 4.05 2.79 -0.32
N VAL A 98 5.21 3.34 -0.02
CA VAL A 98 6.11 3.85 -1.04
C VAL A 98 7.32 2.94 -1.13
N ALA A 99 7.75 2.65 -2.35
CA ALA A 99 8.92 1.81 -2.54
C ALA A 99 10.19 2.63 -2.40
N LEU A 100 11.05 2.19 -1.48
CA LEU A 100 12.32 2.84 -1.24
C LEU A 100 13.21 2.70 -2.47
N ASP A 101 13.02 1.62 -3.21
CA ASP A 101 13.82 1.33 -4.40
C ASP A 101 13.19 1.94 -5.65
N ASP A 102 12.32 2.92 -5.45
CA ASP A 102 11.70 3.64 -6.57
C ASP A 102 12.65 4.74 -7.04
N VAL A 103 13.05 4.67 -8.30
CA VAL A 103 14.05 5.60 -8.84
C VAL A 103 13.43 6.91 -9.32
N SER A 104 12.12 7.04 -9.18
CA SER A 104 11.41 8.20 -9.71
C SER A 104 11.22 9.28 -8.64
N LEU A 105 11.15 8.86 -7.38
CA LEU A 105 10.88 9.80 -6.29
C LEU A 105 12.13 10.57 -5.86
N SER A 106 11.90 11.69 -5.18
CA SER A 106 12.96 12.58 -4.72
C SER A 106 13.47 12.12 -3.34
N PRO A 107 14.72 12.50 -2.94
CA PRO A 107 15.35 12.10 -1.68
C PRO A 107 14.41 11.99 -0.47
N GLU A 108 13.72 13.07 -0.13
CA GLU A 108 12.89 13.07 1.09
C GLU A 108 11.69 12.14 0.95
N GLN A 109 11.27 11.90 -0.29
CA GLN A 109 10.21 10.93 -0.55
C GLN A 109 10.63 9.53 -0.09
N ARG A 110 11.93 9.25 -0.22
CA ARG A 110 12.49 7.97 0.20
C ARG A 110 12.37 7.78 1.70
N ALA A 111 12.45 8.89 2.43
CA ALA A 111 12.36 8.86 3.88
C ALA A 111 10.94 8.54 4.33
N TYR A 112 9.97 8.85 3.47
CA TYR A 112 8.57 8.57 3.78
C TYR A 112 8.17 7.20 3.25
N ALA A 113 9.10 6.52 2.58
CA ALA A 113 8.84 5.19 2.05
C ALA A 113 8.65 4.18 3.16
N ASN A 114 7.96 3.09 2.86
CA ASN A 114 7.61 2.12 3.89
C ASN A 114 7.78 0.69 3.37
N VAL A 115 7.78 0.53 2.05
CA VAL A 115 7.92 -0.80 1.44
C VAL A 115 9.09 -0.81 0.46
N ASN A 116 9.59 -1.99 0.16
CA ASN A 116 10.77 -2.13 -0.70
C ASN A 116 10.39 -2.21 -2.17
N THR A 117 9.13 -2.49 -2.44
CA THR A 117 8.66 -2.63 -3.80
C THR A 117 7.25 -2.07 -3.91
N SER A 118 6.97 -1.42 -5.03
CA SER A 118 5.65 -0.87 -5.29
C SER A 118 4.69 -1.99 -5.67
N LEU A 119 3.40 -1.68 -5.75
CA LEU A 119 2.43 -2.69 -6.09
C LEU A 119 2.57 -3.02 -7.58
N ALA A 120 3.19 -4.15 -7.87
CA ALA A 120 3.46 -4.55 -9.23
C ALA A 120 2.24 -5.19 -9.87
N ASP A 121 2.44 -5.76 -11.06
CA ASP A 121 1.34 -6.32 -11.84
C ASP A 121 0.95 -7.71 -11.36
N ALA A 122 1.73 -8.28 -10.44
CA ALA A 122 1.43 -9.61 -9.93
C ALA A 122 1.63 -9.67 -8.41
N MET A 123 0.80 -8.96 -7.68
CA MET A 123 0.82 -9.01 -6.22
C MET A 123 -0.53 -9.50 -5.71
N ALA A 124 -0.49 -10.45 -4.79
CA ALA A 124 -1.71 -11.00 -4.21
C ALA A 124 -2.12 -10.24 -2.96
N VAL A 125 -3.40 -9.96 -2.84
CA VAL A 125 -3.95 -9.23 -1.71
C VAL A 125 -4.87 -10.12 -0.89
N ASN A 126 -4.41 -10.53 0.28
CA ASN A 126 -5.19 -11.41 1.13
C ASN A 126 -5.34 -10.83 2.52
N ILE A 127 -6.49 -11.08 3.14
CA ILE A 127 -6.76 -10.62 4.49
C ILE A 127 -6.31 -11.65 5.52
N LEU A 128 -5.58 -11.19 6.53
CA LEU A 128 -5.15 -12.05 7.61
C LEU A 128 -6.31 -12.33 8.56
N ASN A 129 -6.64 -13.59 8.68
CA ASN A 129 -7.66 -14.03 9.62
C ASN A 129 -7.09 -15.11 10.52
N VAL A 130 -7.58 -15.19 11.75
CA VAL A 130 -7.09 -16.17 12.69
C VAL A 130 -8.26 -16.96 13.25
N GLY A 7 -18.73 -12.81 5.92
CA GLY A 7 -17.62 -12.96 4.95
C GLY A 7 -16.34 -12.34 5.47
N SER A 8 -15.82 -11.36 4.74
CA SER A 8 -14.58 -10.67 5.08
C SER A 8 -13.46 -11.67 5.38
N THR A 9 -13.34 -12.68 4.54
CA THR A 9 -12.34 -13.71 4.72
C THR A 9 -12.07 -14.45 3.41
N ALA A 10 -10.90 -15.08 3.31
CA ALA A 10 -10.51 -15.84 2.13
C ALA A 10 -10.65 -15.02 0.87
N THR A 11 -9.86 -13.97 0.76
CA THR A 11 -9.91 -13.09 -0.39
C THR A 11 -9.30 -13.76 -1.61
N GLY A 12 -7.98 -13.90 -1.63
CA GLY A 12 -7.30 -14.49 -2.77
C GLY A 12 -7.55 -13.71 -4.04
N ILE A 13 -7.54 -12.39 -3.91
CA ILE A 13 -7.79 -11.52 -5.04
C ILE A 13 -6.47 -10.92 -5.54
N THR A 14 -6.33 -10.72 -6.83
CA THR A 14 -5.09 -10.23 -7.39
C THR A 14 -5.12 -8.73 -7.66
N VAL A 15 -3.93 -8.16 -7.78
CA VAL A 15 -3.76 -6.77 -8.16
C VAL A 15 -4.18 -6.55 -9.62
N SER A 16 -4.61 -5.34 -9.95
CA SER A 16 -4.89 -4.99 -11.32
C SER A 16 -4.06 -3.78 -11.76
N GLY A 17 -2.85 -4.05 -12.22
CA GLY A 17 -1.98 -2.99 -12.67
C GLY A 17 -0.91 -2.66 -11.66
N ALA A 18 0.32 -2.46 -12.14
CA ALA A 18 1.42 -2.05 -11.27
C ALA A 18 1.17 -0.67 -10.73
N GLN A 19 1.32 -0.52 -9.42
CA GLN A 19 1.00 0.73 -8.75
C GLN A 19 2.11 1.14 -7.79
N SER A 20 2.58 2.37 -7.95
CA SER A 20 3.58 2.92 -7.05
C SER A 20 2.98 4.12 -6.35
N PHE A 21 2.60 3.94 -5.09
CA PHE A 21 1.90 4.97 -4.35
C PHE A 21 2.87 6.00 -3.81
N LYS A 22 2.59 7.26 -4.07
CA LYS A 22 3.48 8.34 -3.65
C LYS A 22 2.79 9.26 -2.66
N PRO A 23 3.41 9.46 -1.48
CA PRO A 23 2.90 10.39 -0.47
C PRO A 23 3.25 11.83 -0.79
N VAL A 24 2.73 12.75 0.00
CA VAL A 24 2.97 14.16 -0.21
C VAL A 24 4.27 14.59 0.46
N ALA A 25 5.14 15.22 -0.30
CA ALA A 25 6.36 15.76 0.25
C ALA A 25 6.03 17.03 1.05
N TRP A 26 6.11 16.92 2.37
CA TRP A 26 5.77 18.03 3.25
C TRP A 26 6.73 19.21 3.04
N GLN A 27 7.87 18.92 2.43
CA GLN A 27 8.77 19.96 1.98
C GLN A 27 8.59 20.17 0.48
N LEU A 28 7.90 21.24 0.13
CA LEU A 28 7.62 21.54 -1.26
C LEU A 28 8.47 22.71 -1.72
N ASP A 29 8.06 23.36 -2.79
CA ASP A 29 8.72 24.57 -3.25
C ASP A 29 8.28 25.75 -2.38
N ASN A 30 8.37 26.96 -2.93
CA ASN A 30 8.01 28.15 -2.18
C ASN A 30 6.53 28.15 -1.80
N ASP A 31 5.71 27.55 -2.65
CA ASP A 31 4.27 27.47 -2.40
C ASP A 31 3.89 26.05 -2.00
N GLY A 32 3.59 25.87 -0.72
CA GLY A 32 3.23 24.55 -0.22
C GLY A 32 1.78 24.19 -0.53
N ASN A 33 1.34 23.06 0.00
CA ASN A 33 -0.02 22.60 -0.26
C ASN A 33 -0.98 23.19 0.78
N LYS A 34 -2.06 23.78 0.30
CA LYS A 34 -3.02 24.45 1.16
C LYS A 34 -4.25 23.58 1.35
N VAL A 35 -4.44 22.65 0.43
CA VAL A 35 -5.59 21.75 0.47
C VAL A 35 -5.34 20.63 1.46
N ASN A 36 -6.41 20.05 1.96
CA ASN A 36 -6.33 18.92 2.86
C ASN A 36 -6.32 17.63 2.06
N VAL A 37 -5.13 17.24 1.62
CA VAL A 37 -4.97 16.11 0.74
C VAL A 37 -4.93 14.80 1.53
N ASP A 38 -5.72 13.82 1.10
CA ASP A 38 -5.74 12.50 1.72
C ASP A 38 -4.58 11.64 1.24
N ASN A 39 -3.42 12.29 1.12
CA ASN A 39 -2.23 11.64 0.58
C ASN A 39 -1.60 10.73 1.63
N ARG A 40 -2.07 10.88 2.87
CA ARG A 40 -1.62 10.02 3.97
C ARG A 40 -2.19 8.61 3.79
N PHE A 41 -3.14 8.51 2.86
CA PHE A 41 -3.79 7.23 2.58
C PHE A 41 -3.44 6.78 1.17
N ALA A 42 -3.37 5.47 0.97
CA ALA A 42 -3.12 4.91 -0.35
C ALA A 42 -4.38 4.25 -0.87
N THR A 43 -4.82 4.67 -2.05
CA THR A 43 -6.02 4.11 -2.64
C THR A 43 -5.66 3.02 -3.65
N VAL A 44 -5.92 1.77 -3.26
CA VAL A 44 -5.46 0.61 -4.01
C VAL A 44 -6.47 0.19 -5.06
N THR A 45 -6.01 0.11 -6.31
CA THR A 45 -6.83 -0.41 -7.39
C THR A 45 -6.54 -1.89 -7.59
N LEU A 46 -7.54 -2.72 -7.34
CA LEU A 46 -7.37 -4.16 -7.43
C LEU A 46 -8.48 -4.75 -8.27
N SER A 47 -8.37 -6.03 -8.61
CA SER A 47 -9.41 -6.69 -9.41
C SER A 47 -10.75 -6.57 -8.72
N ALA A 48 -10.79 -7.07 -7.49
CA ALA A 48 -11.95 -6.95 -6.64
C ALA A 48 -11.51 -6.62 -5.23
N THR A 49 -12.24 -5.77 -4.55
CA THR A 49 -11.95 -5.52 -3.15
C THR A 49 -13.26 -5.63 -2.38
N THR A 50 -14.16 -6.43 -2.94
CA THR A 50 -15.44 -6.73 -2.35
C THR A 50 -15.27 -7.81 -1.29
N GLY A 51 -16.08 -7.76 -0.25
CA GLY A 51 -15.95 -8.71 0.82
C GLY A 51 -15.10 -8.14 1.94
N MET A 52 -14.20 -7.24 1.57
CA MET A 52 -13.38 -6.54 2.54
C MET A 52 -14.24 -5.54 3.30
N LYS A 53 -13.84 -5.22 4.52
CA LYS A 53 -14.60 -4.27 5.31
C LYS A 53 -13.67 -3.28 5.99
N ARG A 54 -14.18 -2.09 6.23
CA ARG A 54 -13.43 -1.03 6.89
C ARG A 54 -12.91 -1.49 8.25
N GLY A 55 -11.64 -1.24 8.51
CA GLY A 55 -11.06 -1.57 9.78
C GLY A 55 -10.38 -2.93 9.81
N ASP A 56 -10.04 -3.47 8.64
CA ASP A 56 -9.41 -4.77 8.58
C ASP A 56 -7.93 -4.61 8.32
N LYS A 57 -7.30 -5.71 7.99
CA LYS A 57 -5.87 -5.75 7.74
C LYS A 57 -5.60 -6.46 6.41
N ILE A 58 -5.07 -5.74 5.45
CA ILE A 58 -4.79 -6.34 4.16
C ILE A 58 -3.29 -6.36 3.90
N SER A 59 -2.83 -7.43 3.27
CA SER A 59 -1.42 -7.57 2.94
C SER A 59 -1.27 -7.91 1.46
N PHE A 60 -0.24 -7.38 0.85
CA PHE A 60 0.03 -7.63 -0.55
C PHE A 60 1.21 -8.59 -0.70
N ALA A 61 0.92 -9.78 -1.21
CA ALA A 61 1.94 -10.80 -1.39
C ALA A 61 3.04 -10.31 -2.30
N GLY A 62 4.25 -10.20 -1.76
CA GLY A 62 5.37 -9.70 -2.52
C GLY A 62 5.85 -8.36 -2.01
N VAL A 63 4.93 -7.56 -1.47
CA VAL A 63 5.29 -6.29 -0.86
C VAL A 63 5.71 -6.54 0.58
N LYS A 64 6.79 -5.91 1.02
CA LYS A 64 7.29 -6.12 2.36
C LYS A 64 8.22 -4.98 2.81
N PHE A 65 8.33 -4.83 4.13
CA PHE A 65 8.99 -3.67 4.73
C PHE A 65 10.51 -3.77 4.65
N LEU A 66 11.14 -2.60 4.55
CA LEU A 66 12.60 -2.48 4.46
C LEU A 66 13.28 -3.00 5.72
N GLY A 67 12.63 -2.79 6.86
CA GLY A 67 13.20 -3.19 8.14
C GLY A 67 13.36 -4.69 8.26
N GLN A 68 12.65 -5.44 7.44
CA GLN A 68 12.72 -6.89 7.46
C GLN A 68 13.38 -7.43 6.20
N MET A 69 13.85 -6.52 5.34
CA MET A 69 14.48 -6.91 4.09
C MET A 69 15.90 -6.36 4.02
N ALA A 70 16.47 -6.08 5.17
CA ALA A 70 17.83 -5.56 5.24
C ALA A 70 18.83 -6.70 5.13
N LYS A 71 18.65 -7.71 5.97
CA LYS A 71 19.48 -8.91 5.92
C LYS A 71 18.59 -10.15 5.92
N ASN A 72 17.31 -9.94 6.11
CA ASN A 72 16.35 -11.03 6.10
C ASN A 72 15.59 -11.04 4.79
N VAL A 73 15.19 -12.22 4.37
CA VAL A 73 14.42 -12.39 3.15
C VAL A 73 13.02 -12.89 3.49
N LEU A 74 12.87 -13.37 4.71
CA LEU A 74 11.59 -13.86 5.21
C LEU A 74 10.77 -12.73 5.83
N ALA A 75 10.64 -11.64 5.09
CA ALA A 75 9.85 -10.51 5.55
C ALA A 75 8.38 -10.72 5.21
N GLN A 76 7.53 -10.67 6.24
CA GLN A 76 6.10 -10.82 6.04
C GLN A 76 5.57 -9.72 5.12
N ASP A 77 4.56 -10.07 4.32
CA ASP A 77 3.98 -9.13 3.38
C ASP A 77 3.43 -7.93 4.10
N ALA A 78 3.63 -6.76 3.50
CA ALA A 78 3.26 -5.49 4.12
C ALA A 78 1.79 -5.44 4.46
N THR A 79 1.51 -5.34 5.75
CA THR A 79 0.15 -5.31 6.25
C THR A 79 -0.30 -3.87 6.51
N PHE A 80 -1.45 -3.51 5.98
CA PHE A 80 -1.99 -2.17 6.18
C PHE A 80 -3.44 -2.24 6.63
N SER A 81 -3.82 -1.33 7.51
CA SER A 81 -5.20 -1.23 7.97
C SER A 81 -6.04 -0.51 6.93
N VAL A 82 -7.14 -1.14 6.54
CA VAL A 82 -8.03 -0.54 5.55
C VAL A 82 -8.99 0.41 6.24
N VAL A 83 -9.04 1.64 5.74
CA VAL A 83 -9.88 2.67 6.34
C VAL A 83 -11.31 2.56 5.80
N ARG A 84 -11.42 2.30 4.51
CA ARG A 84 -12.73 2.20 3.87
C ARG A 84 -12.61 1.51 2.51
N VAL A 85 -13.59 0.68 2.20
CA VAL A 85 -13.73 0.13 0.86
C VAL A 85 -14.43 1.16 -0.03
N VAL A 86 -13.66 1.77 -0.92
CA VAL A 86 -14.14 2.92 -1.70
C VAL A 86 -15.14 2.50 -2.77
N ASP A 87 -14.73 1.62 -3.67
CA ASP A 87 -15.59 1.22 -4.79
C ASP A 87 -15.87 -0.27 -4.77
N GLY A 88 -15.33 -0.96 -3.78
CA GLY A 88 -15.41 -2.41 -3.71
C GLY A 88 -14.55 -3.05 -4.78
N THR A 89 -13.69 -2.23 -5.37
CA THR A 89 -12.68 -2.64 -6.33
C THR A 89 -11.50 -1.70 -6.17
N HIS A 90 -11.49 -1.05 -5.01
CA HIS A 90 -10.67 0.12 -4.77
C HIS A 90 -10.75 0.45 -3.28
N VAL A 91 -9.62 0.35 -2.57
CA VAL A 91 -9.63 0.53 -1.11
C VAL A 91 -8.72 1.70 -0.73
N GLU A 92 -8.85 2.18 0.50
CA GLU A 92 -7.94 3.19 1.01
C GLU A 92 -7.30 2.69 2.31
N ILE A 93 -5.97 2.64 2.31
CA ILE A 93 -5.22 2.15 3.46
C ILE A 93 -4.21 3.17 3.94
N THR A 94 -3.64 2.93 5.10
CA THR A 94 -2.59 3.78 5.64
C THR A 94 -1.72 2.96 6.60
N PRO A 95 -0.40 3.23 6.67
CA PRO A 95 0.26 4.28 5.86
C PRO A 95 0.38 3.89 4.39
N LYS A 96 0.92 4.79 3.60
CA LYS A 96 1.10 4.56 2.18
C LYS A 96 2.42 3.84 1.90
N PRO A 97 2.36 2.68 1.23
CA PRO A 97 3.56 1.92 0.87
C PRO A 97 4.35 2.61 -0.25
N VAL A 98 5.50 3.15 0.11
CA VAL A 98 6.39 3.77 -0.86
C VAL A 98 7.61 2.92 -1.07
N ALA A 99 7.95 2.67 -2.32
CA ALA A 99 9.11 1.88 -2.65
C ALA A 99 10.37 2.74 -2.61
N LEU A 100 11.31 2.33 -1.77
CA LEU A 100 12.56 3.05 -1.58
C LEU A 100 13.38 3.07 -2.88
N ASP A 101 13.21 2.03 -3.69
CA ASP A 101 13.94 1.91 -4.94
C ASP A 101 13.22 2.62 -6.08
N ASP A 102 12.14 3.32 -5.75
CA ASP A 102 11.41 4.08 -6.75
C ASP A 102 11.96 5.49 -6.83
N VAL A 103 12.60 5.81 -7.94
CA VAL A 103 13.27 7.09 -8.11
C VAL A 103 12.30 8.19 -8.55
N SER A 104 11.03 7.87 -8.68
CA SER A 104 10.05 8.82 -9.19
C SER A 104 9.38 9.58 -8.03
N LEU A 105 10.11 9.75 -6.94
CA LEU A 105 9.58 10.47 -5.79
C LEU A 105 10.54 11.56 -5.32
N SER A 106 10.08 12.39 -4.39
CA SER A 106 10.88 13.46 -3.82
C SER A 106 11.70 12.91 -2.64
N PRO A 107 12.90 13.47 -2.37
CA PRO A 107 13.80 13.01 -1.31
C PRO A 107 13.09 12.68 0.01
N GLU A 108 12.21 13.57 0.45
CA GLU A 108 11.52 13.37 1.74
C GLU A 108 10.65 12.12 1.71
N GLN A 109 10.25 11.71 0.52
CA GLN A 109 9.31 10.60 0.37
C GLN A 109 10.00 9.25 0.49
N ARG A 110 11.31 9.20 0.20
CA ARG A 110 12.05 7.95 0.32
C ARG A 110 12.37 7.68 1.78
N ALA A 111 12.38 8.74 2.58
CA ALA A 111 12.57 8.61 4.02
C ALA A 111 11.34 7.95 4.65
N TYR A 112 10.17 8.27 4.10
CA TYR A 112 8.93 7.69 4.58
C TYR A 112 8.60 6.41 3.81
N ALA A 113 9.50 6.01 2.93
CA ALA A 113 9.34 4.76 2.21
C ALA A 113 9.54 3.59 3.15
N ASN A 114 8.54 2.72 3.21
CA ASN A 114 8.54 1.62 4.15
C ASN A 114 8.73 0.28 3.45
N VAL A 115 8.52 0.26 2.15
CA VAL A 115 8.64 -0.98 1.38
C VAL A 115 9.72 -0.84 0.31
N ASN A 116 10.23 -1.98 -0.15
CA ASN A 116 11.34 -1.99 -1.09
C ASN A 116 10.85 -2.13 -2.53
N THR A 117 9.59 -2.45 -2.68
CA THR A 117 9.02 -2.69 -3.99
C THR A 117 7.61 -2.14 -4.07
N SER A 118 7.24 -1.70 -5.27
CA SER A 118 5.90 -1.19 -5.51
C SER A 118 4.96 -2.35 -5.82
N LEU A 119 3.67 -2.08 -5.80
CA LEU A 119 2.67 -3.12 -6.04
C LEU A 119 2.74 -3.57 -7.50
N ALA A 120 3.32 -4.74 -7.71
CA ALA A 120 3.55 -5.26 -9.06
C ALA A 120 2.30 -5.97 -9.58
N ASP A 121 2.19 -6.05 -10.89
CA ASP A 121 0.99 -6.59 -11.54
C ASP A 121 0.94 -8.12 -11.50
N ALA A 122 0.99 -8.66 -10.28
CA ALA A 122 0.79 -10.09 -10.04
C ALA A 122 0.80 -10.40 -8.55
N MET A 123 0.42 -9.41 -7.76
CA MET A 123 0.45 -9.54 -6.32
C MET A 123 -0.92 -9.86 -5.76
N ALA A 124 -1.00 -10.86 -4.90
CA ALA A 124 -2.25 -11.28 -4.31
C ALA A 124 -2.53 -10.48 -3.03
N VAL A 125 -3.78 -10.12 -2.85
CA VAL A 125 -4.22 -9.36 -1.69
C VAL A 125 -4.86 -10.32 -0.68
N ASN A 126 -4.21 -10.47 0.47
CA ASN A 126 -4.64 -11.42 1.48
C ASN A 126 -4.90 -10.71 2.80
N ILE A 127 -6.03 -11.02 3.42
CA ILE A 127 -6.37 -10.45 4.72
C ILE A 127 -6.05 -11.44 5.84
N LEU A 128 -5.34 -10.96 6.85
CA LEU A 128 -4.95 -11.79 7.97
C LEU A 128 -6.08 -11.90 8.98
N ASN A 129 -6.58 -13.11 9.15
CA ASN A 129 -7.63 -13.37 10.13
C ASN A 129 -7.04 -13.50 11.52
N VAL A 130 -7.16 -12.43 12.30
CA VAL A 130 -6.60 -12.36 13.64
C VAL A 130 -5.09 -12.48 13.60
N GLY A 7 -6.27 -17.00 6.38
CA GLY A 7 -6.82 -15.61 6.34
C GLY A 7 -8.24 -15.55 6.84
N SER A 8 -8.68 -14.36 7.23
CA SER A 8 -10.00 -14.18 7.80
C SER A 8 -11.09 -14.28 6.74
N THR A 9 -11.04 -13.39 5.76
CA THR A 9 -12.04 -13.34 4.71
C THR A 9 -11.69 -14.31 3.58
N ALA A 10 -10.42 -14.71 3.54
CA ALA A 10 -9.91 -15.59 2.49
C ALA A 10 -10.13 -14.97 1.12
N THR A 11 -9.55 -13.80 0.91
CA THR A 11 -9.74 -13.06 -0.33
C THR A 11 -8.81 -13.58 -1.43
N GLY A 12 -7.52 -13.34 -1.28
CA GLY A 12 -6.55 -13.78 -2.28
C GLY A 12 -6.86 -13.22 -3.66
N ILE A 13 -7.20 -11.95 -3.70
CA ILE A 13 -7.55 -11.28 -4.95
C ILE A 13 -6.31 -10.67 -5.56
N THR A 14 -6.27 -10.59 -6.88
CA THR A 14 -5.08 -10.15 -7.58
C THR A 14 -5.12 -8.66 -7.93
N VAL A 15 -3.94 -8.09 -8.13
CA VAL A 15 -3.76 -6.67 -8.40
C VAL A 15 -4.13 -6.33 -9.84
N SER A 16 -4.57 -5.10 -10.06
CA SER A 16 -4.84 -4.61 -11.41
C SER A 16 -3.80 -3.57 -11.81
N GLY A 17 -2.66 -4.03 -12.28
CA GLY A 17 -1.59 -3.13 -12.70
C GLY A 17 -0.66 -2.78 -11.56
N ALA A 18 0.58 -2.43 -11.88
CA ALA A 18 1.57 -2.09 -10.87
C ALA A 18 1.26 -0.73 -10.25
N GLN A 19 1.16 -0.71 -8.93
CA GLN A 19 0.80 0.50 -8.22
C GLN A 19 1.96 0.99 -7.36
N SER A 20 2.29 2.26 -7.51
CA SER A 20 3.33 2.89 -6.72
C SER A 20 2.80 4.21 -6.17
N PHE A 21 2.78 4.32 -4.85
CA PHE A 21 2.20 5.49 -4.21
C PHE A 21 3.29 6.41 -3.68
N LYS A 22 3.05 7.72 -3.78
CA LYS A 22 4.00 8.70 -3.30
C LYS A 22 3.31 9.72 -2.40
N PRO A 23 3.96 10.11 -1.29
CA PRO A 23 3.43 11.11 -0.38
C PRO A 23 3.88 12.52 -0.76
N VAL A 24 2.95 13.46 -0.72
CA VAL A 24 3.25 14.85 -1.08
C VAL A 24 4.07 15.52 0.02
N ALA A 25 5.38 15.56 -0.19
CA ALA A 25 6.29 16.19 0.76
C ALA A 25 6.52 17.64 0.38
N TRP A 26 5.68 18.52 0.91
CA TRP A 26 5.80 19.94 0.62
C TRP A 26 5.36 20.76 1.83
N GLN A 27 4.04 20.85 2.03
CA GLN A 27 3.44 21.60 3.13
C GLN A 27 3.85 23.08 3.06
N LEU A 28 2.94 23.92 2.59
CA LEU A 28 3.20 25.34 2.50
C LEU A 28 2.36 26.10 3.53
N ASP A 29 1.07 25.84 3.54
CA ASP A 29 0.16 26.50 4.45
C ASP A 29 -0.92 25.51 4.92
N ASN A 30 -1.85 25.97 5.73
CA ASN A 30 -2.98 25.13 6.15
C ASN A 30 -3.68 24.54 4.95
N ASP A 31 -3.86 25.37 3.93
CA ASP A 31 -4.45 24.94 2.68
C ASP A 31 -3.37 24.86 1.61
N GLY A 32 -3.50 23.91 0.70
CA GLY A 32 -2.48 23.75 -0.32
C GLY A 32 -2.49 22.38 -0.96
N ASN A 33 -1.31 21.84 -1.18
CA ASN A 33 -1.14 20.56 -1.88
C ASN A 33 -1.44 19.36 -0.98
N LYS A 34 -2.52 19.42 -0.23
CA LYS A 34 -2.97 18.29 0.57
C LYS A 34 -4.37 17.86 0.15
N VAL A 35 -4.88 18.51 -0.89
CA VAL A 35 -6.20 18.19 -1.40
C VAL A 35 -6.09 17.38 -2.69
N ASN A 36 -7.13 16.61 -2.99
CA ASN A 36 -7.18 15.76 -4.18
C ASN A 36 -6.13 14.66 -4.12
N VAL A 37 -6.59 13.43 -3.90
CA VAL A 37 -5.71 12.28 -3.70
C VAL A 37 -4.98 12.36 -2.36
N ASP A 38 -5.33 11.45 -1.47
CA ASP A 38 -4.85 11.45 -0.09
C ASP A 38 -3.33 11.33 -0.02
N ASN A 39 -2.74 12.09 0.90
CA ASN A 39 -1.30 12.08 1.10
C ASN A 39 -0.89 10.92 1.99
N ARG A 40 -1.64 10.75 3.08
CA ARG A 40 -1.30 9.74 4.08
C ARG A 40 -2.01 8.43 3.78
N PHE A 41 -2.98 8.48 2.88
CA PHE A 41 -3.76 7.30 2.55
C PHE A 41 -3.53 6.90 1.09
N ALA A 42 -3.53 5.61 0.84
CA ALA A 42 -3.34 5.09 -0.50
C ALA A 42 -4.59 4.39 -0.99
N THR A 43 -5.13 4.86 -2.10
CA THR A 43 -6.29 4.24 -2.68
C THR A 43 -5.86 3.15 -3.66
N VAL A 44 -6.05 1.90 -3.25
CA VAL A 44 -5.54 0.75 -3.99
C VAL A 44 -6.52 0.31 -5.06
N THR A 45 -6.09 0.38 -6.32
CA THR A 45 -6.88 -0.10 -7.43
C THR A 45 -6.59 -1.57 -7.68
N LEU A 46 -7.53 -2.42 -7.30
CA LEU A 46 -7.37 -3.86 -7.44
C LEU A 46 -8.49 -4.43 -8.29
N SER A 47 -8.39 -5.70 -8.65
CA SER A 47 -9.43 -6.31 -9.45
C SER A 47 -10.74 -6.34 -8.68
N ALA A 48 -10.68 -6.90 -7.48
CA ALA A 48 -11.81 -6.91 -6.59
C ALA A 48 -11.33 -6.59 -5.19
N THR A 49 -12.12 -5.86 -4.44
CA THR A 49 -11.79 -5.61 -3.05
C THR A 49 -13.04 -5.83 -2.22
N THR A 50 -13.88 -6.74 -2.71
CA THR A 50 -15.10 -7.12 -2.05
C THR A 50 -14.80 -8.15 -0.95
N GLY A 51 -15.39 -7.95 0.21
CA GLY A 51 -15.12 -8.82 1.33
C GLY A 51 -14.32 -8.11 2.39
N MET A 52 -13.57 -7.11 1.95
CA MET A 52 -12.83 -6.25 2.86
C MET A 52 -13.79 -5.36 3.63
N LYS A 53 -13.40 -4.99 4.83
CA LYS A 53 -14.16 -4.04 5.62
C LYS A 53 -13.20 -3.05 6.25
N ARG A 54 -13.72 -1.93 6.74
CA ARG A 54 -12.87 -0.93 7.36
C ARG A 54 -12.21 -1.47 8.61
N GLY A 55 -10.98 -1.05 8.86
CA GLY A 55 -10.30 -1.40 10.10
C GLY A 55 -9.76 -2.81 10.12
N ASP A 56 -9.59 -3.43 8.95
CA ASP A 56 -9.09 -4.78 8.90
C ASP A 56 -7.62 -4.77 8.55
N LYS A 57 -7.11 -5.93 8.21
CA LYS A 57 -5.72 -6.10 7.88
C LYS A 57 -5.59 -6.74 6.51
N ILE A 58 -5.04 -6.03 5.56
CA ILE A 58 -4.85 -6.59 4.24
C ILE A 58 -3.36 -6.66 3.92
N SER A 59 -2.95 -7.76 3.31
CA SER A 59 -1.55 -7.95 2.99
C SER A 59 -1.35 -8.08 1.49
N PHE A 60 -0.31 -7.45 0.99
CA PHE A 60 0.04 -7.54 -0.41
C PHE A 60 1.22 -8.48 -0.58
N ALA A 61 0.95 -9.62 -1.20
CA ALA A 61 1.98 -10.64 -1.42
C ALA A 61 3.11 -10.08 -2.28
N GLY A 62 4.33 -10.30 -1.84
CA GLY A 62 5.49 -9.83 -2.58
C GLY A 62 5.95 -8.47 -2.09
N VAL A 63 4.99 -7.64 -1.68
CA VAL A 63 5.28 -6.34 -1.13
C VAL A 63 5.53 -6.47 0.37
N LYS A 64 6.43 -5.66 0.91
CA LYS A 64 6.73 -5.71 2.32
C LYS A 64 7.43 -4.43 2.78
N PHE A 65 7.42 -4.20 4.08
CA PHE A 65 7.94 -2.97 4.66
C PHE A 65 9.46 -2.92 4.62
N LEU A 66 10.01 -1.76 4.93
CA LEU A 66 11.46 -1.57 4.95
C LEU A 66 12.07 -2.37 6.09
N GLY A 67 13.22 -2.95 5.83
CA GLY A 67 13.84 -3.85 6.78
C GLY A 67 13.65 -5.30 6.36
N GLN A 68 12.58 -5.55 5.62
CA GLN A 68 12.30 -6.88 5.12
C GLN A 68 13.19 -7.17 3.91
N MET A 69 13.57 -8.44 3.77
CA MET A 69 14.43 -8.90 2.67
C MET A 69 15.83 -8.31 2.80
N ALA A 70 16.17 -7.88 4.01
CA ALA A 70 17.51 -7.40 4.31
C ALA A 70 18.32 -8.53 4.92
N LYS A 71 17.64 -9.39 5.64
CA LYS A 71 18.22 -10.60 6.22
C LYS A 71 17.08 -11.54 6.57
N ASN A 72 16.10 -11.58 5.67
CA ASN A 72 14.85 -12.28 5.93
C ASN A 72 14.59 -13.31 4.85
N VAL A 73 14.89 -14.56 5.15
CA VAL A 73 14.56 -15.67 4.27
C VAL A 73 13.05 -15.84 4.24
N LEU A 74 12.44 -15.73 5.40
CA LEU A 74 11.00 -15.77 5.53
C LEU A 74 10.47 -14.37 5.81
N ALA A 75 10.36 -13.58 4.75
CA ALA A 75 9.90 -12.20 4.89
C ALA A 75 8.39 -12.11 4.73
N GLN A 76 7.74 -11.55 5.74
CA GLN A 76 6.29 -11.39 5.72
C GLN A 76 5.88 -10.36 4.68
N ASP A 77 4.59 -10.32 4.36
CA ASP A 77 4.08 -9.40 3.37
C ASP A 77 3.56 -8.13 4.02
N ALA A 78 3.37 -7.10 3.21
CA ALA A 78 2.99 -5.77 3.70
C ALA A 78 1.56 -5.76 4.22
N THR A 79 1.42 -5.76 5.54
CA THR A 79 0.12 -5.70 6.17
C THR A 79 -0.29 -4.26 6.46
N PHE A 80 -1.18 -3.72 5.65
CA PHE A 80 -1.63 -2.35 5.81
C PHE A 80 -3.01 -2.31 6.45
N SER A 81 -3.28 -1.19 7.11
CA SER A 81 -4.57 -0.97 7.75
C SER A 81 -5.54 -0.31 6.78
N VAL A 82 -6.66 -0.99 6.52
CA VAL A 82 -7.64 -0.48 5.60
C VAL A 82 -8.59 0.51 6.30
N VAL A 83 -8.93 1.58 5.62
CA VAL A 83 -9.79 2.60 6.19
C VAL A 83 -11.20 2.54 5.59
N ARG A 84 -11.28 2.33 4.29
CA ARG A 84 -12.57 2.36 3.61
C ARG A 84 -12.53 1.58 2.30
N VAL A 85 -13.56 0.75 2.10
CA VAL A 85 -13.78 0.11 0.80
C VAL A 85 -14.51 1.10 -0.10
N VAL A 86 -13.75 1.75 -0.98
CA VAL A 86 -14.27 2.84 -1.78
C VAL A 86 -15.24 2.37 -2.85
N ASP A 87 -14.79 1.47 -3.72
CA ASP A 87 -15.62 1.03 -4.85
C ASP A 87 -15.87 -0.47 -4.80
N GLY A 88 -15.30 -1.13 -3.80
CA GLY A 88 -15.34 -2.59 -3.74
C GLY A 88 -14.47 -3.20 -4.82
N THR A 89 -13.65 -2.34 -5.43
CA THR A 89 -12.64 -2.73 -6.39
C THR A 89 -11.50 -1.75 -6.22
N HIS A 90 -11.49 -1.13 -5.04
CA HIS A 90 -10.71 0.06 -4.79
C HIS A 90 -10.81 0.37 -3.29
N VAL A 91 -9.70 0.31 -2.58
CA VAL A 91 -9.71 0.54 -1.13
C VAL A 91 -8.82 1.72 -0.80
N GLU A 92 -8.92 2.24 0.42
CA GLU A 92 -7.95 3.22 0.90
C GLU A 92 -7.32 2.72 2.18
N ILE A 93 -5.99 2.70 2.19
CA ILE A 93 -5.22 2.20 3.33
C ILE A 93 -4.26 3.25 3.85
N THR A 94 -3.67 2.98 5.00
CA THR A 94 -2.65 3.84 5.56
C THR A 94 -1.74 3.02 6.47
N PRO A 95 -0.43 3.34 6.52
CA PRO A 95 0.18 4.45 5.78
C PRO A 95 0.24 4.18 4.27
N LYS A 96 0.69 5.19 3.53
CA LYS A 96 0.78 5.08 2.08
C LYS A 96 2.00 4.23 1.70
N PRO A 97 1.78 3.11 0.99
CA PRO A 97 2.88 2.26 0.53
C PRO A 97 3.80 3.00 -0.43
N VAL A 98 4.98 3.32 0.06
CA VAL A 98 5.98 4.02 -0.72
C VAL A 98 7.24 3.19 -0.78
N ALA A 99 7.63 2.81 -1.99
CA ALA A 99 8.78 1.94 -2.16
C ALA A 99 10.08 2.72 -2.18
N LEU A 100 11.02 2.29 -1.36
CA LEU A 100 12.32 2.93 -1.26
C LEU A 100 13.13 2.66 -2.53
N ASP A 101 12.90 1.51 -3.16
CA ASP A 101 13.60 1.15 -4.39
C ASP A 101 12.88 1.66 -5.63
N ASP A 102 12.07 2.69 -5.44
CA ASP A 102 11.32 3.28 -6.54
C ASP A 102 12.03 4.55 -7.03
N VAL A 103 12.10 4.72 -8.34
CA VAL A 103 12.82 5.84 -8.92
C VAL A 103 11.98 7.11 -9.00
N SER A 104 10.68 6.98 -8.85
CA SER A 104 9.76 8.10 -9.03
C SER A 104 9.52 8.85 -7.74
N LEU A 105 10.55 8.94 -6.90
CA LEU A 105 10.44 9.68 -5.65
C LEU A 105 11.54 10.71 -5.51
N SER A 106 11.35 11.63 -4.58
CA SER A 106 12.34 12.63 -4.25
C SER A 106 13.11 12.22 -3.01
N PRO A 107 14.22 12.90 -2.68
CA PRO A 107 14.93 12.69 -1.41
C PRO A 107 13.98 12.72 -0.22
N GLU A 108 12.98 13.59 -0.30
CA GLU A 108 11.99 13.72 0.75
C GLU A 108 11.09 12.49 0.81
N GLN A 109 10.61 12.05 -0.36
CA GLN A 109 9.66 10.94 -0.41
C GLN A 109 10.31 9.60 -0.03
N ARG A 110 11.62 9.45 -0.27
CA ARG A 110 12.29 8.21 0.10
C ARG A 110 12.44 8.12 1.62
N ALA A 111 12.39 9.26 2.29
CA ALA A 111 12.38 9.31 3.74
C ALA A 111 11.02 8.83 4.27
N TYR A 112 9.98 9.03 3.47
CA TYR A 112 8.64 8.61 3.85
C TYR A 112 8.33 7.23 3.29
N ALA A 113 9.35 6.58 2.72
CA ALA A 113 9.20 5.23 2.21
C ALA A 113 8.74 4.28 3.31
N ASN A 114 7.88 3.34 2.96
CA ASN A 114 7.34 2.38 3.91
C ASN A 114 7.59 0.95 3.46
N VAL A 115 7.65 0.74 2.16
CA VAL A 115 7.85 -0.59 1.61
C VAL A 115 9.09 -0.61 0.72
N ASN A 116 9.63 -1.80 0.50
CA ASN A 116 10.85 -1.94 -0.29
C ASN A 116 10.54 -2.08 -1.77
N THR A 117 9.32 -2.49 -2.08
CA THR A 117 8.91 -2.67 -3.45
C THR A 117 7.48 -2.21 -3.65
N SER A 118 7.22 -1.59 -4.79
CA SER A 118 5.88 -1.16 -5.15
C SER A 118 5.02 -2.38 -5.45
N LEU A 119 3.70 -2.19 -5.42
CA LEU A 119 2.77 -3.27 -5.70
C LEU A 119 2.85 -3.65 -7.17
N ALA A 120 3.52 -4.75 -7.45
CA ALA A 120 3.71 -5.19 -8.82
C ALA A 120 2.51 -5.96 -9.33
N ASP A 121 2.48 -6.24 -10.62
CA ASP A 121 1.39 -6.99 -11.21
C ASP A 121 1.47 -8.46 -10.80
N ALA A 122 0.31 -9.10 -10.77
CA ALA A 122 0.19 -10.51 -10.39
C ALA A 122 0.51 -10.72 -8.91
N MET A 123 0.06 -9.80 -8.08
CA MET A 123 0.23 -9.94 -6.63
C MET A 123 -1.11 -10.20 -5.97
N ALA A 124 -1.10 -11.03 -4.93
CA ALA A 124 -2.31 -11.38 -4.21
C ALA A 124 -2.53 -10.48 -3.00
N VAL A 125 -3.78 -10.07 -2.82
CA VAL A 125 -4.17 -9.25 -1.68
C VAL A 125 -5.10 -10.05 -0.77
N ASN A 126 -4.61 -10.40 0.41
CA ASN A 126 -5.39 -11.24 1.33
C ASN A 126 -5.44 -10.64 2.72
N ILE A 127 -6.57 -10.84 3.39
CA ILE A 127 -6.72 -10.43 4.78
C ILE A 127 -6.26 -11.55 5.70
N LEU A 128 -5.22 -11.28 6.47
CA LEU A 128 -4.63 -12.28 7.35
C LEU A 128 -5.46 -12.46 8.60
N ASN A 129 -5.36 -13.63 9.20
CA ASN A 129 -6.12 -13.98 10.38
C ASN A 129 -5.17 -14.40 11.49
N VAL A 130 -5.31 -13.80 12.66
CA VAL A 130 -4.47 -14.13 13.79
C VAL A 130 -5.29 -14.85 14.85
N GLY A 7 -15.99 -12.95 8.08
CA GLY A 7 -15.40 -14.00 7.21
C GLY A 7 -13.90 -13.86 7.08
N SER A 8 -13.47 -13.26 5.98
CA SER A 8 -12.05 -13.01 5.72
C SER A 8 -11.27 -14.32 5.64
N THR A 9 -11.65 -15.17 4.70
CA THR A 9 -10.95 -16.42 4.47
C THR A 9 -11.21 -16.88 3.03
N ALA A 10 -10.19 -17.44 2.39
CA ALA A 10 -10.25 -17.82 0.98
C ALA A 10 -10.63 -16.61 0.13
N THR A 11 -9.94 -15.51 0.36
CA THR A 11 -10.22 -14.26 -0.33
C THR A 11 -9.84 -14.33 -1.81
N GLY A 12 -8.58 -14.65 -2.08
CA GLY A 12 -8.13 -14.79 -3.45
C GLY A 12 -8.23 -13.49 -4.21
N ILE A 13 -7.65 -12.45 -3.66
CA ILE A 13 -7.66 -11.14 -4.28
C ILE A 13 -6.31 -10.88 -4.94
N THR A 14 -6.32 -10.21 -6.09
CA THR A 14 -5.09 -9.82 -6.76
C THR A 14 -5.15 -8.35 -7.17
N VAL A 15 -4.02 -7.81 -7.59
CA VAL A 15 -3.93 -6.43 -7.99
C VAL A 15 -4.49 -6.25 -9.42
N SER A 16 -5.03 -5.07 -9.70
CA SER A 16 -5.55 -4.79 -11.04
C SER A 16 -4.61 -3.81 -11.75
N GLY A 17 -3.48 -4.34 -12.20
CA GLY A 17 -2.49 -3.52 -12.85
C GLY A 17 -1.51 -2.92 -11.86
N ALA A 18 -0.32 -2.60 -12.35
CA ALA A 18 0.73 -2.06 -11.50
C ALA A 18 0.49 -0.58 -11.19
N GLN A 19 0.79 -0.20 -9.97
CA GLN A 19 0.70 1.19 -9.56
C GLN A 19 1.73 1.51 -8.48
N SER A 20 2.38 2.64 -8.61
CA SER A 20 3.31 3.10 -7.59
C SER A 20 2.71 4.30 -6.88
N PHE A 21 2.93 4.38 -5.58
CA PHE A 21 2.39 5.47 -4.79
C PHE A 21 3.48 6.48 -4.49
N LYS A 22 3.08 7.72 -4.21
CA LYS A 22 4.03 8.79 -3.92
C LYS A 22 3.54 9.64 -2.75
N PRO A 23 4.41 9.89 -1.76
CA PRO A 23 4.08 10.75 -0.62
C PRO A 23 3.87 12.19 -1.05
N VAL A 24 2.68 12.69 -0.78
CA VAL A 24 2.30 14.03 -1.20
C VAL A 24 2.93 15.07 -0.28
N ALA A 25 4.17 15.44 -0.58
CA ALA A 25 4.86 16.48 0.18
C ALA A 25 4.44 17.84 -0.34
N TRP A 26 3.29 18.31 0.15
CA TRP A 26 2.68 19.57 -0.31
C TRP A 26 2.15 19.42 -1.74
N GLN A 27 3.05 19.13 -2.67
CA GLN A 27 2.72 18.95 -4.08
C GLN A 27 2.13 20.22 -4.67
N LEU A 28 2.95 20.95 -5.40
CA LEU A 28 2.52 22.23 -5.96
C LEU A 28 2.13 22.07 -7.42
N ASP A 29 0.94 21.54 -7.65
CA ASP A 29 0.42 21.38 -9.00
C ASP A 29 -0.14 22.72 -9.49
N ASN A 30 -1.41 22.99 -9.18
CA ASN A 30 -1.98 24.30 -9.45
C ASN A 30 -1.77 25.22 -8.25
N ASP A 31 -2.24 24.77 -7.10
CA ASP A 31 -2.15 25.54 -5.87
C ASP A 31 -1.51 24.71 -4.76
N GLY A 32 -1.73 23.40 -4.80
CA GLY A 32 -1.15 22.52 -3.83
C GLY A 32 -2.12 21.47 -3.33
N ASN A 33 -1.60 20.32 -2.94
CA ASN A 33 -2.42 19.26 -2.39
C ASN A 33 -2.15 19.11 -0.91
N LYS A 34 -2.16 20.24 -0.20
CA LYS A 34 -1.82 20.27 1.21
C LYS A 34 -3.00 19.83 2.09
N VAL A 35 -4.20 20.19 1.68
CA VAL A 35 -5.40 19.80 2.42
C VAL A 35 -5.90 18.43 1.94
N ASN A 36 -5.25 17.96 0.89
CA ASN A 36 -5.58 16.67 0.30
C ASN A 36 -5.06 15.54 1.17
N VAL A 37 -5.98 14.78 1.76
CA VAL A 37 -5.62 13.71 2.69
C VAL A 37 -5.36 12.40 1.95
N ASP A 38 -4.78 12.49 0.78
CA ASP A 38 -4.45 11.32 -0.02
C ASP A 38 -2.98 10.96 0.16
N ASN A 39 -2.36 11.54 1.18
CA ASN A 39 -0.97 11.21 1.50
C ASN A 39 -0.92 10.11 2.55
N ARG A 40 -1.67 10.29 3.63
CA ARG A 40 -1.73 9.30 4.69
C ARG A 40 -2.46 8.04 4.21
N PHE A 41 -3.32 8.22 3.22
CA PHE A 41 -4.13 7.12 2.71
C PHE A 41 -3.75 6.81 1.27
N ALA A 42 -3.78 5.54 0.91
CA ALA A 42 -3.47 5.12 -0.45
C ALA A 42 -4.64 4.38 -1.07
N THR A 43 -4.97 4.73 -2.31
CA THR A 43 -6.07 4.10 -3.01
C THR A 43 -5.59 2.93 -3.85
N VAL A 44 -5.86 1.72 -3.38
CA VAL A 44 -5.40 0.50 -4.00
C VAL A 44 -6.37 0.01 -5.06
N THR A 45 -5.90 -0.12 -6.29
CA THR A 45 -6.73 -0.60 -7.38
C THR A 45 -6.50 -2.09 -7.59
N LEU A 46 -7.47 -2.89 -7.19
CA LEU A 46 -7.33 -4.33 -7.19
C LEU A 46 -8.41 -4.98 -8.04
N SER A 47 -8.25 -6.26 -8.34
CA SER A 47 -9.23 -6.96 -9.17
C SER A 47 -10.59 -6.94 -8.47
N ALA A 48 -10.59 -7.35 -7.23
CA ALA A 48 -11.78 -7.36 -6.41
C ALA A 48 -11.45 -6.84 -5.03
N THR A 49 -12.24 -5.93 -4.51
CA THR A 49 -12.02 -5.49 -3.14
C THR A 49 -13.34 -5.59 -2.37
N THR A 50 -14.27 -6.31 -2.95
CA THR A 50 -15.55 -6.59 -2.33
C THR A 50 -15.41 -7.77 -1.36
N GLY A 51 -16.14 -7.73 -0.27
CA GLY A 51 -16.03 -8.76 0.73
C GLY A 51 -15.12 -8.33 1.86
N MET A 52 -14.62 -7.11 1.74
CA MET A 52 -13.79 -6.50 2.77
C MET A 52 -14.42 -5.20 3.21
N LYS A 53 -14.13 -4.81 4.44
CA LYS A 53 -14.70 -3.59 4.99
C LYS A 53 -13.67 -2.87 5.86
N ARG A 54 -14.06 -1.74 6.41
CA ARG A 54 -13.16 -0.96 7.27
C ARG A 54 -12.79 -1.76 8.52
N GLY A 55 -11.54 -1.64 8.94
CA GLY A 55 -11.12 -2.27 10.17
C GLY A 55 -10.51 -3.65 9.98
N ASP A 56 -10.06 -3.95 8.76
CA ASP A 56 -9.45 -5.25 8.50
C ASP A 56 -8.00 -5.11 8.09
N LYS A 57 -7.27 -6.22 8.13
CA LYS A 57 -5.86 -6.24 7.82
C LYS A 57 -5.62 -6.87 6.47
N ILE A 58 -5.10 -6.09 5.52
CA ILE A 58 -4.79 -6.63 4.21
C ILE A 58 -3.29 -6.56 3.96
N SER A 59 -2.76 -7.60 3.34
CA SER A 59 -1.34 -7.67 3.06
C SER A 59 -1.11 -7.98 1.58
N PHE A 60 -0.10 -7.34 1.01
CA PHE A 60 0.22 -7.55 -0.40
C PHE A 60 1.40 -8.50 -0.51
N ALA A 61 1.14 -9.68 -1.06
CA ALA A 61 2.15 -10.72 -1.17
C ALA A 61 3.32 -10.28 -2.03
N GLY A 62 4.50 -10.27 -1.42
CA GLY A 62 5.71 -9.88 -2.12
C GLY A 62 6.14 -8.47 -1.73
N VAL A 63 5.17 -7.62 -1.51
CA VAL A 63 5.43 -6.29 -1.00
C VAL A 63 5.70 -6.39 0.49
N LYS A 64 6.83 -5.89 0.95
CA LYS A 64 7.20 -6.06 2.35
C LYS A 64 7.90 -4.82 2.91
N PHE A 65 7.93 -4.73 4.24
CA PHE A 65 8.49 -3.58 4.92
C PHE A 65 10.00 -3.73 5.10
N LEU A 66 10.69 -2.61 4.96
CA LEU A 66 12.13 -2.57 5.16
C LEU A 66 12.44 -2.61 6.65
N GLY A 67 13.69 -2.89 6.98
CA GLY A 67 14.09 -2.95 8.37
C GLY A 67 14.17 -4.37 8.88
N GLN A 68 13.20 -5.18 8.49
CA GLN A 68 13.16 -6.57 8.92
C GLN A 68 13.71 -7.50 7.84
N MET A 69 13.97 -6.95 6.66
CA MET A 69 14.36 -7.76 5.51
C MET A 69 15.78 -8.30 5.66
N ALA A 70 16.62 -7.62 6.41
CA ALA A 70 18.00 -8.03 6.58
C ALA A 70 18.10 -9.38 7.28
N LYS A 71 17.32 -9.56 8.34
CA LYS A 71 17.33 -10.81 9.08
C LYS A 71 16.21 -11.72 8.61
N ASN A 72 15.04 -11.15 8.39
CA ASN A 72 13.87 -11.93 8.02
C ASN A 72 13.74 -12.02 6.51
N VAL A 73 14.33 -13.04 5.93
CA VAL A 73 14.12 -13.35 4.52
C VAL A 73 12.67 -13.75 4.32
N LEU A 74 12.11 -14.36 5.35
CA LEU A 74 10.71 -14.71 5.38
C LEU A 74 9.88 -13.54 5.92
N ALA A 75 10.27 -12.33 5.53
CA ALA A 75 9.62 -11.12 5.99
C ALA A 75 8.13 -11.13 5.67
N GLN A 76 7.35 -10.66 6.61
CA GLN A 76 5.90 -10.58 6.47
C GLN A 76 5.53 -9.67 5.30
N ASP A 77 4.42 -9.99 4.65
CA ASP A 77 3.90 -9.15 3.59
C ASP A 77 3.39 -7.85 4.18
N ALA A 78 3.48 -6.78 3.39
CA ALA A 78 3.14 -5.45 3.85
C ALA A 78 1.69 -5.37 4.30
N THR A 79 1.50 -5.44 5.61
CA THR A 79 0.18 -5.33 6.21
C THR A 79 -0.23 -3.87 6.31
N PHE A 80 -1.37 -3.54 5.74
CA PHE A 80 -1.91 -2.20 5.84
C PHE A 80 -3.31 -2.24 6.41
N SER A 81 -3.66 -1.20 7.16
CA SER A 81 -4.97 -1.12 7.77
C SER A 81 -5.97 -0.49 6.80
N VAL A 82 -6.99 -1.24 6.44
CA VAL A 82 -8.00 -0.74 5.52
C VAL A 82 -8.90 0.28 6.22
N VAL A 83 -8.96 1.46 5.65
CA VAL A 83 -9.73 2.54 6.25
C VAL A 83 -11.13 2.59 5.65
N ARG A 84 -11.21 2.34 4.35
CA ARG A 84 -12.49 2.41 3.65
C ARG A 84 -12.41 1.74 2.29
N VAL A 85 -13.41 0.91 1.98
CA VAL A 85 -13.60 0.41 0.63
C VAL A 85 -14.52 1.37 -0.10
N VAL A 86 -13.92 2.22 -0.92
CA VAL A 86 -14.66 3.29 -1.58
C VAL A 86 -15.48 2.79 -2.75
N ASP A 87 -14.81 2.20 -3.72
CA ASP A 87 -15.43 1.85 -4.99
C ASP A 87 -15.83 0.38 -5.03
N GLY A 88 -15.32 -0.38 -4.07
CA GLY A 88 -15.52 -1.83 -4.06
C GLY A 88 -14.67 -2.51 -5.11
N THR A 89 -13.72 -1.74 -5.62
CA THR A 89 -12.67 -2.24 -6.50
C THR A 89 -11.48 -1.30 -6.36
N HIS A 90 -11.46 -0.63 -5.22
CA HIS A 90 -10.53 0.46 -4.95
C HIS A 90 -10.64 0.81 -3.47
N VAL A 91 -9.59 0.59 -2.70
CA VAL A 91 -9.64 0.77 -1.25
C VAL A 91 -8.67 1.85 -0.82
N GLU A 92 -8.92 2.47 0.32
CA GLU A 92 -7.97 3.40 0.89
C GLU A 92 -7.39 2.84 2.18
N ILE A 93 -6.07 2.71 2.19
CA ILE A 93 -5.36 2.14 3.33
C ILE A 93 -4.40 3.15 3.93
N THR A 94 -3.86 2.83 5.09
CA THR A 94 -2.85 3.65 5.72
C THR A 94 -1.86 2.76 6.47
N PRO A 95 -0.55 3.09 6.42
CA PRO A 95 -0.02 4.22 5.64
C PRO A 95 0.07 3.92 4.16
N LYS A 96 0.56 4.89 3.40
CA LYS A 96 0.72 4.75 1.95
C LYS A 96 1.93 3.88 1.62
N PRO A 97 1.73 2.79 0.86
CA PRO A 97 2.83 1.93 0.41
C PRO A 97 3.75 2.63 -0.58
N VAL A 98 4.94 2.97 -0.13
CA VAL A 98 5.93 3.61 -0.98
C VAL A 98 7.25 2.87 -0.91
N ALA A 99 7.83 2.61 -2.07
CA ALA A 99 9.01 1.77 -2.17
C ALA A 99 10.29 2.58 -2.18
N LEU A 100 11.27 2.11 -1.41
CA LEU A 100 12.58 2.75 -1.34
C LEU A 100 13.36 2.46 -2.62
N ASP A 101 12.99 1.36 -3.28
CA ASP A 101 13.62 0.97 -4.53
C ASP A 101 13.00 1.72 -5.72
N ASP A 102 12.00 2.55 -5.43
CA ASP A 102 11.39 3.38 -6.46
C ASP A 102 12.29 4.58 -6.75
N VAL A 103 12.84 4.61 -7.95
CA VAL A 103 13.79 5.66 -8.32
C VAL A 103 13.08 6.94 -8.77
N SER A 104 11.77 6.94 -8.70
CA SER A 104 10.99 8.07 -9.21
C SER A 104 10.65 9.05 -8.09
N LEU A 105 10.56 8.57 -6.85
CA LEU A 105 10.22 9.44 -5.74
C LEU A 105 11.43 10.23 -5.26
N SER A 106 11.14 11.39 -4.68
CA SER A 106 12.16 12.36 -4.29
C SER A 106 12.79 11.99 -2.94
N PRO A 107 13.92 12.65 -2.57
CA PRO A 107 14.63 12.39 -1.29
C PRO A 107 13.70 12.30 -0.07
N GLU A 108 12.85 13.28 0.13
CA GLU A 108 11.95 13.27 1.27
C GLU A 108 10.93 12.15 1.15
N GLN A 109 10.57 11.82 -0.09
CA GLN A 109 9.58 10.78 -0.34
C GLN A 109 10.15 9.40 -0.04
N ARG A 110 11.44 9.20 -0.28
CA ARG A 110 12.08 7.93 0.02
C ARG A 110 12.34 7.79 1.51
N ALA A 111 12.25 8.89 2.22
CA ALA A 111 12.31 8.89 3.67
C ALA A 111 11.02 8.31 4.23
N TYR A 112 9.92 8.53 3.51
CA TYR A 112 8.62 7.97 3.89
C TYR A 112 8.47 6.55 3.36
N ALA A 113 9.42 6.13 2.53
CA ALA A 113 9.37 4.81 1.93
C ALA A 113 9.52 3.72 2.99
N ASN A 114 8.47 2.94 3.15
CA ASN A 114 8.44 1.90 4.17
C ASN A 114 8.64 0.52 3.58
N VAL A 115 8.25 0.35 2.32
CA VAL A 115 8.32 -0.96 1.69
C VAL A 115 9.43 -1.01 0.64
N ASN A 116 9.77 -2.23 0.23
CA ASN A 116 10.84 -2.43 -0.73
C ASN A 116 10.35 -2.26 -2.17
N THR A 117 9.15 -2.75 -2.45
CA THR A 117 8.62 -2.72 -3.80
C THR A 117 7.23 -2.12 -3.82
N SER A 118 6.93 -1.39 -4.88
CA SER A 118 5.60 -0.85 -5.10
C SER A 118 4.69 -1.95 -5.60
N LEU A 119 3.40 -1.65 -5.73
CA LEU A 119 2.43 -2.65 -6.12
C LEU A 119 2.52 -2.91 -7.62
N ALA A 120 3.10 -4.06 -7.97
CA ALA A 120 3.26 -4.45 -9.36
C ALA A 120 1.95 -5.04 -9.89
N ASP A 121 1.96 -5.48 -11.15
CA ASP A 121 0.75 -5.89 -11.83
C ASP A 121 0.36 -7.33 -11.51
N ALA A 122 1.16 -7.99 -10.69
CA ALA A 122 0.85 -9.34 -10.24
C ALA A 122 1.20 -9.53 -8.77
N MET A 123 0.49 -8.80 -7.92
CA MET A 123 0.65 -8.94 -6.47
C MET A 123 -0.65 -9.45 -5.87
N ALA A 124 -0.56 -10.48 -5.04
CA ALA A 124 -1.74 -11.05 -4.41
C ALA A 124 -2.10 -10.27 -3.15
N VAL A 125 -3.40 -10.14 -2.89
CA VAL A 125 -3.90 -9.44 -1.72
C VAL A 125 -4.59 -10.42 -0.80
N ASN A 126 -4.04 -10.60 0.38
CA ASN A 126 -4.56 -11.57 1.33
C ASN A 126 -4.71 -10.96 2.71
N ILE A 127 -5.81 -11.28 3.38
CA ILE A 127 -6.05 -10.81 4.73
C ILE A 127 -5.44 -11.75 5.74
N LEU A 128 -4.60 -11.21 6.62
CA LEU A 128 -4.08 -11.99 7.74
C LEU A 128 -5.07 -11.93 8.88
N ASN A 129 -5.52 -13.09 9.32
CA ASN A 129 -6.49 -13.17 10.40
C ASN A 129 -5.81 -12.87 11.73
N VAL A 130 -5.85 -11.60 12.11
CA VAL A 130 -5.24 -11.16 13.36
C VAL A 130 -6.10 -11.56 14.55
N GLY A 7 -9.90 -18.35 11.88
CA GLY A 7 -9.50 -17.39 10.82
C GLY A 7 -10.02 -17.79 9.46
N SER A 8 -11.23 -17.39 9.14
CA SER A 8 -11.85 -17.74 7.87
C SER A 8 -11.87 -16.52 6.93
N THR A 9 -12.43 -16.71 5.74
CA THR A 9 -12.56 -15.63 4.76
C THR A 9 -11.20 -15.16 4.26
N ALA A 10 -10.51 -16.04 3.54
CA ALA A 10 -9.25 -15.69 2.90
C ALA A 10 -9.53 -15.15 1.50
N THR A 11 -9.25 -13.87 1.31
CA THR A 11 -9.52 -13.20 0.06
C THR A 11 -8.57 -13.64 -1.04
N GLY A 12 -7.30 -13.24 -0.95
CA GLY A 12 -6.33 -13.61 -1.95
C GLY A 12 -6.67 -13.09 -3.34
N ILE A 13 -7.27 -11.91 -3.39
CA ILE A 13 -7.67 -11.29 -4.64
C ILE A 13 -6.45 -10.66 -5.31
N THR A 14 -6.48 -10.55 -6.63
CA THR A 14 -5.33 -10.10 -7.37
C THR A 14 -5.40 -8.62 -7.71
N VAL A 15 -4.23 -7.98 -7.67
CA VAL A 15 -4.08 -6.56 -8.01
C VAL A 15 -4.51 -6.29 -9.45
N SER A 16 -4.96 -5.08 -9.73
CA SER A 16 -5.36 -4.71 -11.08
C SER A 16 -4.36 -3.70 -11.66
N GLY A 17 -3.19 -4.19 -12.03
CA GLY A 17 -2.16 -3.32 -12.57
C GLY A 17 -1.15 -2.92 -11.52
N ALA A 18 -0.02 -2.39 -11.96
CA ALA A 18 1.03 -1.96 -11.06
C ALA A 18 0.80 -0.52 -10.63
N GLN A 19 0.76 -0.29 -9.32
CA GLN A 19 0.51 1.03 -8.78
C GLN A 19 1.67 1.50 -7.92
N SER A 20 2.17 2.68 -8.24
CA SER A 20 3.22 3.30 -7.45
C SER A 20 2.64 4.42 -6.60
N PHE A 21 2.79 4.31 -5.29
CA PHE A 21 2.22 5.29 -4.38
C PHE A 21 3.27 6.27 -3.92
N LYS A 22 3.03 7.55 -4.15
CA LYS A 22 3.97 8.59 -3.81
C LYS A 22 3.31 9.66 -2.92
N PRO A 23 3.94 9.97 -1.77
CA PRO A 23 3.45 11.00 -0.86
C PRO A 23 3.83 12.40 -1.33
N VAL A 24 3.38 13.41 -0.60
CA VAL A 24 3.65 14.78 -0.98
C VAL A 24 5.04 15.21 -0.52
N ALA A 25 5.81 15.77 -1.44
CA ALA A 25 7.13 16.26 -1.14
C ALA A 25 7.06 17.71 -0.70
N TRP A 26 7.60 18.00 0.46
CA TRP A 26 7.58 19.36 1.00
C TRP A 26 8.58 20.23 0.24
N GLN A 27 8.10 20.89 -0.81
CA GLN A 27 8.95 21.75 -1.62
C GLN A 27 8.14 22.85 -2.27
N LEU A 28 8.75 24.01 -2.40
CA LEU A 28 8.15 25.12 -3.13
C LEU A 28 9.17 25.73 -4.09
N ASP A 29 10.27 25.00 -4.28
CA ASP A 29 11.38 25.49 -5.09
C ASP A 29 11.14 25.22 -6.56
N ASN A 30 10.61 24.03 -6.85
CA ASN A 30 10.32 23.65 -8.22
C ASN A 30 8.92 24.11 -8.62
N ASP A 31 7.96 23.80 -7.77
CA ASP A 31 6.57 24.20 -8.00
C ASP A 31 5.83 24.27 -6.69
N GLY A 32 5.60 23.11 -6.08
CA GLY A 32 4.88 23.04 -4.84
C GLY A 32 4.23 21.71 -4.63
N ASN A 33 3.15 21.69 -3.86
CA ASN A 33 2.44 20.46 -3.56
C ASN A 33 1.16 20.37 -4.37
N LYS A 34 0.95 19.24 -5.03
CA LYS A 34 -0.22 19.05 -5.86
C LYS A 34 -1.13 17.98 -5.27
N VAL A 35 -0.54 16.85 -4.88
CA VAL A 35 -1.31 15.74 -4.34
C VAL A 35 -1.88 16.08 -2.97
N ASN A 36 -3.20 16.22 -2.92
CA ASN A 36 -3.88 16.62 -1.70
C ASN A 36 -5.03 15.67 -1.41
N VAL A 37 -5.33 15.48 -0.13
CA VAL A 37 -6.34 14.52 0.30
C VAL A 37 -6.04 13.14 -0.28
N ASP A 38 -4.83 12.69 -0.06
CA ASP A 38 -4.35 11.43 -0.63
C ASP A 38 -3.08 10.95 0.05
N ASN A 39 -2.22 11.87 0.44
CA ASN A 39 -0.86 11.51 0.88
C ASN A 39 -0.84 10.94 2.30
N ARG A 40 -1.98 10.87 2.97
CA ARG A 40 -2.06 10.21 4.27
C ARG A 40 -2.60 8.79 4.11
N PHE A 41 -3.05 8.47 2.92
CA PHE A 41 -3.64 7.16 2.65
C PHE A 41 -3.10 6.59 1.35
N ALA A 42 -3.62 5.44 0.96
CA ALA A 42 -3.28 4.83 -0.31
C ALA A 42 -4.47 4.10 -0.89
N THR A 43 -4.97 4.59 -2.00
CA THR A 43 -6.11 3.97 -2.63
C THR A 43 -5.65 2.85 -3.56
N VAL A 44 -5.85 1.61 -3.10
CA VAL A 44 -5.34 0.43 -3.78
C VAL A 44 -6.26 -0.01 -4.91
N THR A 45 -5.74 0.01 -6.13
CA THR A 45 -6.49 -0.44 -7.28
C THR A 45 -6.32 -1.94 -7.48
N LEU A 46 -7.35 -2.69 -7.13
CA LEU A 46 -7.30 -4.14 -7.22
C LEU A 46 -8.43 -4.61 -8.12
N SER A 47 -8.34 -5.83 -8.63
CA SER A 47 -9.38 -6.36 -9.50
C SER A 47 -10.71 -6.35 -8.76
N ALA A 48 -10.69 -6.92 -7.56
CA ALA A 48 -11.84 -6.90 -6.69
C ALA A 48 -11.37 -6.62 -5.28
N THR A 49 -12.15 -5.88 -4.52
CA THR A 49 -11.82 -5.68 -3.12
C THR A 49 -13.07 -5.95 -2.29
N THR A 50 -13.92 -6.80 -2.85
CA THR A 50 -15.13 -7.26 -2.21
C THR A 50 -14.80 -8.27 -1.12
N GLY A 51 -15.43 -8.12 0.03
CA GLY A 51 -15.12 -8.98 1.15
C GLY A 51 -14.26 -8.26 2.16
N MET A 52 -13.74 -7.12 1.75
CA MET A 52 -12.96 -6.28 2.62
C MET A 52 -13.85 -5.19 3.19
N LYS A 53 -13.70 -4.89 4.47
CA LYS A 53 -14.48 -3.86 5.10
C LYS A 53 -13.57 -2.92 5.87
N ARG A 54 -14.03 -1.70 6.12
CA ARG A 54 -13.25 -0.72 6.85
C ARG A 54 -12.84 -1.27 8.21
N GLY A 55 -11.54 -1.45 8.40
CA GLY A 55 -11.04 -2.04 9.63
C GLY A 55 -10.47 -3.43 9.42
N ASP A 56 -10.15 -3.77 8.17
CA ASP A 56 -9.57 -5.07 7.87
C ASP A 56 -8.08 -4.94 7.58
N LYS A 57 -7.38 -6.05 7.74
CA LYS A 57 -5.94 -6.08 7.47
C LYS A 57 -5.69 -6.76 6.15
N ILE A 58 -5.14 -6.05 5.19
CA ILE A 58 -4.85 -6.63 3.90
C ILE A 58 -3.35 -6.69 3.68
N SER A 59 -2.89 -7.80 3.11
CA SER A 59 -1.48 -8.04 2.92
C SER A 59 -1.19 -8.32 1.46
N PHE A 60 -0.19 -7.62 0.92
CA PHE A 60 0.17 -7.78 -0.48
C PHE A 60 1.31 -8.79 -0.61
N ALA A 61 1.02 -9.93 -1.21
CA ALA A 61 1.99 -10.99 -1.38
C ALA A 61 3.06 -10.58 -2.38
N GLY A 62 4.31 -10.49 -1.90
CA GLY A 62 5.40 -10.08 -2.75
C GLY A 62 5.87 -8.69 -2.42
N VAL A 63 5.08 -7.99 -1.62
CA VAL A 63 5.46 -6.68 -1.14
C VAL A 63 5.71 -6.77 0.37
N LYS A 64 6.85 -6.29 0.82
CA LYS A 64 7.19 -6.37 2.23
C LYS A 64 7.77 -5.04 2.70
N PHE A 65 7.71 -4.81 4.00
CA PHE A 65 8.19 -3.56 4.58
C PHE A 65 9.71 -3.52 4.58
N LEU A 66 10.27 -2.34 4.80
CA LEU A 66 11.72 -2.17 4.86
C LEU A 66 12.27 -2.87 6.09
N GLY A 67 11.54 -2.77 7.18
CA GLY A 67 11.91 -3.43 8.41
C GLY A 67 11.75 -4.94 8.30
N GLN A 68 12.62 -5.66 9.01
CA GLN A 68 12.62 -7.13 8.99
C GLN A 68 13.18 -7.66 7.67
N MET A 69 13.96 -6.82 6.99
CA MET A 69 14.62 -7.25 5.75
C MET A 69 16.13 -7.31 5.95
N ALA A 70 16.55 -7.50 7.18
CA ALA A 70 17.97 -7.59 7.49
C ALA A 70 18.43 -9.04 7.53
N LYS A 71 17.78 -9.84 8.36
CA LYS A 71 18.12 -11.25 8.51
C LYS A 71 16.86 -12.08 8.73
N ASN A 72 15.80 -11.69 8.05
CA ASN A 72 14.51 -12.34 8.23
C ASN A 72 13.96 -12.83 6.91
N VAL A 73 13.95 -14.14 6.74
CA VAL A 73 13.44 -14.75 5.52
C VAL A 73 11.92 -14.71 5.54
N LEU A 74 11.35 -14.87 6.72
CA LEU A 74 9.91 -14.77 6.91
C LEU A 74 9.55 -13.33 7.25
N ALA A 75 10.02 -12.41 6.42
CA ALA A 75 9.83 -10.99 6.64
C ALA A 75 8.35 -10.63 6.62
N GLN A 76 8.01 -9.58 7.36
CA GLN A 76 6.64 -9.10 7.45
C GLN A 76 6.16 -8.60 6.10
N ASP A 77 5.11 -9.24 5.60
CA ASP A 77 4.48 -8.85 4.34
C ASP A 77 3.85 -7.47 4.50
N ALA A 78 3.48 -6.86 3.39
CA ALA A 78 2.86 -5.54 3.39
C ALA A 78 1.45 -5.60 3.99
N THR A 79 1.40 -5.71 5.30
CA THR A 79 0.15 -5.75 6.03
C THR A 79 -0.33 -4.34 6.35
N PHE A 80 -1.34 -3.89 5.63
CA PHE A 80 -1.87 -2.55 5.85
C PHE A 80 -3.31 -2.61 6.34
N SER A 81 -3.65 -1.70 7.22
CA SER A 81 -5.00 -1.60 7.75
C SER A 81 -5.86 -0.74 6.83
N VAL A 82 -6.97 -1.29 6.37
CA VAL A 82 -7.87 -0.58 5.47
C VAL A 82 -8.80 0.32 6.28
N VAL A 83 -8.97 1.55 5.81
CA VAL A 83 -9.80 2.52 6.52
C VAL A 83 -11.16 2.66 5.87
N ARG A 84 -11.23 2.42 4.57
CA ARG A 84 -12.49 2.51 3.84
C ARG A 84 -12.37 1.82 2.48
N VAL A 85 -13.45 1.14 2.08
CA VAL A 85 -13.54 0.60 0.73
C VAL A 85 -14.35 1.57 -0.13
N VAL A 86 -13.72 2.11 -1.15
CA VAL A 86 -14.32 3.16 -1.96
C VAL A 86 -15.34 2.60 -2.95
N ASP A 87 -14.90 1.70 -3.82
CA ASP A 87 -15.76 1.20 -4.91
C ASP A 87 -15.95 -0.31 -4.84
N GLY A 88 -15.37 -0.93 -3.83
CA GLY A 88 -15.37 -2.38 -3.75
C GLY A 88 -14.46 -2.99 -4.80
N THR A 89 -13.65 -2.14 -5.40
CA THR A 89 -12.63 -2.54 -6.35
C THR A 89 -11.45 -1.58 -6.19
N HIS A 90 -11.45 -0.91 -5.04
CA HIS A 90 -10.54 0.21 -4.79
C HIS A 90 -10.66 0.58 -3.31
N VAL A 91 -9.59 0.38 -2.54
CA VAL A 91 -9.66 0.59 -1.09
C VAL A 91 -8.69 1.68 -0.68
N GLU A 92 -8.86 2.25 0.50
CA GLU A 92 -7.89 3.20 1.00
C GLU A 92 -7.30 2.73 2.33
N ILE A 93 -5.99 2.58 2.34
CA ILE A 93 -5.25 2.14 3.52
C ILE A 93 -4.38 3.26 4.04
N THR A 94 -3.74 3.02 5.18
CA THR A 94 -2.79 3.98 5.74
C THR A 94 -1.75 3.23 6.58
N PRO A 95 -0.48 3.64 6.53
CA PRO A 95 -0.02 4.78 5.70
C PRO A 95 0.19 4.38 4.24
N LYS A 96 0.61 5.35 3.43
CA LYS A 96 0.86 5.11 2.01
C LYS A 96 2.16 4.32 1.83
N PRO A 97 2.11 3.16 1.18
CA PRO A 97 3.30 2.37 0.89
C PRO A 97 4.15 2.98 -0.22
N VAL A 98 5.29 3.53 0.15
CA VAL A 98 6.21 4.09 -0.82
C VAL A 98 7.41 3.18 -0.96
N ALA A 99 7.78 2.89 -2.20
CA ALA A 99 8.92 2.04 -2.46
C ALA A 99 10.22 2.80 -2.30
N LEU A 100 11.03 2.38 -1.33
CA LEU A 100 12.30 3.01 -1.05
C LEU A 100 13.26 2.83 -2.23
N ASP A 101 13.08 1.74 -2.97
CA ASP A 101 13.96 1.43 -4.10
C ASP A 101 13.42 1.99 -5.41
N ASP A 102 12.47 2.91 -5.32
CA ASP A 102 11.93 3.54 -6.52
C ASP A 102 12.72 4.80 -6.85
N VAL A 103 13.18 4.89 -8.08
CA VAL A 103 14.02 6.01 -8.51
C VAL A 103 13.16 7.22 -8.90
N SER A 104 11.86 7.01 -9.04
CA SER A 104 10.98 8.05 -9.55
C SER A 104 10.36 8.86 -8.41
N LEU A 105 11.11 9.03 -7.33
CA LEU A 105 10.66 9.85 -6.22
C LEU A 105 11.76 10.82 -5.78
N SER A 106 11.40 11.73 -4.90
CA SER A 106 12.34 12.70 -4.38
C SER A 106 12.70 12.36 -2.93
N PRO A 107 13.85 12.88 -2.41
CA PRO A 107 14.31 12.63 -1.04
C PRO A 107 13.19 12.64 0.00
N GLU A 108 12.34 13.67 -0.05
CA GLU A 108 11.22 13.78 0.89
C GLU A 108 10.33 12.55 0.86
N GLN A 109 10.08 12.05 -0.34
CA GLN A 109 9.17 10.93 -0.52
C GLN A 109 9.75 9.62 -0.02
N ARG A 110 11.05 9.42 -0.21
CA ARG A 110 11.67 8.18 0.28
C ARG A 110 11.89 8.24 1.78
N ALA A 111 11.82 9.43 2.33
CA ALA A 111 11.90 9.61 3.77
C ALA A 111 10.66 9.05 4.45
N TYR A 112 9.53 9.10 3.75
CA TYR A 112 8.27 8.57 4.26
C TYR A 112 8.04 7.15 3.74
N ALA A 113 8.96 6.65 2.92
CA ALA A 113 8.83 5.32 2.34
C ALA A 113 8.80 4.24 3.41
N ASN A 114 8.12 3.14 3.10
CA ASN A 114 7.85 2.11 4.09
C ASN A 114 8.04 0.71 3.49
N VAL A 115 7.84 0.60 2.19
CA VAL A 115 8.02 -0.67 1.49
C VAL A 115 9.20 -0.56 0.52
N ASN A 116 9.73 -1.70 0.09
CA ASN A 116 10.91 -1.70 -0.77
C ASN A 116 10.52 -1.72 -2.24
N THR A 117 9.27 -2.02 -2.51
CA THR A 117 8.79 -2.13 -3.88
C THR A 117 7.34 -1.70 -3.97
N SER A 118 6.98 -1.14 -5.11
CA SER A 118 5.61 -0.72 -5.38
C SER A 118 4.77 -1.94 -5.72
N LEU A 119 3.46 -1.81 -5.55
CA LEU A 119 2.55 -2.91 -5.82
C LEU A 119 2.46 -3.16 -7.32
N ALA A 120 3.14 -4.20 -7.78
CA ALA A 120 3.15 -4.54 -9.20
C ALA A 120 1.95 -5.40 -9.54
N ASP A 121 1.83 -5.80 -10.80
CA ASP A 121 0.71 -6.61 -11.23
C ASP A 121 0.90 -8.06 -10.81
N ALA A 122 -0.21 -8.81 -10.77
CA ALA A 122 -0.20 -10.22 -10.39
C ALA A 122 0.23 -10.42 -8.93
N MET A 123 -0.26 -9.55 -8.05
CA MET A 123 0.01 -9.69 -6.63
C MET A 123 -1.28 -10.09 -5.90
N ALA A 124 -1.16 -10.98 -4.93
CA ALA A 124 -2.30 -11.45 -4.17
C ALA A 124 -2.52 -10.61 -2.92
N VAL A 125 -3.76 -10.25 -2.66
CA VAL A 125 -4.13 -9.44 -1.51
C VAL A 125 -5.00 -10.26 -0.57
N ASN A 126 -4.42 -10.71 0.55
CA ASN A 126 -5.15 -11.56 1.49
C ASN A 126 -5.26 -10.89 2.85
N ILE A 127 -6.32 -11.21 3.56
CA ILE A 127 -6.54 -10.69 4.91
C ILE A 127 -6.05 -11.68 5.95
N LEU A 128 -5.14 -11.24 6.82
CA LEU A 128 -4.66 -12.05 7.91
C LEU A 128 -5.60 -11.97 9.10
N ASN A 129 -5.70 -13.06 9.85
CA ASN A 129 -6.57 -13.10 11.02
C ASN A 129 -5.87 -12.48 12.22
N VAL A 130 -6.15 -11.21 12.45
CA VAL A 130 -5.56 -10.49 13.57
C VAL A 130 -6.47 -10.61 14.79
N GLY A 7 -18.04 -18.68 7.27
CA GLY A 7 -18.15 -18.68 5.80
C GLY A 7 -16.81 -18.47 5.13
N SER A 8 -16.74 -18.77 3.84
CA SER A 8 -15.50 -18.63 3.12
C SER A 8 -15.35 -17.22 2.57
N THR A 9 -14.53 -16.43 3.23
CA THR A 9 -14.21 -15.09 2.77
C THR A 9 -12.72 -15.02 2.43
N ALA A 10 -12.25 -16.06 1.75
CA ALA A 10 -10.86 -16.14 1.33
C ALA A 10 -10.54 -15.07 0.32
N THR A 11 -9.85 -14.03 0.77
CA THR A 11 -9.47 -12.92 -0.09
C THR A 11 -8.33 -13.30 -1.03
N GLY A 12 -8.65 -14.10 -2.03
CA GLY A 12 -7.67 -14.44 -3.04
C GLY A 12 -7.64 -13.39 -4.14
N ILE A 13 -7.38 -12.16 -3.73
CA ILE A 13 -7.42 -11.02 -4.64
C ILE A 13 -6.08 -10.86 -5.36
N THR A 14 -6.14 -10.48 -6.62
CA THR A 14 -4.93 -10.18 -7.38
C THR A 14 -4.94 -8.73 -7.84
N VAL A 15 -3.76 -8.12 -7.83
CA VAL A 15 -3.61 -6.71 -8.21
C VAL A 15 -4.07 -6.46 -9.65
N SER A 16 -4.56 -5.26 -9.89
CA SER A 16 -4.98 -4.86 -11.23
C SER A 16 -4.06 -3.76 -11.76
N GLY A 17 -2.88 -4.17 -12.21
CA GLY A 17 -1.91 -3.22 -12.70
C GLY A 17 -0.99 -2.73 -11.59
N ALA A 18 0.28 -2.55 -11.92
CA ALA A 18 1.27 -2.11 -10.95
C ALA A 18 1.02 -0.66 -10.55
N GLN A 19 1.22 -0.37 -9.26
CA GLN A 19 1.00 0.96 -8.75
C GLN A 19 2.01 1.28 -7.65
N SER A 20 2.62 2.45 -7.74
CA SER A 20 3.53 2.91 -6.70
C SER A 20 2.96 4.16 -6.07
N PHE A 21 2.61 4.06 -4.79
CA PHE A 21 1.96 5.15 -4.09
C PHE A 21 2.98 6.17 -3.63
N LYS A 22 2.70 7.45 -3.88
CA LYS A 22 3.64 8.51 -3.55
C LYS A 22 2.97 9.54 -2.64
N PRO A 23 3.66 9.97 -1.57
CA PRO A 23 3.17 10.98 -0.66
C PRO A 23 3.47 12.39 -1.14
N VAL A 24 2.64 13.36 -0.75
CA VAL A 24 2.85 14.75 -1.14
C VAL A 24 4.03 15.35 -0.38
N ALA A 25 5.22 15.11 -0.89
CA ALA A 25 6.43 15.67 -0.33
C ALA A 25 7.27 16.30 -1.42
N TRP A 26 6.91 17.52 -1.76
CA TRP A 26 7.60 18.27 -2.81
C TRP A 26 7.97 19.65 -2.29
N GLN A 27 6.96 20.34 -1.75
CA GLN A 27 7.15 21.65 -1.17
C GLN A 27 6.11 21.85 -0.08
N LEU A 28 6.36 22.78 0.83
CA LEU A 28 5.45 23.04 1.93
C LEU A 28 4.82 24.41 1.78
N ASP A 29 3.50 24.43 1.64
CA ASP A 29 2.75 25.68 1.55
C ASP A 29 2.58 26.28 2.94
N ASN A 30 2.23 27.55 3.02
CA ASN A 30 2.04 28.21 4.31
C ASN A 30 1.00 27.47 5.15
N ASP A 31 -0.05 27.00 4.51
CA ASP A 31 -1.09 26.25 5.20
C ASP A 31 -0.87 24.76 5.02
N GLY A 32 0.33 24.39 4.63
CA GLY A 32 0.65 23.00 4.37
C GLY A 32 0.20 22.57 2.98
N ASN A 33 -1.11 22.64 2.76
CA ASN A 33 -1.69 22.27 1.49
C ASN A 33 -3.13 22.80 1.41
N LYS A 34 -3.76 22.65 0.26
CA LYS A 34 -5.14 23.05 0.09
C LYS A 34 -5.91 21.96 -0.66
N VAL A 35 -5.51 20.72 -0.44
CA VAL A 35 -6.10 19.59 -1.14
C VAL A 35 -6.42 18.46 -0.17
N ASN A 36 -7.02 17.41 -0.68
CA ASN A 36 -7.27 16.22 0.11
C ASN A 36 -5.99 15.38 0.15
N VAL A 37 -5.04 15.85 0.95
CA VAL A 37 -3.72 15.24 1.01
C VAL A 37 -3.79 13.81 1.55
N ASP A 38 -3.47 12.85 0.70
CA ASP A 38 -3.51 11.45 1.05
C ASP A 38 -2.11 10.92 1.35
N ASN A 39 -1.26 11.79 1.88
CA ASN A 39 0.14 11.45 2.13
C ASN A 39 0.28 10.31 3.15
N ARG A 40 -0.74 10.11 3.96
CA ARG A 40 -0.71 9.04 4.97
C ARG A 40 -1.59 7.86 4.55
N PHE A 41 -2.27 8.00 3.42
CA PHE A 41 -3.20 6.96 2.97
C PHE A 41 -2.81 6.46 1.59
N ALA A 42 -3.44 5.38 1.15
CA ALA A 42 -3.19 4.84 -0.17
C ALA A 42 -4.47 4.24 -0.75
N THR A 43 -4.85 4.73 -1.93
CA THR A 43 -6.05 4.23 -2.59
C THR A 43 -5.66 3.14 -3.58
N VAL A 44 -5.89 1.89 -3.19
CA VAL A 44 -5.44 0.75 -3.98
C VAL A 44 -6.47 0.37 -5.04
N THR A 45 -6.05 0.40 -6.30
CA THR A 45 -6.90 -0.02 -7.39
C THR A 45 -6.63 -1.49 -7.71
N LEU A 46 -7.59 -2.34 -7.39
CA LEU A 46 -7.43 -3.77 -7.56
C LEU A 46 -8.57 -4.33 -8.39
N SER A 47 -8.48 -5.58 -8.78
CA SER A 47 -9.54 -6.22 -9.56
C SER A 47 -10.82 -6.24 -8.74
N ALA A 48 -10.74 -6.82 -7.57
CA ALA A 48 -11.85 -6.91 -6.65
C ALA A 48 -11.36 -6.59 -5.25
N THR A 49 -12.12 -5.85 -4.48
CA THR A 49 -11.73 -5.59 -3.10
C THR A 49 -12.93 -5.86 -2.20
N THR A 50 -13.81 -6.74 -2.68
CA THR A 50 -14.96 -7.18 -1.92
C THR A 50 -14.54 -8.18 -0.86
N GLY A 51 -15.13 -8.09 0.31
CA GLY A 51 -14.69 -8.89 1.44
C GLY A 51 -13.85 -8.05 2.37
N MET A 52 -13.64 -6.81 1.97
CA MET A 52 -12.91 -5.84 2.77
C MET A 52 -13.87 -4.80 3.34
N LYS A 53 -13.70 -4.47 4.61
CA LYS A 53 -14.57 -3.53 5.28
C LYS A 53 -13.82 -2.86 6.43
N ARG A 54 -14.08 -1.57 6.62
CA ARG A 54 -13.36 -0.73 7.58
C ARG A 54 -13.05 -1.46 8.88
N GLY A 55 -11.75 -1.59 9.19
CA GLY A 55 -11.33 -2.26 10.40
C GLY A 55 -10.53 -3.53 10.15
N ASP A 56 -10.47 -3.98 8.89
CA ASP A 56 -9.71 -5.20 8.58
C ASP A 56 -8.26 -4.88 8.28
N LYS A 57 -7.51 -5.89 7.87
CA LYS A 57 -6.10 -5.75 7.60
C LYS A 57 -5.72 -6.56 6.37
N ILE A 58 -5.24 -5.88 5.35
CA ILE A 58 -4.90 -6.53 4.10
C ILE A 58 -3.39 -6.54 3.91
N SER A 59 -2.89 -7.64 3.39
CA SER A 59 -1.46 -7.80 3.17
C SER A 59 -1.18 -8.19 1.73
N PHE A 60 -0.22 -7.49 1.13
CA PHE A 60 0.11 -7.71 -0.27
C PHE A 60 1.26 -8.70 -0.41
N ALA A 61 0.96 -9.87 -0.92
CA ALA A 61 1.97 -10.92 -1.08
C ALA A 61 3.01 -10.51 -2.11
N GLY A 62 4.25 -10.37 -1.66
CA GLY A 62 5.34 -9.96 -2.53
C GLY A 62 5.84 -8.58 -2.18
N VAL A 63 4.94 -7.73 -1.73
CA VAL A 63 5.29 -6.40 -1.28
C VAL A 63 5.51 -6.41 0.22
N LYS A 64 6.71 -6.07 0.66
CA LYS A 64 7.01 -6.09 2.08
C LYS A 64 7.78 -4.85 2.50
N PHE A 65 7.96 -4.70 3.81
CA PHE A 65 8.55 -3.49 4.38
C PHE A 65 10.06 -3.42 4.15
N LEU A 66 10.63 -2.28 4.52
CA LEU A 66 12.06 -2.05 4.38
C LEU A 66 12.85 -2.78 5.45
N GLY A 67 13.29 -3.99 5.14
CA GLY A 67 14.16 -4.71 6.04
C GLY A 67 13.76 -6.16 6.20
N GLN A 68 14.63 -6.93 6.87
CA GLN A 68 14.39 -8.34 7.16
C GLN A 68 14.21 -9.14 5.86
N MET A 69 15.09 -8.90 4.91
CA MET A 69 15.01 -9.57 3.61
C MET A 69 16.33 -10.21 3.22
N ALA A 70 17.36 -9.96 4.02
CA ALA A 70 18.68 -10.49 3.72
C ALA A 70 18.71 -12.00 3.95
N LYS A 71 18.34 -12.42 5.15
CA LYS A 71 18.33 -13.82 5.51
C LYS A 71 16.91 -14.31 5.78
N ASN A 72 16.07 -13.39 6.22
CA ASN A 72 14.69 -13.72 6.58
C ASN A 72 13.84 -13.96 5.35
N VAL A 73 13.47 -15.21 5.13
CA VAL A 73 12.59 -15.56 4.03
C VAL A 73 11.14 -15.31 4.44
N LEU A 74 10.86 -15.51 5.71
CA LEU A 74 9.52 -15.28 6.25
C LEU A 74 9.32 -13.81 6.58
N ALA A 75 9.67 -12.96 5.62
CA ALA A 75 9.53 -11.52 5.79
C ALA A 75 8.09 -11.11 5.61
N GLN A 76 7.47 -10.67 6.70
CA GLN A 76 6.07 -10.25 6.69
C GLN A 76 5.81 -9.23 5.59
N ASP A 77 4.77 -9.50 4.81
CA ASP A 77 4.38 -8.63 3.71
C ASP A 77 3.70 -7.39 4.25
N ALA A 78 3.51 -6.41 3.36
CA ALA A 78 2.93 -5.12 3.71
C ALA A 78 1.58 -5.27 4.41
N THR A 79 1.60 -5.20 5.73
CA THR A 79 0.40 -5.34 6.54
C THR A 79 -0.25 -3.99 6.80
N PHE A 80 -1.28 -3.66 6.02
CA PHE A 80 -1.97 -2.39 6.16
C PHE A 80 -3.43 -2.60 6.54
N SER A 81 -3.91 -1.78 7.45
CA SER A 81 -5.29 -1.85 7.89
C SER A 81 -6.16 -1.03 6.95
N VAL A 82 -7.33 -1.57 6.62
CA VAL A 82 -8.27 -0.90 5.73
C VAL A 82 -8.89 0.29 6.44
N VAL A 83 -9.02 1.40 5.74
CA VAL A 83 -9.67 2.57 6.29
C VAL A 83 -11.09 2.68 5.73
N ARG A 84 -11.22 2.42 4.44
CA ARG A 84 -12.52 2.52 3.77
C ARG A 84 -12.47 1.83 2.41
N VAL A 85 -13.56 1.16 2.05
CA VAL A 85 -13.72 0.60 0.71
C VAL A 85 -14.67 1.49 -0.08
N VAL A 86 -14.16 2.04 -1.18
CA VAL A 86 -14.92 3.00 -1.97
C VAL A 86 -15.96 2.32 -2.86
N ASP A 87 -15.51 1.43 -3.73
CA ASP A 87 -16.37 0.82 -4.74
C ASP A 87 -16.40 -0.71 -4.61
N GLY A 88 -15.52 -1.24 -3.78
CA GLY A 88 -15.33 -2.67 -3.70
C GLY A 88 -14.43 -3.19 -4.80
N THR A 89 -13.74 -2.25 -5.43
CA THR A 89 -12.71 -2.54 -6.40
C THR A 89 -11.56 -1.54 -6.19
N HIS A 90 -11.65 -0.84 -5.07
CA HIS A 90 -10.82 0.32 -4.81
C HIS A 90 -10.86 0.62 -3.31
N VAL A 91 -9.73 0.51 -2.63
CA VAL A 91 -9.69 0.67 -1.18
C VAL A 91 -8.78 1.83 -0.79
N GLU A 92 -8.89 2.29 0.44
CA GLU A 92 -7.95 3.25 0.98
C GLU A 92 -7.40 2.74 2.32
N ILE A 93 -6.07 2.63 2.39
CA ILE A 93 -5.39 2.08 3.55
C ILE A 93 -4.41 3.08 4.15
N THR A 94 -3.79 2.69 5.26
CA THR A 94 -2.79 3.53 5.91
C THR A 94 -1.81 2.64 6.70
N PRO A 95 -0.52 3.01 6.75
CA PRO A 95 0.03 4.14 6.01
C PRO A 95 0.21 3.84 4.52
N LYS A 96 0.69 4.83 3.78
CA LYS A 96 0.90 4.68 2.34
C LYS A 96 2.16 3.87 2.05
N PRO A 97 2.03 2.74 1.34
CA PRO A 97 3.19 1.97 0.90
C PRO A 97 4.00 2.71 -0.16
N VAL A 98 5.17 3.17 0.23
CA VAL A 98 6.08 3.86 -0.67
C VAL A 98 7.37 3.07 -0.77
N ALA A 99 7.82 2.83 -1.99
CA ALA A 99 9.01 2.01 -2.22
C ALA A 99 10.27 2.85 -2.24
N LEU A 100 11.27 2.39 -1.50
CA LEU A 100 12.55 3.10 -1.39
C LEU A 100 13.32 3.02 -2.71
N ASP A 101 13.10 1.94 -3.46
CA ASP A 101 13.84 1.71 -4.70
C ASP A 101 13.07 2.17 -5.93
N ASP A 102 12.03 2.97 -5.74
CA ASP A 102 11.27 3.48 -6.88
C ASP A 102 11.96 4.72 -7.44
N VAL A 103 12.20 4.73 -8.74
CA VAL A 103 12.95 5.80 -9.37
C VAL A 103 12.07 7.01 -9.70
N SER A 104 10.78 6.93 -9.39
CA SER A 104 9.85 7.98 -9.77
C SER A 104 9.46 8.85 -8.58
N LEU A 105 10.36 9.00 -7.62
CA LEU A 105 10.08 9.82 -6.45
C LEU A 105 11.17 10.86 -6.20
N SER A 106 10.83 11.88 -5.44
CA SER A 106 11.77 12.91 -5.04
C SER A 106 12.38 12.51 -3.68
N PRO A 107 13.62 12.96 -3.39
CA PRO A 107 14.35 12.60 -2.16
C PRO A 107 13.49 12.53 -0.90
N GLU A 108 12.65 13.52 -0.66
CA GLU A 108 11.84 13.56 0.56
C GLU A 108 10.85 12.41 0.62
N GLN A 109 10.33 12.00 -0.53
CA GLN A 109 9.30 10.96 -0.59
C GLN A 109 9.86 9.61 -0.16
N ARG A 110 11.10 9.33 -0.52
CA ARG A 110 11.70 8.05 -0.18
C ARG A 110 12.15 8.05 1.27
N ALA A 111 12.14 9.22 1.87
CA ALA A 111 12.37 9.33 3.31
C ALA A 111 11.12 8.88 4.06
N TYR A 112 9.98 8.92 3.37
CA TYR A 112 8.72 8.42 3.92
C TYR A 112 8.42 7.02 3.39
N ALA A 113 9.37 6.46 2.64
CA ALA A 113 9.26 5.10 2.13
C ALA A 113 8.97 4.10 3.24
N ASN A 114 8.18 3.09 2.93
CA ASN A 114 7.77 2.09 3.91
C ASN A 114 8.03 0.68 3.40
N VAL A 115 7.87 0.49 2.10
CA VAL A 115 8.06 -0.82 1.49
C VAL A 115 9.26 -0.81 0.56
N ASN A 116 9.84 -1.98 0.34
CA ASN A 116 11.06 -2.09 -0.45
C ASN A 116 10.74 -2.32 -1.92
N THR A 117 9.47 -2.56 -2.20
CA THR A 117 9.01 -2.76 -3.56
C THR A 117 7.59 -2.24 -3.72
N SER A 118 7.31 -1.63 -4.86
CA SER A 118 5.98 -1.12 -5.15
C SER A 118 5.05 -2.27 -5.51
N LEU A 119 3.74 -2.01 -5.53
CA LEU A 119 2.78 -3.02 -5.87
C LEU A 119 2.88 -3.33 -7.35
N ALA A 120 3.50 -4.43 -7.69
CA ALA A 120 3.66 -4.84 -9.07
C ALA A 120 2.52 -5.75 -9.48
N ASP A 121 2.60 -6.31 -10.67
CA ASP A 121 1.57 -7.22 -11.14
C ASP A 121 1.70 -8.57 -10.45
N ALA A 122 0.61 -9.34 -10.49
CA ALA A 122 0.56 -10.67 -9.91
C ALA A 122 0.81 -10.68 -8.40
N MET A 123 0.39 -9.61 -7.72
CA MET A 123 0.52 -9.56 -6.28
C MET A 123 -0.82 -9.86 -5.63
N ALA A 124 -0.84 -10.81 -4.71
CA ALA A 124 -2.06 -11.22 -4.06
C ALA A 124 -2.38 -10.32 -2.86
N VAL A 125 -3.60 -9.84 -2.81
CA VAL A 125 -4.05 -8.99 -1.70
C VAL A 125 -4.95 -9.80 -0.79
N ASN A 126 -4.45 -10.14 0.38
CA ASN A 126 -5.14 -11.06 1.27
C ASN A 126 -5.19 -10.55 2.71
N ILE A 127 -6.32 -10.78 3.37
CA ILE A 127 -6.48 -10.45 4.77
C ILE A 127 -6.01 -11.59 5.66
N LEU A 128 -5.12 -11.27 6.59
CA LEU A 128 -4.65 -12.26 7.54
C LEU A 128 -5.66 -12.45 8.65
N ASN A 129 -6.29 -13.61 8.70
CA ASN A 129 -7.31 -13.89 9.69
C ASN A 129 -6.76 -14.78 10.79
N VAL A 130 -6.10 -14.16 11.76
CA VAL A 130 -5.60 -14.88 12.92
C VAL A 130 -5.88 -14.08 14.18
N GLY A 7 -16.75 -12.07 2.61
CA GLY A 7 -16.06 -12.60 3.82
C GLY A 7 -14.68 -12.01 3.97
N SER A 8 -14.12 -12.09 5.17
CA SER A 8 -12.82 -11.49 5.45
C SER A 8 -11.82 -12.55 5.89
N THR A 9 -11.98 -13.75 5.36
CA THR A 9 -11.06 -14.83 5.68
C THR A 9 -10.61 -15.53 4.40
N ALA A 10 -9.31 -15.47 4.13
CA ALA A 10 -8.72 -16.10 2.94
C ALA A 10 -9.41 -15.60 1.67
N THR A 11 -9.15 -14.35 1.34
CA THR A 11 -9.74 -13.73 0.17
C THR A 11 -8.97 -14.10 -1.10
N GLY A 12 -7.65 -13.95 -1.05
CA GLY A 12 -6.81 -14.34 -2.17
C GLY A 12 -7.23 -13.70 -3.47
N ILE A 13 -7.27 -12.37 -3.48
CA ILE A 13 -7.66 -11.62 -4.66
C ILE A 13 -6.43 -11.03 -5.33
N THR A 14 -6.45 -10.86 -6.64
CA THR A 14 -5.29 -10.35 -7.35
C THR A 14 -5.38 -8.86 -7.62
N VAL A 15 -4.22 -8.24 -7.74
CA VAL A 15 -4.10 -6.81 -8.01
C VAL A 15 -4.65 -6.47 -9.41
N SER A 16 -5.16 -5.26 -9.56
CA SER A 16 -5.65 -4.82 -10.86
C SER A 16 -4.63 -3.88 -11.49
N GLY A 17 -3.47 -4.44 -11.84
CA GLY A 17 -2.42 -3.66 -12.44
C GLY A 17 -1.53 -3.01 -11.39
N ALA A 18 -0.32 -2.66 -11.80
CA ALA A 18 0.65 -2.05 -10.92
C ALA A 18 0.12 -0.77 -10.27
N GLN A 19 0.30 -0.66 -8.96
CA GLN A 19 -0.17 0.49 -8.23
C GLN A 19 0.99 1.18 -7.53
N SER A 20 1.12 2.47 -7.76
CA SER A 20 2.20 3.25 -7.18
C SER A 20 1.64 4.50 -6.51
N PHE A 21 2.26 4.91 -5.41
CA PHE A 21 1.77 6.02 -4.62
C PHE A 21 2.91 6.96 -4.26
N LYS A 22 2.57 8.21 -3.93
CA LYS A 22 3.56 9.20 -3.53
C LYS A 22 3.05 10.05 -2.37
N PRO A 23 3.81 10.15 -1.27
CA PRO A 23 3.46 11.01 -0.14
C PRO A 23 3.83 12.47 -0.41
N VAL A 24 2.98 13.37 0.06
CA VAL A 24 3.19 14.79 -0.15
C VAL A 24 4.19 15.35 0.86
N ALA A 25 5.25 15.96 0.34
CA ALA A 25 6.22 16.64 1.18
C ALA A 25 5.70 18.03 1.51
N TRP A 26 6.12 18.55 2.67
CA TRP A 26 5.63 19.83 3.18
C TRP A 26 4.16 19.69 3.56
N GLN A 27 3.92 19.34 4.81
CA GLN A 27 2.56 19.14 5.32
C GLN A 27 2.21 20.21 6.34
N LEU A 28 0.94 20.31 6.68
CA LEU A 28 0.50 21.31 7.64
C LEU A 28 0.72 20.81 9.06
N ASP A 29 -0.14 19.91 9.50
CA ASP A 29 -0.04 19.34 10.84
C ASP A 29 -0.27 17.84 10.78
N ASN A 30 -1.52 17.47 10.53
CA ASN A 30 -1.89 16.07 10.42
C ASN A 30 -1.58 15.54 9.02
N ASP A 31 -1.84 16.38 8.03
CA ASP A 31 -1.69 15.97 6.64
C ASP A 31 -1.23 17.15 5.79
N GLY A 32 -1.18 16.95 4.48
CA GLY A 32 -0.78 18.00 3.58
C GLY A 32 -1.43 17.84 2.23
N ASN A 33 -2.12 18.89 1.78
CA ASN A 33 -2.82 18.89 0.49
C ASN A 33 -3.94 17.85 0.49
N LYS A 34 -4.87 17.99 1.44
CA LYS A 34 -5.94 17.01 1.61
C LYS A 34 -6.99 17.12 0.49
N VAL A 35 -6.93 18.17 -0.30
CA VAL A 35 -7.83 18.33 -1.44
C VAL A 35 -7.27 17.58 -2.65
N ASN A 36 -6.01 17.22 -2.54
CA ASN A 36 -5.30 16.51 -3.59
C ASN A 36 -5.42 15.00 -3.33
N VAL A 37 -4.82 14.19 -4.20
CA VAL A 37 -4.78 12.74 -4.00
C VAL A 37 -4.32 12.41 -2.58
N ASP A 38 -5.05 11.50 -1.93
CA ASP A 38 -4.85 11.16 -0.51
C ASP A 38 -3.37 10.92 -0.21
N ASN A 39 -2.86 11.70 0.72
CA ASN A 39 -1.44 11.66 1.09
C ASN A 39 -1.17 10.55 2.09
N ARG A 40 -1.95 10.52 3.16
CA ARG A 40 -1.75 9.55 4.22
C ARG A 40 -2.34 8.20 3.82
N PHE A 41 -3.26 8.23 2.88
CA PHE A 41 -3.96 7.02 2.46
C PHE A 41 -3.57 6.64 1.04
N ALA A 42 -3.43 5.35 0.81
CA ALA A 42 -3.10 4.83 -0.50
C ALA A 42 -4.33 4.18 -1.13
N THR A 43 -4.75 4.67 -2.28
CA THR A 43 -5.93 4.16 -2.94
C THR A 43 -5.58 2.98 -3.85
N VAL A 44 -5.77 1.77 -3.33
CA VAL A 44 -5.37 0.55 -4.04
C VAL A 44 -6.40 0.11 -5.04
N THR A 45 -5.98 -0.06 -6.29
CA THR A 45 -6.85 -0.58 -7.33
C THR A 45 -6.62 -2.07 -7.50
N LEU A 46 -7.56 -2.87 -7.05
CA LEU A 46 -7.44 -4.31 -7.09
C LEU A 46 -8.60 -4.90 -7.89
N SER A 47 -8.46 -6.14 -8.33
CA SER A 47 -9.51 -6.75 -9.14
C SER A 47 -10.83 -6.71 -8.40
N ALA A 48 -10.82 -7.18 -7.17
CA ALA A 48 -11.96 -7.12 -6.29
C ALA A 48 -11.49 -6.73 -4.91
N THR A 49 -12.19 -5.84 -4.25
CA THR A 49 -11.84 -5.50 -2.88
C THR A 49 -13.07 -5.69 -2.00
N THR A 50 -13.94 -6.55 -2.47
CA THR A 50 -15.10 -6.98 -1.71
C THR A 50 -14.68 -8.00 -0.67
N GLY A 51 -15.34 -7.98 0.48
CA GLY A 51 -14.92 -8.82 1.59
C GLY A 51 -14.04 -8.05 2.54
N MET A 52 -13.55 -6.92 2.07
CA MET A 52 -12.77 -6.01 2.88
C MET A 52 -13.71 -4.98 3.50
N LYS A 53 -13.58 -4.76 4.79
CA LYS A 53 -14.40 -3.78 5.48
C LYS A 53 -13.50 -2.86 6.27
N ARG A 54 -13.92 -1.61 6.45
CA ARG A 54 -13.10 -0.61 7.14
C ARG A 54 -12.59 -1.17 8.46
N GLY A 55 -11.28 -1.32 8.55
CA GLY A 55 -10.67 -1.91 9.73
C GLY A 55 -10.17 -3.32 9.49
N ASP A 56 -10.11 -3.77 8.23
CA ASP A 56 -9.56 -5.08 7.93
C ASP A 56 -8.12 -4.97 7.47
N LYS A 57 -7.33 -5.98 7.80
CA LYS A 57 -5.92 -5.99 7.46
C LYS A 57 -5.70 -6.74 6.16
N ILE A 58 -5.19 -6.05 5.16
CA ILE A 58 -4.90 -6.68 3.89
C ILE A 58 -3.40 -6.73 3.65
N SER A 59 -2.93 -7.84 3.12
CA SER A 59 -1.52 -8.04 2.89
C SER A 59 -1.22 -8.09 1.40
N PHE A 60 -0.15 -7.44 1.00
CA PHE A 60 0.25 -7.42 -0.40
C PHE A 60 1.45 -8.32 -0.63
N ALA A 61 1.27 -9.31 -1.49
CA ALA A 61 2.34 -10.25 -1.80
C ALA A 61 3.51 -9.54 -2.47
N GLY A 62 4.72 -9.88 -2.05
CA GLY A 62 5.91 -9.30 -2.64
C GLY A 62 6.25 -7.93 -2.09
N VAL A 63 5.22 -7.16 -1.78
CA VAL A 63 5.39 -5.86 -1.17
C VAL A 63 5.57 -6.02 0.33
N LYS A 64 6.80 -5.87 0.80
CA LYS A 64 7.08 -6.07 2.21
C LYS A 64 7.82 -4.89 2.81
N PHE A 65 7.85 -4.85 4.14
CA PHE A 65 8.45 -3.75 4.87
C PHE A 65 9.97 -3.86 4.92
N LEU A 66 10.63 -2.73 4.87
CA LEU A 66 12.07 -2.65 4.99
C LEU A 66 12.49 -2.77 6.45
N GLY A 67 13.79 -2.87 6.68
CA GLY A 67 14.30 -3.04 8.01
C GLY A 67 14.59 -4.49 8.34
N GLN A 68 13.96 -5.38 7.59
CA GLN A 68 14.17 -6.81 7.78
C GLN A 68 14.80 -7.43 6.55
N MET A 69 14.92 -6.66 5.47
CA MET A 69 15.42 -7.19 4.21
C MET A 69 16.94 -7.13 4.13
N ALA A 70 17.59 -7.62 5.17
CA ALA A 70 19.04 -7.73 5.18
C ALA A 70 19.44 -9.17 4.92
N LYS A 71 18.86 -10.08 5.69
CA LYS A 71 19.07 -11.52 5.50
C LYS A 71 17.90 -12.31 6.08
N ASN A 72 16.75 -11.65 6.18
CA ASN A 72 15.57 -12.28 6.74
C ASN A 72 14.59 -12.60 5.62
N VAL A 73 14.42 -13.88 5.35
CA VAL A 73 13.51 -14.33 4.31
C VAL A 73 12.07 -14.13 4.76
N LEU A 74 11.85 -14.21 6.07
CA LEU A 74 10.52 -14.05 6.64
C LEU A 74 10.25 -12.58 6.96
N ALA A 75 10.79 -11.70 6.12
CA ALA A 75 10.52 -10.27 6.25
C ALA A 75 9.04 -10.00 6.03
N GLN A 76 8.40 -9.42 7.05
CA GLN A 76 6.96 -9.23 7.05
C GLN A 76 6.48 -8.42 5.85
N ASP A 77 5.46 -8.94 5.18
CA ASP A 77 4.88 -8.27 4.04
C ASP A 77 4.01 -7.11 4.48
N ALA A 78 3.73 -6.19 3.56
CA ALA A 78 3.01 -4.98 3.85
C ALA A 78 1.56 -5.27 4.21
N THR A 79 1.29 -5.31 5.51
CA THR A 79 -0.05 -5.51 6.01
C THR A 79 -0.65 -4.18 6.45
N PHE A 80 -1.56 -3.65 5.65
CA PHE A 80 -2.17 -2.37 5.95
C PHE A 80 -3.64 -2.53 6.27
N SER A 81 -4.12 -1.70 7.18
CA SER A 81 -5.52 -1.69 7.55
C SER A 81 -6.32 -0.80 6.61
N VAL A 82 -7.35 -1.39 6.01
CA VAL A 82 -8.22 -0.67 5.10
C VAL A 82 -9.06 0.35 5.88
N VAL A 83 -9.11 1.57 5.38
CA VAL A 83 -9.86 2.62 6.05
C VAL A 83 -11.24 2.78 5.42
N ARG A 84 -11.31 2.56 4.12
CA ARG A 84 -12.57 2.67 3.40
C ARG A 84 -12.53 1.88 2.09
N VAL A 85 -13.57 1.11 1.85
CA VAL A 85 -13.76 0.45 0.57
C VAL A 85 -14.60 1.37 -0.32
N VAL A 86 -13.93 2.06 -1.23
CA VAL A 86 -14.57 3.10 -2.03
C VAL A 86 -15.48 2.51 -3.09
N ASP A 87 -14.92 1.69 -3.97
CA ASP A 87 -15.67 1.16 -5.12
C ASP A 87 -15.96 -0.33 -4.95
N GLY A 88 -15.30 -0.95 -3.99
CA GLY A 88 -15.33 -2.40 -3.87
C GLY A 88 -14.43 -3.04 -4.91
N THR A 89 -13.62 -2.20 -5.52
CA THR A 89 -12.59 -2.59 -6.46
C THR A 89 -11.44 -1.61 -6.31
N HIS A 90 -11.47 -0.91 -5.19
CA HIS A 90 -10.62 0.26 -4.98
C HIS A 90 -10.72 0.65 -3.50
N VAL A 91 -9.61 0.54 -2.77
CA VAL A 91 -9.62 0.77 -1.32
C VAL A 91 -8.69 1.92 -0.97
N GLU A 92 -8.78 2.41 0.26
CA GLU A 92 -7.79 3.35 0.77
C GLU A 92 -7.22 2.83 2.08
N ILE A 93 -5.92 2.62 2.10
CA ILE A 93 -5.22 2.09 3.27
C ILE A 93 -4.28 3.12 3.85
N THR A 94 -3.72 2.84 5.01
CA THR A 94 -2.76 3.72 5.62
C THR A 94 -1.83 2.93 6.55
N PRO A 95 -0.54 3.32 6.64
CA PRO A 95 0.03 4.44 5.88
C PRO A 95 0.26 4.11 4.41
N LYS A 96 0.76 5.08 3.66
CA LYS A 96 1.00 4.93 2.24
C LYS A 96 2.34 4.25 1.99
N PRO A 97 2.32 3.10 1.30
CA PRO A 97 3.53 2.35 0.98
C PRO A 97 4.30 2.93 -0.20
N VAL A 98 5.48 3.45 0.08
CA VAL A 98 6.39 3.92 -0.96
C VAL A 98 7.62 3.05 -1.00
N ALA A 99 8.08 2.75 -2.20
CA ALA A 99 9.24 1.89 -2.38
C ALA A 99 10.53 2.70 -2.34
N LEU A 100 11.48 2.22 -1.55
CA LEU A 100 12.78 2.88 -1.42
C LEU A 100 13.53 2.81 -2.75
N ASP A 101 13.24 1.77 -3.52
CA ASP A 101 13.85 1.60 -4.82
C ASP A 101 13.00 2.22 -5.93
N ASP A 102 12.19 3.19 -5.56
CA ASP A 102 11.42 3.94 -6.54
C ASP A 102 12.20 5.18 -6.98
N VAL A 103 12.46 5.28 -8.27
CA VAL A 103 13.30 6.35 -8.80
C VAL A 103 12.48 7.64 -9.01
N SER A 104 11.20 7.59 -8.73
CA SER A 104 10.32 8.72 -9.00
C SER A 104 10.18 9.62 -7.78
N LEU A 105 10.36 9.06 -6.59
CA LEU A 105 10.26 9.85 -5.37
C LEU A 105 11.55 10.59 -5.06
N SER A 106 11.44 11.58 -4.19
CA SER A 106 12.57 12.45 -3.84
C SER A 106 13.18 12.01 -2.50
N PRO A 107 14.38 12.53 -2.14
CA PRO A 107 15.09 12.19 -0.89
C PRO A 107 14.19 12.09 0.35
N GLU A 108 13.37 13.10 0.60
CA GLU A 108 12.49 13.10 1.77
C GLU A 108 11.46 11.98 1.68
N GLN A 109 10.95 11.76 0.48
CA GLN A 109 9.98 10.68 0.26
C GLN A 109 10.60 9.32 0.52
N ARG A 110 11.92 9.21 0.30
CA ARG A 110 12.65 7.99 0.60
C ARG A 110 12.62 7.69 2.11
N ALA A 111 12.52 8.75 2.90
CA ALA A 111 12.48 8.60 4.35
C ALA A 111 11.11 8.09 4.79
N TYR A 112 10.11 8.24 3.93
CA TYR A 112 8.78 7.74 4.20
C TYR A 112 8.57 6.38 3.55
N ALA A 113 9.59 5.92 2.83
CA ALA A 113 9.52 4.64 2.15
C ALA A 113 9.63 3.50 3.16
N ASN A 114 8.51 2.84 3.41
CA ASN A 114 8.46 1.75 4.38
C ASN A 114 8.56 0.40 3.69
N VAL A 115 8.31 0.37 2.39
CA VAL A 115 8.35 -0.87 1.64
C VAL A 115 9.46 -0.82 0.60
N ASN A 116 9.93 -1.99 0.19
CA ASN A 116 11.03 -2.10 -0.75
C ASN A 116 10.56 -1.93 -2.18
N THR A 117 9.35 -2.39 -2.45
CA THR A 117 8.83 -2.39 -3.82
C THR A 117 7.37 -1.98 -3.84
N SER A 118 6.93 -1.43 -4.96
CA SER A 118 5.55 -1.03 -5.12
C SER A 118 4.70 -2.20 -5.62
N LEU A 119 3.39 -2.02 -5.62
CA LEU A 119 2.48 -3.09 -5.99
C LEU A 119 2.56 -3.36 -7.48
N ALA A 120 3.02 -4.55 -7.84
CA ALA A 120 3.20 -4.92 -9.24
C ALA A 120 1.88 -5.34 -9.88
N ASP A 121 1.95 -5.72 -11.16
CA ASP A 121 0.74 -6.04 -11.93
C ASP A 121 0.21 -7.43 -11.62
N ALA A 122 0.98 -8.22 -10.89
CA ALA A 122 0.57 -9.57 -10.56
C ALA A 122 0.90 -9.91 -9.11
N MET A 123 0.16 -9.33 -8.18
CA MET A 123 0.34 -9.59 -6.77
C MET A 123 -0.97 -10.03 -6.12
N ALA A 124 -0.85 -10.92 -5.14
CA ALA A 124 -2.01 -11.42 -4.43
C ALA A 124 -2.27 -10.60 -3.16
N VAL A 125 -3.54 -10.33 -2.90
CA VAL A 125 -3.94 -9.57 -1.73
C VAL A 125 -4.90 -10.39 -0.87
N ASN A 126 -4.51 -10.64 0.37
CA ASN A 126 -5.29 -11.49 1.26
C ASN A 126 -5.38 -10.87 2.65
N ILE A 127 -6.53 -11.04 3.29
CA ILE A 127 -6.71 -10.62 4.67
C ILE A 127 -6.24 -11.72 5.61
N LEU A 128 -5.29 -11.38 6.46
CA LEU A 128 -4.75 -12.32 7.40
C LEU A 128 -5.68 -12.49 8.59
N ASN A 129 -6.04 -13.73 8.89
CA ASN A 129 -6.82 -14.02 10.07
C ASN A 129 -5.88 -14.06 11.28
N VAL A 130 -5.66 -12.90 11.87
CA VAL A 130 -4.70 -12.75 12.97
C VAL A 130 -5.02 -13.68 14.14
N GLY A 7 -15.37 -13.63 2.06
CA GLY A 7 -14.69 -14.07 0.82
C GLY A 7 -14.67 -15.58 0.67
N SER A 8 -15.80 -16.22 0.98
CA SER A 8 -15.91 -17.68 0.96
C SER A 8 -15.00 -18.32 2.00
N THR A 9 -13.72 -18.45 1.66
CA THR A 9 -12.72 -18.98 2.57
C THR A 9 -11.62 -17.95 2.78
N ALA A 10 -10.88 -17.68 1.72
CA ALA A 10 -9.87 -16.64 1.72
C ALA A 10 -10.08 -15.71 0.53
N THR A 11 -9.47 -14.54 0.57
CA THR A 11 -9.63 -13.56 -0.50
C THR A 11 -9.13 -14.12 -1.84
N GLY A 12 -7.83 -14.38 -1.93
CA GLY A 12 -7.26 -14.86 -3.18
C GLY A 12 -7.50 -13.89 -4.31
N ILE A 13 -7.39 -12.60 -4.01
CA ILE A 13 -7.62 -11.55 -4.99
C ILE A 13 -6.30 -10.99 -5.49
N THR A 14 -6.26 -10.59 -6.76
CA THR A 14 -5.05 -10.03 -7.34
C THR A 14 -5.20 -8.54 -7.57
N VAL A 15 -4.06 -7.87 -7.61
CA VAL A 15 -3.99 -6.43 -7.90
C VAL A 15 -4.52 -6.14 -9.31
N SER A 16 -5.05 -4.95 -9.51
CA SER A 16 -5.54 -4.54 -10.82
C SER A 16 -4.56 -3.56 -11.46
N GLY A 17 -3.52 -4.09 -12.08
CA GLY A 17 -2.53 -3.25 -12.72
C GLY A 17 -1.47 -2.78 -11.74
N ALA A 18 -0.36 -2.27 -12.26
CA ALA A 18 0.71 -1.76 -11.43
C ALA A 18 0.29 -0.46 -10.75
N GLN A 19 0.48 -0.39 -9.45
CA GLN A 19 0.10 0.78 -8.67
C GLN A 19 1.29 1.33 -7.91
N SER A 20 1.55 2.62 -8.09
CA SER A 20 2.63 3.28 -7.39
C SER A 20 2.11 4.52 -6.67
N PHE A 21 2.48 4.66 -5.42
CA PHE A 21 2.04 5.79 -4.61
C PHE A 21 3.22 6.69 -4.30
N LYS A 22 3.00 7.99 -4.29
CA LYS A 22 4.05 8.95 -4.03
C LYS A 22 3.59 10.01 -3.03
N PRO A 23 4.43 10.29 -2.02
CA PRO A 23 4.17 11.35 -1.07
C PRO A 23 4.74 12.68 -1.56
N VAL A 24 4.13 13.77 -1.15
CA VAL A 24 4.66 15.09 -1.49
C VAL A 24 5.72 15.48 -0.46
N ALA A 25 6.93 15.01 -0.68
CA ALA A 25 8.03 15.27 0.24
C ALA A 25 8.89 16.40 -0.30
N TRP A 26 8.43 17.62 -0.08
CA TRP A 26 9.14 18.80 -0.54
C TRP A 26 9.02 19.90 0.50
N GLN A 27 9.95 20.83 0.50
CA GLN A 27 9.90 21.95 1.41
C GLN A 27 9.05 23.06 0.82
N LEU A 28 7.81 23.17 1.31
CA LEU A 28 6.91 24.20 0.85
C LEU A 28 6.96 25.39 1.79
N ASP A 29 8.02 26.18 1.69
CA ASP A 29 8.19 27.35 2.54
C ASP A 29 7.57 28.58 1.89
N ASN A 30 7.84 28.77 0.62
CA ASN A 30 7.28 29.90 -0.12
C ASN A 30 5.92 29.51 -0.71
N ASP A 31 5.82 28.27 -1.16
CA ASP A 31 4.60 27.78 -1.77
C ASP A 31 3.89 26.80 -0.85
N GLY A 32 2.84 26.18 -1.36
CA GLY A 32 2.10 25.19 -0.59
C GLY A 32 1.48 24.15 -1.49
N ASN A 33 0.72 23.24 -0.92
CA ASN A 33 0.07 22.20 -1.71
C ASN A 33 -1.39 22.07 -1.30
N LYS A 34 -2.28 22.08 -2.28
CA LYS A 34 -3.71 21.97 -2.03
C LYS A 34 -4.32 20.82 -2.84
N VAL A 35 -3.53 20.26 -3.75
CA VAL A 35 -4.00 19.15 -4.56
C VAL A 35 -4.08 17.87 -3.74
N ASN A 36 -4.81 16.90 -4.26
CA ASN A 36 -5.03 15.63 -3.56
C ASN A 36 -3.77 14.77 -3.59
N VAL A 37 -2.88 15.00 -2.64
CA VAL A 37 -1.65 14.25 -2.53
C VAL A 37 -1.26 14.10 -1.05
N ASP A 38 -2.08 13.37 -0.32
CA ASP A 38 -1.84 13.14 1.10
C ASP A 38 -0.79 12.04 1.28
N ASN A 39 0.01 12.18 2.31
CA ASN A 39 1.09 11.24 2.58
C ASN A 39 0.64 10.15 3.55
N ARG A 40 -0.63 10.16 3.90
CA ARG A 40 -1.12 9.30 4.98
C ARG A 40 -1.75 8.01 4.44
N PHE A 41 -2.69 8.16 3.52
CA PHE A 41 -3.46 7.03 3.03
C PHE A 41 -3.09 6.69 1.60
N ALA A 42 -3.62 5.57 1.11
CA ALA A 42 -3.41 5.16 -0.27
C ALA A 42 -4.63 4.43 -0.81
N THR A 43 -5.05 4.81 -2.00
CA THR A 43 -6.17 4.16 -2.66
C THR A 43 -5.69 3.02 -3.56
N VAL A 44 -5.89 1.79 -3.09
CA VAL A 44 -5.37 0.61 -3.77
C VAL A 44 -6.34 0.13 -4.86
N THR A 45 -5.88 0.15 -6.10
CA THR A 45 -6.66 -0.35 -7.21
C THR A 45 -6.44 -1.85 -7.39
N LEU A 46 -7.41 -2.64 -6.99
CA LEU A 46 -7.31 -4.09 -7.04
C LEU A 46 -8.43 -4.67 -7.89
N SER A 47 -8.31 -5.92 -8.31
CA SER A 47 -9.32 -6.52 -9.17
C SER A 47 -10.67 -6.50 -8.47
N ALA A 48 -10.68 -7.01 -7.24
CA ALA A 48 -11.88 -6.99 -6.41
C ALA A 48 -11.50 -6.61 -5.00
N THR A 49 -12.21 -5.68 -4.41
CA THR A 49 -11.96 -5.35 -3.02
C THR A 49 -13.27 -5.46 -2.24
N THR A 50 -14.22 -6.16 -2.85
CA THR A 50 -15.49 -6.45 -2.23
C THR A 50 -15.36 -7.66 -1.31
N GLY A 51 -16.13 -7.68 -0.24
CA GLY A 51 -16.03 -8.74 0.74
C GLY A 51 -15.13 -8.33 1.87
N MET A 52 -14.62 -7.12 1.77
CA MET A 52 -13.81 -6.53 2.82
C MET A 52 -14.53 -5.31 3.36
N LYS A 53 -14.19 -4.90 4.57
CA LYS A 53 -14.84 -3.76 5.18
C LYS A 53 -13.82 -2.92 5.93
N ARG A 54 -14.25 -1.77 6.41
CA ARG A 54 -13.39 -0.89 7.19
C ARG A 54 -12.89 -1.61 8.44
N GLY A 55 -11.57 -1.71 8.57
CA GLY A 55 -10.98 -2.32 9.74
C GLY A 55 -10.50 -3.73 9.50
N ASP A 56 -10.29 -4.10 8.24
CA ASP A 56 -9.78 -5.43 7.93
C ASP A 56 -8.29 -5.37 7.63
N LYS A 57 -7.61 -6.48 7.88
CA LYS A 57 -6.18 -6.56 7.65
C LYS A 57 -5.92 -7.16 6.28
N ILE A 58 -5.31 -6.39 5.39
CA ILE A 58 -4.95 -6.90 4.09
C ILE A 58 -3.45 -6.91 3.93
N SER A 59 -2.95 -7.96 3.33
CA SER A 59 -1.53 -8.13 3.13
C SER A 59 -1.23 -8.34 1.66
N PHE A 60 -0.27 -7.61 1.14
CA PHE A 60 0.13 -7.72 -0.25
C PHE A 60 1.36 -8.59 -0.36
N ALA A 61 1.20 -9.76 -0.96
CA ALA A 61 2.27 -10.74 -1.07
C ALA A 61 3.43 -10.20 -1.90
N GLY A 62 4.57 -10.04 -1.25
CA GLY A 62 5.75 -9.52 -1.91
C GLY A 62 6.14 -8.16 -1.40
N VAL A 63 5.14 -7.36 -1.04
CA VAL A 63 5.37 -6.04 -0.50
C VAL A 63 5.69 -6.15 0.99
N LYS A 64 6.61 -5.34 1.48
CA LYS A 64 6.97 -5.37 2.90
C LYS A 64 7.70 -4.10 3.32
N PHE A 65 7.57 -3.75 4.59
CA PHE A 65 8.10 -2.50 5.13
C PHE A 65 9.58 -2.60 5.43
N LEU A 66 10.25 -1.46 5.39
CA LEU A 66 11.67 -1.39 5.72
C LEU A 66 11.88 -1.56 7.21
N GLY A 67 13.08 -2.00 7.59
CA GLY A 67 13.37 -2.24 8.99
C GLY A 67 13.07 -3.68 9.39
N GLN A 68 11.97 -4.20 8.85
CA GLN A 68 11.56 -5.57 9.13
C GLN A 68 12.35 -6.55 8.27
N MET A 69 13.28 -6.01 7.49
CA MET A 69 14.11 -6.83 6.61
C MET A 69 15.59 -6.61 6.91
N ALA A 70 15.87 -6.05 8.07
CA ALA A 70 17.25 -5.75 8.47
C ALA A 70 18.10 -7.02 8.45
N LYS A 71 17.65 -8.02 9.19
CA LYS A 71 18.29 -9.33 9.19
C LYS A 71 17.21 -10.40 9.24
N ASN A 72 16.22 -10.25 8.38
CA ASN A 72 15.09 -11.15 8.37
C ASN A 72 14.93 -11.81 7.00
N VAL A 73 15.24 -13.08 6.94
CA VAL A 73 15.01 -13.86 5.74
C VAL A 73 13.55 -14.28 5.71
N LEU A 74 12.99 -14.44 6.90
CA LEU A 74 11.59 -14.80 7.05
C LEU A 74 10.78 -13.55 7.38
N ALA A 75 10.89 -12.54 6.54
CA ALA A 75 10.18 -11.29 6.74
C ALA A 75 8.73 -11.41 6.32
N GLN A 76 7.84 -10.73 7.03
CA GLN A 76 6.42 -10.79 6.75
C GLN A 76 6.07 -9.95 5.52
N ASP A 77 4.82 -10.04 5.09
CA ASP A 77 4.32 -9.20 4.03
C ASP A 77 3.68 -7.95 4.61
N ALA A 78 3.50 -6.94 3.77
CA ALA A 78 2.98 -5.66 4.21
C ALA A 78 1.52 -5.76 4.64
N THR A 79 1.30 -5.76 5.94
CA THR A 79 -0.02 -5.83 6.51
C THR A 79 -0.59 -4.43 6.71
N PHE A 80 -1.54 -4.05 5.87
CA PHE A 80 -2.15 -2.73 5.94
C PHE A 80 -3.54 -2.80 6.53
N SER A 81 -3.93 -1.74 7.20
CA SER A 81 -5.27 -1.62 7.75
C SER A 81 -6.15 -0.83 6.80
N VAL A 82 -7.22 -1.46 6.32
CA VAL A 82 -8.15 -0.80 5.41
C VAL A 82 -9.08 0.14 6.19
N VAL A 83 -9.19 1.36 5.73
CA VAL A 83 -10.01 2.36 6.40
C VAL A 83 -11.41 2.38 5.81
N ARG A 84 -11.51 2.02 4.53
CA ARG A 84 -12.79 2.03 3.82
C ARG A 84 -12.63 1.41 2.42
N VAL A 85 -13.63 0.63 2.02
CA VAL A 85 -13.71 0.15 0.64
C VAL A 85 -14.49 1.16 -0.19
N VAL A 86 -13.78 1.85 -1.08
CA VAL A 86 -14.35 2.96 -1.82
C VAL A 86 -15.23 2.49 -2.99
N ASP A 87 -14.64 1.74 -3.91
CA ASP A 87 -15.35 1.33 -5.11
C ASP A 87 -15.67 -0.16 -5.12
N GLY A 88 -15.10 -0.88 -4.17
CA GLY A 88 -15.15 -2.33 -4.18
C GLY A 88 -14.18 -2.88 -5.21
N THR A 89 -13.32 -1.99 -5.70
CA THR A 89 -12.22 -2.33 -6.58
C THR A 89 -11.07 -1.39 -6.26
N HIS A 90 -11.21 -0.72 -5.12
CA HIS A 90 -10.38 0.41 -4.75
C HIS A 90 -10.56 0.69 -3.26
N VAL A 91 -9.51 0.52 -2.48
CA VAL A 91 -9.61 0.69 -1.03
C VAL A 91 -8.71 1.81 -0.56
N GLU A 92 -8.95 2.32 0.64
CA GLU A 92 -8.04 3.28 1.24
C GLU A 92 -7.36 2.66 2.45
N ILE A 93 -6.03 2.61 2.41
CA ILE A 93 -5.25 2.03 3.49
C ILE A 93 -4.26 3.04 4.05
N THR A 94 -3.54 2.62 5.08
CA THR A 94 -2.48 3.41 5.66
C THR A 94 -1.48 2.47 6.33
N PRO A 95 -0.18 2.78 6.32
CA PRO A 95 0.37 3.98 5.67
C PRO A 95 0.37 3.89 4.14
N LYS A 96 0.85 4.94 3.51
CA LYS A 96 0.91 5.01 2.05
C LYS A 96 2.10 4.20 1.54
N PRO A 97 1.84 3.10 0.81
CA PRO A 97 2.91 2.26 0.26
C PRO A 97 3.77 3.00 -0.75
N VAL A 98 4.99 3.32 -0.36
CA VAL A 98 5.94 3.97 -1.23
C VAL A 98 7.21 3.13 -1.29
N ALA A 99 7.64 2.78 -2.49
CA ALA A 99 8.77 1.88 -2.66
C ALA A 99 10.10 2.61 -2.57
N LEU A 100 11.03 1.98 -1.87
CA LEU A 100 12.38 2.49 -1.70
C LEU A 100 13.19 2.23 -2.97
N ASP A 101 12.79 1.22 -3.72
CA ASP A 101 13.46 0.86 -4.97
C ASP A 101 12.88 1.61 -6.15
N ASP A 102 11.96 2.52 -5.87
CA ASP A 102 11.32 3.30 -6.92
C ASP A 102 12.29 4.37 -7.44
N VAL A 103 12.58 4.28 -8.74
CA VAL A 103 13.50 5.23 -9.38
C VAL A 103 12.78 6.51 -9.81
N SER A 104 11.46 6.46 -9.84
CA SER A 104 10.67 7.57 -10.35
C SER A 104 10.57 8.70 -9.33
N LEU A 105 10.75 8.37 -8.06
CA LEU A 105 10.68 9.37 -7.01
C LEU A 105 12.02 10.07 -6.78
N SER A 106 11.96 11.19 -6.09
CA SER A 106 13.14 11.98 -5.79
C SER A 106 13.74 11.57 -4.44
N PRO A 107 15.03 11.87 -4.20
CA PRO A 107 15.76 11.50 -2.97
C PRO A 107 14.95 11.68 -1.68
N GLU A 108 14.35 12.85 -1.49
CA GLU A 108 13.60 13.12 -0.27
C GLU A 108 12.37 12.22 -0.16
N GLN A 109 11.83 11.82 -1.29
CA GLN A 109 10.63 10.99 -1.31
C GLN A 109 10.95 9.57 -0.84
N ARG A 110 12.11 9.04 -1.23
CA ARG A 110 12.51 7.71 -0.77
C ARG A 110 12.94 7.77 0.69
N ALA A 111 13.28 8.97 1.15
CA ALA A 111 13.56 9.19 2.57
C ALA A 111 12.27 9.04 3.38
N TYR A 112 11.14 9.13 2.69
CA TYR A 112 9.84 8.91 3.33
C TYR A 112 9.17 7.63 2.79
N ALA A 113 9.95 6.82 2.07
CA ALA A 113 9.46 5.53 1.58
C ALA A 113 9.05 4.62 2.73
N ASN A 114 8.13 3.72 2.47
CA ASN A 114 7.59 2.85 3.51
C ASN A 114 7.86 1.38 3.22
N VAL A 115 7.94 1.03 1.94
CA VAL A 115 8.20 -0.36 1.56
C VAL A 115 9.28 -0.44 0.50
N ASN A 116 9.74 -1.64 0.21
CA ASN A 116 10.84 -1.81 -0.75
C ASN A 116 10.33 -1.83 -2.19
N THR A 117 9.35 -2.66 -2.45
CA THR A 117 8.85 -2.84 -3.81
C THR A 117 7.48 -2.19 -3.98
N SER A 118 7.23 -1.67 -5.16
CA SER A 118 5.97 -1.05 -5.48
C SER A 118 4.93 -2.12 -5.81
N LEU A 119 3.65 -1.78 -5.69
CA LEU A 119 2.61 -2.74 -5.95
C LEU A 119 2.57 -3.07 -7.44
N ALA A 120 3.13 -4.21 -7.78
CA ALA A 120 3.23 -4.64 -9.17
C ALA A 120 1.93 -5.27 -9.63
N ASP A 121 1.79 -5.44 -10.94
CA ASP A 121 0.54 -5.90 -11.55
C ASP A 121 0.34 -7.41 -11.38
N ALA A 122 0.94 -7.98 -10.36
CA ALA A 122 0.76 -9.40 -10.06
C ALA A 122 0.87 -9.66 -8.57
N MET A 123 0.48 -8.68 -7.77
CA MET A 123 0.53 -8.81 -6.32
C MET A 123 -0.77 -9.43 -5.80
N ALA A 124 -0.65 -10.35 -4.87
CA ALA A 124 -1.81 -11.01 -4.30
C ALA A 124 -2.25 -10.33 -3.01
N VAL A 125 -3.55 -10.23 -2.81
CA VAL A 125 -4.13 -9.59 -1.64
C VAL A 125 -4.77 -10.63 -0.73
N ASN A 126 -4.25 -10.77 0.48
CA ASN A 126 -4.76 -11.77 1.43
C ASN A 126 -5.09 -11.13 2.78
N ILE A 127 -6.19 -11.57 3.37
CA ILE A 127 -6.61 -11.08 4.68
C ILE A 127 -6.19 -12.04 5.78
N LEU A 128 -5.58 -11.49 6.83
CA LEU A 128 -5.19 -12.27 7.99
C LEU A 128 -6.23 -12.14 9.09
N ASN A 129 -6.43 -13.22 9.84
CA ASN A 129 -7.37 -13.21 10.96
C ASN A 129 -6.62 -13.04 12.26
N VAL A 130 -6.73 -11.84 12.84
CA VAL A 130 -6.04 -11.49 14.09
C VAL A 130 -4.53 -11.42 13.85
N GLY A 7 -12.20 -19.73 2.05
CA GLY A 7 -11.73 -18.89 3.18
C GLY A 7 -12.27 -17.49 3.11
N SER A 8 -12.47 -16.88 4.27
CA SER A 8 -12.99 -15.52 4.32
C SER A 8 -11.85 -14.51 4.23
N THR A 9 -10.78 -14.73 4.99
CA THR A 9 -9.64 -13.83 4.98
C THR A 9 -8.75 -14.14 3.78
N ALA A 10 -8.74 -15.41 3.37
CA ALA A 10 -8.06 -15.81 2.16
C ALA A 10 -8.94 -15.49 0.95
N THR A 11 -8.96 -14.21 0.59
CA THR A 11 -9.82 -13.70 -0.45
C THR A 11 -9.43 -14.23 -1.83
N GLY A 12 -8.14 -14.46 -2.01
CA GLY A 12 -7.63 -14.95 -3.28
C GLY A 12 -7.72 -13.91 -4.37
N ILE A 13 -7.60 -12.65 -3.99
CA ILE A 13 -7.77 -11.56 -4.92
C ILE A 13 -6.42 -11.03 -5.40
N THR A 14 -6.35 -10.63 -6.65
CA THR A 14 -5.12 -10.11 -7.22
C THR A 14 -5.16 -8.59 -7.40
N VAL A 15 -4.01 -8.01 -7.65
CA VAL A 15 -3.90 -6.59 -7.96
C VAL A 15 -4.44 -6.33 -9.36
N SER A 16 -4.96 -5.14 -9.59
CA SER A 16 -5.50 -4.79 -10.90
C SER A 16 -4.70 -3.65 -11.50
N GLY A 17 -3.45 -3.93 -11.84
CA GLY A 17 -2.58 -2.93 -12.39
C GLY A 17 -1.56 -2.44 -11.37
N ALA A 18 -0.35 -2.19 -11.83
CA ALA A 18 0.71 -1.70 -10.95
C ALA A 18 0.41 -0.27 -10.51
N GLN A 19 0.45 -0.05 -9.20
CA GLN A 19 0.17 1.25 -8.63
C GLN A 19 1.35 1.72 -7.79
N SER A 20 1.83 2.90 -8.09
CA SER A 20 2.95 3.48 -7.35
C SER A 20 2.47 4.68 -6.54
N PHE A 21 2.31 4.48 -5.24
CA PHE A 21 1.78 5.52 -4.37
C PHE A 21 2.87 6.49 -3.98
N LYS A 22 2.48 7.73 -3.70
CA LYS A 22 3.43 8.77 -3.34
C LYS A 22 2.84 9.74 -2.31
N PRO A 23 3.54 9.96 -1.20
CA PRO A 23 3.21 11.02 -0.25
C PRO A 23 3.87 12.33 -0.67
N VAL A 24 3.59 13.39 0.06
CA VAL A 24 4.17 14.68 -0.28
C VAL A 24 5.13 15.17 0.80
N ALA A 25 6.36 15.44 0.40
CA ALA A 25 7.36 15.98 1.31
C ALA A 25 7.04 17.43 1.63
N TRP A 26 7.38 17.87 2.83
CA TRP A 26 7.19 19.26 3.21
C TRP A 26 8.33 20.11 2.67
N GLN A 27 8.13 20.65 1.49
CA GLN A 27 9.12 21.47 0.84
C GLN A 27 8.43 22.54 -0.01
N LEU A 28 8.62 23.79 0.38
CA LEU A 28 8.03 24.94 -0.29
C LEU A 28 6.51 24.97 -0.08
N ASP A 29 6.09 25.72 0.93
CA ASP A 29 4.69 25.80 1.32
C ASP A 29 3.87 26.55 0.28
N ASN A 30 4.52 27.38 -0.53
CA ASN A 30 3.81 28.18 -1.51
C ASN A 30 3.35 27.34 -2.69
N ASP A 31 4.10 26.28 -2.98
CA ASP A 31 3.73 25.37 -4.05
C ASP A 31 4.26 23.97 -3.77
N GLY A 32 3.41 23.15 -3.19
CA GLY A 32 3.77 21.77 -2.89
C GLY A 32 2.54 20.93 -2.66
N ASN A 33 1.99 20.40 -3.76
CA ASN A 33 0.75 19.62 -3.72
C ASN A 33 -0.38 20.46 -3.14
N LYS A 34 -0.85 21.41 -3.94
CA LYS A 34 -1.89 22.33 -3.51
C LYS A 34 -3.27 21.70 -3.64
N VAL A 35 -3.38 20.73 -4.56
CA VAL A 35 -4.64 20.04 -4.79
C VAL A 35 -5.07 19.25 -3.55
N ASN A 36 -6.36 19.06 -3.40
CA ASN A 36 -6.90 18.34 -2.26
C ASN A 36 -6.79 16.85 -2.48
N VAL A 37 -5.85 16.24 -1.80
CA VAL A 37 -5.65 14.80 -1.86
C VAL A 37 -4.85 14.34 -0.64
N ASP A 38 -5.41 13.39 0.09
CA ASP A 38 -4.76 12.86 1.28
C ASP A 38 -3.51 12.09 0.91
N ASN A 39 -2.38 12.46 1.50
CA ASN A 39 -1.13 11.81 1.20
C ASN A 39 -0.87 10.68 2.19
N ARG A 40 -1.61 10.68 3.29
CA ARG A 40 -1.45 9.67 4.33
C ARG A 40 -2.19 8.39 3.98
N PHE A 41 -3.09 8.47 3.00
CA PHE A 41 -3.89 7.33 2.60
C PHE A 41 -3.54 6.90 1.18
N ALA A 42 -3.50 5.60 0.97
CA ALA A 42 -3.21 5.05 -0.35
C ALA A 42 -4.46 4.40 -0.93
N THR A 43 -4.73 4.66 -2.20
CA THR A 43 -5.93 4.14 -2.84
C THR A 43 -5.58 2.95 -3.75
N VAL A 44 -5.81 1.74 -3.24
CA VAL A 44 -5.35 0.52 -3.91
C VAL A 44 -6.31 0.05 -4.99
N THR A 45 -5.79 -0.10 -6.20
CA THR A 45 -6.57 -0.63 -7.30
C THR A 45 -6.39 -2.14 -7.42
N LEU A 46 -7.41 -2.88 -7.02
CA LEU A 46 -7.33 -4.33 -7.00
C LEU A 46 -8.46 -4.91 -7.85
N SER A 47 -8.35 -6.18 -8.21
CA SER A 47 -9.36 -6.82 -9.02
C SER A 47 -10.73 -6.73 -8.34
N ALA A 48 -10.77 -7.18 -7.09
CA ALA A 48 -11.97 -7.09 -6.30
C ALA A 48 -11.60 -6.64 -4.89
N THR A 49 -12.33 -5.69 -4.36
CA THR A 49 -12.12 -5.28 -2.98
C THR A 49 -13.45 -5.32 -2.25
N THR A 50 -14.38 -6.04 -2.87
CA THR A 50 -15.70 -6.27 -2.31
C THR A 50 -15.62 -7.40 -1.29
N GLY A 51 -16.50 -7.36 -0.28
CA GLY A 51 -16.52 -8.40 0.72
C GLY A 51 -15.64 -8.06 1.90
N MET A 52 -14.96 -6.92 1.80
CA MET A 52 -14.14 -6.43 2.88
C MET A 52 -14.81 -5.21 3.50
N LYS A 53 -14.41 -4.87 4.70
CA LYS A 53 -15.00 -3.74 5.41
C LYS A 53 -13.88 -2.88 5.97
N ARG A 54 -14.24 -1.75 6.57
CA ARG A 54 -13.25 -0.87 7.17
C ARG A 54 -12.59 -1.57 8.37
N GLY A 55 -11.28 -1.44 8.47
CA GLY A 55 -10.56 -2.01 9.58
C GLY A 55 -10.03 -3.41 9.30
N ASP A 56 -10.15 -3.87 8.06
CA ASP A 56 -9.65 -5.19 7.73
C ASP A 56 -8.17 -5.13 7.40
N LYS A 57 -7.43 -6.15 7.81
CA LYS A 57 -6.01 -6.18 7.59
C LYS A 57 -5.71 -6.81 6.24
N ILE A 58 -5.15 -6.05 5.32
CA ILE A 58 -4.79 -6.59 4.04
C ILE A 58 -3.29 -6.60 3.87
N SER A 59 -2.79 -7.67 3.31
CA SER A 59 -1.38 -7.86 3.10
C SER A 59 -1.13 -8.22 1.64
N PHE A 60 -0.18 -7.55 1.03
CA PHE A 60 0.11 -7.76 -0.38
C PHE A 60 1.35 -8.62 -0.55
N ALA A 61 1.13 -9.84 -1.05
CA ALA A 61 2.22 -10.78 -1.27
C ALA A 61 3.20 -10.24 -2.31
N GLY A 62 4.43 -10.01 -1.89
CA GLY A 62 5.43 -9.44 -2.77
C GLY A 62 5.82 -8.05 -2.33
N VAL A 63 5.07 -7.50 -1.40
CA VAL A 63 5.37 -6.21 -0.81
C VAL A 63 5.74 -6.41 0.65
N LYS A 64 6.81 -5.78 1.10
CA LYS A 64 7.26 -5.95 2.48
C LYS A 64 8.16 -4.80 2.91
N PHE A 65 8.33 -4.68 4.22
CA PHE A 65 9.06 -3.56 4.82
C PHE A 65 10.57 -3.79 4.77
N LEU A 66 11.32 -2.70 4.82
CA LEU A 66 12.78 -2.77 4.72
C LEU A 66 13.38 -3.13 6.07
N GLY A 67 14.54 -3.76 6.04
CA GLY A 67 15.24 -4.09 7.26
C GLY A 67 15.21 -5.57 7.57
N GLN A 68 14.01 -6.14 7.65
CA GLN A 68 13.85 -7.53 8.04
C GLN A 68 14.38 -8.48 6.97
N MET A 69 14.52 -8.00 5.74
CA MET A 69 14.97 -8.83 4.64
C MET A 69 16.47 -9.10 4.72
N ALA A 70 17.15 -8.37 5.59
CA ALA A 70 18.59 -8.51 5.74
C ALA A 70 18.98 -9.79 6.49
N LYS A 71 18.18 -10.16 7.48
CA LYS A 71 18.48 -11.33 8.28
C LYS A 71 17.36 -12.35 8.24
N ASN A 72 16.12 -11.87 8.28
CA ASN A 72 14.97 -12.76 8.33
C ASN A 72 14.61 -13.25 6.94
N VAL A 73 14.67 -14.56 6.75
CA VAL A 73 14.27 -15.18 5.50
C VAL A 73 12.74 -15.28 5.47
N LEU A 74 12.17 -15.39 6.66
CA LEU A 74 10.72 -15.40 6.81
C LEU A 74 10.20 -13.98 6.88
N ALA A 75 10.43 -13.22 5.82
CA ALA A 75 10.03 -11.83 5.77
C ALA A 75 8.56 -11.69 5.41
N GLN A 76 7.78 -11.19 6.36
CA GLN A 76 6.34 -11.06 6.18
C GLN A 76 6.01 -10.07 5.07
N ASP A 77 4.77 -10.11 4.60
CA ASP A 77 4.32 -9.18 3.59
C ASP A 77 3.61 -8.01 4.25
N ALA A 78 3.80 -6.83 3.67
CA ALA A 78 3.35 -5.57 4.26
C ALA A 78 1.87 -5.58 4.59
N THR A 79 1.56 -5.32 5.86
CA THR A 79 0.20 -5.29 6.34
C THR A 79 -0.30 -3.86 6.45
N PHE A 80 -1.44 -3.59 5.83
CA PHE A 80 -2.03 -2.26 5.87
C PHE A 80 -3.49 -2.34 6.32
N SER A 81 -3.95 -1.29 6.98
CA SER A 81 -5.31 -1.23 7.48
C SER A 81 -6.20 -0.47 6.49
N VAL A 82 -7.26 -1.14 6.04
CA VAL A 82 -8.20 -0.50 5.14
C VAL A 82 -9.09 0.48 5.92
N VAL A 83 -9.29 1.66 5.37
CA VAL A 83 -10.07 2.69 6.04
C VAL A 83 -11.49 2.71 5.50
N ARG A 84 -11.64 2.46 4.21
CA ARG A 84 -12.95 2.47 3.57
C ARG A 84 -12.89 1.78 2.21
N VAL A 85 -13.91 0.97 1.93
CA VAL A 85 -14.08 0.38 0.61
C VAL A 85 -14.81 1.39 -0.28
N VAL A 86 -14.09 1.94 -1.25
CA VAL A 86 -14.62 3.02 -2.08
C VAL A 86 -15.64 2.50 -3.09
N ASP A 87 -15.22 1.59 -3.95
CA ASP A 87 -16.11 1.05 -4.98
C ASP A 87 -16.26 -0.47 -4.84
N GLY A 88 -15.39 -1.06 -4.05
CA GLY A 88 -15.28 -2.50 -4.00
C GLY A 88 -14.41 -3.02 -5.13
N THR A 89 -13.67 -2.12 -5.74
CA THR A 89 -12.64 -2.44 -6.72
C THR A 89 -11.46 -1.50 -6.51
N HIS A 90 -11.50 -0.81 -5.37
CA HIS A 90 -10.59 0.28 -5.06
C HIS A 90 -10.74 0.63 -3.58
N VAL A 91 -9.66 0.55 -2.81
CA VAL A 91 -9.73 0.78 -1.37
C VAL A 91 -8.84 1.94 -0.97
N GLU A 92 -9.07 2.48 0.22
CA GLU A 92 -8.17 3.45 0.80
C GLU A 92 -7.56 2.89 2.09
N ILE A 93 -6.24 2.84 2.13
CA ILE A 93 -5.53 2.26 3.26
C ILE A 93 -4.57 3.25 3.89
N THR A 94 -4.03 2.88 5.04
CA THR A 94 -2.98 3.65 5.68
C THR A 94 -2.14 2.70 6.55
N PRO A 95 -0.82 2.92 6.65
CA PRO A 95 -0.11 4.00 5.94
C PRO A 95 0.02 3.74 4.44
N LYS A 96 0.63 4.68 3.74
CA LYS A 96 0.82 4.59 2.30
C LYS A 96 2.11 3.85 1.96
N PRO A 97 2.01 2.72 1.25
CA PRO A 97 3.17 1.95 0.81
C PRO A 97 3.99 2.67 -0.27
N VAL A 98 5.22 3.00 0.07
CA VAL A 98 6.14 3.63 -0.86
C VAL A 98 7.42 2.83 -0.97
N ALA A 99 7.84 2.58 -2.20
CA ALA A 99 9.04 1.81 -2.46
C ALA A 99 10.29 2.64 -2.27
N LEU A 100 11.22 2.09 -1.51
CA LEU A 100 12.50 2.73 -1.26
C LEU A 100 13.34 2.75 -2.54
N ASP A 101 13.10 1.78 -3.40
CA ASP A 101 13.81 1.71 -4.68
C ASP A 101 12.96 2.26 -5.82
N ASP A 102 12.04 3.15 -5.48
CA ASP A 102 11.21 3.81 -6.49
C ASP A 102 12.01 4.92 -7.18
N VAL A 103 12.11 4.84 -8.49
CA VAL A 103 12.91 5.79 -9.26
C VAL A 103 12.14 7.08 -9.57
N SER A 104 10.93 7.19 -9.06
CA SER A 104 10.06 8.32 -9.37
C SER A 104 9.89 9.24 -8.16
N LEU A 105 10.80 9.13 -7.19
CA LEU A 105 10.72 9.96 -6.00
C LEU A 105 12.05 10.67 -5.73
N SER A 106 12.01 11.62 -4.80
CA SER A 106 13.17 12.43 -4.45
C SER A 106 13.76 11.95 -3.10
N PRO A 107 14.96 12.44 -2.72
CA PRO A 107 15.63 12.04 -1.45
C PRO A 107 14.71 12.07 -0.23
N GLU A 108 13.98 13.17 -0.05
CA GLU A 108 13.05 13.29 1.08
C GLU A 108 11.91 12.28 0.95
N GLN A 109 11.52 12.02 -0.28
CA GLN A 109 10.41 11.11 -0.56
C GLN A 109 10.76 9.67 -0.18
N ARG A 110 11.99 9.24 -0.50
CA ARG A 110 12.42 7.88 -0.16
C ARG A 110 12.66 7.74 1.33
N ALA A 111 12.78 8.87 2.01
CA ALA A 111 12.89 8.86 3.47
C ALA A 111 11.55 8.42 4.08
N TYR A 112 10.47 8.71 3.37
CA TYR A 112 9.14 8.32 3.82
C TYR A 112 8.79 6.91 3.37
N ALA A 113 9.60 6.36 2.46
CA ALA A 113 9.37 5.02 1.92
C ALA A 113 9.38 3.98 3.02
N ASN A 114 8.52 2.98 2.89
CA ASN A 114 8.37 1.98 3.93
C ASN A 114 8.44 0.56 3.38
N VAL A 115 8.44 0.41 2.07
CA VAL A 115 8.58 -0.91 1.46
C VAL A 115 9.62 -0.90 0.35
N ASN A 116 9.92 -2.07 -0.21
CA ASN A 116 10.98 -2.17 -1.22
C ASN A 116 10.44 -1.85 -2.60
N THR A 117 9.29 -2.40 -2.93
CA THR A 117 8.67 -2.18 -4.22
C THR A 117 7.22 -1.75 -4.05
N SER A 118 6.76 -0.86 -4.92
CA SER A 118 5.38 -0.46 -4.96
C SER A 118 4.52 -1.64 -5.42
N LEU A 119 3.21 -1.51 -5.31
CA LEU A 119 2.34 -2.61 -5.67
C LEU A 119 2.36 -2.81 -7.18
N ALA A 120 3.08 -3.81 -7.62
CA ALA A 120 3.20 -4.09 -9.04
C ALA A 120 2.12 -5.06 -9.47
N ASP A 121 2.19 -5.51 -10.71
CA ASP A 121 1.22 -6.44 -11.24
C ASP A 121 1.44 -7.84 -10.66
N ALA A 122 0.39 -8.64 -10.71
CA ALA A 122 0.43 -10.03 -10.27
C ALA A 122 0.78 -10.16 -8.79
N MET A 123 0.25 -9.26 -7.98
CA MET A 123 0.44 -9.34 -6.54
C MET A 123 -0.85 -9.83 -5.89
N ALA A 124 -0.72 -10.80 -4.99
CA ALA A 124 -1.88 -11.38 -4.34
C ALA A 124 -2.26 -10.62 -3.08
N VAL A 125 -3.54 -10.41 -2.90
CA VAL A 125 -4.07 -9.74 -1.72
C VAL A 125 -4.66 -10.75 -0.76
N ASN A 126 -4.18 -10.75 0.48
CA ASN A 126 -4.64 -11.71 1.48
C ASN A 126 -4.83 -11.01 2.83
N ILE A 127 -5.95 -11.31 3.48
CA ILE A 127 -6.21 -10.77 4.81
C ILE A 127 -5.65 -11.70 5.87
N LEU A 128 -4.72 -11.18 6.66
CA LEU A 128 -4.07 -11.97 7.69
C LEU A 128 -4.90 -11.97 8.97
N ASN A 129 -4.98 -13.12 9.61
CA ASN A 129 -5.75 -13.28 10.82
C ASN A 129 -5.01 -14.17 11.81
N VAL A 130 -5.21 -13.93 13.09
CA VAL A 130 -4.51 -14.68 14.13
C VAL A 130 -5.35 -15.87 14.61
N GLY A 7 -17.09 -20.07 0.15
CA GLY A 7 -16.94 -19.18 1.34
C GLY A 7 -16.57 -17.76 0.94
N SER A 8 -16.43 -16.89 1.93
CA SER A 8 -16.10 -15.50 1.66
C SER A 8 -14.97 -15.03 2.59
N THR A 9 -14.20 -15.99 3.09
CA THR A 9 -13.08 -15.68 3.96
C THR A 9 -11.76 -15.78 3.18
N ALA A 10 -11.71 -16.67 2.20
CA ALA A 10 -10.53 -16.85 1.38
C ALA A 10 -10.42 -15.73 0.36
N THR A 11 -9.65 -14.71 0.70
CA THR A 11 -9.48 -13.55 -0.15
C THR A 11 -8.47 -13.82 -1.26
N GLY A 12 -8.92 -14.50 -2.30
CA GLY A 12 -8.09 -14.71 -3.47
C GLY A 12 -8.11 -13.50 -4.36
N ILE A 13 -7.52 -12.42 -3.88
CA ILE A 13 -7.54 -11.15 -4.57
C ILE A 13 -6.23 -10.91 -5.32
N THR A 14 -6.33 -10.26 -6.47
CA THR A 14 -5.15 -9.91 -7.25
C THR A 14 -5.17 -8.42 -7.61
N VAL A 15 -4.00 -7.90 -7.94
CA VAL A 15 -3.82 -6.48 -8.22
C VAL A 15 -4.16 -6.14 -9.67
N SER A 16 -4.59 -4.90 -9.90
CA SER A 16 -4.84 -4.42 -11.25
C SER A 16 -3.78 -3.39 -11.65
N GLY A 17 -2.63 -3.89 -12.09
CA GLY A 17 -1.56 -3.00 -12.53
C GLY A 17 -0.58 -2.70 -11.42
N ALA A 18 0.58 -2.15 -11.79
CA ALA A 18 1.59 -1.80 -10.81
C ALA A 18 1.31 -0.41 -10.25
N GLN A 19 1.00 -0.36 -8.96
CA GLN A 19 0.59 0.89 -8.32
C GLN A 19 1.54 1.24 -7.18
N SER A 20 2.04 2.46 -7.21
CA SER A 20 2.83 2.98 -6.09
C SER A 20 2.58 4.48 -5.94
N PHE A 21 1.77 4.82 -4.95
CA PHE A 21 1.40 6.20 -4.73
C PHE A 21 2.31 6.81 -3.68
N LYS A 22 2.56 8.10 -3.79
CA LYS A 22 3.44 8.79 -2.87
C LYS A 22 2.66 9.74 -1.97
N PRO A 23 3.09 9.91 -0.71
CA PRO A 23 2.51 10.88 0.20
C PRO A 23 3.07 12.28 -0.02
N VAL A 24 2.19 13.25 -0.14
CA VAL A 24 2.60 14.63 -0.37
C VAL A 24 3.00 15.29 0.94
N ALA A 25 4.28 15.26 1.24
CA ALA A 25 4.81 15.88 2.44
C ALA A 25 5.21 17.32 2.16
N TRP A 26 5.32 18.11 3.24
CA TRP A 26 5.65 19.53 3.16
C TRP A 26 4.50 20.34 2.59
N GLN A 27 4.09 21.37 3.32
CA GLN A 27 3.01 22.24 2.88
C GLN A 27 3.59 23.51 2.27
N LEU A 28 3.41 23.67 0.97
CA LEU A 28 3.87 24.87 0.29
C LEU A 28 2.68 25.72 -0.12
N ASP A 29 2.03 25.31 -1.20
CA ASP A 29 0.88 26.04 -1.74
C ASP A 29 -0.17 25.04 -2.18
N ASN A 30 -1.44 25.40 -1.98
CA ASN A 30 -2.55 24.49 -2.28
C ASN A 30 -2.68 24.25 -3.79
N ASP A 31 -1.94 25.03 -4.56
CA ASP A 31 -1.88 24.83 -6.00
C ASP A 31 -0.97 23.66 -6.34
N GLY A 32 0.03 23.45 -5.49
CA GLY A 32 0.95 22.34 -5.69
C GLY A 32 0.52 21.12 -4.89
N ASN A 33 0.54 21.25 -3.57
CA ASN A 33 0.11 20.16 -2.71
C ASN A 33 -1.40 20.22 -2.49
N LYS A 34 -2.14 19.90 -3.54
CA LYS A 34 -3.60 19.90 -3.50
C LYS A 34 -4.09 18.89 -2.47
N VAL A 35 -4.90 19.35 -1.53
CA VAL A 35 -5.34 18.52 -0.41
C VAL A 35 -6.54 17.67 -0.80
N ASN A 36 -7.14 18.02 -1.91
CA ASN A 36 -8.32 17.30 -2.40
C ASN A 36 -7.89 16.04 -3.16
N VAL A 37 -7.35 15.08 -2.43
CA VAL A 37 -6.88 13.84 -3.00
C VAL A 37 -6.37 12.93 -1.89
N ASP A 38 -6.35 11.62 -2.16
CA ASP A 38 -5.85 10.65 -1.20
C ASP A 38 -4.33 10.68 -1.20
N ASN A 39 -3.76 11.70 -0.57
CA ASN A 39 -2.33 11.88 -0.56
C ASN A 39 -1.69 11.22 0.67
N ARG A 40 -2.47 11.08 1.73
CA ARG A 40 -1.99 10.45 2.96
C ARG A 40 -2.35 8.98 2.96
N PHE A 41 -3.61 8.70 2.70
CA PHE A 41 -4.09 7.32 2.60
C PHE A 41 -3.87 6.81 1.20
N ALA A 42 -3.71 5.51 1.07
CA ALA A 42 -3.43 4.90 -0.23
C ALA A 42 -4.65 4.20 -0.78
N THR A 43 -5.13 4.66 -1.92
CA THR A 43 -6.23 4.02 -2.62
C THR A 43 -5.70 2.92 -3.53
N VAL A 44 -5.86 1.68 -3.09
CA VAL A 44 -5.31 0.53 -3.80
C VAL A 44 -6.22 0.10 -4.94
N THR A 45 -5.68 0.16 -6.15
CA THR A 45 -6.40 -0.28 -7.32
C THR A 45 -6.24 -1.77 -7.51
N LEU A 46 -7.28 -2.53 -7.20
CA LEU A 46 -7.22 -3.97 -7.29
C LEU A 46 -8.35 -4.49 -8.16
N SER A 47 -8.27 -5.74 -8.56
CA SER A 47 -9.32 -6.33 -9.37
C SER A 47 -10.63 -6.38 -8.58
N ALA A 48 -10.55 -6.96 -7.39
CA ALA A 48 -11.70 -7.09 -6.53
C ALA A 48 -11.32 -6.75 -5.10
N THR A 49 -12.04 -5.86 -4.47
CA THR A 49 -11.79 -5.59 -3.06
C THR A 49 -13.11 -5.77 -2.31
N THR A 50 -13.89 -6.70 -2.84
CA THR A 50 -15.21 -7.02 -2.31
C THR A 50 -15.08 -7.97 -1.12
N GLY A 51 -15.96 -7.83 -0.15
CA GLY A 51 -15.90 -8.68 1.03
C GLY A 51 -15.04 -8.07 2.11
N MET A 52 -14.46 -6.92 1.81
CA MET A 52 -13.65 -6.19 2.76
C MET A 52 -14.48 -5.09 3.39
N LYS A 53 -14.24 -4.80 4.65
CA LYS A 53 -14.94 -3.72 5.34
C LYS A 53 -13.94 -2.86 6.09
N ARG A 54 -14.40 -1.75 6.64
CA ARG A 54 -13.51 -0.85 7.37
C ARG A 54 -12.84 -1.56 8.54
N GLY A 55 -11.56 -1.29 8.73
CA GLY A 55 -10.84 -1.86 9.86
C GLY A 55 -10.24 -3.22 9.56
N ASP A 56 -10.21 -3.62 8.29
CA ASP A 56 -9.68 -4.93 7.94
C ASP A 56 -8.20 -4.84 7.64
N LYS A 57 -7.51 -5.95 7.84
CA LYS A 57 -6.08 -6.00 7.62
C LYS A 57 -5.78 -6.71 6.32
N ILE A 58 -5.17 -6.01 5.38
CA ILE A 58 -4.82 -6.62 4.11
C ILE A 58 -3.31 -6.72 3.98
N SER A 59 -2.86 -7.84 3.44
CA SER A 59 -1.44 -8.07 3.24
C SER A 59 -1.16 -8.28 1.77
N PHE A 60 -0.14 -7.62 1.27
CA PHE A 60 0.26 -7.79 -0.11
C PHE A 60 1.37 -8.83 -0.20
N ALA A 61 1.04 -9.97 -0.78
CA ALA A 61 2.01 -11.05 -0.92
C ALA A 61 3.05 -10.69 -1.96
N GLY A 62 4.29 -10.61 -1.54
CA GLY A 62 5.36 -10.23 -2.44
C GLY A 62 5.88 -8.84 -2.13
N VAL A 63 5.05 -8.04 -1.47
CA VAL A 63 5.44 -6.71 -1.06
C VAL A 63 5.80 -6.72 0.43
N LYS A 64 6.91 -6.10 0.77
CA LYS A 64 7.40 -6.15 2.14
C LYS A 64 8.05 -4.82 2.54
N PHE A 65 8.10 -4.58 3.84
CA PHE A 65 8.63 -3.33 4.37
C PHE A 65 10.16 -3.32 4.36
N LEU A 66 10.72 -2.14 4.61
CA LEU A 66 12.16 -1.97 4.66
C LEU A 66 12.74 -2.50 5.97
N GLY A 67 12.69 -3.81 6.12
CA GLY A 67 13.23 -4.44 7.30
C GLY A 67 13.48 -5.91 7.08
N GLN A 68 14.60 -6.42 7.59
CA GLN A 68 14.98 -7.81 7.42
C GLN A 68 15.22 -8.14 5.96
N MET A 69 15.78 -7.19 5.22
CA MET A 69 16.01 -7.37 3.80
C MET A 69 17.50 -7.28 3.47
N ALA A 70 18.32 -7.79 4.36
CA ALA A 70 19.75 -7.87 4.11
C ALA A 70 20.13 -9.25 3.60
N LYS A 71 19.76 -10.27 4.37
CA LYS A 71 20.00 -11.65 4.00
C LYS A 71 18.80 -12.51 4.34
N ASN A 72 17.69 -11.86 4.63
CA ASN A 72 16.47 -12.56 4.97
C ASN A 72 15.42 -12.32 3.89
N VAL A 73 14.71 -13.37 3.52
CA VAL A 73 13.68 -13.26 2.50
C VAL A 73 12.30 -13.22 3.13
N LEU A 74 12.21 -13.84 4.31
CA LEU A 74 10.95 -13.90 5.06
C LEU A 74 10.76 -12.64 5.89
N ALA A 75 10.95 -11.49 5.26
CA ALA A 75 10.74 -10.21 5.91
C ALA A 75 9.26 -9.97 6.16
N GLN A 76 8.95 -8.93 6.92
CA GLN A 76 7.56 -8.61 7.23
C GLN A 76 6.82 -8.15 5.98
N ASP A 77 5.79 -8.92 5.61
CA ASP A 77 4.98 -8.58 4.45
C ASP A 77 4.24 -7.28 4.68
N ALA A 78 3.92 -6.58 3.59
CA ALA A 78 3.26 -5.29 3.68
C ALA A 78 1.81 -5.45 4.12
N THR A 79 1.58 -5.28 5.42
CA THR A 79 0.25 -5.36 5.98
C THR A 79 -0.27 -3.97 6.30
N PHE A 80 -1.45 -3.65 5.81
CA PHE A 80 -2.04 -2.34 6.03
C PHE A 80 -3.48 -2.47 6.49
N SER A 81 -3.97 -1.44 7.17
CA SER A 81 -5.33 -1.42 7.67
C SER A 81 -6.21 -0.57 6.75
N VAL A 82 -7.34 -1.12 6.33
CA VAL A 82 -8.27 -0.40 5.47
C VAL A 82 -9.18 0.50 6.31
N VAL A 83 -9.37 1.72 5.85
CA VAL A 83 -10.20 2.67 6.55
C VAL A 83 -11.60 2.71 5.95
N ARG A 84 -11.69 2.42 4.65
CA ARG A 84 -12.95 2.46 3.93
C ARG A 84 -12.81 1.79 2.57
N VAL A 85 -13.81 1.00 2.20
CA VAL A 85 -13.88 0.43 0.86
C VAL A 85 -14.60 1.42 -0.06
N VAL A 86 -13.85 1.99 -0.99
CA VAL A 86 -14.35 3.09 -1.81
C VAL A 86 -15.31 2.60 -2.89
N ASP A 87 -14.86 1.67 -3.72
CA ASP A 87 -15.67 1.21 -4.85
C ASP A 87 -15.97 -0.28 -4.75
N GLY A 88 -15.36 -0.93 -3.78
CA GLY A 88 -15.39 -2.39 -3.71
C GLY A 88 -14.47 -3.00 -4.73
N THR A 89 -13.63 -2.14 -5.29
CA THR A 89 -12.57 -2.51 -6.20
C THR A 89 -11.42 -1.53 -6.02
N HIS A 90 -11.44 -0.89 -4.85
CA HIS A 90 -10.58 0.24 -4.55
C HIS A 90 -10.65 0.51 -3.06
N VAL A 91 -9.55 0.35 -2.34
CA VAL A 91 -9.56 0.49 -0.89
C VAL A 91 -8.65 1.64 -0.47
N GLU A 92 -8.94 2.26 0.66
CA GLU A 92 -8.05 3.28 1.21
C GLU A 92 -7.39 2.76 2.50
N ILE A 93 -6.08 2.65 2.46
CA ILE A 93 -5.33 2.12 3.60
C ILE A 93 -4.33 3.14 4.14
N THR A 94 -3.74 2.81 5.27
CA THR A 94 -2.71 3.64 5.88
C THR A 94 -1.72 2.76 6.64
N PRO A 95 -0.41 3.06 6.59
CA PRO A 95 0.14 4.16 5.78
C PRO A 95 0.18 3.83 4.29
N LYS A 96 0.66 4.77 3.50
CA LYS A 96 0.74 4.60 2.06
C LYS A 96 2.02 3.88 1.66
N PRO A 97 1.90 2.78 0.90
CA PRO A 97 3.05 2.00 0.44
C PRO A 97 3.90 2.76 -0.57
N VAL A 98 5.09 3.17 -0.15
CA VAL A 98 6.07 3.79 -1.03
C VAL A 98 7.34 2.99 -1.03
N ALA A 99 7.85 2.68 -2.21
CA ALA A 99 9.05 1.85 -2.32
C ALA A 99 10.31 2.69 -2.34
N LEU A 100 11.33 2.17 -1.68
CA LEU A 100 12.64 2.82 -1.63
C LEU A 100 13.33 2.65 -2.98
N ASP A 101 12.92 1.64 -3.73
CA ASP A 101 13.47 1.38 -5.06
C ASP A 101 12.62 2.00 -6.15
N ASP A 102 11.77 2.94 -5.78
CA ASP A 102 10.96 3.68 -6.74
C ASP A 102 11.79 4.84 -7.30
N VAL A 103 12.08 4.78 -8.60
CA VAL A 103 12.94 5.77 -9.23
C VAL A 103 12.15 7.03 -9.61
N SER A 104 10.83 6.95 -9.51
CA SER A 104 9.97 8.04 -9.94
C SER A 104 9.86 9.13 -8.89
N LEU A 105 9.98 8.75 -7.62
CA LEU A 105 9.88 9.71 -6.53
C LEU A 105 11.21 10.40 -6.25
N SER A 106 11.12 11.52 -5.53
CA SER A 106 12.29 12.35 -5.21
C SER A 106 12.83 12.00 -3.81
N PRO A 107 14.05 12.45 -3.47
CA PRO A 107 14.71 12.16 -2.18
C PRO A 107 13.79 12.27 -0.96
N GLU A 108 12.99 13.33 -0.89
CA GLU A 108 12.11 13.55 0.26
C GLU A 108 11.10 12.42 0.40
N GLN A 109 10.66 11.88 -0.73
CA GLN A 109 9.63 10.86 -0.74
C GLN A 109 10.20 9.49 -0.39
N ARG A 110 11.43 9.22 -0.84
CA ARG A 110 12.08 7.96 -0.51
C ARG A 110 12.54 7.98 0.94
N ALA A 111 12.65 9.17 1.50
CA ALA A 111 12.93 9.32 2.92
C ALA A 111 11.75 8.83 3.74
N TYR A 112 10.56 8.96 3.17
CA TYR A 112 9.35 8.48 3.82
C TYR A 112 8.90 7.13 3.24
N ALA A 113 9.77 6.51 2.45
CA ALA A 113 9.48 5.18 1.89
C ALA A 113 9.25 4.16 2.99
N ASN A 114 8.42 3.16 2.71
CA ASN A 114 8.06 2.16 3.71
C ASN A 114 8.33 0.74 3.21
N VAL A 115 8.10 0.51 1.93
CA VAL A 115 8.24 -0.83 1.37
C VAL A 115 9.44 -0.92 0.45
N ASN A 116 9.96 -2.13 0.29
CA ASN A 116 11.16 -2.37 -0.50
C ASN A 116 10.79 -2.56 -1.97
N THR A 117 9.51 -2.82 -2.21
CA THR A 117 9.02 -3.02 -3.55
C THR A 117 7.62 -2.45 -3.68
N SER A 118 7.36 -1.81 -4.81
CA SER A 118 6.04 -1.30 -5.12
C SER A 118 5.09 -2.44 -5.42
N LEU A 119 3.80 -2.16 -5.39
CA LEU A 119 2.79 -3.14 -5.71
C LEU A 119 2.87 -3.46 -7.20
N ALA A 120 3.42 -4.62 -7.52
CA ALA A 120 3.65 -5.00 -8.92
C ALA A 120 2.35 -5.51 -9.54
N ASP A 121 2.39 -5.70 -10.86
CA ASP A 121 1.18 -5.99 -11.64
C ASP A 121 0.72 -7.44 -11.48
N ALA A 122 1.27 -8.13 -10.50
CA ALA A 122 0.86 -9.49 -10.19
C ALA A 122 1.12 -9.80 -8.72
N MET A 123 0.43 -9.09 -7.85
CA MET A 123 0.54 -9.31 -6.42
C MET A 123 -0.77 -9.83 -5.85
N ALA A 124 -0.67 -10.75 -4.90
CA ALA A 124 -1.84 -11.31 -4.26
C ALA A 124 -2.21 -10.50 -3.02
N VAL A 125 -3.47 -10.11 -2.94
CA VAL A 125 -3.95 -9.36 -1.78
C VAL A 125 -4.76 -10.29 -0.88
N ASN A 126 -4.29 -10.47 0.34
CA ASN A 126 -4.91 -11.43 1.24
C ASN A 126 -5.15 -10.81 2.62
N ILE A 127 -6.31 -11.10 3.19
CA ILE A 127 -6.66 -10.61 4.52
C ILE A 127 -6.23 -11.58 5.61
N LEU A 128 -5.60 -11.04 6.65
CA LEU A 128 -5.15 -11.83 7.78
C LEU A 128 -6.30 -12.09 8.74
N ASN A 129 -6.28 -13.25 9.38
CA ASN A 129 -7.37 -13.67 10.24
C ASN A 129 -7.10 -13.32 11.70
N VAL A 130 -7.70 -12.22 12.16
CA VAL A 130 -7.62 -11.79 13.55
C VAL A 130 -6.17 -11.56 14.00
N GLY A 7 -16.77 -14.40 7.49
CA GLY A 7 -16.37 -14.02 6.12
C GLY A 7 -14.95 -13.50 6.06
N SER A 8 -14.55 -13.01 4.89
CA SER A 8 -13.22 -12.43 4.70
C SER A 8 -12.12 -13.47 4.96
N THR A 9 -12.37 -14.70 4.58
CA THR A 9 -11.41 -15.78 4.79
C THR A 9 -10.70 -16.14 3.49
N ALA A 10 -11.47 -16.25 2.42
CA ALA A 10 -10.92 -16.61 1.13
C ALA A 10 -10.53 -15.36 0.34
N THR A 11 -9.43 -14.74 0.74
CA THR A 11 -8.95 -13.55 0.06
C THR A 11 -7.70 -13.86 -0.76
N GLY A 12 -7.92 -14.25 -2.00
CA GLY A 12 -6.82 -14.48 -2.91
C GLY A 12 -6.97 -13.63 -4.15
N ILE A 13 -7.23 -12.35 -3.93
CA ILE A 13 -7.49 -11.43 -5.03
C ILE A 13 -6.19 -10.86 -5.54
N THR A 14 -6.13 -10.51 -6.82
CA THR A 14 -4.93 -9.99 -7.43
C THR A 14 -5.06 -8.50 -7.72
N VAL A 15 -3.92 -7.88 -7.99
CA VAL A 15 -3.84 -6.46 -8.30
C VAL A 15 -4.40 -6.17 -9.70
N SER A 16 -4.95 -4.96 -9.88
CA SER A 16 -5.48 -4.57 -11.18
C SER A 16 -4.60 -3.47 -11.77
N GLY A 17 -3.43 -3.87 -12.25
CA GLY A 17 -2.49 -2.92 -12.80
C GLY A 17 -1.51 -2.42 -11.77
N ALA A 18 -0.27 -2.20 -12.19
CA ALA A 18 0.77 -1.72 -11.29
C ALA A 18 0.44 -0.32 -10.80
N GLN A 19 0.45 -0.14 -9.49
CA GLN A 19 0.14 1.14 -8.90
C GLN A 19 1.27 1.58 -7.97
N SER A 20 1.78 2.78 -8.20
CA SER A 20 2.85 3.31 -7.40
C SER A 20 2.32 4.39 -6.46
N PHE A 21 2.18 4.04 -5.19
CA PHE A 21 1.62 4.94 -4.20
C PHE A 21 2.67 5.94 -3.75
N LYS A 22 2.47 7.20 -4.07
CA LYS A 22 3.47 8.22 -3.79
C LYS A 22 2.88 9.36 -2.97
N PRO A 23 3.46 9.62 -1.79
CA PRO A 23 3.14 10.80 -1.00
C PRO A 23 3.98 11.99 -1.43
N VAL A 24 3.32 13.11 -1.70
CA VAL A 24 4.02 14.30 -2.17
C VAL A 24 4.54 15.13 -1.01
N ALA A 25 5.85 15.11 -0.83
CA ALA A 25 6.48 15.88 0.22
C ALA A 25 6.64 17.34 -0.20
N TRP A 26 5.56 18.08 -0.07
CA TRP A 26 5.55 19.49 -0.45
C TRP A 26 5.00 20.33 0.70
N GLN A 27 5.82 20.52 1.71
CA GLN A 27 5.45 21.35 2.85
C GLN A 27 6.65 22.14 3.34
N LEU A 28 6.68 23.40 2.98
CA LEU A 28 7.74 24.30 3.42
C LEU A 28 7.19 25.23 4.49
N ASP A 29 5.87 25.24 4.59
CA ASP A 29 5.15 26.08 5.54
C ASP A 29 3.71 25.61 5.63
N ASN A 30 2.86 26.36 6.31
CA ASN A 30 1.46 25.96 6.47
C ASN A 30 0.73 25.95 5.13
N ASP A 31 1.13 26.82 4.21
CA ASP A 31 0.47 26.90 2.92
C ASP A 31 1.11 25.94 1.90
N GLY A 32 1.44 24.76 2.35
CA GLY A 32 1.96 23.75 1.45
C GLY A 32 0.88 22.83 0.95
N ASN A 33 1.07 21.53 1.11
CA ASN A 33 0.03 20.55 0.77
C ASN A 33 -0.89 20.34 1.98
N LYS A 34 -1.61 21.39 2.35
CA LYS A 34 -2.48 21.36 3.52
C LYS A 34 -3.84 20.77 3.16
N VAL A 35 -4.53 21.38 2.21
CA VAL A 35 -5.87 20.94 1.84
C VAL A 35 -5.81 19.72 0.93
N ASN A 36 -6.01 18.56 1.54
CA ASN A 36 -5.96 17.27 0.86
C ASN A 36 -5.95 16.14 1.88
N VAL A 37 -6.96 15.29 1.84
CA VAL A 37 -7.03 14.15 2.73
C VAL A 37 -7.05 12.86 1.92
N ASP A 38 -6.30 12.87 0.83
CA ASP A 38 -6.26 11.72 -0.07
C ASP A 38 -4.83 11.20 -0.19
N ASN A 39 -3.89 12.10 -0.42
CA ASN A 39 -2.50 11.72 -0.67
C ASN A 39 -1.85 11.14 0.59
N ARG A 40 -2.50 11.34 1.73
CA ARG A 40 -2.02 10.79 2.99
C ARG A 40 -2.47 9.33 3.14
N PHE A 41 -3.30 8.89 2.20
CA PHE A 41 -3.79 7.52 2.20
C PHE A 41 -3.45 6.85 0.88
N ALA A 42 -3.36 5.54 0.89
CA ALA A 42 -3.06 4.79 -0.32
C ALA A 42 -4.32 4.16 -0.87
N THR A 43 -4.71 4.59 -2.06
CA THR A 43 -5.90 4.07 -2.70
C THR A 43 -5.53 2.89 -3.62
N VAL A 44 -5.80 1.69 -3.15
CA VAL A 44 -5.34 0.47 -3.82
C VAL A 44 -6.26 0.09 -4.97
N THR A 45 -5.72 0.10 -6.17
CA THR A 45 -6.46 -0.31 -7.36
C THR A 45 -6.34 -1.82 -7.56
N LEU A 46 -7.41 -2.54 -7.25
CA LEU A 46 -7.39 -3.99 -7.33
C LEU A 46 -8.53 -4.48 -8.20
N SER A 47 -8.45 -5.72 -8.66
CA SER A 47 -9.49 -6.29 -9.48
C SER A 47 -10.81 -6.32 -8.72
N ALA A 48 -10.74 -6.86 -7.51
CA ALA A 48 -11.87 -6.90 -6.61
C ALA A 48 -11.39 -6.58 -5.22
N THR A 49 -12.17 -5.84 -4.45
CA THR A 49 -11.82 -5.59 -3.07
C THR A 49 -13.02 -5.93 -2.20
N THR A 50 -13.84 -6.84 -2.71
CA THR A 50 -14.98 -7.35 -1.99
C THR A 50 -14.52 -8.38 -0.97
N GLY A 51 -15.10 -8.32 0.22
CA GLY A 51 -14.62 -9.13 1.32
C GLY A 51 -13.85 -8.28 2.31
N MET A 52 -13.63 -7.03 1.93
CA MET A 52 -12.95 -6.07 2.78
C MET A 52 -13.97 -5.15 3.43
N LYS A 53 -13.72 -4.75 4.66
CA LYS A 53 -14.61 -3.87 5.38
C LYS A 53 -13.83 -3.10 6.44
N ARG A 54 -14.19 -1.84 6.62
CA ARG A 54 -13.44 -0.90 7.47
C ARG A 54 -13.02 -1.52 8.80
N GLY A 55 -11.72 -1.64 9.02
CA GLY A 55 -11.21 -2.19 10.25
C GLY A 55 -10.45 -3.49 10.07
N ASP A 56 -10.45 -4.04 8.85
CA ASP A 56 -9.75 -5.29 8.59
C ASP A 56 -8.28 -5.05 8.26
N LYS A 57 -7.58 -6.13 7.97
CA LYS A 57 -6.16 -6.08 7.68
C LYS A 57 -5.88 -6.71 6.33
N ILE A 58 -5.37 -5.93 5.39
CA ILE A 58 -5.03 -6.45 4.09
C ILE A 58 -3.52 -6.41 3.89
N SER A 59 -2.99 -7.47 3.29
CA SER A 59 -1.57 -7.60 3.06
C SER A 59 -1.31 -7.90 1.59
N PHE A 60 -0.18 -7.46 1.08
CA PHE A 60 0.16 -7.67 -0.32
C PHE A 60 1.37 -8.59 -0.43
N ALA A 61 1.15 -9.79 -0.94
CA ALA A 61 2.21 -10.78 -1.07
C ALA A 61 3.24 -10.33 -2.09
N GLY A 62 4.46 -10.11 -1.61
CA GLY A 62 5.52 -9.63 -2.48
C GLY A 62 5.93 -8.22 -2.14
N VAL A 63 5.02 -7.49 -1.55
CA VAL A 63 5.29 -6.14 -1.08
C VAL A 63 5.55 -6.19 0.42
N LYS A 64 6.77 -5.86 0.84
CA LYS A 64 7.15 -6.02 2.24
C LYS A 64 7.83 -4.78 2.78
N PHE A 65 7.89 -4.69 4.11
CA PHE A 65 8.43 -3.53 4.80
C PHE A 65 9.95 -3.56 4.84
N LEU A 66 10.53 -2.37 4.94
CA LEU A 66 11.98 -2.22 5.01
C LEU A 66 12.48 -2.45 6.43
N GLY A 67 13.77 -2.71 6.55
CA GLY A 67 14.39 -2.84 7.85
C GLY A 67 14.63 -4.28 8.26
N GLN A 68 14.20 -5.23 7.45
CA GLN A 68 14.33 -6.64 7.80
C GLN A 68 15.10 -7.43 6.75
N MET A 69 15.25 -6.90 5.56
CA MET A 69 15.86 -7.66 4.46
C MET A 69 17.37 -7.67 4.55
N ALA A 70 17.90 -7.29 5.71
CA ALA A 70 19.34 -7.30 5.92
C ALA A 70 19.78 -8.59 6.61
N LYS A 71 18.85 -9.24 7.26
CA LYS A 71 19.12 -10.48 7.99
C LYS A 71 17.87 -11.33 8.11
N ASN A 72 16.77 -10.69 8.49
CA ASN A 72 15.50 -11.39 8.67
C ASN A 72 14.86 -11.70 7.31
N VAL A 73 15.11 -12.92 6.84
CA VAL A 73 14.64 -13.35 5.52
C VAL A 73 13.12 -13.37 5.45
N LEU A 74 12.49 -13.67 6.58
CA LEU A 74 11.04 -13.72 6.65
C LEU A 74 10.48 -12.32 6.88
N ALA A 75 10.94 -11.38 6.07
CA ALA A 75 10.53 -10.00 6.18
C ALA A 75 9.01 -9.85 6.05
N GLN A 76 8.42 -9.15 7.01
CA GLN A 76 6.98 -8.98 7.07
C GLN A 76 6.45 -8.26 5.84
N ASP A 77 5.38 -8.82 5.27
CA ASP A 77 4.72 -8.22 4.12
C ASP A 77 3.97 -6.97 4.54
N ALA A 78 3.58 -6.18 3.55
CA ALA A 78 2.90 -4.90 3.80
C ALA A 78 1.50 -5.11 4.33
N THR A 79 1.40 -5.23 5.65
CA THR A 79 0.12 -5.39 6.31
C THR A 79 -0.46 -4.03 6.69
N PHE A 80 -1.56 -3.66 6.06
CA PHE A 80 -2.19 -2.38 6.34
C PHE A 80 -3.64 -2.57 6.76
N SER A 81 -4.11 -1.72 7.67
CA SER A 81 -5.49 -1.73 8.10
C SER A 81 -6.35 -1.00 7.07
N VAL A 82 -7.43 -1.65 6.66
CA VAL A 82 -8.34 -1.05 5.70
C VAL A 82 -9.04 0.14 6.33
N VAL A 83 -9.07 1.25 5.61
CA VAL A 83 -9.74 2.45 6.09
C VAL A 83 -11.18 2.50 5.57
N ARG A 84 -11.34 2.21 4.28
CA ARG A 84 -12.66 2.19 3.67
C ARG A 84 -12.62 1.56 2.29
N VAL A 85 -13.63 0.75 1.99
CA VAL A 85 -13.83 0.22 0.65
C VAL A 85 -14.66 1.20 -0.16
N VAL A 86 -14.03 1.85 -1.12
CA VAL A 86 -14.68 2.91 -1.88
C VAL A 86 -15.61 2.35 -2.96
N ASP A 87 -15.05 1.58 -3.89
CA ASP A 87 -15.81 1.09 -5.03
C ASP A 87 -16.02 -0.41 -4.97
N GLY A 88 -15.37 -1.05 -4.01
CA GLY A 88 -15.33 -2.51 -3.98
C GLY A 88 -14.39 -3.06 -5.03
N THR A 89 -13.60 -2.16 -5.59
CA THR A 89 -12.54 -2.49 -6.53
C THR A 89 -11.39 -1.51 -6.32
N HIS A 90 -11.43 -0.85 -5.16
CA HIS A 90 -10.57 0.28 -4.89
C HIS A 90 -10.71 0.65 -3.42
N VAL A 91 -9.64 0.50 -2.64
CA VAL A 91 -9.71 0.73 -1.20
C VAL A 91 -8.76 1.85 -0.79
N GLU A 92 -8.98 2.42 0.39
CA GLU A 92 -8.06 3.40 0.95
C GLU A 92 -7.45 2.85 2.23
N ILE A 93 -6.12 2.89 2.33
CA ILE A 93 -5.41 2.40 3.51
C ILE A 93 -4.39 3.40 4.01
N THR A 94 -3.85 3.13 5.18
CA THR A 94 -2.81 3.95 5.79
C THR A 94 -1.91 3.08 6.66
N PRO A 95 -0.60 3.35 6.70
CA PRO A 95 0.05 4.41 5.91
C PRO A 95 0.24 4.00 4.44
N LYS A 96 0.82 4.90 3.66
CA LYS A 96 1.03 4.68 2.24
C LYS A 96 2.35 3.95 1.98
N PRO A 97 2.29 2.80 1.30
CA PRO A 97 3.48 2.03 0.96
C PRO A 97 4.27 2.65 -0.19
N VAL A 98 5.44 3.19 0.14
CA VAL A 98 6.34 3.73 -0.86
C VAL A 98 7.54 2.81 -1.03
N ALA A 99 7.89 2.53 -2.27
CA ALA A 99 9.00 1.62 -2.57
C ALA A 99 10.33 2.34 -2.49
N LEU A 100 11.23 1.79 -1.69
CA LEU A 100 12.58 2.33 -1.55
C LEU A 100 13.35 2.13 -2.86
N ASP A 101 13.01 1.06 -3.59
CA ASP A 101 13.69 0.74 -4.84
C ASP A 101 13.18 1.58 -5.99
N ASP A 102 12.22 2.45 -5.72
CA ASP A 102 11.64 3.29 -6.76
C ASP A 102 12.55 4.48 -7.05
N VAL A 103 12.97 4.60 -8.30
CA VAL A 103 13.87 5.67 -8.71
C VAL A 103 13.08 6.96 -9.01
N SER A 104 11.78 6.82 -9.19
CA SER A 104 10.96 7.96 -9.59
C SER A 104 10.72 8.92 -8.43
N LEU A 105 10.59 8.40 -7.22
CA LEU A 105 10.40 9.24 -6.06
C LEU A 105 11.72 9.91 -5.65
N SER A 106 11.59 11.06 -5.02
CA SER A 106 12.73 11.90 -4.69
C SER A 106 13.28 11.57 -3.28
N PRO A 107 14.45 12.12 -2.90
CA PRO A 107 15.11 11.81 -1.61
C PRO A 107 14.18 11.84 -0.40
N GLU A 108 13.42 12.91 -0.23
CA GLU A 108 12.54 13.03 0.93
C GLU A 108 11.46 11.96 0.92
N GLN A 109 11.08 11.50 -0.27
CA GLN A 109 10.04 10.50 -0.40
C GLN A 109 10.57 9.11 -0.04
N ARG A 110 11.80 8.81 -0.45
CA ARG A 110 12.39 7.51 -0.15
C ARG A 110 12.77 7.42 1.32
N ALA A 111 12.97 8.57 1.94
CA ALA A 111 13.21 8.64 3.38
C ALA A 111 11.99 8.16 4.15
N TYR A 112 10.81 8.43 3.60
CA TYR A 112 9.56 8.01 4.22
C TYR A 112 9.06 6.70 3.61
N ALA A 113 9.86 6.11 2.73
CA ALA A 113 9.50 4.84 2.10
C ALA A 113 9.33 3.74 3.15
N ASN A 114 8.28 2.96 3.01
CA ASN A 114 7.95 1.94 3.99
C ASN A 114 8.20 0.54 3.44
N VAL A 115 8.06 0.39 2.13
CA VAL A 115 8.18 -0.92 1.49
C VAL A 115 9.29 -0.93 0.47
N ASN A 116 9.61 -2.11 -0.04
CA ASN A 116 10.69 -2.28 -1.00
C ASN A 116 10.18 -2.10 -2.43
N THR A 117 9.00 -2.59 -2.71
CA THR A 117 8.45 -2.53 -4.05
C THR A 117 7.04 -1.93 -4.03
N SER A 118 6.73 -1.16 -5.06
CA SER A 118 5.38 -0.66 -5.25
C SER A 118 4.50 -1.81 -5.70
N LEU A 119 3.19 -1.66 -5.59
CA LEU A 119 2.28 -2.72 -5.95
C LEU A 119 2.31 -2.95 -7.46
N ALA A 120 3.02 -3.99 -7.87
CA ALA A 120 3.17 -4.31 -9.27
C ALA A 120 2.13 -5.34 -9.69
N ASP A 121 2.16 -5.74 -10.95
CA ASP A 121 1.23 -6.73 -11.46
C ASP A 121 1.51 -8.09 -10.82
N ALA A 122 0.46 -8.90 -10.69
CA ALA A 122 0.55 -10.24 -10.12
C ALA A 122 0.95 -10.20 -8.65
N MET A 123 0.31 -9.32 -7.89
CA MET A 123 0.50 -9.30 -6.44
C MET A 123 -0.79 -9.73 -5.77
N ALA A 124 -0.67 -10.66 -4.82
CA ALA A 124 -1.83 -11.22 -4.14
C ALA A 124 -2.22 -10.38 -2.93
N VAL A 125 -3.51 -10.11 -2.81
CA VAL A 125 -4.04 -9.36 -1.69
C VAL A 125 -4.70 -10.33 -0.70
N ASN A 126 -4.12 -10.42 0.49
CA ASN A 126 -4.56 -11.40 1.48
C ASN A 126 -4.90 -10.72 2.80
N ILE A 127 -6.03 -11.10 3.39
CA ILE A 127 -6.41 -10.62 4.72
C ILE A 127 -5.93 -11.60 5.77
N LEU A 128 -5.28 -11.08 6.80
CA LEU A 128 -4.78 -11.91 7.88
C LEU A 128 -5.91 -12.38 8.76
N ASN A 129 -6.20 -13.67 8.71
CA ASN A 129 -7.24 -14.26 9.53
C ASN A 129 -6.63 -14.82 10.81
N VAL A 130 -6.43 -13.94 11.78
CA VAL A 130 -5.82 -14.32 13.05
C VAL A 130 -6.86 -14.95 13.98
N GLY A 7 -10.55 -22.84 0.18
CA GLY A 7 -11.21 -22.18 1.34
C GLY A 7 -12.44 -21.40 0.92
N SER A 8 -13.39 -21.26 1.84
CA SER A 8 -14.62 -20.54 1.54
C SER A 8 -14.45 -19.04 1.81
N THR A 9 -13.81 -18.71 2.92
CA THR A 9 -13.56 -17.33 3.27
C THR A 9 -12.08 -17.01 3.18
N ALA A 10 -11.57 -16.97 1.96
CA ALA A 10 -10.18 -16.65 1.72
C ALA A 10 -10.05 -15.58 0.65
N THR A 11 -9.39 -14.49 1.00
CA THR A 11 -9.25 -13.37 0.09
C THR A 11 -8.18 -13.64 -0.98
N GLY A 12 -8.55 -14.41 -1.98
CA GLY A 12 -7.68 -14.65 -3.11
C GLY A 12 -7.71 -13.49 -4.09
N ILE A 13 -7.19 -12.35 -3.65
CA ILE A 13 -7.29 -11.11 -4.40
C ILE A 13 -5.99 -10.83 -5.15
N THR A 14 -6.10 -10.28 -6.35
CA THR A 14 -4.93 -9.83 -7.09
C THR A 14 -5.04 -8.34 -7.40
N VAL A 15 -3.90 -7.68 -7.49
CA VAL A 15 -3.81 -6.28 -7.87
C VAL A 15 -4.26 -6.10 -9.32
N SER A 16 -4.75 -4.91 -9.65
CA SER A 16 -5.13 -4.60 -11.03
C SER A 16 -4.40 -3.34 -11.49
N GLY A 17 -3.21 -3.52 -12.04
CA GLY A 17 -2.41 -2.40 -12.50
C GLY A 17 -1.29 -2.08 -11.55
N ALA A 18 -0.34 -1.28 -12.00
CA ALA A 18 0.78 -0.88 -11.17
C ALA A 18 0.42 0.35 -10.36
N GLN A 19 0.59 0.26 -9.04
CA GLN A 19 0.22 1.34 -8.14
C GLN A 19 1.42 1.81 -7.34
N SER A 20 1.64 3.12 -7.34
CA SER A 20 2.72 3.71 -6.58
C SER A 20 2.37 5.15 -6.23
N PHE A 21 1.97 5.38 -4.99
CA PHE A 21 1.59 6.71 -4.54
C PHE A 21 2.58 7.20 -3.49
N LYS A 22 2.90 8.48 -3.54
CA LYS A 22 3.90 9.05 -2.64
C LYS A 22 3.26 10.01 -1.65
N PRO A 23 3.80 10.06 -0.42
CA PRO A 23 3.35 11.04 0.58
C PRO A 23 3.84 12.43 0.24
N VAL A 24 2.93 13.39 0.22
CA VAL A 24 3.26 14.74 -0.18
C VAL A 24 3.96 15.48 0.96
N ALA A 25 5.27 15.30 1.05
CA ALA A 25 6.07 15.92 2.09
C ALA A 25 6.56 17.29 1.63
N TRP A 26 5.72 18.30 1.84
CA TRP A 26 6.01 19.67 1.41
C TRP A 26 6.30 19.71 -0.08
N GLN A 27 5.27 19.46 -0.86
CA GLN A 27 5.40 19.42 -2.31
C GLN A 27 4.21 20.12 -2.94
N LEU A 28 4.45 21.32 -3.47
CA LEU A 28 3.42 22.17 -4.07
C LEU A 28 2.48 22.71 -3.00
N ASP A 29 2.80 22.41 -1.74
CA ASP A 29 1.98 22.80 -0.59
C ASP A 29 0.59 22.18 -0.68
N ASN A 30 -0.31 22.60 0.18
CA ASN A 30 -1.69 22.13 0.13
C ASN A 30 -2.46 22.93 -0.91
N ASP A 31 -1.88 24.06 -1.29
CA ASP A 31 -2.52 24.99 -2.23
C ASP A 31 -2.35 24.52 -3.67
N GLY A 32 -1.15 24.06 -4.00
CA GLY A 32 -0.85 23.65 -5.36
C GLY A 32 -1.51 22.34 -5.74
N ASN A 33 -1.83 21.54 -4.73
CA ASN A 33 -2.50 20.27 -4.96
C ASN A 33 -4.00 20.48 -5.09
N LYS A 34 -4.45 20.70 -6.31
CA LYS A 34 -5.86 20.93 -6.59
C LYS A 34 -6.62 19.61 -6.58
N VAL A 35 -5.95 18.55 -7.03
CA VAL A 35 -6.52 17.22 -6.99
C VAL A 35 -6.43 16.64 -5.58
N ASN A 36 -7.34 15.75 -5.25
CA ASN A 36 -7.41 15.19 -3.91
C ASN A 36 -6.62 13.89 -3.84
N VAL A 37 -5.32 14.02 -3.58
CA VAL A 37 -4.46 12.86 -3.41
C VAL A 37 -4.47 12.43 -1.96
N ASP A 38 -4.74 11.15 -1.72
CA ASP A 38 -4.71 10.60 -0.37
C ASP A 38 -3.32 10.80 0.24
N ASN A 39 -3.28 11.59 1.30
CA ASN A 39 -2.01 11.92 1.96
C ASN A 39 -1.68 10.93 3.05
N ARG A 40 -2.65 10.69 3.93
CA ARG A 40 -2.43 9.81 5.07
C ARG A 40 -2.77 8.38 4.69
N PHE A 41 -3.71 8.24 3.76
CA PHE A 41 -4.15 6.93 3.31
C PHE A 41 -3.53 6.61 1.95
N ALA A 42 -3.93 5.49 1.38
CA ALA A 42 -3.49 5.08 0.06
C ALA A 42 -4.61 4.36 -0.66
N THR A 43 -5.05 4.92 -1.77
CA THR A 43 -6.12 4.32 -2.55
C THR A 43 -5.59 3.23 -3.46
N VAL A 44 -5.97 1.98 -3.17
CA VAL A 44 -5.44 0.83 -3.86
C VAL A 44 -6.38 0.35 -4.97
N THR A 45 -5.87 0.34 -6.20
CA THR A 45 -6.61 -0.19 -7.33
C THR A 45 -6.31 -1.68 -7.48
N LEU A 46 -7.29 -2.51 -7.15
CA LEU A 46 -7.10 -3.95 -7.21
C LEU A 46 -8.20 -4.57 -8.08
N SER A 47 -8.05 -5.83 -8.42
CA SER A 47 -9.03 -6.49 -9.28
C SER A 47 -10.36 -6.57 -8.54
N ALA A 48 -10.33 -7.11 -7.34
CA ALA A 48 -11.51 -7.24 -6.52
C ALA A 48 -11.18 -6.86 -5.10
N THR A 49 -11.93 -5.96 -4.51
CA THR A 49 -11.72 -5.64 -3.10
C THR A 49 -13.03 -5.83 -2.35
N THR A 50 -13.88 -6.68 -2.91
CA THR A 50 -15.13 -7.06 -2.28
C THR A 50 -14.86 -8.14 -1.25
N GLY A 51 -15.62 -8.12 -0.16
CA GLY A 51 -15.36 -9.02 0.94
C GLY A 51 -14.57 -8.31 2.02
N MET A 52 -13.97 -7.19 1.63
CA MET A 52 -13.25 -6.35 2.56
C MET A 52 -14.18 -5.29 3.11
N LYS A 53 -14.08 -5.02 4.39
CA LYS A 53 -14.88 -3.99 5.03
C LYS A 53 -13.97 -3.14 5.89
N ARG A 54 -14.35 -1.89 6.12
CA ARG A 54 -13.50 -0.97 6.86
C ARG A 54 -13.18 -1.50 8.26
N GLY A 55 -11.92 -1.41 8.64
CA GLY A 55 -11.49 -1.93 9.91
C GLY A 55 -10.83 -3.29 9.79
N ASP A 56 -10.47 -3.67 8.57
CA ASP A 56 -9.82 -4.95 8.34
C ASP A 56 -8.37 -4.75 7.97
N LYS A 57 -7.64 -5.84 7.81
CA LYS A 57 -6.22 -5.77 7.58
C LYS A 57 -5.83 -6.57 6.34
N ILE A 58 -5.30 -5.89 5.34
CA ILE A 58 -4.94 -6.53 4.09
C ILE A 58 -3.43 -6.54 3.92
N SER A 59 -2.91 -7.63 3.38
CA SER A 59 -1.49 -7.77 3.19
C SER A 59 -1.16 -8.07 1.73
N PHE A 60 -0.11 -7.43 1.24
CA PHE A 60 0.30 -7.59 -0.15
C PHE A 60 1.46 -8.56 -0.26
N ALA A 61 1.21 -9.72 -0.85
CA ALA A 61 2.23 -10.75 -0.99
C ALA A 61 3.30 -10.31 -1.98
N GLY A 62 4.53 -10.17 -1.48
CA GLY A 62 5.64 -9.73 -2.31
C GLY A 62 6.12 -8.36 -1.93
N VAL A 63 5.18 -7.53 -1.51
CA VAL A 63 5.50 -6.20 -1.01
C VAL A 63 5.75 -6.30 0.49
N LYS A 64 6.93 -5.90 0.95
CA LYS A 64 7.27 -6.03 2.36
C LYS A 64 8.01 -4.81 2.88
N PHE A 65 7.97 -4.64 4.20
CA PHE A 65 8.51 -3.45 4.85
C PHE A 65 10.03 -3.44 4.87
N LEU A 66 10.59 -2.24 4.75
CA LEU A 66 12.03 -2.04 4.82
C LEU A 66 12.53 -2.28 6.24
N GLY A 67 13.70 -2.90 6.36
CA GLY A 67 14.27 -3.18 7.66
C GLY A 67 13.79 -4.49 8.23
N GLN A 68 12.64 -4.96 7.75
CA GLN A 68 12.03 -6.17 8.27
C GLN A 68 12.49 -7.39 7.48
N MET A 69 13.67 -7.30 6.88
CA MET A 69 14.30 -8.44 6.23
C MET A 69 15.48 -8.90 7.07
N ALA A 70 15.98 -7.97 7.87
CA ALA A 70 17.08 -8.25 8.78
C ALA A 70 16.54 -8.76 10.11
N LYS A 71 15.67 -7.97 10.72
CA LYS A 71 15.04 -8.34 11.97
C LYS A 71 14.16 -9.56 11.76
N ASN A 72 13.18 -9.43 10.88
CA ASN A 72 12.39 -10.56 10.45
C ASN A 72 13.16 -11.30 9.38
N VAL A 73 13.76 -12.42 9.76
CA VAL A 73 14.59 -13.20 8.86
C VAL A 73 13.76 -13.73 7.69
N LEU A 74 12.50 -14.04 7.96
CA LEU A 74 11.58 -14.50 6.93
C LEU A 74 10.82 -13.31 6.36
N ALA A 75 11.09 -12.15 6.92
CA ALA A 75 10.45 -10.89 6.54
C ALA A 75 8.95 -10.91 6.82
N GLN A 76 8.34 -9.73 6.72
CA GLN A 76 6.91 -9.62 6.87
C GLN A 76 6.35 -8.80 5.72
N ASP A 77 5.36 -9.36 5.05
CA ASP A 77 4.72 -8.70 3.92
C ASP A 77 3.88 -7.53 4.40
N ALA A 78 3.63 -6.58 3.51
CA ALA A 78 3.02 -5.32 3.84
C ALA A 78 1.63 -5.48 4.43
N THR A 79 1.55 -5.34 5.75
CA THR A 79 0.29 -5.41 6.47
C THR A 79 -0.27 -4.00 6.69
N PHE A 80 -1.37 -3.69 6.02
CA PHE A 80 -2.00 -2.39 6.17
C PHE A 80 -3.45 -2.53 6.60
N SER A 81 -3.94 -1.52 7.32
CA SER A 81 -5.31 -1.52 7.80
C SER A 81 -6.20 -0.72 6.84
N VAL A 82 -7.35 -1.29 6.50
CA VAL A 82 -8.27 -0.63 5.58
C VAL A 82 -9.20 0.32 6.33
N VAL A 83 -9.38 1.51 5.77
CA VAL A 83 -10.19 2.52 6.43
C VAL A 83 -11.55 2.68 5.74
N ARG A 84 -11.59 2.45 4.44
CA ARG A 84 -12.81 2.59 3.67
C ARG A 84 -12.70 1.86 2.34
N VAL A 85 -13.77 1.19 1.94
CA VAL A 85 -13.85 0.60 0.61
C VAL A 85 -14.52 1.59 -0.32
N VAL A 86 -13.77 2.08 -1.29
CA VAL A 86 -14.23 3.13 -2.17
C VAL A 86 -15.19 2.62 -3.24
N ASP A 87 -14.73 1.68 -4.07
CA ASP A 87 -15.53 1.22 -5.20
C ASP A 87 -15.84 -0.28 -5.09
N GLY A 88 -15.32 -0.91 -4.06
CA GLY A 88 -15.44 -2.36 -3.92
C GLY A 88 -14.50 -3.09 -4.86
N THR A 89 -13.60 -2.32 -5.44
CA THR A 89 -12.51 -2.80 -6.28
C THR A 89 -11.38 -1.80 -6.12
N HIS A 90 -11.44 -1.10 -5.00
CA HIS A 90 -10.66 0.10 -4.78
C HIS A 90 -10.74 0.47 -3.30
N VAL A 91 -9.64 0.37 -2.57
CA VAL A 91 -9.67 0.57 -1.11
C VAL A 91 -8.78 1.74 -0.72
N GLU A 92 -8.88 2.16 0.53
CA GLU A 92 -7.91 3.11 1.08
C GLU A 92 -7.34 2.57 2.40
N ILE A 93 -6.02 2.44 2.43
CA ILE A 93 -5.33 1.88 3.58
C ILE A 93 -4.33 2.87 4.15
N THR A 94 -3.72 2.51 5.27
CA THR A 94 -2.68 3.34 5.86
C THR A 94 -1.77 2.46 6.73
N PRO A 95 -0.45 2.78 6.81
CA PRO A 95 0.18 3.89 6.09
C PRO A 95 0.26 3.67 4.58
N LYS A 96 0.81 4.64 3.89
CA LYS A 96 0.91 4.61 2.44
C LYS A 96 2.13 3.78 1.99
N PRO A 97 1.89 2.76 1.13
CA PRO A 97 2.97 1.93 0.58
C PRO A 97 3.85 2.70 -0.41
N VAL A 98 5.08 2.97 0.00
CA VAL A 98 6.08 3.57 -0.87
C VAL A 98 7.33 2.72 -0.89
N ALA A 99 7.82 2.44 -2.08
CA ALA A 99 8.96 1.56 -2.25
C ALA A 99 10.26 2.32 -2.35
N LEU A 100 11.31 1.75 -1.78
CA LEU A 100 12.64 2.36 -1.80
C LEU A 100 13.28 2.17 -3.16
N ASP A 101 12.87 1.13 -3.86
CA ASP A 101 13.37 0.84 -5.21
C ASP A 101 12.40 1.35 -6.26
N ASP A 102 11.63 2.36 -5.91
CA ASP A 102 10.65 2.95 -6.81
C ASP A 102 11.29 4.02 -7.69
N VAL A 103 11.06 3.93 -8.99
CA VAL A 103 11.66 4.84 -9.95
C VAL A 103 10.87 6.15 -10.07
N SER A 104 9.62 6.14 -9.64
CA SER A 104 8.70 7.23 -9.94
C SER A 104 8.69 8.31 -8.84
N LEU A 105 9.57 8.18 -7.86
CA LEU A 105 9.62 9.16 -6.77
C LEU A 105 10.93 9.91 -6.74
N SER A 106 10.90 11.08 -6.13
CA SER A 106 12.08 11.91 -5.97
C SER A 106 12.85 11.52 -4.70
N PRO A 107 14.15 11.85 -4.63
CA PRO A 107 15.05 11.50 -3.51
C PRO A 107 14.41 11.58 -2.12
N GLU A 108 13.77 12.71 -1.83
CA GLU A 108 13.16 12.92 -0.51
C GLU A 108 12.10 11.87 -0.20
N GLN A 109 11.33 11.50 -1.20
CA GLN A 109 10.19 10.63 -1.01
C GLN A 109 10.60 9.17 -0.75
N ARG A 110 11.74 8.76 -1.29
CA ARG A 110 12.22 7.40 -1.05
C ARG A 110 12.81 7.31 0.36
N ALA A 111 13.14 8.46 0.92
CA ALA A 111 13.56 8.52 2.31
C ALA A 111 12.35 8.30 3.22
N TYR A 112 11.17 8.53 2.67
CA TYR A 112 9.92 8.26 3.38
C TYR A 112 9.36 6.89 2.99
N ALA A 113 10.07 6.19 2.13
CA ALA A 113 9.64 4.86 1.68
C ALA A 113 9.50 3.89 2.85
N ASN A 114 8.52 3.01 2.76
CA ASN A 114 8.24 2.08 3.84
C ASN A 114 8.41 0.63 3.39
N VAL A 115 8.23 0.37 2.09
CA VAL A 115 8.33 -0.98 1.58
C VAL A 115 9.44 -1.10 0.53
N ASN A 116 9.74 -2.32 0.14
CA ASN A 116 10.84 -2.57 -0.80
C ASN A 116 10.40 -2.37 -2.25
N THR A 117 9.33 -3.03 -2.65
CA THR A 117 8.92 -3.05 -4.04
C THR A 117 7.57 -2.37 -4.23
N SER A 118 7.42 -1.70 -5.37
CA SER A 118 6.18 -1.02 -5.70
C SER A 118 5.13 -2.05 -6.10
N LEU A 119 3.86 -1.70 -5.94
CA LEU A 119 2.78 -2.62 -6.24
C LEU A 119 2.69 -2.84 -7.75
N ALA A 120 3.19 -3.98 -8.20
CA ALA A 120 3.17 -4.34 -9.61
C ALA A 120 1.96 -5.21 -9.90
N ASP A 121 1.59 -5.32 -11.18
CA ASP A 121 0.37 -6.03 -11.58
C ASP A 121 0.54 -7.55 -11.50
N ALA A 122 0.76 -8.04 -10.29
CA ALA A 122 0.77 -9.46 -10.00
C ALA A 122 0.97 -9.71 -8.51
N MET A 123 0.46 -8.82 -7.67
CA MET A 123 0.59 -8.97 -6.24
C MET A 123 -0.72 -9.43 -5.64
N ALA A 124 -0.65 -10.47 -4.82
CA ALA A 124 -1.83 -11.00 -4.16
C ALA A 124 -2.14 -10.22 -2.90
N VAL A 125 -3.41 -9.89 -2.71
CA VAL A 125 -3.86 -9.13 -1.56
C VAL A 125 -4.72 -10.02 -0.66
N ASN A 126 -4.25 -10.28 0.54
CA ASN A 126 -4.93 -11.22 1.42
C ASN A 126 -5.09 -10.65 2.82
N ILE A 127 -6.28 -10.81 3.39
CA ILE A 127 -6.54 -10.44 4.77
C ILE A 127 -6.12 -11.56 5.70
N LEU A 128 -5.24 -11.26 6.63
CA LEU A 128 -4.80 -12.25 7.59
C LEU A 128 -5.84 -12.41 8.69
N ASN A 129 -6.47 -13.58 8.73
CA ASN A 129 -7.50 -13.86 9.72
C ASN A 129 -6.88 -14.38 11.01
N VAL A 130 -7.49 -14.05 12.13
CA VAL A 130 -6.99 -14.46 13.42
C VAL A 130 -7.59 -15.80 13.82
N GLY A 7 -15.03 -18.63 9.20
CA GLY A 7 -15.85 -17.80 8.29
C GLY A 7 -15.31 -17.81 6.88
N SER A 8 -15.93 -17.04 6.00
CA SER A 8 -15.51 -16.98 4.61
C SER A 8 -14.54 -15.82 4.39
N THR A 9 -13.65 -15.60 5.35
CA THR A 9 -12.68 -14.52 5.26
C THR A 9 -11.50 -14.94 4.39
N ALA A 10 -11.80 -15.24 3.14
CA ALA A 10 -10.78 -15.67 2.18
C ALA A 10 -10.70 -14.68 1.03
N THR A 11 -9.49 -14.23 0.73
CA THR A 11 -9.29 -13.27 -0.34
C THR A 11 -8.35 -13.82 -1.40
N GLY A 12 -7.06 -13.54 -1.26
CA GLY A 12 -6.09 -13.97 -2.26
C GLY A 12 -6.39 -13.38 -3.62
N ILE A 13 -6.85 -12.14 -3.63
CA ILE A 13 -7.25 -11.47 -4.85
C ILE A 13 -6.07 -10.72 -5.43
N THR A 14 -5.97 -10.67 -6.75
CA THR A 14 -4.80 -10.10 -7.40
C THR A 14 -5.01 -8.65 -7.80
N VAL A 15 -3.91 -7.92 -7.87
CA VAL A 15 -3.90 -6.51 -8.23
C VAL A 15 -4.30 -6.33 -9.70
N SER A 16 -4.90 -5.18 -10.01
CA SER A 16 -5.27 -4.88 -11.38
C SER A 16 -4.45 -3.70 -11.90
N GLY A 17 -3.23 -3.98 -12.34
CA GLY A 17 -2.37 -2.93 -12.84
C GLY A 17 -1.42 -2.42 -11.78
N ALA A 18 -0.23 -2.01 -12.20
CA ALA A 18 0.79 -1.55 -11.25
C ALA A 18 0.56 -0.09 -10.89
N GLN A 19 0.75 0.22 -9.62
CA GLN A 19 0.58 1.58 -9.14
C GLN A 19 1.64 1.94 -8.10
N SER A 20 2.20 3.12 -8.24
CA SER A 20 3.22 3.60 -7.32
C SER A 20 3.01 5.09 -7.03
N PHE A 21 2.47 5.38 -5.86
CA PHE A 21 2.17 6.76 -5.48
C PHE A 21 3.03 7.17 -4.29
N LYS A 22 3.27 8.45 -4.17
CA LYS A 22 4.03 8.99 -3.05
C LYS A 22 3.10 9.78 -2.12
N PRO A 23 3.27 9.62 -0.80
CA PRO A 23 2.45 10.30 0.19
C PRO A 23 2.79 11.79 0.30
N VAL A 24 1.78 12.59 0.59
CA VAL A 24 1.97 14.03 0.74
C VAL A 24 2.80 14.34 1.98
N ALA A 25 4.07 14.63 1.75
CA ALA A 25 4.99 14.96 2.83
C ALA A 25 4.63 16.31 3.43
N TRP A 26 4.97 16.49 4.70
CA TRP A 26 4.66 17.71 5.40
C TRP A 26 5.80 18.70 5.31
N GLN A 27 5.69 19.62 4.35
CA GLN A 27 6.65 20.69 4.20
C GLN A 27 6.31 21.82 5.18
N LEU A 28 6.68 23.05 4.85
CA LEU A 28 6.35 24.17 5.71
C LEU A 28 4.92 24.64 5.44
N ASP A 29 4.47 25.64 6.19
CA ASP A 29 3.13 26.16 6.00
C ASP A 29 3.06 27.03 4.74
N ASN A 30 3.84 28.09 4.74
CA ASN A 30 3.89 29.01 3.60
C ASN A 30 4.56 28.34 2.42
N ASP A 31 5.65 27.62 2.69
CA ASP A 31 6.34 26.87 1.65
C ASP A 31 6.05 25.38 1.79
N GLY A 32 4.86 24.98 1.39
CA GLY A 32 4.47 23.60 1.49
C GLY A 32 3.20 23.31 0.72
N ASN A 33 2.21 22.76 1.39
CA ASN A 33 0.94 22.45 0.76
C ASN A 33 -0.23 22.59 1.74
N LYS A 34 -1.14 23.48 1.41
CA LYS A 34 -2.35 23.67 2.20
C LYS A 34 -3.54 23.05 1.49
N VAL A 35 -3.55 21.73 1.44
CA VAL A 35 -4.58 21.02 0.70
C VAL A 35 -5.66 20.47 1.62
N ASN A 36 -6.87 20.36 1.09
CA ASN A 36 -8.00 19.83 1.85
C ASN A 36 -8.33 18.42 1.40
N VAL A 37 -7.34 17.76 0.83
CA VAL A 37 -7.49 16.39 0.37
C VAL A 37 -6.50 15.48 1.09
N ASP A 38 -6.92 14.27 1.38
CA ASP A 38 -6.08 13.33 2.10
C ASP A 38 -5.26 12.48 1.17
N ASN A 39 -4.13 13.03 0.73
CA ASN A 39 -3.19 12.32 -0.12
C ASN A 39 -2.35 11.34 0.70
N ARG A 40 -2.68 11.23 1.98
CA ARG A 40 -1.94 10.35 2.87
C ARG A 40 -2.29 8.89 2.59
N PHE A 41 -3.57 8.64 2.35
CA PHE A 41 -4.06 7.28 2.15
C PHE A 41 -3.74 6.78 0.75
N ALA A 42 -3.50 5.50 0.63
CA ALA A 42 -3.22 4.89 -0.66
C ALA A 42 -4.46 4.21 -1.21
N THR A 43 -4.86 4.58 -2.41
CA THR A 43 -6.03 3.99 -3.02
C THR A 43 -5.65 2.79 -3.90
N VAL A 44 -5.86 1.60 -3.36
CA VAL A 44 -5.41 0.37 -4.00
C VAL A 44 -6.42 -0.09 -5.05
N THR A 45 -5.95 -0.24 -6.27
CA THR A 45 -6.79 -0.69 -7.37
C THR A 45 -6.61 -2.19 -7.59
N LEU A 46 -7.60 -2.95 -7.20
CA LEU A 46 -7.51 -4.40 -7.25
C LEU A 46 -8.68 -4.96 -8.04
N SER A 47 -8.60 -6.21 -8.46
CA SER A 47 -9.68 -6.82 -9.22
C SER A 47 -10.96 -6.78 -8.41
N ALA A 48 -10.90 -7.32 -7.21
CA ALA A 48 -12.03 -7.32 -6.31
C ALA A 48 -11.56 -6.98 -4.92
N THR A 49 -12.23 -6.03 -4.28
CA THR A 49 -11.93 -5.71 -2.90
C THR A 49 -13.22 -5.81 -2.11
N THR A 50 -14.11 -6.63 -2.65
CA THR A 50 -15.42 -6.88 -2.07
C THR A 50 -15.30 -7.88 -0.92
N GLY A 51 -16.09 -7.67 0.12
CA GLY A 51 -15.97 -8.51 1.30
C GLY A 51 -15.16 -7.82 2.37
N MET A 52 -14.39 -6.83 1.94
CA MET A 52 -13.60 -6.00 2.86
C MET A 52 -14.52 -5.02 3.57
N LYS A 53 -14.13 -4.61 4.76
CA LYS A 53 -14.92 -3.70 5.56
C LYS A 53 -14.02 -2.96 6.53
N ARG A 54 -14.38 -1.72 6.83
CA ARG A 54 -13.55 -0.86 7.67
C ARG A 54 -13.20 -1.56 8.99
N GLY A 55 -11.91 -1.83 9.16
CA GLY A 55 -11.46 -2.60 10.29
C GLY A 55 -10.82 -3.92 9.89
N ASP A 56 -10.65 -4.13 8.58
CA ASP A 56 -9.98 -5.33 8.10
C ASP A 56 -8.47 -5.09 7.99
N LYS A 57 -7.76 -6.13 7.56
CA LYS A 57 -6.31 -6.07 7.44
C LYS A 57 -5.86 -6.82 6.19
N ILE A 58 -5.26 -6.11 5.26
CA ILE A 58 -4.83 -6.72 4.02
C ILE A 58 -3.32 -6.74 3.92
N SER A 59 -2.78 -7.83 3.42
CA SER A 59 -1.36 -7.96 3.22
C SER A 59 -1.07 -8.22 1.74
N PHE A 60 -0.11 -7.51 1.20
CA PHE A 60 0.25 -7.65 -0.20
C PHE A 60 1.39 -8.64 -0.34
N ALA A 61 1.10 -9.79 -0.93
CA ALA A 61 2.08 -10.86 -1.09
C ALA A 61 3.19 -10.43 -2.04
N GLY A 62 4.38 -10.25 -1.48
CA GLY A 62 5.52 -9.83 -2.27
C GLY A 62 5.97 -8.43 -1.90
N VAL A 63 5.01 -7.59 -1.57
CA VAL A 63 5.31 -6.26 -1.06
C VAL A 63 5.60 -6.37 0.43
N LYS A 64 6.70 -5.80 0.88
CA LYS A 64 7.09 -5.95 2.27
C LYS A 64 7.84 -4.72 2.77
N PHE A 65 7.87 -4.58 4.09
CA PHE A 65 8.52 -3.44 4.72
C PHE A 65 10.03 -3.60 4.72
N LEU A 66 10.73 -2.47 4.69
CA LEU A 66 12.18 -2.45 4.74
C LEU A 66 12.70 -3.13 5.99
N GLY A 67 13.65 -4.03 5.83
CA GLY A 67 14.18 -4.79 6.94
C GLY A 67 14.05 -6.28 6.71
N GLN A 68 13.40 -6.64 5.62
CA GLN A 68 13.22 -8.03 5.25
C GLN A 68 14.06 -8.36 4.01
N MET A 69 14.26 -9.66 3.76
CA MET A 69 14.98 -10.16 2.58
C MET A 69 16.48 -9.91 2.66
N ALA A 70 16.89 -8.83 3.33
CA ALA A 70 18.30 -8.49 3.48
C ALA A 70 19.05 -9.62 4.18
N LYS A 71 18.42 -10.20 5.19
CA LYS A 71 18.98 -11.32 5.90
C LYS A 71 17.88 -12.31 6.28
N ASN A 72 16.71 -11.77 6.62
CA ASN A 72 15.57 -12.58 6.99
C ASN A 72 14.87 -13.13 5.76
N VAL A 73 14.90 -14.45 5.59
CA VAL A 73 14.24 -15.10 4.49
C VAL A 73 12.75 -15.20 4.77
N LEU A 74 12.42 -15.33 6.05
CA LEU A 74 11.03 -15.36 6.49
C LEU A 74 10.48 -13.95 6.45
N ALA A 75 9.86 -13.61 5.34
CA ALA A 75 9.43 -12.25 5.10
C ALA A 75 7.92 -12.12 5.18
N GLN A 76 7.47 -11.22 6.05
CA GLN A 76 6.05 -10.98 6.24
C GLN A 76 5.54 -9.95 5.24
N ASP A 77 4.48 -10.30 4.53
CA ASP A 77 3.90 -9.42 3.53
C ASP A 77 3.38 -8.14 4.18
N ALA A 78 3.47 -7.05 3.44
CA ALA A 78 3.12 -5.73 3.94
C ALA A 78 1.67 -5.68 4.42
N THR A 79 1.50 -5.59 5.73
CA THR A 79 0.18 -5.57 6.33
C THR A 79 -0.33 -4.14 6.50
N PHE A 80 -1.44 -3.83 5.84
CA PHE A 80 -2.05 -2.51 5.96
C PHE A 80 -3.50 -2.65 6.38
N SER A 81 -3.99 -1.67 7.12
CA SER A 81 -5.37 -1.68 7.57
C SER A 81 -6.23 -0.80 6.68
N VAL A 82 -7.41 -1.31 6.34
CA VAL A 82 -8.35 -0.57 5.52
C VAL A 82 -8.88 0.65 6.28
N VAL A 83 -9.07 1.74 5.56
CA VAL A 83 -9.70 2.92 6.13
C VAL A 83 -11.12 3.06 5.59
N ARG A 84 -11.27 2.87 4.29
CA ARG A 84 -12.56 2.96 3.64
C ARG A 84 -12.58 2.13 2.36
N VAL A 85 -13.70 1.44 2.13
CA VAL A 85 -13.92 0.77 0.86
C VAL A 85 -14.55 1.75 -0.12
N VAL A 86 -13.77 2.15 -1.11
CA VAL A 86 -14.17 3.21 -2.03
C VAL A 86 -15.20 2.72 -3.05
N ASP A 87 -14.83 1.70 -3.82
CA ASP A 87 -15.70 1.21 -4.89
C ASP A 87 -16.02 -0.27 -4.70
N GLY A 88 -15.44 -0.87 -3.68
CA GLY A 88 -15.51 -2.32 -3.50
C GLY A 88 -14.68 -3.05 -4.53
N THR A 89 -13.83 -2.28 -5.19
CA THR A 89 -12.85 -2.77 -6.15
C THR A 89 -11.66 -1.83 -6.09
N HIS A 90 -11.57 -1.13 -4.97
CA HIS A 90 -10.69 0.00 -4.80
C HIS A 90 -10.74 0.43 -3.34
N VAL A 91 -9.62 0.32 -2.62
CA VAL A 91 -9.62 0.58 -1.18
C VAL A 91 -8.66 1.71 -0.84
N GLU A 92 -8.80 2.30 0.33
CA GLU A 92 -7.83 3.27 0.81
C GLU A 92 -7.25 2.83 2.14
N ILE A 93 -5.92 2.76 2.20
CA ILE A 93 -5.21 2.28 3.38
C ILE A 93 -4.19 3.30 3.87
N THR A 94 -3.67 3.05 5.06
CA THR A 94 -2.62 3.90 5.63
C THR A 94 -1.59 3.02 6.35
N PRO A 95 -0.29 3.33 6.20
CA PRO A 95 0.18 4.43 5.36
C PRO A 95 0.29 4.04 3.89
N LYS A 96 0.70 4.99 3.06
CA LYS A 96 0.88 4.73 1.64
C LYS A 96 2.22 4.03 1.39
N PRO A 97 2.19 2.85 0.76
CA PRO A 97 3.41 2.09 0.43
C PRO A 97 4.27 2.79 -0.62
N VAL A 98 5.44 3.21 -0.19
CA VAL A 98 6.43 3.79 -1.09
C VAL A 98 7.68 2.94 -1.12
N ALA A 99 8.13 2.59 -2.31
CA ALA A 99 9.29 1.75 -2.49
C ALA A 99 10.58 2.56 -2.37
N LEU A 100 11.49 2.06 -1.56
CA LEU A 100 12.79 2.67 -1.38
C LEU A 100 13.59 2.61 -2.68
N ASP A 101 13.29 1.62 -3.51
CA ASP A 101 13.99 1.42 -4.76
C ASP A 101 13.28 2.12 -5.92
N ASP A 102 12.30 2.96 -5.59
CA ASP A 102 11.57 3.71 -6.61
C ASP A 102 12.43 4.84 -7.15
N VAL A 103 12.54 4.92 -8.47
CA VAL A 103 13.40 5.91 -9.11
C VAL A 103 12.70 7.26 -9.25
N SER A 104 11.39 7.27 -9.15
CA SER A 104 10.60 8.46 -9.40
C SER A 104 10.62 9.42 -8.21
N LEU A 105 10.63 8.86 -7.00
CA LEU A 105 10.63 9.68 -5.80
C LEU A 105 11.97 10.37 -5.57
N SER A 106 11.93 11.40 -4.73
CA SER A 106 13.11 12.19 -4.41
C SER A 106 13.58 11.88 -2.98
N PRO A 107 14.74 12.41 -2.53
CA PRO A 107 15.35 12.07 -1.23
C PRO A 107 14.37 12.00 -0.05
N GLU A 108 13.60 13.06 0.16
CA GLU A 108 12.70 13.11 1.31
C GLU A 108 11.64 12.00 1.22
N GLN A 109 11.14 11.76 0.02
CA GLN A 109 10.12 10.75 -0.20
C GLN A 109 10.64 9.34 0.11
N ARG A 110 11.87 9.05 -0.30
CA ARG A 110 12.44 7.72 -0.01
C ARG A 110 12.83 7.60 1.45
N ALA A 111 13.00 8.73 2.10
CA ALA A 111 13.23 8.76 3.54
C ALA A 111 11.96 8.36 4.28
N TYR A 112 10.83 8.46 3.59
CA TYR A 112 9.54 8.06 4.16
C TYR A 112 9.11 6.71 3.59
N ALA A 113 9.94 6.15 2.71
CA ALA A 113 9.65 4.86 2.09
C ALA A 113 9.58 3.77 3.13
N ASN A 114 8.49 3.01 3.14
CA ASN A 114 8.27 1.98 4.15
C ASN A 114 8.46 0.59 3.56
N VAL A 115 8.24 0.45 2.27
CA VAL A 115 8.35 -0.84 1.61
C VAL A 115 9.48 -0.85 0.58
N ASN A 116 9.91 -2.04 0.20
CA ASN A 116 11.02 -2.18 -0.74
C ASN A 116 10.54 -2.21 -2.18
N THR A 117 9.24 -2.45 -2.35
CA THR A 117 8.66 -2.52 -3.67
C THR A 117 7.26 -1.91 -3.69
N SER A 118 6.97 -1.17 -4.76
CA SER A 118 5.64 -0.63 -4.96
C SER A 118 4.69 -1.75 -5.40
N LEU A 119 3.41 -1.44 -5.54
CA LEU A 119 2.45 -2.46 -5.92
C LEU A 119 2.54 -2.70 -7.41
N ALA A 120 3.17 -3.81 -7.78
CA ALA A 120 3.34 -4.19 -9.17
C ALA A 120 2.10 -4.93 -9.65
N ASP A 121 2.02 -5.14 -10.96
CA ASP A 121 0.81 -5.67 -11.60
C ASP A 121 0.71 -7.19 -11.48
N ALA A 122 1.22 -7.74 -10.38
CA ALA A 122 1.08 -9.16 -10.11
C ALA A 122 1.26 -9.44 -8.63
N MET A 123 0.56 -8.67 -7.80
CA MET A 123 0.62 -8.85 -6.36
C MET A 123 -0.70 -9.40 -5.84
N ALA A 124 -0.62 -10.34 -4.92
CA ALA A 124 -1.80 -10.93 -4.32
C ALA A 124 -2.15 -10.24 -3.00
N VAL A 125 -3.42 -9.90 -2.85
CA VAL A 125 -3.91 -9.24 -1.65
C VAL A 125 -4.64 -10.23 -0.77
N ASN A 126 -4.09 -10.49 0.40
CA ASN A 126 -4.65 -11.48 1.30
C ASN A 126 -4.90 -10.90 2.69
N ILE A 127 -6.14 -11.01 3.14
CA ILE A 127 -6.49 -10.65 4.51
C ILE A 127 -6.06 -11.74 5.47
N LEU A 128 -5.33 -11.37 6.50
CA LEU A 128 -4.89 -12.32 7.50
C LEU A 128 -6.08 -12.76 8.34
N ASN A 129 -6.46 -14.02 8.19
CA ASN A 129 -7.62 -14.57 8.88
C ASN A 129 -7.19 -15.41 10.07
N VAL A 130 -6.82 -14.74 11.15
CA VAL A 130 -6.41 -15.43 12.36
C VAL A 130 -7.48 -15.24 13.43
N GLY A 7 -16.99 -16.68 4.92
CA GLY A 7 -16.64 -15.47 5.70
C GLY A 7 -15.76 -14.53 4.91
N SER A 8 -15.76 -13.26 5.28
CA SER A 8 -15.04 -12.25 4.54
C SER A 8 -13.60 -12.10 5.05
N THR A 9 -12.90 -13.23 5.15
CA THR A 9 -11.50 -13.22 5.55
C THR A 9 -10.69 -14.07 4.58
N ALA A 10 -11.27 -14.33 3.42
CA ALA A 10 -10.61 -15.11 2.39
C ALA A 10 -10.60 -14.34 1.07
N THR A 11 -9.45 -13.75 0.75
CA THR A 11 -9.35 -12.91 -0.44
C THR A 11 -8.95 -13.73 -1.67
N GLY A 12 -7.66 -14.06 -1.77
CA GLY A 12 -7.17 -14.75 -2.95
C GLY A 12 -7.33 -13.92 -4.20
N ILE A 13 -7.17 -12.61 -4.04
CA ILE A 13 -7.38 -11.67 -5.13
C ILE A 13 -6.04 -11.18 -5.66
N THR A 14 -5.99 -10.85 -6.95
CA THR A 14 -4.76 -10.34 -7.54
C THR A 14 -4.91 -8.85 -7.87
N VAL A 15 -3.81 -8.11 -7.78
CA VAL A 15 -3.78 -6.69 -8.08
C VAL A 15 -4.33 -6.40 -9.49
N SER A 16 -4.88 -5.21 -9.67
CA SER A 16 -5.40 -4.81 -10.98
C SER A 16 -4.41 -3.90 -11.69
N GLY A 17 -3.29 -4.48 -12.10
CA GLY A 17 -2.27 -3.70 -12.77
C GLY A 17 -1.27 -3.11 -11.79
N ALA A 18 -0.15 -2.63 -12.31
CA ALA A 18 0.88 -2.05 -11.46
C ALA A 18 0.41 -0.73 -10.86
N GLN A 19 0.32 -0.69 -9.54
CA GLN A 19 -0.12 0.51 -8.83
C GLN A 19 1.02 1.06 -7.99
N SER A 20 1.32 2.33 -8.18
CA SER A 20 2.41 2.95 -7.45
C SER A 20 1.92 4.20 -6.72
N PHE A 21 2.54 4.51 -5.60
CA PHE A 21 2.13 5.66 -4.81
C PHE A 21 3.30 6.58 -4.55
N LYS A 22 3.00 7.85 -4.31
CA LYS A 22 4.02 8.85 -4.00
C LYS A 22 3.49 9.82 -2.96
N PRO A 23 4.31 10.20 -1.98
CA PRO A 23 3.95 11.27 -1.06
C PRO A 23 4.31 12.63 -1.64
N VAL A 24 3.30 13.46 -1.84
CA VAL A 24 3.52 14.76 -2.43
C VAL A 24 3.92 15.74 -1.35
N ALA A 25 5.21 15.73 -1.03
CA ALA A 25 5.78 16.66 -0.09
C ALA A 25 6.74 17.58 -0.80
N TRP A 26 6.69 18.87 -0.52
CA TRP A 26 7.53 19.85 -1.19
C TRP A 26 8.86 20.00 -0.46
N GLN A 27 9.35 18.88 0.08
CA GLN A 27 10.60 18.82 0.81
C GLN A 27 10.54 19.65 2.09
N LEU A 28 11.70 19.85 2.71
CA LEU A 28 11.84 20.66 3.93
C LEU A 28 11.22 19.95 5.13
N ASP A 29 9.89 19.92 5.18
CA ASP A 29 9.17 19.37 6.33
C ASP A 29 7.88 18.71 5.89
N ASN A 30 7.27 17.99 6.83
CA ASN A 30 5.97 17.35 6.59
C ASN A 30 4.88 18.41 6.49
N ASP A 31 5.20 19.61 6.97
CA ASP A 31 4.28 20.74 6.86
C ASP A 31 4.58 21.55 5.61
N GLY A 32 5.20 20.90 4.64
CA GLY A 32 5.50 21.55 3.38
C GLY A 32 4.33 21.48 2.42
N ASN A 33 3.58 20.38 2.48
CA ASN A 33 2.42 20.19 1.63
C ASN A 33 1.15 20.55 2.39
N LYS A 34 0.38 21.46 1.81
CA LYS A 34 -0.82 21.98 2.47
C LYS A 34 -2.00 21.03 2.32
N VAL A 35 -1.88 20.05 1.43
CA VAL A 35 -2.92 19.04 1.26
C VAL A 35 -3.02 18.16 2.50
N ASN A 36 -4.21 18.07 3.07
CA ASN A 36 -4.40 17.37 4.32
C ASN A 36 -5.23 16.11 4.13
N VAL A 37 -4.82 15.05 4.81
CA VAL A 37 -5.53 13.77 4.81
C VAL A 37 -5.64 13.20 3.40
N ASP A 38 -4.54 12.66 2.91
CA ASP A 38 -4.50 11.99 1.60
C ASP A 38 -3.20 11.25 1.40
N ASN A 39 -2.08 11.90 1.71
CA ASN A 39 -0.77 11.32 1.45
C ASN A 39 -0.39 10.24 2.45
N ARG A 40 -0.99 10.28 3.63
CA ARG A 40 -0.76 9.24 4.62
C ARG A 40 -1.62 8.02 4.32
N PHE A 41 -2.44 8.14 3.27
CA PHE A 41 -3.33 7.06 2.86
C PHE A 41 -3.03 6.66 1.43
N ALA A 42 -3.46 5.48 1.04
CA ALA A 42 -3.26 4.99 -0.31
C ALA A 42 -4.52 4.33 -0.84
N THR A 43 -4.90 4.70 -2.05
CA THR A 43 -6.10 4.14 -2.66
C THR A 43 -5.72 3.02 -3.62
N VAL A 44 -5.93 1.77 -3.18
CA VAL A 44 -5.44 0.60 -3.90
C VAL A 44 -6.41 0.20 -5.01
N THR A 45 -5.87 0.08 -6.21
CA THR A 45 -6.64 -0.39 -7.35
C THR A 45 -6.47 -1.90 -7.52
N LEU A 46 -7.50 -2.64 -7.18
CA LEU A 46 -7.43 -4.10 -7.23
C LEU A 46 -8.59 -4.63 -8.05
N SER A 47 -8.49 -5.86 -8.55
CA SER A 47 -9.54 -6.43 -9.36
C SER A 47 -10.84 -6.51 -8.57
N ALA A 48 -10.74 -7.05 -7.36
CA ALA A 48 -11.85 -7.12 -6.45
C ALA A 48 -11.39 -6.73 -5.06
N THR A 49 -12.20 -5.95 -4.36
CA THR A 49 -11.89 -5.63 -2.97
C THR A 49 -13.15 -5.79 -2.14
N THR A 50 -14.01 -6.70 -2.61
CA THR A 50 -15.28 -6.98 -1.98
C THR A 50 -15.08 -7.86 -0.76
N GLY A 51 -15.89 -7.66 0.26
CA GLY A 51 -15.78 -8.45 1.47
C GLY A 51 -14.96 -7.74 2.53
N MET A 52 -14.43 -6.60 2.16
CA MET A 52 -13.64 -5.79 3.09
C MET A 52 -14.55 -4.76 3.76
N LYS A 53 -14.12 -4.27 4.90
CA LYS A 53 -14.84 -3.24 5.62
C LYS A 53 -13.85 -2.40 6.39
N ARG A 54 -14.27 -1.22 6.84
CA ARG A 54 -13.37 -0.33 7.57
C ARG A 54 -12.76 -1.03 8.78
N GLY A 55 -11.44 -1.05 8.83
CA GLY A 55 -10.75 -1.66 9.96
C GLY A 55 -10.27 -3.07 9.67
N ASP A 56 -10.18 -3.45 8.41
CA ASP A 56 -9.70 -4.79 8.06
C ASP A 56 -8.24 -4.74 7.66
N LYS A 57 -7.57 -5.88 7.72
CA LYS A 57 -6.15 -5.93 7.45
C LYS A 57 -5.87 -6.61 6.12
N ILE A 58 -5.29 -5.88 5.19
CA ILE A 58 -4.93 -6.46 3.90
C ILE A 58 -3.42 -6.39 3.70
N SER A 59 -2.88 -7.44 3.13
CA SER A 59 -1.46 -7.54 2.84
C SER A 59 -1.27 -7.88 1.37
N PHE A 60 -0.12 -7.49 0.82
CA PHE A 60 0.18 -7.75 -0.57
C PHE A 60 1.40 -8.64 -0.69
N ALA A 61 1.19 -9.87 -1.14
CA ALA A 61 2.26 -10.86 -1.25
C ALA A 61 3.35 -10.37 -2.19
N GLY A 62 4.55 -10.21 -1.66
CA GLY A 62 5.67 -9.75 -2.45
C GLY A 62 6.10 -8.36 -2.05
N VAL A 63 5.13 -7.55 -1.67
CA VAL A 63 5.39 -6.22 -1.16
C VAL A 63 5.59 -6.30 0.34
N LYS A 64 6.79 -6.00 0.81
CA LYS A 64 7.10 -6.13 2.23
C LYS A 64 7.90 -4.93 2.72
N PHE A 65 7.83 -4.71 4.03
CA PHE A 65 8.49 -3.56 4.66
C PHE A 65 9.98 -3.77 4.78
N LEU A 66 10.74 -2.75 4.43
CA LEU A 66 12.19 -2.79 4.62
C LEU A 66 12.53 -2.86 6.10
N GLY A 67 13.42 -3.76 6.42
CA GLY A 67 13.73 -4.06 7.81
C GLY A 67 13.49 -5.53 8.08
N GLN A 68 12.76 -6.16 7.17
CA GLN A 68 12.54 -7.59 7.21
C GLN A 68 13.61 -8.30 6.39
N MET A 69 13.40 -9.59 6.15
CA MET A 69 14.29 -10.40 5.32
C MET A 69 15.68 -10.51 5.94
N ALA A 70 15.79 -10.21 7.22
CA ALA A 70 17.04 -10.38 7.95
C ALA A 70 16.96 -11.64 8.80
N LYS A 71 15.90 -11.75 9.56
CA LYS A 71 15.63 -12.93 10.37
C LYS A 71 14.20 -13.39 10.13
N ASN A 72 13.73 -13.16 8.92
CA ASN A 72 12.34 -13.46 8.55
C ASN A 72 12.31 -14.55 7.52
N VAL A 73 11.86 -15.73 7.94
CA VAL A 73 11.85 -16.90 7.08
C VAL A 73 10.84 -16.74 5.95
N LEU A 74 9.58 -16.61 6.30
CA LEU A 74 8.54 -16.38 5.30
C LEU A 74 8.29 -14.89 5.13
N ALA A 75 8.46 -14.17 6.23
CA ALA A 75 8.28 -12.71 6.27
C ALA A 75 6.87 -12.28 5.89
N GLN A 76 6.11 -11.85 6.89
CA GLN A 76 4.77 -11.34 6.64
C GLN A 76 4.85 -10.06 5.81
N ASP A 77 4.19 -10.10 4.66
CA ASP A 77 4.24 -8.99 3.71
C ASP A 77 3.57 -7.75 4.26
N ALA A 78 3.78 -6.63 3.58
CA ALA A 78 3.28 -5.33 4.01
C ALA A 78 1.80 -5.38 4.36
N THR A 79 1.53 -5.24 5.66
CA THR A 79 0.17 -5.30 6.18
C THR A 79 -0.37 -3.91 6.45
N PHE A 80 -1.47 -3.58 5.78
CA PHE A 80 -2.07 -2.26 5.93
C PHE A 80 -3.52 -2.38 6.40
N SER A 81 -3.98 -1.37 7.11
CA SER A 81 -5.36 -1.35 7.59
C SER A 81 -6.23 -0.51 6.66
N VAL A 82 -7.35 -1.06 6.25
CA VAL A 82 -8.28 -0.36 5.36
C VAL A 82 -9.14 0.61 6.14
N VAL A 83 -9.23 1.83 5.64
CA VAL A 83 -10.00 2.88 6.28
C VAL A 83 -11.43 2.89 5.75
N ARG A 84 -11.58 2.56 4.48
CA ARG A 84 -12.88 2.52 3.82
C ARG A 84 -12.78 1.80 2.49
N VAL A 85 -13.78 1.00 2.18
CA VAL A 85 -13.92 0.43 0.86
C VAL A 85 -14.72 1.39 0.00
N VAL A 86 -14.03 2.04 -0.92
CA VAL A 86 -14.61 3.12 -1.72
C VAL A 86 -15.67 2.61 -2.69
N ASP A 87 -15.29 1.64 -3.51
CA ASP A 87 -16.19 1.16 -4.56
C ASP A 87 -16.33 -0.37 -4.53
N GLY A 88 -15.55 -1.00 -3.68
CA GLY A 88 -15.53 -2.46 -3.61
C GLY A 88 -14.65 -3.06 -4.68
N THR A 89 -13.85 -2.19 -5.29
CA THR A 89 -12.85 -2.57 -6.27
C THR A 89 -11.72 -1.55 -6.22
N HIS A 90 -11.66 -0.87 -5.08
CA HIS A 90 -10.79 0.28 -4.87
C HIS A 90 -10.86 0.64 -3.39
N VAL A 91 -9.76 0.50 -2.66
CA VAL A 91 -9.78 0.70 -1.21
C VAL A 91 -8.86 1.83 -0.81
N GLU A 92 -9.05 2.34 0.40
CA GLU A 92 -8.12 3.31 0.96
C GLU A 92 -7.50 2.77 2.24
N ILE A 93 -6.19 2.65 2.25
CA ILE A 93 -5.48 2.09 3.39
C ILE A 93 -4.49 3.10 3.96
N THR A 94 -3.91 2.76 5.10
CA THR A 94 -2.89 3.58 5.71
C THR A 94 -1.93 2.68 6.51
N PRO A 95 -0.62 2.97 6.49
CA PRO A 95 -0.04 4.08 5.74
C PRO A 95 0.07 3.79 4.23
N LYS A 96 0.61 4.76 3.50
CA LYS A 96 0.78 4.64 2.06
C LYS A 96 2.00 3.80 1.71
N PRO A 97 1.80 2.70 0.97
CA PRO A 97 2.90 1.85 0.48
C PRO A 97 3.76 2.58 -0.54
N VAL A 98 4.97 2.92 -0.14
CA VAL A 98 5.92 3.59 -1.02
C VAL A 98 7.26 2.87 -0.99
N ALA A 99 7.76 2.52 -2.17
CA ALA A 99 9.01 1.80 -2.30
C ALA A 99 10.20 2.72 -2.11
N LEU A 100 11.12 2.32 -1.24
CA LEU A 100 12.32 3.08 -0.98
C LEU A 100 13.30 2.97 -2.15
N ASP A 101 13.21 1.87 -2.88
CA ASP A 101 14.08 1.64 -4.03
C ASP A 101 13.49 2.27 -5.29
N ASP A 102 12.38 2.97 -5.14
CA ASP A 102 11.75 3.67 -6.26
C ASP A 102 12.65 4.80 -6.76
N VAL A 103 12.95 4.78 -8.05
CA VAL A 103 13.87 5.75 -8.63
C VAL A 103 13.18 7.05 -9.03
N SER A 104 11.87 7.09 -8.90
CA SER A 104 11.10 8.23 -9.38
C SER A 104 10.90 9.27 -8.27
N LEU A 105 10.88 8.80 -7.02
CA LEU A 105 10.68 9.69 -5.89
C LEU A 105 11.93 10.53 -5.61
N SER A 106 11.76 11.53 -4.78
CA SER A 106 12.82 12.46 -4.43
C SER A 106 13.44 12.07 -3.08
N PRO A 107 14.66 12.56 -2.77
CA PRO A 107 15.34 12.28 -1.49
C PRO A 107 14.43 12.32 -0.27
N GLU A 108 13.67 13.41 -0.10
CA GLU A 108 12.77 13.53 1.04
C GLU A 108 11.71 12.44 1.02
N GLN A 109 11.28 12.05 -0.17
CA GLN A 109 10.28 11.00 -0.33
C GLN A 109 10.83 9.66 0.13
N ARG A 110 12.15 9.49 0.09
CA ARG A 110 12.80 8.28 0.59
C ARG A 110 12.55 8.14 2.08
N ALA A 111 12.54 9.28 2.78
CA ALA A 111 12.30 9.29 4.22
C ALA A 111 10.90 8.78 4.55
N TYR A 112 9.96 9.00 3.64
CA TYR A 112 8.59 8.56 3.84
C TYR A 112 8.39 7.13 3.33
N ALA A 113 9.38 6.61 2.61
CA ALA A 113 9.29 5.27 2.03
C ALA A 113 9.33 4.19 3.10
N ASN A 114 8.63 3.09 2.86
CA ASN A 114 8.51 2.04 3.87
C ASN A 114 8.72 0.64 3.30
N VAL A 115 8.26 0.40 2.08
CA VAL A 115 8.41 -0.93 1.48
C VAL A 115 9.56 -0.95 0.48
N ASN A 116 9.92 -2.13 0.02
CA ASN A 116 11.01 -2.27 -0.94
C ASN A 116 10.52 -2.01 -2.36
N THR A 117 9.41 -2.64 -2.70
CA THR A 117 8.83 -2.51 -4.03
C THR A 117 7.38 -2.04 -3.95
N SER A 118 6.99 -1.17 -4.86
CA SER A 118 5.61 -0.73 -4.96
C SER A 118 4.74 -1.88 -5.47
N LEU A 119 3.43 -1.69 -5.46
CA LEU A 119 2.52 -2.75 -5.83
C LEU A 119 2.59 -2.99 -7.34
N ALA A 120 3.26 -4.05 -7.73
CA ALA A 120 3.38 -4.38 -9.14
C ALA A 120 2.27 -5.32 -9.56
N ASP A 121 2.28 -5.74 -10.81
CA ASP A 121 1.24 -6.63 -11.32
C ASP A 121 1.42 -8.04 -10.78
N ALA A 122 0.30 -8.75 -10.66
CA ALA A 122 0.25 -10.13 -10.17
C ALA A 122 0.66 -10.24 -8.71
N MET A 123 0.41 -9.19 -7.95
CA MET A 123 0.62 -9.23 -6.51
C MET A 123 -0.65 -9.73 -5.84
N ALA A 124 -0.53 -10.76 -5.02
CA ALA A 124 -1.70 -11.35 -4.38
C ALA A 124 -2.10 -10.58 -3.13
N VAL A 125 -3.38 -10.26 -3.04
CA VAL A 125 -3.94 -9.56 -1.89
C VAL A 125 -4.44 -10.57 -0.88
N ASN A 126 -3.88 -10.53 0.32
CA ASN A 126 -4.22 -11.51 1.37
C ASN A 126 -4.67 -10.81 2.64
N ILE A 127 -5.81 -11.21 3.16
CA ILE A 127 -6.26 -10.75 4.46
C ILE A 127 -5.83 -11.74 5.54
N LEU A 128 -5.29 -11.22 6.63
CA LEU A 128 -4.86 -12.08 7.73
C LEU A 128 -6.07 -12.62 8.47
N ASN A 129 -6.17 -13.94 8.55
CA ASN A 129 -7.31 -14.59 9.17
C ASN A 129 -7.21 -14.52 10.69
N VAL A 130 -7.54 -13.35 11.24
CA VAL A 130 -7.55 -13.17 12.67
C VAL A 130 -8.98 -12.97 13.16
N GLY A 7 -13.13 -20.91 -0.17
CA GLY A 7 -13.92 -20.36 0.95
C GLY A 7 -14.32 -18.92 0.70
N SER A 8 -15.58 -18.58 0.99
CA SER A 8 -16.09 -17.24 0.74
C SER A 8 -15.51 -16.23 1.75
N THR A 9 -15.02 -16.72 2.87
CA THR A 9 -14.38 -15.86 3.86
C THR A 9 -12.89 -15.71 3.55
N ALA A 10 -12.44 -16.40 2.51
CA ALA A 10 -11.07 -16.30 2.05
C ALA A 10 -10.99 -15.36 0.87
N THR A 11 -9.99 -14.50 0.85
CA THR A 11 -9.86 -13.51 -0.20
C THR A 11 -8.99 -14.03 -1.34
N GLY A 12 -7.68 -13.79 -1.26
CA GLY A 12 -6.77 -14.21 -2.31
C GLY A 12 -7.12 -13.56 -3.64
N ILE A 13 -7.17 -12.24 -3.63
CA ILE A 13 -7.53 -11.47 -4.82
C ILE A 13 -6.26 -10.89 -5.44
N THR A 14 -6.23 -10.78 -6.76
CA THR A 14 -5.05 -10.29 -7.44
C THR A 14 -5.16 -8.80 -7.78
N VAL A 15 -4.01 -8.15 -7.76
CA VAL A 15 -3.90 -6.71 -8.03
C VAL A 15 -4.40 -6.36 -9.44
N SER A 16 -4.90 -5.15 -9.60
CA SER A 16 -5.35 -4.68 -10.90
C SER A 16 -4.28 -3.84 -11.57
N GLY A 17 -3.24 -4.51 -12.05
CA GLY A 17 -2.15 -3.82 -12.72
C GLY A 17 -1.17 -3.20 -11.74
N ALA A 18 0.04 -2.94 -12.20
CA ALA A 18 1.08 -2.35 -11.37
C ALA A 18 0.72 -0.91 -11.03
N GLN A 19 1.11 -0.47 -9.85
CA GLN A 19 0.81 0.87 -9.40
C GLN A 19 1.81 1.32 -8.33
N SER A 20 2.27 2.54 -8.46
CA SER A 20 3.24 3.08 -7.53
C SER A 20 2.66 4.32 -6.82
N PHE A 21 2.61 4.25 -5.49
CA PHE A 21 2.11 5.35 -4.70
C PHE A 21 3.25 6.29 -4.36
N LYS A 22 2.95 7.59 -4.26
CA LYS A 22 3.97 8.58 -3.95
C LYS A 22 3.59 9.44 -2.76
N PRO A 23 4.56 9.76 -1.90
CA PRO A 23 4.38 10.69 -0.80
C PRO A 23 4.72 12.11 -1.22
N VAL A 24 4.29 13.09 -0.45
CA VAL A 24 4.61 14.48 -0.75
C VAL A 24 5.58 15.02 0.30
N ALA A 25 6.73 15.47 -0.15
CA ALA A 25 7.72 16.04 0.75
C ALA A 25 8.11 17.43 0.28
N TRP A 26 7.26 18.41 0.58
CA TRP A 26 7.45 19.79 0.14
C TRP A 26 6.25 20.63 0.56
N GLN A 27 6.52 21.81 1.08
CA GLN A 27 5.47 22.74 1.44
C GLN A 27 4.84 23.34 0.18
N LEU A 28 3.66 22.86 -0.15
CA LEU A 28 3.00 23.27 -1.38
C LEU A 28 1.50 23.44 -1.13
N ASP A 29 1.01 24.67 -1.26
CA ASP A 29 -0.39 24.98 -0.96
C ASP A 29 -0.95 26.00 -1.94
N ASN A 30 -0.14 26.96 -2.33
CA ASN A 30 -0.58 28.02 -3.23
C ASN A 30 -0.88 27.46 -4.63
N ASP A 31 0.10 26.78 -5.20
CA ASP A 31 -0.04 26.23 -6.54
C ASP A 31 0.47 24.80 -6.58
N GLY A 32 0.09 24.06 -7.61
CA GLY A 32 0.54 22.68 -7.74
C GLY A 32 -0.31 21.71 -6.95
N ASN A 33 -0.35 21.90 -5.64
CA ASN A 33 -1.15 21.07 -4.75
C ASN A 33 -1.87 21.94 -3.73
N LYS A 34 -3.13 21.65 -3.50
CA LYS A 34 -3.91 22.39 -2.51
C LYS A 34 -4.41 21.44 -1.43
N VAL A 35 -5.02 20.34 -1.84
CA VAL A 35 -5.54 19.37 -0.89
C VAL A 35 -4.55 18.23 -0.67
N ASN A 36 -4.05 18.13 0.55
CA ASN A 36 -3.14 17.04 0.90
C ASN A 36 -3.78 16.14 1.93
N VAL A 37 -4.55 15.18 1.45
CA VAL A 37 -5.20 14.21 2.31
C VAL A 37 -5.11 12.84 1.66
N ASP A 38 -4.05 12.68 0.90
CA ASP A 38 -3.82 11.45 0.14
C ASP A 38 -2.37 11.02 0.30
N ASN A 39 -1.68 11.60 1.27
CA ASN A 39 -0.30 11.26 1.54
C ASN A 39 -0.22 10.18 2.61
N ARG A 40 -1.04 10.35 3.65
CA ARG A 40 -1.11 9.37 4.73
C ARG A 40 -2.00 8.21 4.35
N PHE A 41 -2.74 8.37 3.26
CA PHE A 41 -3.65 7.34 2.77
C PHE A 41 -3.19 6.84 1.42
N ALA A 42 -3.65 5.66 1.05
CA ALA A 42 -3.36 5.10 -0.25
C ALA A 42 -4.59 4.41 -0.81
N THR A 43 -4.92 4.70 -2.05
CA THR A 43 -6.09 4.09 -2.68
C THR A 43 -5.66 2.95 -3.60
N VAL A 44 -5.83 1.72 -3.12
CA VAL A 44 -5.32 0.55 -3.80
C VAL A 44 -6.27 0.10 -4.91
N THR A 45 -5.75 0.06 -6.13
CA THR A 45 -6.54 -0.33 -7.27
C THR A 45 -6.41 -1.84 -7.51
N LEU A 46 -7.46 -2.57 -7.17
CA LEU A 46 -7.42 -4.02 -7.26
C LEU A 46 -8.59 -4.52 -8.08
N SER A 47 -8.54 -5.77 -8.55
CA SER A 47 -9.62 -6.29 -9.36
C SER A 47 -10.92 -6.32 -8.56
N ALA A 48 -10.84 -6.88 -7.36
CA ALA A 48 -11.96 -6.91 -6.44
C ALA A 48 -11.47 -6.57 -5.05
N THR A 49 -12.22 -5.77 -4.33
CA THR A 49 -11.86 -5.47 -2.95
C THR A 49 -13.08 -5.68 -2.06
N THR A 50 -13.98 -6.54 -2.54
CA THR A 50 -15.16 -6.94 -1.80
C THR A 50 -14.75 -7.96 -0.73
N GLY A 51 -15.44 -7.94 0.40
CA GLY A 51 -15.05 -8.80 1.50
C GLY A 51 -14.23 -8.02 2.50
N MET A 52 -13.70 -6.91 2.05
CA MET A 52 -12.95 -6.01 2.91
C MET A 52 -13.91 -5.04 3.57
N LYS A 53 -13.69 -4.75 4.83
CA LYS A 53 -14.54 -3.84 5.56
C LYS A 53 -13.68 -3.03 6.53
N ARG A 54 -14.07 -1.77 6.73
CA ARG A 54 -13.27 -0.79 7.47
C ARG A 54 -12.72 -1.35 8.79
N GLY A 55 -11.41 -1.31 8.93
CA GLY A 55 -10.77 -1.82 10.13
C GLY A 55 -10.24 -3.22 9.97
N ASP A 56 -10.06 -3.66 8.73
CA ASP A 56 -9.62 -5.03 8.46
C ASP A 56 -8.13 -5.07 8.16
N LYS A 57 -7.64 -6.25 7.84
CA LYS A 57 -6.22 -6.46 7.62
C LYS A 57 -5.98 -7.02 6.23
N ILE A 58 -5.30 -6.27 5.39
CA ILE A 58 -4.94 -6.77 4.07
C ILE A 58 -3.43 -6.79 3.90
N SER A 59 -2.93 -7.83 3.27
CA SER A 59 -1.51 -7.97 3.04
C SER A 59 -1.25 -8.16 1.55
N PHE A 60 -0.19 -7.54 1.07
CA PHE A 60 0.18 -7.64 -0.33
C PHE A 60 1.40 -8.52 -0.48
N ALA A 61 1.22 -9.70 -1.06
CA ALA A 61 2.31 -10.64 -1.24
C ALA A 61 3.37 -10.08 -2.17
N GLY A 62 4.57 -9.93 -1.67
CA GLY A 62 5.67 -9.38 -2.46
C GLY A 62 6.09 -8.02 -1.95
N VAL A 63 5.14 -7.26 -1.45
CA VAL A 63 5.40 -5.97 -0.86
C VAL A 63 5.66 -6.13 0.63
N LYS A 64 6.66 -5.45 1.17
CA LYS A 64 6.96 -5.54 2.59
C LYS A 64 7.78 -4.35 3.07
N PHE A 65 7.76 -4.13 4.38
CA PHE A 65 8.37 -2.95 4.98
C PHE A 65 9.88 -3.08 5.09
N LEU A 66 10.55 -1.94 5.10
CA LEU A 66 12.00 -1.89 5.22
C LEU A 66 12.44 -2.35 6.61
N GLY A 67 13.59 -2.99 6.68
CA GLY A 67 14.11 -3.49 7.94
C GLY A 67 13.62 -4.89 8.24
N GLN A 68 12.53 -5.29 7.59
CA GLN A 68 11.94 -6.60 7.79
C GLN A 68 12.73 -7.68 7.06
N MET A 69 13.60 -7.24 6.16
CA MET A 69 14.41 -8.16 5.37
C MET A 69 15.89 -7.94 5.68
N ALA A 70 16.20 -7.77 6.96
CA ALA A 70 17.57 -7.51 7.38
C ALA A 70 18.44 -8.74 7.19
N LYS A 71 18.03 -9.84 7.81
CA LYS A 71 18.77 -11.09 7.72
C LYS A 71 17.83 -12.24 7.40
N ASN A 72 16.59 -12.11 7.84
CA ASN A 72 15.57 -13.11 7.58
C ASN A 72 14.95 -12.90 6.21
N VAL A 73 14.97 -13.95 5.40
CA VAL A 73 14.39 -13.89 4.06
C VAL A 73 12.89 -14.15 4.16
N LEU A 74 12.49 -14.82 5.22
CA LEU A 74 11.08 -15.05 5.51
C LEU A 74 10.47 -13.79 6.09
N ALA A 75 10.33 -12.79 5.27
CA ALA A 75 9.84 -11.49 5.70
C ALA A 75 8.34 -11.37 5.47
N GLN A 76 7.62 -11.01 6.53
CA GLN A 76 6.18 -10.84 6.47
C GLN A 76 5.80 -9.77 5.47
N ASP A 77 4.81 -10.06 4.65
CA ASP A 77 4.35 -9.14 3.62
C ASP A 77 3.62 -7.97 4.26
N ALA A 78 3.65 -6.83 3.57
CA ALA A 78 3.13 -5.57 4.09
C ALA A 78 1.66 -5.66 4.46
N THR A 79 1.39 -5.60 5.74
CA THR A 79 0.04 -5.59 6.24
C THR A 79 -0.45 -4.16 6.45
N PHE A 80 -1.56 -3.83 5.82
CA PHE A 80 -2.14 -2.51 5.96
C PHE A 80 -3.56 -2.62 6.48
N SER A 81 -3.98 -1.62 7.24
CA SER A 81 -5.32 -1.59 7.79
C SER A 81 -6.23 -0.83 6.83
N VAL A 82 -7.29 -1.50 6.38
CA VAL A 82 -8.23 -0.86 5.46
C VAL A 82 -9.08 0.17 6.20
N VAL A 83 -9.02 1.40 5.74
CA VAL A 83 -9.75 2.48 6.37
C VAL A 83 -11.17 2.53 5.85
N ARG A 84 -11.33 2.35 4.54
CA ARG A 84 -12.63 2.46 3.92
C ARG A 84 -12.60 1.86 2.51
N VAL A 85 -13.64 1.10 2.19
CA VAL A 85 -13.81 0.54 0.86
C VAL A 85 -14.60 1.51 -0.01
N VAL A 86 -13.95 2.09 -1.01
CA VAL A 86 -14.55 3.14 -1.82
C VAL A 86 -15.51 2.56 -2.85
N ASP A 87 -15.01 1.70 -3.72
CA ASP A 87 -15.78 1.21 -4.85
C ASP A 87 -16.01 -0.29 -4.77
N GLY A 88 -15.43 -0.92 -3.75
CA GLY A 88 -15.41 -2.38 -3.68
C GLY A 88 -14.51 -2.97 -4.76
N THR A 89 -13.74 -2.09 -5.37
CA THR A 89 -12.72 -2.44 -6.34
C THR A 89 -11.55 -1.49 -6.18
N HIS A 90 -11.54 -0.81 -5.03
CA HIS A 90 -10.62 0.28 -4.78
C HIS A 90 -10.74 0.65 -3.29
N VAL A 91 -9.65 0.52 -2.55
CA VAL A 91 -9.69 0.72 -1.10
C VAL A 91 -8.78 1.87 -0.70
N GLU A 92 -9.05 2.47 0.46
CA GLU A 92 -8.13 3.46 1.02
C GLU A 92 -7.54 2.93 2.32
N ILE A 93 -6.22 2.86 2.36
CA ILE A 93 -5.51 2.33 3.52
C ILE A 93 -4.59 3.38 4.13
N THR A 94 -3.98 3.03 5.24
CA THR A 94 -2.99 3.86 5.89
C THR A 94 -2.05 2.98 6.70
N PRO A 95 -0.73 3.24 6.68
CA PRO A 95 -0.13 4.30 5.87
C PRO A 95 -0.01 3.92 4.39
N LYS A 96 0.55 4.84 3.61
CA LYS A 96 0.72 4.63 2.17
C LYS A 96 1.95 3.76 1.88
N PRO A 97 1.80 2.73 1.04
CA PRO A 97 2.93 1.92 0.60
C PRO A 97 3.76 2.65 -0.46
N VAL A 98 4.94 3.08 -0.07
CA VAL A 98 5.86 3.75 -0.97
C VAL A 98 7.21 3.04 -0.96
N ALA A 99 7.79 2.86 -2.14
CA ALA A 99 8.97 2.02 -2.31
C ALA A 99 10.26 2.82 -2.20
N LEU A 100 11.23 2.24 -1.49
CA LEU A 100 12.54 2.84 -1.31
C LEU A 100 13.40 2.60 -2.54
N ASP A 101 13.19 1.46 -3.20
CA ASP A 101 13.98 1.09 -4.36
C ASP A 101 13.42 1.69 -5.64
N ASP A 102 12.45 2.58 -5.48
CA ASP A 102 11.83 3.26 -6.61
C ASP A 102 12.66 4.46 -7.04
N VAL A 103 12.96 4.54 -8.33
CA VAL A 103 13.76 5.65 -8.85
C VAL A 103 12.88 6.86 -9.16
N SER A 104 11.58 6.63 -9.30
CA SER A 104 10.66 7.66 -9.75
C SER A 104 10.47 8.75 -8.68
N LEU A 105 10.34 8.34 -7.43
CA LEU A 105 10.23 9.31 -6.35
C LEU A 105 11.60 9.90 -6.00
N SER A 106 11.57 11.12 -5.50
CA SER A 106 12.78 11.89 -5.24
C SER A 106 13.35 11.57 -3.85
N PRO A 107 14.64 11.93 -3.61
CA PRO A 107 15.35 11.68 -2.33
C PRO A 107 14.49 11.82 -1.08
N GLU A 108 13.85 12.97 -0.92
CA GLU A 108 13.05 13.24 0.27
C GLU A 108 11.86 12.30 0.38
N GLN A 109 11.30 11.94 -0.78
CA GLN A 109 10.18 11.00 -0.81
C GLN A 109 10.65 9.61 -0.42
N ARG A 110 11.90 9.30 -0.77
CA ARG A 110 12.52 8.04 -0.38
C ARG A 110 12.69 7.96 1.13
N ALA A 111 12.81 9.12 1.78
CA ALA A 111 12.90 9.18 3.23
C ALA A 111 11.56 8.87 3.87
N TYR A 112 10.50 9.01 3.08
CA TYR A 112 9.16 8.67 3.54
C TYR A 112 8.76 7.28 3.06
N ALA A 113 9.67 6.63 2.33
CA ALA A 113 9.41 5.30 1.80
C ALA A 113 9.27 4.28 2.92
N ASN A 114 8.23 3.46 2.83
CA ASN A 114 7.87 2.54 3.90
C ASN A 114 8.18 1.11 3.51
N VAL A 115 8.06 0.81 2.21
CA VAL A 115 8.28 -0.53 1.73
C VAL A 115 9.41 -0.55 0.71
N ASN A 116 9.82 -1.74 0.30
CA ASN A 116 10.92 -1.88 -0.64
C ASN A 116 10.44 -1.77 -2.09
N THR A 117 9.39 -2.50 -2.41
CA THR A 117 8.89 -2.56 -3.78
C THR A 117 7.47 -2.03 -3.85
N SER A 118 7.13 -1.46 -4.99
CA SER A 118 5.78 -0.96 -5.24
C SER A 118 4.87 -2.13 -5.61
N LEU A 119 3.58 -1.84 -5.75
CA LEU A 119 2.60 -2.88 -6.03
C LEU A 119 2.66 -3.26 -7.51
N ALA A 120 3.27 -4.40 -7.80
CA ALA A 120 3.42 -4.87 -9.18
C ALA A 120 2.14 -5.54 -9.66
N ASP A 121 2.11 -5.91 -10.94
CA ASP A 121 0.87 -6.33 -11.60
C ASP A 121 0.50 -7.78 -11.32
N ALA A 122 1.17 -8.41 -10.38
CA ALA A 122 0.83 -9.78 -10.01
C ALA A 122 0.95 -9.99 -8.51
N MET A 123 0.63 -8.95 -7.74
CA MET A 123 0.69 -9.05 -6.29
C MET A 123 -0.61 -9.62 -5.74
N ALA A 124 -0.49 -10.60 -4.87
CA ALA A 124 -1.66 -11.22 -4.26
C ALA A 124 -2.10 -10.45 -3.03
N VAL A 125 -3.40 -10.16 -2.96
CA VAL A 125 -3.97 -9.44 -1.83
C VAL A 125 -4.74 -10.41 -0.95
N ASN A 126 -4.24 -10.66 0.24
CA ASN A 126 -4.86 -11.61 1.14
C ASN A 126 -5.14 -10.97 2.49
N ILE A 127 -6.32 -11.23 3.04
CA ILE A 127 -6.67 -10.76 4.37
C ILE A 127 -6.17 -11.73 5.43
N LEU A 128 -5.33 -11.22 6.32
CA LEU A 128 -4.85 -12.00 7.44
C LEU A 128 -5.76 -11.82 8.63
N ASN A 129 -6.34 -12.91 9.11
CA ASN A 129 -7.25 -12.86 10.23
C ASN A 129 -6.99 -14.03 11.17
N VAL A 130 -6.80 -13.72 12.44
CA VAL A 130 -6.57 -14.75 13.43
C VAL A 130 -7.88 -15.15 14.08
N GLY A 7 -14.93 -11.89 4.05
CA GLY A 7 -13.63 -11.30 3.65
C GLY A 7 -12.60 -11.43 4.75
N SER A 8 -12.14 -12.65 4.97
CA SER A 8 -11.16 -12.92 6.02
C SER A 8 -10.33 -14.15 5.68
N THR A 9 -11.01 -15.23 5.31
CA THR A 9 -10.36 -16.46 4.94
C THR A 9 -10.50 -16.72 3.43
N ALA A 10 -9.36 -16.94 2.77
CA ALA A 10 -9.32 -17.23 1.35
C ALA A 10 -9.95 -16.08 0.54
N THR A 11 -9.40 -14.89 0.71
CA THR A 11 -9.89 -13.72 -0.01
C THR A 11 -9.61 -13.84 -1.50
N GLY A 12 -8.47 -14.42 -1.86
CA GLY A 12 -8.14 -14.66 -3.26
C GLY A 12 -8.25 -13.39 -4.09
N ILE A 13 -7.56 -12.35 -3.65
CA ILE A 13 -7.60 -11.07 -4.31
C ILE A 13 -6.33 -10.84 -5.13
N THR A 14 -6.48 -10.26 -6.32
CA THR A 14 -5.33 -9.92 -7.14
C THR A 14 -5.31 -8.43 -7.43
N VAL A 15 -4.14 -7.91 -7.79
CA VAL A 15 -3.98 -6.52 -8.16
C VAL A 15 -4.42 -6.30 -9.61
N SER A 16 -4.90 -5.11 -9.91
CA SER A 16 -5.27 -4.77 -11.28
C SER A 16 -4.38 -3.64 -11.80
N GLY A 17 -3.23 -4.01 -12.33
CA GLY A 17 -2.30 -3.05 -12.87
C GLY A 17 -1.25 -2.63 -11.86
N ALA A 18 -0.02 -2.50 -12.33
CA ALA A 18 1.07 -2.07 -11.46
C ALA A 18 0.88 -0.62 -11.07
N GLN A 19 1.01 -0.32 -9.80
CA GLN A 19 0.76 1.01 -9.30
C GLN A 19 1.77 1.40 -8.23
N SER A 20 2.40 2.54 -8.42
CA SER A 20 3.37 3.06 -7.48
C SER A 20 2.89 4.39 -6.90
N PHE A 21 2.62 4.41 -5.61
CA PHE A 21 2.14 5.60 -4.95
C PHE A 21 3.30 6.53 -4.63
N LYS A 22 3.00 7.79 -4.33
CA LYS A 22 4.03 8.75 -4.00
C LYS A 22 3.64 9.59 -2.80
N PRO A 23 4.54 9.70 -1.81
CA PRO A 23 4.32 10.52 -0.64
C PRO A 23 4.81 11.94 -0.82
N VAL A 24 3.96 12.91 -0.56
CA VAL A 24 4.32 14.31 -0.73
C VAL A 24 5.14 14.78 0.48
N ALA A 25 6.14 15.60 0.21
CA ALA A 25 6.94 16.21 1.26
C ALA A 25 6.42 17.60 1.57
N TRP A 26 6.86 18.19 2.68
CA TRP A 26 6.42 19.52 3.03
C TRP A 26 7.15 20.55 2.18
N GLN A 27 8.41 20.25 1.88
CA GLN A 27 9.18 21.06 0.95
C GLN A 27 8.59 20.93 -0.44
N LEU A 28 7.84 21.94 -0.86
CA LEU A 28 7.12 21.93 -2.11
C LEU A 28 6.45 23.27 -2.32
N ASP A 29 7.21 24.22 -2.82
CA ASP A 29 6.72 25.58 -3.00
C ASP A 29 6.17 25.77 -4.41
N ASN A 30 6.47 24.83 -5.29
CA ASN A 30 6.02 24.91 -6.69
C ASN A 30 4.63 24.29 -6.84
N ASP A 31 4.23 23.48 -5.87
CA ASP A 31 2.98 22.74 -5.99
C ASP A 31 2.29 22.63 -4.63
N GLY A 32 0.97 22.53 -4.65
CA GLY A 32 0.22 22.45 -3.41
C GLY A 32 -0.38 21.08 -3.17
N ASN A 33 0.44 20.05 -3.29
CA ASN A 33 0.00 18.67 -3.07
C ASN A 33 0.06 18.35 -1.57
N LYS A 34 -0.05 19.39 -0.75
CA LYS A 34 0.02 19.22 0.70
C LYS A 34 -1.35 18.83 1.25
N VAL A 35 -2.34 19.67 0.99
CA VAL A 35 -3.69 19.43 1.47
C VAL A 35 -4.51 18.73 0.38
N ASN A 36 -3.89 18.59 -0.77
CA ASN A 36 -4.52 17.96 -1.92
C ASN A 36 -3.88 16.62 -2.20
N VAL A 37 -4.69 15.62 -2.52
CA VAL A 37 -4.23 14.24 -2.71
C VAL A 37 -3.71 13.68 -1.39
N ASP A 38 -4.55 12.91 -0.72
CA ASP A 38 -4.24 12.39 0.61
C ASP A 38 -2.90 11.67 0.61
N ASN A 39 -2.05 12.04 1.56
CA ASN A 39 -0.70 11.52 1.62
C ASN A 39 -0.61 10.30 2.52
N ARG A 40 -1.55 10.19 3.44
CA ARG A 40 -1.52 9.15 4.45
C ARG A 40 -2.25 7.90 3.94
N PHE A 41 -3.38 8.12 3.32
CA PHE A 41 -4.22 7.01 2.85
C PHE A 41 -4.07 6.82 1.35
N ALA A 42 -3.65 5.62 0.96
CA ALA A 42 -3.45 5.30 -0.44
C ALA A 42 -4.63 4.51 -0.98
N THR A 43 -5.07 4.86 -2.18
CA THR A 43 -6.22 4.20 -2.78
C THR A 43 -5.77 3.11 -3.75
N VAL A 44 -5.95 1.86 -3.33
CA VAL A 44 -5.44 0.70 -4.07
C VAL A 44 -6.45 0.21 -5.09
N THR A 45 -6.03 0.13 -6.35
CA THR A 45 -6.86 -0.37 -7.42
C THR A 45 -6.61 -1.86 -7.62
N LEU A 46 -7.57 -2.68 -7.22
CA LEU A 46 -7.40 -4.12 -7.26
C LEU A 46 -8.53 -4.77 -8.05
N SER A 47 -8.43 -6.06 -8.30
CA SER A 47 -9.46 -6.76 -9.04
C SER A 47 -10.75 -6.77 -8.24
N ALA A 48 -10.65 -7.23 -7.00
CA ALA A 48 -11.79 -7.29 -6.11
C ALA A 48 -11.37 -6.79 -4.74
N THR A 49 -12.12 -5.89 -4.16
CA THR A 49 -11.83 -5.46 -2.81
C THR A 49 -13.10 -5.54 -1.98
N THR A 50 -14.02 -6.37 -2.45
CA THR A 50 -15.26 -6.65 -1.76
C THR A 50 -15.01 -7.67 -0.65
N GLY A 51 -15.74 -7.52 0.45
CA GLY A 51 -15.50 -8.39 1.59
C GLY A 51 -14.64 -7.69 2.61
N MET A 52 -14.10 -6.55 2.21
CA MET A 52 -13.31 -5.73 3.09
C MET A 52 -14.19 -4.67 3.72
N LYS A 53 -13.82 -4.23 4.90
CA LYS A 53 -14.55 -3.18 5.60
C LYS A 53 -13.57 -2.37 6.41
N ARG A 54 -13.94 -1.14 6.73
CA ARG A 54 -13.06 -0.24 7.48
C ARG A 54 -12.56 -0.92 8.75
N GLY A 55 -11.25 -1.11 8.83
CA GLY A 55 -10.68 -1.78 9.98
C GLY A 55 -10.22 -3.19 9.66
N ASP A 56 -10.04 -3.50 8.37
CA ASP A 56 -9.53 -4.81 7.97
C ASP A 56 -8.05 -4.72 7.66
N LYS A 57 -7.39 -5.86 7.71
CA LYS A 57 -5.95 -5.93 7.47
C LYS A 57 -5.68 -6.65 6.17
N ILE A 58 -5.09 -5.95 5.21
CA ILE A 58 -4.76 -6.57 3.94
C ILE A 58 -3.25 -6.65 3.76
N SER A 59 -2.78 -7.76 3.21
CA SER A 59 -1.36 -7.94 2.97
C SER A 59 -1.12 -8.23 1.50
N PHE A 60 -0.05 -7.66 0.97
CA PHE A 60 0.30 -7.85 -0.44
C PHE A 60 1.47 -8.82 -0.55
N ALA A 61 1.18 -10.01 -1.09
CA ALA A 61 2.19 -11.06 -1.19
C ALA A 61 3.30 -10.66 -2.15
N GLY A 62 4.49 -10.46 -1.61
CA GLY A 62 5.62 -10.05 -2.42
C GLY A 62 6.08 -8.65 -2.08
N VAL A 63 5.15 -7.87 -1.55
CA VAL A 63 5.44 -6.51 -1.11
C VAL A 63 5.69 -6.52 0.40
N LYS A 64 6.80 -5.94 0.83
CA LYS A 64 7.13 -5.95 2.26
C LYS A 64 8.15 -4.87 2.61
N PHE A 65 8.49 -4.81 3.90
CA PHE A 65 9.34 -3.76 4.44
C PHE A 65 10.78 -3.84 3.94
N LEU A 66 11.59 -2.86 4.31
CA LEU A 66 12.93 -2.71 3.76
C LEU A 66 13.90 -3.78 4.29
N GLY A 67 14.50 -3.51 5.44
CA GLY A 67 15.53 -4.37 5.97
C GLY A 67 15.00 -5.50 6.81
N GLN A 68 13.81 -5.97 6.47
CA GLN A 68 13.18 -7.06 7.19
C GLN A 68 13.58 -8.39 6.59
N MET A 69 14.32 -8.33 5.48
CA MET A 69 14.68 -9.53 4.74
C MET A 69 16.18 -9.83 4.89
N ALA A 70 16.84 -9.11 5.78
CA ALA A 70 18.26 -9.27 5.99
C ALA A 70 18.60 -10.67 6.48
N LYS A 71 17.91 -11.09 7.55
CA LYS A 71 18.11 -12.42 8.09
C LYS A 71 16.77 -13.13 8.30
N ASN A 72 15.71 -12.35 8.38
CA ASN A 72 14.37 -12.90 8.55
C ASN A 72 13.83 -13.37 7.20
N VAL A 73 13.98 -14.65 6.94
CA VAL A 73 13.51 -15.24 5.70
C VAL A 73 11.99 -15.25 5.67
N LEU A 74 11.40 -15.41 6.85
CA LEU A 74 9.94 -15.40 6.99
C LEU A 74 9.45 -13.97 7.18
N ALA A 75 9.99 -13.06 6.38
CA ALA A 75 9.61 -11.66 6.45
C ALA A 75 8.16 -11.47 6.05
N GLN A 76 7.35 -11.05 7.02
CA GLN A 76 5.92 -10.83 6.79
C GLN A 76 5.70 -9.81 5.68
N ASP A 77 4.67 -10.04 4.89
CA ASP A 77 4.33 -9.15 3.80
C ASP A 77 3.71 -7.87 4.35
N ALA A 78 3.72 -6.83 3.53
CA ALA A 78 3.26 -5.52 3.94
C ALA A 78 1.77 -5.53 4.28
N THR A 79 1.48 -5.48 5.58
CA THR A 79 0.12 -5.42 6.06
C THR A 79 -0.33 -3.98 6.22
N PHE A 80 -1.51 -3.67 5.71
CA PHE A 80 -2.06 -2.33 5.82
C PHE A 80 -3.48 -2.38 6.35
N SER A 81 -3.87 -1.32 7.04
CA SER A 81 -5.22 -1.23 7.58
C SER A 81 -6.11 -0.42 6.64
N VAL A 82 -7.23 -1.01 6.23
CA VAL A 82 -8.15 -0.35 5.32
C VAL A 82 -9.05 0.63 6.08
N VAL A 83 -9.26 1.79 5.49
CA VAL A 83 -10.06 2.82 6.11
C VAL A 83 -11.44 2.91 5.44
N ARG A 84 -11.50 2.59 4.17
CA ARG A 84 -12.76 2.65 3.43
C ARG A 84 -12.68 1.87 2.12
N VAL A 85 -13.74 1.12 1.84
CA VAL A 85 -13.89 0.47 0.55
C VAL A 85 -14.75 1.34 -0.35
N VAL A 86 -14.14 1.88 -1.40
CA VAL A 86 -14.79 2.88 -2.24
C VAL A 86 -15.81 2.24 -3.18
N ASP A 87 -15.36 1.30 -4.01
CA ASP A 87 -16.23 0.70 -5.02
C ASP A 87 -16.27 -0.82 -4.87
N GLY A 88 -15.48 -1.34 -3.94
CA GLY A 88 -15.33 -2.77 -3.80
C GLY A 88 -14.38 -3.32 -4.86
N THR A 89 -13.66 -2.39 -5.48
CA THR A 89 -12.59 -2.71 -6.42
C THR A 89 -11.47 -1.71 -6.22
N HIS A 90 -11.55 -0.99 -5.11
CA HIS A 90 -10.70 0.15 -4.84
C HIS A 90 -10.77 0.48 -3.36
N VAL A 91 -9.64 0.39 -2.66
CA VAL A 91 -9.62 0.60 -1.20
C VAL A 91 -8.73 1.78 -0.85
N GLU A 92 -8.86 2.27 0.36
CA GLU A 92 -7.90 3.24 0.88
C GLU A 92 -7.32 2.75 2.19
N ILE A 93 -6.00 2.65 2.24
CA ILE A 93 -5.32 2.05 3.37
C ILE A 93 -4.28 2.98 3.97
N THR A 94 -3.85 2.66 5.19
CA THR A 94 -2.79 3.38 5.86
C THR A 94 -1.82 2.39 6.49
N PRO A 95 -0.51 2.67 6.42
CA PRO A 95 0.03 3.85 5.74
C PRO A 95 0.08 3.69 4.22
N LYS A 96 0.55 4.71 3.54
CA LYS A 96 0.70 4.69 2.08
C LYS A 96 1.86 3.77 1.69
N PRO A 97 1.57 2.71 0.91
CA PRO A 97 2.61 1.81 0.39
C PRO A 97 3.48 2.51 -0.65
N VAL A 98 4.72 2.79 -0.27
CA VAL A 98 5.65 3.47 -1.14
C VAL A 98 7.02 2.81 -1.10
N ALA A 99 7.61 2.63 -2.27
CA ALA A 99 8.88 1.93 -2.40
C ALA A 99 10.05 2.88 -2.14
N LEU A 100 10.95 2.43 -1.27
CA LEU A 100 12.14 3.21 -0.92
C LEU A 100 13.10 3.27 -2.11
N ASP A 101 13.03 2.27 -2.99
CA ASP A 101 13.90 2.20 -4.15
C ASP A 101 13.18 2.72 -5.40
N ASP A 102 12.09 3.46 -5.19
CA ASP A 102 11.34 4.03 -6.30
C ASP A 102 12.19 5.06 -7.03
N VAL A 103 12.24 4.95 -8.35
CA VAL A 103 13.13 5.79 -9.15
C VAL A 103 12.56 7.17 -9.46
N SER A 104 11.37 7.48 -8.96
CA SER A 104 10.76 8.75 -9.30
C SER A 104 10.36 9.56 -8.06
N LEU A 105 11.07 9.38 -6.96
CA LEU A 105 10.83 10.18 -5.77
C LEU A 105 12.10 10.90 -5.31
N SER A 106 11.91 11.89 -4.44
CA SER A 106 13.00 12.69 -3.91
C SER A 106 13.37 12.24 -2.49
N PRO A 107 14.55 12.66 -1.97
CA PRO A 107 15.05 12.24 -0.65
C PRO A 107 14.01 12.25 0.47
N GLU A 108 13.28 13.36 0.61
CA GLU A 108 12.29 13.48 1.68
C GLU A 108 11.13 12.52 1.50
N GLN A 109 10.85 12.15 0.26
CA GLN A 109 9.80 11.20 -0.03
C GLN A 109 10.23 9.80 0.40
N ARG A 110 11.53 9.56 0.37
CA ARG A 110 12.09 8.29 0.79
C ARG A 110 11.99 8.13 2.31
N ALA A 111 11.80 9.25 2.99
CA ALA A 111 11.60 9.24 4.43
C ALA A 111 10.20 8.74 4.76
N TYR A 112 9.24 9.05 3.89
CA TYR A 112 7.87 8.59 4.07
C TYR A 112 7.68 7.18 3.48
N ALA A 113 8.73 6.67 2.86
CA ALA A 113 8.69 5.33 2.26
C ALA A 113 8.48 4.26 3.32
N ASN A 114 8.01 3.10 2.90
CA ASN A 114 7.67 2.03 3.83
C ASN A 114 8.14 0.67 3.32
N VAL A 115 7.81 0.37 2.07
CA VAL A 115 8.12 -0.93 1.49
C VAL A 115 9.28 -0.81 0.51
N ASN A 116 9.91 -1.95 0.21
CA ASN A 116 11.08 -1.96 -0.66
C ASN A 116 10.68 -2.16 -2.12
N THR A 117 9.40 -2.40 -2.35
CA THR A 117 8.91 -2.69 -3.69
C THR A 117 7.49 -2.15 -3.85
N SER A 118 7.23 -1.52 -4.98
CA SER A 118 5.91 -0.98 -5.29
C SER A 118 4.99 -2.10 -5.79
N LEU A 119 3.69 -1.83 -5.78
CA LEU A 119 2.70 -2.85 -6.11
C LEU A 119 2.75 -3.18 -7.60
N ALA A 120 3.29 -4.36 -7.91
CA ALA A 120 3.44 -4.80 -9.29
C ALA A 120 2.12 -5.36 -9.82
N ASP A 121 2.09 -5.67 -11.11
CA ASP A 121 0.84 -5.92 -11.83
C ASP A 121 0.29 -7.33 -11.62
N ALA A 122 0.93 -8.13 -10.78
CA ALA A 122 0.43 -9.46 -10.47
C ALA A 122 0.67 -9.83 -9.02
N MET A 123 0.36 -8.89 -8.12
CA MET A 123 0.51 -9.13 -6.69
C MET A 123 -0.80 -9.67 -6.11
N ALA A 124 -0.69 -10.58 -5.16
CA ALA A 124 -1.85 -11.15 -4.51
C ALA A 124 -2.16 -10.42 -3.22
N VAL A 125 -3.44 -10.17 -2.97
CA VAL A 125 -3.88 -9.45 -1.79
C VAL A 125 -4.66 -10.38 -0.87
N ASN A 126 -4.14 -10.60 0.32
CA ASN A 126 -4.72 -11.54 1.27
C ASN A 126 -5.00 -10.86 2.60
N ILE A 127 -6.15 -11.17 3.20
CA ILE A 127 -6.47 -10.67 4.53
C ILE A 127 -6.14 -11.72 5.58
N LEU A 128 -5.46 -11.29 6.63
CA LEU A 128 -5.14 -12.18 7.73
C LEU A 128 -6.30 -12.24 8.71
N ASN A 129 -6.90 -13.42 8.85
CA ASN A 129 -7.98 -13.62 9.79
C ASN A 129 -7.42 -14.11 11.11
N VAL A 130 -7.48 -13.26 12.12
CA VAL A 130 -6.98 -13.61 13.44
C VAL A 130 -8.08 -14.25 14.27
N GLY A 7 -12.26 -13.76 11.06
CA GLY A 7 -13.25 -14.68 10.46
C GLY A 7 -12.64 -15.47 9.32
N SER A 8 -13.46 -16.25 8.64
CA SER A 8 -13.00 -17.04 7.51
C SER A 8 -13.07 -16.21 6.22
N THR A 9 -12.51 -15.01 6.28
CA THR A 9 -12.55 -14.09 5.16
C THR A 9 -11.51 -14.49 4.11
N ALA A 10 -11.82 -15.54 3.36
CA ALA A 10 -10.94 -16.02 2.31
C ALA A 10 -10.85 -15.03 1.17
N THR A 11 -9.75 -14.29 1.13
CA THR A 11 -9.53 -13.30 0.10
C THR A 11 -8.35 -13.68 -0.77
N GLY A 12 -8.65 -14.38 -1.86
CA GLY A 12 -7.63 -14.76 -2.81
C GLY A 12 -7.69 -13.89 -4.04
N ILE A 13 -7.49 -12.60 -3.85
CA ILE A 13 -7.65 -11.62 -4.93
C ILE A 13 -6.29 -11.19 -5.46
N THR A 14 -6.26 -10.75 -6.71
CA THR A 14 -5.03 -10.30 -7.34
C THR A 14 -5.08 -8.80 -7.67
N VAL A 15 -3.94 -8.27 -8.08
CA VAL A 15 -3.81 -6.86 -8.40
C VAL A 15 -4.16 -6.61 -9.87
N SER A 16 -4.68 -5.41 -10.15
CA SER A 16 -4.98 -5.02 -11.53
C SER A 16 -4.09 -3.85 -11.95
N GLY A 17 -2.95 -4.17 -12.53
CA GLY A 17 -2.02 -3.14 -12.96
C GLY A 17 -1.03 -2.78 -11.88
N ALA A 18 0.07 -2.15 -12.29
CA ALA A 18 1.08 -1.73 -11.35
C ALA A 18 0.71 -0.39 -10.74
N GLN A 19 0.53 -0.38 -9.42
CA GLN A 19 0.17 0.83 -8.72
C GLN A 19 1.34 1.31 -7.89
N SER A 20 1.71 2.56 -8.07
CA SER A 20 2.84 3.12 -7.36
C SER A 20 2.41 4.34 -6.56
N PHE A 21 2.71 4.32 -5.27
CA PHE A 21 2.34 5.41 -4.38
C PHE A 21 3.58 6.17 -3.97
N LYS A 22 3.43 7.48 -3.80
CA LYS A 22 4.55 8.33 -3.41
C LYS A 22 4.16 9.28 -2.28
N PRO A 23 5.08 9.56 -1.36
CA PRO A 23 4.86 10.56 -0.32
C PRO A 23 5.10 11.96 -0.86
N VAL A 24 4.08 12.80 -0.79
CA VAL A 24 4.19 14.14 -1.33
C VAL A 24 4.97 15.04 -0.39
N ALA A 25 5.94 15.74 -0.94
CA ALA A 25 6.76 16.65 -0.16
C ALA A 25 6.39 18.10 -0.48
N TRP A 26 7.15 19.03 0.07
CA TRP A 26 6.90 20.44 -0.18
C TRP A 26 7.78 20.94 -1.33
N GLN A 27 8.85 20.20 -1.60
CA GLN A 27 9.68 20.48 -2.76
C GLN A 27 9.02 19.91 -4.01
N LEU A 28 8.41 20.80 -4.80
CA LEU A 28 7.60 20.37 -5.93
C LEU A 28 8.27 20.72 -7.24
N ASP A 29 9.32 19.97 -7.57
CA ASP A 29 10.04 20.17 -8.83
C ASP A 29 9.82 18.97 -9.75
N ASN A 30 9.12 17.97 -9.23
CA ASN A 30 8.86 16.75 -9.98
C ASN A 30 7.80 16.98 -11.07
N ASP A 31 6.68 17.56 -10.66
CA ASP A 31 5.57 17.83 -11.57
C ASP A 31 4.68 18.90 -10.98
N GLY A 32 4.46 18.82 -9.68
CA GLY A 32 3.70 19.84 -9.00
C GLY A 32 2.67 19.28 -8.05
N ASN A 33 2.16 20.12 -7.17
CA ASN A 33 1.10 19.75 -6.25
C ASN A 33 0.38 21.01 -5.79
N LYS A 34 -0.45 21.56 -6.66
CA LYS A 34 -1.19 22.78 -6.35
C LYS A 34 -2.61 22.43 -5.91
N VAL A 35 -2.87 21.14 -5.75
CA VAL A 35 -4.18 20.68 -5.34
C VAL A 35 -4.08 19.92 -4.02
N ASN A 36 -5.22 19.57 -3.46
CA ASN A 36 -5.27 18.81 -2.23
C ASN A 36 -5.13 17.32 -2.51
N VAL A 37 -4.46 16.61 -1.63
CA VAL A 37 -4.23 15.18 -1.81
C VAL A 37 -4.32 14.45 -0.47
N ASP A 38 -5.01 13.32 -0.48
CA ASP A 38 -5.07 12.45 0.69
C ASP A 38 -3.74 11.72 0.84
N ASN A 39 -2.86 12.29 1.63
CA ASN A 39 -1.50 11.81 1.74
C ASN A 39 -1.37 10.76 2.84
N ARG A 40 -2.37 10.69 3.71
CA ARG A 40 -2.35 9.73 4.79
C ARG A 40 -3.15 8.49 4.43
N PHE A 41 -3.79 8.51 3.26
CA PHE A 41 -4.59 7.38 2.81
C PHE A 41 -4.15 6.94 1.42
N ALA A 42 -3.98 5.64 1.25
CA ALA A 42 -3.60 5.09 -0.04
C ALA A 42 -4.77 4.36 -0.68
N THR A 43 -5.21 4.85 -1.82
CA THR A 43 -6.33 4.25 -2.52
C THR A 43 -5.83 3.17 -3.49
N VAL A 44 -6.11 1.92 -3.15
CA VAL A 44 -5.58 0.78 -3.90
C VAL A 44 -6.52 0.32 -4.98
N THR A 45 -6.03 0.32 -6.22
CA THR A 45 -6.79 -0.18 -7.36
C THR A 45 -6.51 -1.66 -7.56
N LEU A 46 -7.53 -2.49 -7.38
CA LEU A 46 -7.36 -3.94 -7.45
C LEU A 46 -8.44 -4.55 -8.32
N SER A 47 -8.33 -5.84 -8.61
CA SER A 47 -9.34 -6.54 -9.38
C SER A 47 -10.67 -6.51 -8.62
N ALA A 48 -10.61 -7.03 -7.41
CA ALA A 48 -11.76 -7.05 -6.53
C ALA A 48 -11.32 -6.66 -5.14
N THR A 49 -12.12 -5.89 -4.43
CA THR A 49 -11.82 -5.60 -3.05
C THR A 49 -13.09 -5.84 -2.23
N THR A 50 -13.95 -6.68 -2.80
CA THR A 50 -15.18 -7.11 -2.17
C THR A 50 -14.88 -8.18 -1.13
N GLY A 51 -15.60 -8.14 -0.02
CA GLY A 51 -15.32 -9.05 1.06
C GLY A 51 -14.47 -8.40 2.12
N MET A 52 -13.88 -7.28 1.75
CA MET A 52 -13.09 -6.48 2.68
C MET A 52 -13.99 -5.49 3.39
N LYS A 53 -13.62 -5.12 4.60
CA LYS A 53 -14.41 -4.17 5.37
C LYS A 53 -13.50 -3.16 6.03
N ARG A 54 -14.08 -2.06 6.48
CA ARG A 54 -13.33 -1.01 7.16
C ARG A 54 -12.69 -1.54 8.44
N GLY A 55 -11.47 -1.11 8.70
CA GLY A 55 -10.82 -1.41 9.96
C GLY A 55 -10.15 -2.78 9.99
N ASP A 56 -9.87 -3.37 8.83
CA ASP A 56 -9.27 -4.68 8.80
C ASP A 56 -7.81 -4.58 8.41
N LYS A 57 -7.24 -5.72 8.09
CA LYS A 57 -5.85 -5.81 7.72
C LYS A 57 -5.72 -6.49 6.37
N ILE A 58 -5.22 -5.77 5.38
CA ILE A 58 -5.02 -6.35 4.07
C ILE A 58 -3.52 -6.43 3.78
N SER A 59 -3.10 -7.52 3.18
CA SER A 59 -1.69 -7.75 2.93
C SER A 59 -1.43 -7.96 1.45
N PHE A 60 -0.34 -7.41 0.96
CA PHE A 60 0.04 -7.56 -0.43
C PHE A 60 1.21 -8.53 -0.56
N ALA A 61 0.95 -9.69 -1.13
CA ALA A 61 1.99 -10.69 -1.32
C ALA A 61 2.96 -10.26 -2.41
N GLY A 62 4.22 -10.08 -2.02
CA GLY A 62 5.22 -9.59 -2.95
C GLY A 62 5.71 -8.21 -2.56
N VAL A 63 4.93 -7.54 -1.72
CA VAL A 63 5.31 -6.26 -1.17
C VAL A 63 5.49 -6.40 0.34
N LYS A 64 6.65 -6.05 0.87
CA LYS A 64 6.93 -6.23 2.28
C LYS A 64 7.67 -5.04 2.87
N PHE A 65 7.69 -4.98 4.20
CA PHE A 65 8.28 -3.86 4.94
C PHE A 65 9.79 -4.03 5.06
N LEU A 66 10.49 -2.90 5.08
CA LEU A 66 11.94 -2.89 5.14
C LEU A 66 12.46 -3.10 6.54
N GLY A 67 11.60 -2.87 7.53
CA GLY A 67 12.00 -3.01 8.92
C GLY A 67 12.40 -4.43 9.28
N GLN A 68 11.99 -5.39 8.47
CA GLN A 68 12.32 -6.79 8.71
C GLN A 68 13.09 -7.36 7.51
N MET A 69 13.54 -6.48 6.64
CA MET A 69 14.27 -6.90 5.43
C MET A 69 15.76 -6.61 5.57
N ALA A 70 16.28 -6.73 6.78
CA ALA A 70 17.70 -6.51 7.02
C ALA A 70 18.46 -7.83 6.92
N LYS A 71 17.77 -8.92 7.21
CA LYS A 71 18.38 -10.25 7.15
C LYS A 71 17.32 -11.33 7.10
N ASN A 72 16.12 -11.03 7.60
CA ASN A 72 15.03 -11.99 7.56
C ASN A 72 14.53 -12.20 6.13
N VAL A 73 14.56 -13.45 5.71
CA VAL A 73 14.10 -13.82 4.38
C VAL A 73 12.58 -13.89 4.36
N LEU A 74 12.01 -14.32 5.48
CA LEU A 74 10.57 -14.41 5.64
C LEU A 74 10.05 -13.10 6.24
N ALA A 75 10.50 -11.99 5.67
CA ALA A 75 10.15 -10.67 6.15
C ALA A 75 8.66 -10.41 5.95
N GLN A 76 8.04 -9.86 6.99
CA GLN A 76 6.61 -9.56 7.00
C GLN A 76 6.20 -8.72 5.80
N ASP A 77 5.14 -9.15 5.14
CA ASP A 77 4.61 -8.46 3.98
C ASP A 77 3.88 -7.20 4.41
N ALA A 78 3.58 -6.36 3.43
CA ALA A 78 2.93 -5.09 3.67
C ALA A 78 1.50 -5.27 4.18
N THR A 79 1.41 -5.51 5.48
CA THR A 79 0.14 -5.66 6.14
C THR A 79 -0.42 -4.29 6.53
N PHE A 80 -1.19 -3.70 5.64
CA PHE A 80 -1.71 -2.36 5.86
C PHE A 80 -3.12 -2.40 6.43
N SER A 81 -3.45 -1.40 7.22
CA SER A 81 -4.75 -1.32 7.85
C SER A 81 -5.70 -0.52 6.95
N VAL A 82 -6.85 -1.10 6.65
CA VAL A 82 -7.81 -0.44 5.78
C VAL A 82 -8.74 0.43 6.59
N VAL A 83 -9.09 1.59 6.06
CA VAL A 83 -9.99 2.50 6.76
C VAL A 83 -11.38 2.46 6.15
N ARG A 84 -11.46 2.11 4.86
CA ARG A 84 -12.75 2.03 4.16
C ARG A 84 -12.60 1.38 2.79
N VAL A 85 -13.62 0.66 2.37
CA VAL A 85 -13.71 0.17 1.00
C VAL A 85 -14.48 1.20 0.17
N VAL A 86 -13.83 1.70 -0.87
CA VAL A 86 -14.38 2.80 -1.65
C VAL A 86 -15.48 2.34 -2.61
N ASP A 87 -15.15 1.40 -3.49
CA ASP A 87 -16.09 0.96 -4.51
C ASP A 87 -16.23 -0.57 -4.54
N GLY A 88 -15.41 -1.24 -3.74
CA GLY A 88 -15.38 -2.69 -3.74
C GLY A 88 -14.52 -3.23 -4.86
N THR A 89 -13.76 -2.32 -5.46
CA THR A 89 -12.73 -2.64 -6.43
C THR A 89 -11.58 -1.66 -6.25
N HIS A 90 -11.62 -1.00 -5.09
CA HIS A 90 -10.80 0.16 -4.83
C HIS A 90 -10.91 0.48 -3.35
N VAL A 91 -9.80 0.42 -2.62
CA VAL A 91 -9.84 0.60 -1.16
C VAL A 91 -9.00 1.79 -0.74
N GLU A 92 -9.13 2.20 0.51
CA GLU A 92 -8.26 3.21 1.08
C GLU A 92 -7.63 2.69 2.37
N ILE A 93 -6.30 2.59 2.37
CA ILE A 93 -5.57 2.05 3.50
C ILE A 93 -4.59 3.07 4.08
N THR A 94 -3.96 2.71 5.19
CA THR A 94 -2.95 3.54 5.80
C THR A 94 -2.00 2.67 6.62
N PRO A 95 -0.70 2.99 6.64
CA PRO A 95 -0.11 4.10 5.87
C PRO A 95 0.04 3.77 4.38
N LYS A 96 0.58 4.72 3.64
CA LYS A 96 0.75 4.59 2.19
C LYS A 96 1.93 3.66 1.87
N PRO A 97 1.74 2.69 0.95
CA PRO A 97 2.82 1.85 0.48
C PRO A 97 3.77 2.62 -0.43
N VAL A 98 4.96 2.91 0.06
CA VAL A 98 5.93 3.69 -0.68
C VAL A 98 7.28 3.00 -0.69
N ALA A 99 7.85 2.82 -1.89
CA ALA A 99 9.06 2.04 -2.06
C ALA A 99 10.33 2.88 -1.87
N LEU A 100 11.31 2.27 -1.24
CA LEU A 100 12.59 2.90 -0.96
C LEU A 100 13.51 2.88 -2.19
N ASP A 101 13.34 1.87 -3.03
CA ASP A 101 14.21 1.71 -4.19
C ASP A 101 13.55 2.22 -5.46
N ASP A 102 12.56 3.07 -5.30
CA ASP A 102 11.85 3.62 -6.45
C ASP A 102 12.62 4.80 -7.03
N VAL A 103 12.94 4.73 -8.32
CA VAL A 103 13.75 5.76 -8.95
C VAL A 103 12.91 6.95 -9.39
N SER A 104 11.59 6.79 -9.36
CA SER A 104 10.68 7.80 -9.89
C SER A 104 10.35 8.87 -8.85
N LEU A 105 10.92 8.75 -7.66
CA LEU A 105 10.68 9.71 -6.60
C LEU A 105 11.89 10.61 -6.38
N SER A 106 11.70 11.66 -5.59
CA SER A 106 12.79 12.54 -5.21
C SER A 106 13.50 11.98 -3.98
N PRO A 107 14.83 12.19 -3.84
CA PRO A 107 15.62 11.65 -2.71
C PRO A 107 14.91 11.76 -1.36
N GLU A 108 14.31 12.91 -1.09
CA GLU A 108 13.64 13.16 0.19
C GLU A 108 12.49 12.17 0.41
N GLN A 109 11.88 11.72 -0.68
CA GLN A 109 10.75 10.81 -0.59
C GLN A 109 11.22 9.43 -0.15
N ARG A 110 12.49 9.11 -0.40
CA ARG A 110 13.08 7.87 0.08
C ARG A 110 13.09 7.88 1.60
N ALA A 111 13.30 9.06 2.17
CA ALA A 111 13.29 9.23 3.62
C ALA A 111 11.90 8.99 4.20
N TYR A 112 10.88 9.17 3.37
CA TYR A 112 9.51 8.93 3.78
C TYR A 112 8.99 7.60 3.23
N ALA A 113 9.90 6.79 2.69
CA ALA A 113 9.54 5.48 2.16
C ALA A 113 9.25 4.49 3.29
N ASN A 114 8.62 3.38 2.95
CA ASN A 114 8.14 2.43 3.95
C ASN A 114 8.37 0.99 3.52
N VAL A 115 8.06 0.69 2.26
CA VAL A 115 8.21 -0.66 1.75
C VAL A 115 9.34 -0.75 0.74
N ASN A 116 9.64 -1.95 0.28
CA ASN A 116 10.74 -2.16 -0.65
C ASN A 116 10.35 -1.80 -2.08
N THR A 117 9.23 -2.34 -2.53
CA THR A 117 8.77 -2.11 -3.90
C THR A 117 7.30 -1.69 -3.90
N SER A 118 6.91 -0.93 -4.91
CA SER A 118 5.52 -0.56 -5.10
C SER A 118 4.73 -1.78 -5.57
N LEU A 119 3.40 -1.68 -5.53
CA LEU A 119 2.55 -2.80 -5.89
C LEU A 119 2.63 -3.06 -7.39
N ALA A 120 3.35 -4.09 -7.76
CA ALA A 120 3.49 -4.47 -9.16
C ALA A 120 2.39 -5.44 -9.56
N ASP A 121 2.49 -6.01 -10.74
CA ASP A 121 1.49 -6.95 -11.22
C ASP A 121 1.67 -8.31 -10.56
N ALA A 122 0.62 -9.12 -10.65
CA ALA A 122 0.61 -10.48 -10.10
C ALA A 122 0.91 -10.50 -8.60
N MET A 123 0.25 -9.62 -7.86
CA MET A 123 0.38 -9.59 -6.42
C MET A 123 -0.94 -9.95 -5.77
N ALA A 124 -0.90 -10.89 -4.82
CA ALA A 124 -2.10 -11.33 -4.13
C ALA A 124 -2.43 -10.43 -2.96
N VAL A 125 -3.71 -10.14 -2.80
CA VAL A 125 -4.18 -9.31 -1.70
C VAL A 125 -5.02 -10.15 -0.74
N ASN A 126 -4.54 -10.33 0.48
CA ASN A 126 -5.18 -11.22 1.43
C ASN A 126 -5.36 -10.56 2.80
N ILE A 127 -6.52 -10.77 3.41
CA ILE A 127 -6.78 -10.31 4.77
C ILE A 127 -6.42 -11.38 5.79
N LEU A 128 -5.54 -11.02 6.71
CA LEU A 128 -5.12 -11.93 7.77
C LEU A 128 -6.17 -11.99 8.86
N ASN A 129 -6.41 -13.19 9.37
CA ASN A 129 -7.41 -13.38 10.42
C ASN A 129 -6.92 -12.80 11.75
N VAL A 130 -7.54 -11.73 12.18
CA VAL A 130 -7.21 -11.09 13.44
C VAL A 130 -8.45 -11.01 14.31
N GLY A 7 -8.64 -22.53 2.97
CA GLY A 7 -9.29 -21.96 4.17
C GLY A 7 -10.67 -21.42 3.86
N SER A 8 -11.46 -21.19 4.91
CA SER A 8 -12.81 -20.67 4.75
C SER A 8 -12.77 -19.20 4.38
N THR A 9 -11.87 -18.46 5.01
CA THR A 9 -11.72 -17.03 4.75
C THR A 9 -10.72 -16.79 3.62
N ALA A 10 -10.93 -17.48 2.51
CA ALA A 10 -10.05 -17.38 1.36
C ALA A 10 -10.45 -16.21 0.47
N THR A 11 -9.76 -15.09 0.63
CA THR A 11 -10.02 -13.92 -0.18
C THR A 11 -9.47 -14.12 -1.58
N GLY A 12 -8.16 -14.35 -1.69
CA GLY A 12 -7.54 -14.57 -2.98
C GLY A 12 -7.72 -13.41 -3.93
N ILE A 13 -7.39 -12.22 -3.44
CA ILE A 13 -7.53 -11.00 -4.23
C ILE A 13 -6.26 -10.74 -5.04
N THR A 14 -6.42 -10.22 -6.24
CA THR A 14 -5.27 -9.86 -7.06
C THR A 14 -5.29 -8.38 -7.44
N VAL A 15 -4.12 -7.85 -7.75
CA VAL A 15 -3.98 -6.46 -8.15
C VAL A 15 -4.49 -6.23 -9.57
N SER A 16 -4.97 -5.02 -9.84
CA SER A 16 -5.46 -4.67 -11.17
C SER A 16 -4.57 -3.59 -11.78
N GLY A 17 -3.32 -3.94 -12.03
CA GLY A 17 -2.39 -2.98 -12.60
C GLY A 17 -1.38 -2.48 -11.58
N ALA A 18 -0.19 -2.16 -12.06
CA ALA A 18 0.86 -1.65 -11.19
C ALA A 18 0.44 -0.38 -10.48
N GLN A 19 0.54 -0.38 -9.16
CA GLN A 19 0.18 0.79 -8.36
C GLN A 19 1.42 1.37 -7.70
N SER A 20 1.63 2.66 -7.90
CA SER A 20 2.75 3.36 -7.29
C SER A 20 2.23 4.53 -6.48
N PHE A 21 2.26 4.38 -5.17
CA PHE A 21 1.67 5.36 -4.27
C PHE A 21 2.71 6.42 -3.88
N LYS A 22 2.23 7.65 -3.68
CA LYS A 22 3.10 8.76 -3.27
C LYS A 22 2.35 9.70 -2.32
N PRO A 23 2.87 9.90 -1.10
CA PRO A 23 2.40 10.95 -0.21
C PRO A 23 3.22 12.22 -0.40
N VAL A 24 2.57 13.37 -0.31
CA VAL A 24 3.28 14.63 -0.50
C VAL A 24 4.07 15.00 0.76
N ALA A 25 5.27 14.45 0.85
CA ALA A 25 6.15 14.73 1.97
C ALA A 25 6.89 16.04 1.72
N TRP A 26 6.21 17.13 1.99
CA TRP A 26 6.74 18.45 1.75
C TRP A 26 5.91 19.47 2.53
N GLN A 27 4.67 19.66 2.07
CA GLN A 27 3.72 20.58 2.69
C GLN A 27 4.25 22.01 2.69
N LEU A 28 3.75 22.81 1.76
CA LEU A 28 4.17 24.20 1.65
C LEU A 28 3.71 25.00 2.87
N ASP A 29 4.38 26.11 3.13
CA ASP A 29 4.08 26.93 4.30
C ASP A 29 2.61 27.34 4.30
N ASN A 30 2.20 28.03 3.26
CA ASN A 30 0.81 28.48 3.14
C ASN A 30 -0.07 27.34 2.64
N ASP A 31 0.28 26.76 1.51
CA ASP A 31 -0.51 25.68 0.93
C ASP A 31 -0.06 24.33 1.45
N GLY A 32 -0.37 24.07 2.72
CA GLY A 32 -0.06 22.79 3.29
C GLY A 32 -1.27 21.89 3.31
N ASN A 33 -1.07 20.61 3.01
CA ASN A 33 -2.16 19.64 3.02
C ASN A 33 -2.44 19.24 4.47
N LYS A 34 -3.25 20.07 5.14
CA LYS A 34 -3.52 19.90 6.55
C LYS A 34 -4.83 19.13 6.79
N VAL A 35 -5.83 19.42 5.98
CA VAL A 35 -7.12 18.76 6.10
C VAL A 35 -7.41 17.91 4.86
N ASN A 36 -8.19 16.86 5.05
CA ASN A 36 -8.46 15.90 3.97
C ASN A 36 -7.14 15.38 3.42
N VAL A 37 -6.41 14.66 4.27
CA VAL A 37 -5.07 14.22 3.93
C VAL A 37 -5.10 12.87 3.21
N ASP A 38 -5.93 12.78 2.19
CA ASP A 38 -6.07 11.56 1.41
C ASP A 38 -4.75 11.18 0.73
N ASN A 39 -3.84 12.13 0.64
CA ASN A 39 -2.53 11.88 0.05
C ASN A 39 -1.70 10.96 0.95
N ARG A 40 -2.08 10.84 2.22
CA ARG A 40 -1.37 9.99 3.15
C ARG A 40 -1.96 8.58 3.12
N PHE A 41 -3.14 8.47 2.54
CA PHE A 41 -3.81 7.18 2.40
C PHE A 41 -3.59 6.64 0.99
N ALA A 42 -3.42 5.34 0.87
CA ALA A 42 -3.15 4.73 -0.41
C ALA A 42 -4.41 4.11 -0.99
N THR A 43 -4.77 4.54 -2.19
CA THR A 43 -5.96 4.03 -2.85
C THR A 43 -5.59 2.92 -3.83
N VAL A 44 -5.92 1.69 -3.46
CA VAL A 44 -5.47 0.50 -4.18
C VAL A 44 -6.48 0.07 -5.24
N THR A 45 -6.06 0.07 -6.49
CA THR A 45 -6.88 -0.44 -7.58
C THR A 45 -6.63 -1.93 -7.78
N LEU A 46 -7.59 -2.74 -7.35
CA LEU A 46 -7.45 -4.19 -7.40
C LEU A 46 -8.56 -4.80 -8.25
N SER A 47 -8.45 -6.07 -8.57
CA SER A 47 -9.47 -6.72 -9.39
C SER A 47 -10.78 -6.81 -8.62
N ALA A 48 -10.68 -7.28 -7.39
CA ALA A 48 -11.82 -7.40 -6.51
C ALA A 48 -11.45 -6.90 -5.12
N THR A 49 -12.25 -6.02 -4.54
CA THR A 49 -12.00 -5.62 -3.16
C THR A 49 -13.30 -5.69 -2.37
N THR A 50 -14.27 -6.42 -2.93
CA THR A 50 -15.52 -6.67 -2.25
C THR A 50 -15.36 -7.86 -1.31
N GLY A 51 -16.07 -7.85 -0.19
CA GLY A 51 -15.85 -8.83 0.84
C GLY A 51 -14.86 -8.31 1.84
N MET A 52 -14.32 -7.14 1.53
CA MET A 52 -13.40 -6.44 2.40
C MET A 52 -14.10 -5.22 2.96
N LYS A 53 -13.90 -4.95 4.24
CA LYS A 53 -14.54 -3.82 4.87
C LYS A 53 -13.57 -3.09 5.78
N ARG A 54 -13.84 -1.80 5.98
CA ARG A 54 -12.94 -0.92 6.73
C ARG A 54 -12.71 -1.42 8.15
N GLY A 55 -11.47 -1.40 8.58
CA GLY A 55 -11.13 -1.85 9.91
C GLY A 55 -10.52 -3.24 9.94
N ASP A 56 -10.02 -3.71 8.80
CA ASP A 56 -9.36 -5.00 8.76
C ASP A 56 -7.90 -4.82 8.44
N LYS A 57 -7.24 -5.93 8.17
CA LYS A 57 -5.83 -5.95 7.89
C LYS A 57 -5.59 -6.60 6.54
N ILE A 58 -5.05 -5.85 5.60
CA ILE A 58 -4.78 -6.41 4.30
C ILE A 58 -3.28 -6.38 4.01
N SER A 59 -2.79 -7.43 3.41
CA SER A 59 -1.37 -7.55 3.10
C SER A 59 -1.17 -7.84 1.62
N PHE A 60 -0.06 -7.39 1.08
CA PHE A 60 0.24 -7.57 -0.32
C PHE A 60 1.40 -8.54 -0.49
N ALA A 61 1.11 -9.72 -1.01
CA ALA A 61 2.13 -10.76 -1.18
C ALA A 61 3.18 -10.32 -2.20
N GLY A 62 4.39 -10.09 -1.72
CA GLY A 62 5.46 -9.64 -2.57
C GLY A 62 5.91 -8.23 -2.21
N VAL A 63 4.94 -7.40 -1.82
CA VAL A 63 5.24 -6.08 -1.32
C VAL A 63 5.50 -6.17 0.16
N LYS A 64 6.74 -5.94 0.56
CA LYS A 64 7.12 -6.12 1.95
C LYS A 64 8.01 -4.99 2.43
N PHE A 65 8.40 -5.05 3.70
CA PHE A 65 9.22 -4.00 4.30
C PHE A 65 10.64 -4.00 3.72
N LEU A 66 11.43 -3.01 4.10
CA LEU A 66 12.76 -2.84 3.52
C LEU A 66 13.68 -4.00 3.89
N GLY A 67 13.93 -4.17 5.19
CA GLY A 67 14.82 -5.21 5.64
C GLY A 67 14.07 -6.43 6.15
N GLN A 68 13.14 -6.92 5.35
CA GLN A 68 12.31 -8.05 5.75
C GLN A 68 12.93 -9.37 5.32
N MET A 69 13.45 -9.39 4.10
CA MET A 69 14.12 -10.59 3.59
C MET A 69 15.63 -10.47 3.77
N ALA A 70 16.03 -9.74 4.80
CA ALA A 70 17.44 -9.56 5.10
C ALA A 70 18.00 -10.81 5.75
N LYS A 71 17.16 -11.49 6.53
CA LYS A 71 17.57 -12.71 7.21
C LYS A 71 16.35 -13.61 7.45
N ASN A 72 15.25 -13.00 7.87
CA ASN A 72 14.04 -13.74 8.19
C ASN A 72 13.50 -14.47 6.98
N VAL A 73 13.26 -15.76 7.14
CA VAL A 73 12.68 -16.58 6.09
C VAL A 73 11.16 -16.48 6.16
N LEU A 74 10.66 -16.24 7.36
CA LEU A 74 9.23 -16.00 7.57
C LEU A 74 8.95 -14.51 7.39
N ALA A 75 9.36 -14.00 6.24
CA ALA A 75 9.23 -12.59 5.93
C ALA A 75 7.77 -12.19 5.80
N GLN A 76 7.33 -11.31 6.68
CA GLN A 76 5.97 -10.80 6.63
C GLN A 76 5.86 -9.67 5.62
N ASP A 77 4.84 -9.75 4.78
CA ASP A 77 4.62 -8.76 3.74
C ASP A 77 4.04 -7.49 4.33
N ALA A 78 4.03 -6.43 3.54
CA ALA A 78 3.56 -5.13 3.98
C ALA A 78 2.09 -5.19 4.39
N THR A 79 1.86 -5.11 5.69
CA THR A 79 0.52 -5.17 6.25
C THR A 79 -0.02 -3.76 6.47
N PHE A 80 -1.19 -3.48 5.92
CA PHE A 80 -1.78 -2.16 6.05
C PHE A 80 -3.22 -2.26 6.55
N SER A 81 -3.67 -1.21 7.22
CA SER A 81 -5.02 -1.17 7.75
C SER A 81 -5.96 -0.51 6.75
N VAL A 82 -7.04 -1.21 6.41
CA VAL A 82 -8.02 -0.69 5.46
C VAL A 82 -8.90 0.37 6.12
N VAL A 83 -8.99 1.52 5.50
CA VAL A 83 -9.72 2.64 6.07
C VAL A 83 -11.10 2.78 5.43
N ARG A 84 -11.19 2.49 4.15
CA ARG A 84 -12.46 2.60 3.44
C ARG A 84 -12.42 1.86 2.11
N VAL A 85 -13.53 1.23 1.75
CA VAL A 85 -13.72 0.66 0.43
C VAL A 85 -14.60 1.58 -0.40
N VAL A 86 -14.05 2.11 -1.48
CA VAL A 86 -14.74 3.13 -2.27
C VAL A 86 -15.83 2.54 -3.16
N ASP A 87 -15.48 1.57 -3.99
CA ASP A 87 -16.43 1.01 -4.94
C ASP A 87 -16.48 -0.52 -4.86
N GLY A 88 -15.66 -1.08 -3.99
CA GLY A 88 -15.56 -2.53 -3.89
C GLY A 88 -14.64 -3.13 -4.93
N THR A 89 -13.85 -2.25 -5.55
CA THR A 89 -12.77 -2.66 -6.44
C THR A 89 -11.63 -1.65 -6.30
N HIS A 90 -11.66 -0.95 -5.19
CA HIS A 90 -10.78 0.17 -4.95
C HIS A 90 -10.82 0.53 -3.46
N VAL A 91 -9.70 0.37 -2.76
CA VAL A 91 -9.67 0.57 -1.31
C VAL A 91 -8.71 1.69 -0.95
N GLU A 92 -8.80 2.20 0.28
CA GLU A 92 -7.78 3.11 0.79
C GLU A 92 -7.23 2.58 2.10
N ILE A 93 -5.91 2.57 2.21
CA ILE A 93 -5.23 2.03 3.36
C ILE A 93 -4.28 3.04 3.98
N THR A 94 -3.86 2.77 5.21
CA THR A 94 -2.89 3.59 5.89
C THR A 94 -1.94 2.70 6.70
N PRO A 95 -0.63 3.04 6.74
CA PRO A 95 -0.05 4.16 5.99
C PRO A 95 0.09 3.85 4.49
N LYS A 96 0.61 4.81 3.74
CA LYS A 96 0.79 4.65 2.31
C LYS A 96 2.11 3.96 1.98
N PRO A 97 2.07 2.88 1.20
CA PRO A 97 3.26 2.14 0.78
C PRO A 97 4.12 2.92 -0.20
N VAL A 98 5.30 3.32 0.23
CA VAL A 98 6.28 3.94 -0.65
C VAL A 98 7.54 3.09 -0.67
N ALA A 99 8.01 2.77 -1.86
CA ALA A 99 9.16 1.91 -2.02
C ALA A 99 10.45 2.71 -2.01
N LEU A 100 11.45 2.17 -1.33
CA LEU A 100 12.75 2.81 -1.26
C LEU A 100 13.43 2.77 -2.62
N ASP A 101 13.08 1.76 -3.41
CA ASP A 101 13.65 1.58 -4.74
C ASP A 101 12.78 2.25 -5.79
N ASP A 102 11.80 3.04 -5.33
CA ASP A 102 10.89 3.74 -6.24
C ASP A 102 11.63 4.90 -6.90
N VAL A 103 11.65 4.88 -8.23
CA VAL A 103 12.42 5.84 -9.01
C VAL A 103 11.67 7.15 -9.24
N SER A 104 10.47 7.28 -8.70
CA SER A 104 9.64 8.45 -8.99
C SER A 104 9.31 9.26 -7.73
N LEU A 105 10.19 9.21 -6.74
CA LEU A 105 9.98 10.01 -5.54
C LEU A 105 11.22 10.84 -5.19
N SER A 106 11.02 11.86 -4.37
CA SER A 106 12.08 12.77 -3.98
C SER A 106 12.87 12.22 -2.78
N PRO A 107 14.10 12.75 -2.53
CA PRO A 107 14.97 12.28 -1.45
C PRO A 107 14.26 12.09 -0.11
N GLU A 108 13.45 13.07 0.28
CA GLU A 108 12.74 12.99 1.55
C GLU A 108 11.74 11.86 1.56
N GLN A 109 11.15 11.58 0.40
CA GLN A 109 10.12 10.55 0.31
C GLN A 109 10.70 9.16 0.50
N ARG A 110 11.93 8.93 0.01
CA ARG A 110 12.56 7.64 0.18
C ARG A 110 13.04 7.46 1.62
N ALA A 111 13.26 8.58 2.29
CA ALA A 111 13.62 8.57 3.71
C ALA A 111 12.41 8.17 4.55
N TYR A 112 11.23 8.30 3.97
CA TYR A 112 10.00 7.87 4.61
C TYR A 112 9.43 6.63 3.92
N ALA A 113 10.24 6.03 3.05
CA ALA A 113 9.84 4.79 2.38
C ALA A 113 9.75 3.65 3.38
N ASN A 114 8.76 2.79 3.20
CA ASN A 114 8.51 1.71 4.15
C ASN A 114 8.50 0.34 3.47
N VAL A 115 8.28 0.29 2.17
CA VAL A 115 8.27 -0.98 1.45
C VAL A 115 9.42 -1.05 0.45
N ASN A 116 9.84 -2.26 0.12
CA ASN A 116 11.01 -2.46 -0.73
C ASN A 116 10.63 -2.56 -2.20
N THR A 117 9.34 -2.51 -2.49
CA THR A 117 8.87 -2.58 -3.87
C THR A 117 7.44 -2.07 -3.97
N SER A 118 7.08 -1.55 -5.13
CA SER A 118 5.76 -1.04 -5.38
C SER A 118 4.82 -2.16 -5.81
N LEU A 119 3.52 -1.90 -5.79
CA LEU A 119 2.54 -2.91 -6.13
C LEU A 119 2.62 -3.22 -7.62
N ALA A 120 3.12 -4.40 -7.95
CA ALA A 120 3.32 -4.81 -9.33
C ALA A 120 2.02 -5.31 -9.94
N ASP A 121 2.10 -5.76 -11.20
CA ASP A 121 0.92 -6.13 -11.98
C ASP A 121 0.40 -7.52 -11.63
N ALA A 122 1.04 -8.19 -10.71
CA ALA A 122 0.61 -9.52 -10.28
C ALA A 122 0.90 -9.76 -8.80
N MET A 123 0.41 -8.87 -7.96
CA MET A 123 0.55 -9.02 -6.52
C MET A 123 -0.75 -9.53 -5.94
N ALA A 124 -0.66 -10.40 -4.94
CA ALA A 124 -1.84 -10.95 -4.29
C ALA A 124 -2.17 -10.16 -3.03
N VAL A 125 -3.46 -9.95 -2.81
CA VAL A 125 -3.92 -9.19 -1.64
C VAL A 125 -4.70 -10.11 -0.73
N ASN A 126 -4.24 -10.25 0.51
CA ASN A 126 -4.86 -11.19 1.44
C ASN A 126 -5.00 -10.56 2.83
N ILE A 127 -6.10 -10.89 3.50
CA ILE A 127 -6.35 -10.42 4.85
C ILE A 127 -5.85 -11.41 5.89
N LEU A 128 -5.07 -10.93 6.83
CA LEU A 128 -4.52 -11.78 7.88
C LEU A 128 -5.48 -11.86 9.06
N ASN A 129 -6.04 -13.04 9.26
CA ASN A 129 -6.95 -13.27 10.37
C ASN A 129 -6.17 -13.75 11.60
N VAL A 130 -6.35 -13.06 12.71
CA VAL A 130 -5.68 -13.44 13.95
C VAL A 130 -6.49 -14.51 14.66
N GLY A 7 -14.53 -19.79 -2.24
CA GLY A 7 -14.29 -19.65 -0.78
C GLY A 7 -15.24 -18.67 -0.14
N SER A 8 -15.29 -18.68 1.18
CA SER A 8 -16.18 -17.78 1.92
C SER A 8 -15.46 -16.48 2.28
N THR A 9 -14.26 -16.62 2.84
CA THR A 9 -13.43 -15.48 3.19
C THR A 9 -12.05 -15.64 2.58
N ALA A 10 -12.00 -16.33 1.45
CA ALA A 10 -10.75 -16.65 0.79
C ALA A 10 -10.21 -15.45 0.03
N THR A 11 -9.39 -14.66 0.69
CA THR A 11 -8.77 -13.52 0.06
C THR A 11 -7.57 -13.93 -0.79
N GLY A 12 -7.86 -14.56 -1.92
CA GLY A 12 -6.84 -14.89 -2.88
C GLY A 12 -6.99 -14.03 -4.11
N ILE A 13 -7.06 -12.73 -3.89
CA ILE A 13 -7.35 -11.76 -4.94
C ILE A 13 -6.04 -11.23 -5.54
N THR A 14 -6.12 -10.70 -6.75
CA THR A 14 -4.96 -10.14 -7.41
C THR A 14 -5.13 -8.64 -7.69
N VAL A 15 -4.01 -7.95 -7.76
CA VAL A 15 -3.97 -6.52 -8.06
C VAL A 15 -4.43 -6.26 -9.49
N SER A 16 -4.97 -5.08 -9.74
CA SER A 16 -5.37 -4.70 -11.08
C SER A 16 -4.52 -3.51 -11.56
N GLY A 17 -3.29 -3.81 -11.97
CA GLY A 17 -2.40 -2.77 -12.45
C GLY A 17 -1.36 -2.38 -11.43
N ALA A 18 -0.21 -1.93 -11.89
CA ALA A 18 0.88 -1.51 -11.02
C ALA A 18 0.70 -0.05 -10.62
N GLN A 19 1.02 0.26 -9.37
CA GLN A 19 0.85 1.61 -8.86
C GLN A 19 1.73 1.88 -7.66
N SER A 20 2.13 3.14 -7.50
CA SER A 20 2.85 3.59 -6.33
C SER A 20 2.59 5.08 -6.09
N PHE A 21 1.71 5.38 -5.13
CA PHE A 21 1.39 6.77 -4.82
C PHE A 21 2.47 7.35 -3.93
N LYS A 22 2.77 8.63 -4.12
CA LYS A 22 3.83 9.28 -3.36
C LYS A 22 3.26 10.24 -2.33
N PRO A 23 3.77 10.19 -1.09
CA PRO A 23 3.49 11.19 -0.09
C PRO A 23 4.52 12.32 -0.15
N VAL A 24 4.05 13.53 -0.39
CA VAL A 24 4.93 14.68 -0.53
C VAL A 24 5.33 15.20 0.84
N ALA A 25 6.57 14.92 1.23
CA ALA A 25 7.05 15.31 2.54
C ALA A 25 7.44 16.79 2.58
N TRP A 26 6.44 17.63 2.75
CA TRP A 26 6.66 19.06 2.82
C TRP A 26 5.93 19.65 4.02
N GLN A 27 4.59 19.73 3.92
CA GLN A 27 3.77 20.25 5.00
C GLN A 27 2.33 19.82 4.80
N LEU A 28 1.86 18.89 5.63
CA LEU A 28 0.51 18.35 5.49
C LEU A 28 -0.25 18.44 6.80
N ASP A 29 -0.64 19.64 7.20
CA ASP A 29 -1.44 19.81 8.40
C ASP A 29 -2.68 20.65 8.08
N ASN A 30 -2.49 21.96 7.98
CA ASN A 30 -3.60 22.85 7.62
C ASN A 30 -3.90 22.71 6.14
N ASP A 31 -2.87 22.89 5.33
CA ASP A 31 -2.95 22.65 3.90
C ASP A 31 -1.94 21.56 3.53
N GLY A 32 -2.38 20.58 2.77
CA GLY A 32 -1.50 19.51 2.34
C GLY A 32 -1.44 19.43 0.83
N ASN A 33 -0.28 19.01 0.32
CA ASN A 33 -0.11 18.88 -1.12
C ASN A 33 -0.94 17.71 -1.64
N LYS A 34 -1.68 17.95 -2.72
CA LYS A 34 -2.56 16.95 -3.31
C LYS A 34 -3.70 16.58 -2.36
N VAL A 35 -4.57 17.57 -2.12
CA VAL A 35 -5.77 17.40 -1.29
C VAL A 35 -5.42 17.28 0.20
N ASN A 36 -6.33 17.80 1.02
CA ASN A 36 -6.13 17.79 2.47
C ASN A 36 -6.69 16.51 3.08
N VAL A 37 -5.89 15.88 3.91
CA VAL A 37 -6.25 14.61 4.55
C VAL A 37 -6.64 13.59 3.49
N ASP A 38 -5.71 13.34 2.59
CA ASP A 38 -5.91 12.40 1.50
C ASP A 38 -4.58 11.80 1.07
N ASN A 39 -3.57 12.65 0.98
CA ASN A 39 -2.21 12.21 0.63
C ASN A 39 -1.67 11.27 1.70
N ARG A 40 -2.32 11.33 2.87
CA ARG A 40 -2.02 10.44 3.97
C ARG A 40 -2.43 9.00 3.65
N PHE A 41 -3.35 8.86 2.71
CA PHE A 41 -3.94 7.57 2.38
C PHE A 41 -3.58 7.16 0.96
N ALA A 42 -3.70 5.87 0.67
CA ALA A 42 -3.43 5.36 -0.67
C ALA A 42 -4.64 4.60 -1.20
N THR A 43 -5.02 4.89 -2.44
CA THR A 43 -6.14 4.20 -3.06
C THR A 43 -5.63 3.02 -3.90
N VAL A 44 -5.99 1.81 -3.47
CA VAL A 44 -5.47 0.59 -4.09
C VAL A 44 -6.42 0.08 -5.17
N THR A 45 -5.91 -0.05 -6.39
CA THR A 45 -6.70 -0.53 -7.51
C THR A 45 -6.50 -2.03 -7.67
N LEU A 46 -7.52 -2.79 -7.31
CA LEU A 46 -7.41 -4.24 -7.29
C LEU A 46 -8.53 -4.86 -8.10
N SER A 47 -8.42 -6.15 -8.38
CA SER A 47 -9.46 -6.86 -9.12
C SER A 47 -10.75 -6.84 -8.31
N ALA A 48 -10.67 -7.31 -7.08
CA ALA A 48 -11.79 -7.34 -6.18
C ALA A 48 -11.35 -6.91 -4.81
N THR A 49 -12.13 -6.07 -4.15
CA THR A 49 -11.82 -5.68 -2.79
C THR A 49 -13.07 -5.87 -1.94
N THR A 50 -13.91 -6.78 -2.41
CA THR A 50 -15.12 -7.17 -1.70
C THR A 50 -14.80 -8.21 -0.64
N GLY A 51 -15.61 -8.27 0.40
CA GLY A 51 -15.32 -9.15 1.51
C GLY A 51 -14.50 -8.44 2.55
N MET A 52 -14.10 -7.22 2.20
CA MET A 52 -13.33 -6.37 3.08
C MET A 52 -14.22 -5.28 3.65
N LYS A 53 -13.95 -4.87 4.87
CA LYS A 53 -14.68 -3.78 5.49
C LYS A 53 -13.71 -2.90 6.26
N ARG A 54 -14.11 -1.65 6.51
CA ARG A 54 -13.25 -0.68 7.17
C ARG A 54 -12.75 -1.22 8.52
N GLY A 55 -11.45 -1.08 8.74
CA GLY A 55 -10.85 -1.60 9.96
C GLY A 55 -10.26 -2.98 9.75
N ASP A 56 -10.01 -3.34 8.50
CA ASP A 56 -9.48 -4.66 8.19
C ASP A 56 -8.00 -4.56 7.87
N LYS A 57 -7.35 -5.70 7.78
CA LYS A 57 -5.92 -5.75 7.52
C LYS A 57 -5.66 -6.49 6.22
N ILE A 58 -5.12 -5.78 5.24
CA ILE A 58 -4.82 -6.40 3.96
C ILE A 58 -3.32 -6.45 3.75
N SER A 59 -2.85 -7.56 3.21
CA SER A 59 -1.44 -7.74 2.95
C SER A 59 -1.21 -8.07 1.49
N PHE A 60 -0.24 -7.40 0.89
CA PHE A 60 0.07 -7.63 -0.51
C PHE A 60 1.27 -8.55 -0.65
N ALA A 61 1.02 -9.75 -1.15
CA ALA A 61 2.08 -10.74 -1.31
C ALA A 61 3.07 -10.27 -2.37
N GLY A 62 4.32 -10.14 -1.98
CA GLY A 62 5.34 -9.63 -2.87
C GLY A 62 5.83 -8.27 -2.45
N VAL A 63 4.97 -7.55 -1.75
CA VAL A 63 5.33 -6.27 -1.16
C VAL A 63 5.63 -6.47 0.30
N LYS A 64 6.85 -6.15 0.72
CA LYS A 64 7.27 -6.44 2.08
C LYS A 64 8.03 -5.26 2.69
N PHE A 65 8.04 -5.22 4.02
CA PHE A 65 8.72 -4.17 4.75
C PHE A 65 10.23 -4.35 4.65
N LEU A 66 10.91 -3.38 4.09
CA LEU A 66 12.37 -3.46 3.97
C LEU A 66 13.00 -3.16 5.32
N GLY A 67 14.30 -3.36 5.43
CA GLY A 67 14.96 -3.23 6.71
C GLY A 67 14.83 -4.48 7.52
N GLN A 68 13.62 -5.02 7.56
CA GLN A 68 13.34 -6.28 8.25
C GLN A 68 14.10 -7.43 7.60
N MET A 69 14.34 -7.30 6.30
CA MET A 69 14.96 -8.34 5.51
C MET A 69 16.45 -8.49 5.84
N ALA A 70 16.97 -7.53 6.61
CA ALA A 70 18.38 -7.55 6.99
C ALA A 70 18.65 -8.59 8.07
N LYS A 71 17.59 -9.08 8.69
CA LYS A 71 17.73 -10.09 9.74
C LYS A 71 16.64 -11.15 9.61
N ASN A 72 15.45 -10.73 9.26
CA ASN A 72 14.32 -11.65 9.13
C ASN A 72 14.29 -12.26 7.75
N VAL A 73 14.30 -13.58 7.68
CA VAL A 73 14.20 -14.29 6.42
C VAL A 73 12.73 -14.53 6.10
N LEU A 74 11.95 -14.73 7.15
CA LEU A 74 10.51 -14.92 7.01
C LEU A 74 9.80 -13.56 7.14
N ALA A 75 10.23 -12.61 6.33
CA ALA A 75 9.67 -11.28 6.34
C ALA A 75 8.21 -11.32 5.89
N GLN A 76 7.34 -10.69 6.67
CA GLN A 76 5.91 -10.71 6.39
C GLN A 76 5.58 -9.73 5.26
N ASP A 77 4.41 -9.92 4.66
CA ASP A 77 3.95 -9.03 3.61
C ASP A 77 3.52 -7.70 4.21
N ALA A 78 3.50 -6.67 3.37
CA ALA A 78 3.15 -5.33 3.79
C ALA A 78 1.69 -5.26 4.24
N THR A 79 1.50 -5.28 5.55
CA THR A 79 0.17 -5.22 6.14
C THR A 79 -0.31 -3.79 6.25
N PHE A 80 -1.39 -3.47 5.55
CA PHE A 80 -1.97 -2.14 5.62
C PHE A 80 -3.41 -2.20 6.11
N SER A 81 -3.83 -1.16 6.82
CA SER A 81 -5.17 -1.11 7.37
C SER A 81 -6.11 -0.37 6.43
N VAL A 82 -7.22 -0.99 6.09
CA VAL A 82 -8.19 -0.38 5.19
C VAL A 82 -9.05 0.64 5.96
N VAL A 83 -9.23 1.81 5.36
CA VAL A 83 -10.00 2.87 5.98
C VAL A 83 -11.44 2.84 5.49
N ARG A 84 -11.63 2.57 4.21
CA ARG A 84 -12.97 2.52 3.62
C ARG A 84 -12.93 1.87 2.24
N VAL A 85 -13.94 1.06 1.95
CA VAL A 85 -14.06 0.43 0.65
C VAL A 85 -14.75 1.38 -0.33
N VAL A 86 -13.95 1.97 -1.20
CA VAL A 86 -14.42 3.05 -2.08
C VAL A 86 -15.33 2.52 -3.18
N ASP A 87 -14.83 1.59 -3.99
CA ASP A 87 -15.58 1.11 -5.14
C ASP A 87 -15.91 -0.38 -5.02
N GLY A 88 -15.30 -1.03 -4.04
CA GLY A 88 -15.40 -2.48 -3.90
C GLY A 88 -14.49 -3.19 -4.89
N THR A 89 -13.63 -2.41 -5.49
CA THR A 89 -12.57 -2.89 -6.37
C THR A 89 -11.40 -1.92 -6.23
N HIS A 90 -11.45 -1.16 -5.15
CA HIS A 90 -10.64 0.03 -4.98
C HIS A 90 -10.76 0.48 -3.52
N VAL A 91 -9.67 0.41 -2.77
CA VAL A 91 -9.71 0.68 -1.33
C VAL A 91 -8.82 1.86 -0.98
N GLU A 92 -9.02 2.43 0.19
CA GLU A 92 -8.11 3.44 0.72
C GLU A 92 -7.46 2.93 2.00
N ILE A 93 -6.14 2.98 2.06
CA ILE A 93 -5.41 2.45 3.20
C ILE A 93 -4.46 3.48 3.80
N THR A 94 -3.95 3.16 4.98
CA THR A 94 -2.95 3.96 5.65
C THR A 94 -2.02 3.04 6.43
N PRO A 95 -0.70 3.31 6.42
CA PRO A 95 -0.10 4.41 5.66
C PRO A 95 0.04 4.10 4.17
N LYS A 96 0.58 5.05 3.43
CA LYS A 96 0.76 4.92 1.99
C LYS A 96 1.98 4.07 1.65
N PRO A 97 1.79 2.99 0.86
CA PRO A 97 2.88 2.13 0.42
C PRO A 97 3.81 2.82 -0.57
N VAL A 98 5.05 3.06 -0.16
CA VAL A 98 6.05 3.64 -1.02
C VAL A 98 7.27 2.74 -1.10
N ALA A 99 7.70 2.44 -2.32
CA ALA A 99 8.83 1.55 -2.54
C ALA A 99 10.14 2.32 -2.50
N LEU A 100 11.06 1.81 -1.70
CA LEU A 100 12.37 2.41 -1.54
C LEU A 100 13.12 2.41 -2.88
N ASP A 101 12.80 1.46 -3.75
CA ASP A 101 13.47 1.36 -5.04
C ASP A 101 12.66 2.06 -6.15
N ASP A 102 11.70 2.88 -5.74
CA ASP A 102 10.93 3.66 -6.70
C ASP A 102 11.71 4.91 -7.10
N VAL A 103 11.88 5.13 -8.40
CA VAL A 103 12.73 6.22 -8.88
C VAL A 103 11.99 7.56 -8.93
N SER A 104 10.71 7.57 -8.63
CA SER A 104 9.91 8.79 -8.76
C SER A 104 9.78 9.54 -7.45
N LEU A 105 10.41 9.03 -6.39
CA LEU A 105 10.37 9.71 -5.10
C LEU A 105 11.74 10.28 -4.72
N SER A 106 11.71 11.29 -3.86
CA SER A 106 12.91 12.01 -3.46
C SER A 106 13.50 11.42 -2.17
N PRO A 107 14.77 11.77 -1.82
CA PRO A 107 15.46 11.26 -0.63
C PRO A 107 14.59 11.22 0.63
N GLU A 108 13.91 12.32 0.93
CA GLU A 108 13.06 12.40 2.12
C GLU A 108 11.93 11.38 2.05
N GLN A 109 11.37 11.22 0.86
CA GLN A 109 10.28 10.27 0.66
C GLN A 109 10.80 8.84 0.82
N ARG A 110 12.05 8.61 0.44
CA ARG A 110 12.68 7.31 0.62
C ARG A 110 12.75 6.94 2.10
N ALA A 111 12.89 7.95 2.95
CA ALA A 111 12.96 7.73 4.39
C ALA A 111 11.61 7.28 4.93
N TYR A 112 10.54 7.63 4.21
CA TYR A 112 9.20 7.23 4.60
C TYR A 112 8.77 5.97 3.87
N ALA A 113 9.65 5.47 3.01
CA ALA A 113 9.38 4.24 2.28
C ALA A 113 9.51 3.05 3.23
N ASN A 114 8.38 2.46 3.58
CA ASN A 114 8.35 1.36 4.54
C ASN A 114 8.44 0.01 3.83
N VAL A 115 8.42 0.02 2.51
CA VAL A 115 8.57 -1.19 1.72
C VAL A 115 9.57 -0.95 0.61
N ASN A 116 10.19 -2.02 0.12
CA ASN A 116 11.19 -1.91 -0.93
C ASN A 116 10.55 -2.11 -2.30
N THR A 117 9.46 -2.84 -2.33
CA THR A 117 8.78 -3.12 -3.58
C THR A 117 7.44 -2.37 -3.67
N SER A 118 7.15 -1.85 -4.85
CA SER A 118 5.89 -1.17 -5.09
C SER A 118 4.84 -2.19 -5.49
N LEU A 119 3.58 -1.78 -5.54
CA LEU A 119 2.53 -2.70 -5.92
C LEU A 119 2.60 -2.93 -7.42
N ALA A 120 3.16 -4.06 -7.81
CA ALA A 120 3.29 -4.42 -9.21
C ALA A 120 1.99 -5.00 -9.73
N ASP A 121 1.87 -5.10 -11.04
CA ASP A 121 0.62 -5.50 -11.68
C ASP A 121 0.39 -7.01 -11.62
N ALA A 122 0.98 -7.65 -10.63
CA ALA A 122 0.77 -9.09 -10.41
C ALA A 122 0.99 -9.45 -8.93
N MET A 123 0.50 -8.60 -8.04
CA MET A 123 0.61 -8.85 -6.61
C MET A 123 -0.70 -9.43 -6.09
N ALA A 124 -0.61 -10.26 -5.06
CA ALA A 124 -1.79 -10.89 -4.48
C ALA A 124 -2.24 -10.16 -3.22
N VAL A 125 -3.54 -10.07 -3.01
CA VAL A 125 -4.11 -9.39 -1.86
C VAL A 125 -4.74 -10.40 -0.90
N ASN A 126 -4.19 -10.50 0.30
CA ASN A 126 -4.67 -11.46 1.28
C ASN A 126 -4.85 -10.80 2.64
N ILE A 127 -5.95 -11.14 3.31
CA ILE A 127 -6.24 -10.61 4.64
C ILE A 127 -5.82 -11.60 5.72
N LEU A 128 -5.06 -11.13 6.69
CA LEU A 128 -4.63 -11.96 7.80
C LEU A 128 -5.70 -11.99 8.88
N ASN A 129 -5.86 -13.13 9.52
CA ASN A 129 -6.84 -13.29 10.58
C ASN A 129 -6.17 -13.79 11.85
N VAL A 130 -5.89 -12.88 12.76
CA VAL A 130 -5.25 -13.22 14.02
C VAL A 130 -6.30 -13.50 15.09
N GLY A 7 -11.96 -20.28 7.06
CA GLY A 7 -11.24 -18.99 7.04
C GLY A 7 -11.67 -18.11 5.88
N SER A 8 -12.60 -17.19 6.14
CA SER A 8 -13.13 -16.33 5.10
C SER A 8 -12.17 -15.18 4.79
N THR A 9 -11.18 -15.00 5.65
CA THR A 9 -10.19 -13.95 5.46
C THR A 9 -9.20 -14.30 4.35
N ALA A 10 -9.26 -15.53 3.87
CA ALA A 10 -8.40 -15.99 2.79
C ALA A 10 -8.86 -15.41 1.45
N THR A 11 -8.87 -14.10 1.36
CA THR A 11 -9.30 -13.40 0.17
C THR A 11 -8.16 -13.30 -0.86
N GLY A 12 -7.85 -14.42 -1.50
CA GLY A 12 -6.76 -14.45 -2.46
C GLY A 12 -7.10 -13.76 -3.76
N ILE A 13 -7.22 -12.44 -3.71
CA ILE A 13 -7.55 -11.64 -4.87
C ILE A 13 -6.29 -10.97 -5.40
N THR A 14 -6.26 -10.67 -6.70
CA THR A 14 -5.08 -10.08 -7.30
C THR A 14 -5.22 -8.58 -7.48
N VAL A 15 -4.11 -7.95 -7.83
CA VAL A 15 -4.04 -6.52 -8.06
C VAL A 15 -4.53 -6.17 -9.48
N SER A 16 -5.06 -4.97 -9.65
CA SER A 16 -5.51 -4.53 -10.97
C SER A 16 -4.51 -3.54 -11.55
N GLY A 17 -3.44 -4.06 -12.12
CA GLY A 17 -2.42 -3.20 -12.71
C GLY A 17 -1.33 -2.85 -11.72
N ALA A 18 -0.22 -2.33 -12.22
CA ALA A 18 0.89 -1.93 -11.36
C ALA A 18 0.82 -0.43 -11.07
N GLN A 19 1.06 -0.07 -9.82
CA GLN A 19 1.03 1.33 -9.43
C GLN A 19 2.00 1.60 -8.29
N SER A 20 2.85 2.59 -8.49
CA SER A 20 3.80 3.00 -7.47
C SER A 20 3.28 4.22 -6.72
N PHE A 21 3.12 4.06 -5.42
CA PHE A 21 2.53 5.11 -4.60
C PHE A 21 3.56 6.18 -4.25
N LYS A 22 3.07 7.37 -3.91
CA LYS A 22 3.93 8.50 -3.57
C LYS A 22 3.32 9.31 -2.42
N PRO A 23 4.11 9.63 -1.39
CA PRO A 23 3.65 10.42 -0.26
C PRO A 23 3.79 11.92 -0.51
N VAL A 24 2.85 12.69 0.01
CA VAL A 24 2.92 14.14 -0.11
C VAL A 24 3.92 14.72 0.89
N ALA A 25 4.84 15.52 0.37
CA ALA A 25 5.85 16.16 1.20
C ALA A 25 5.93 17.64 0.85
N TRP A 26 7.02 18.30 1.21
CA TRP A 26 7.18 19.72 0.90
C TRP A 26 7.49 19.90 -0.58
N GLN A 27 6.46 19.87 -1.39
CA GLN A 27 6.57 20.07 -2.83
C GLN A 27 5.18 20.17 -3.45
N LEU A 28 5.14 20.47 -4.73
CA LEU A 28 3.88 20.54 -5.46
C LEU A 28 4.09 20.04 -6.89
N ASP A 29 5.05 19.13 -7.04
CA ASP A 29 5.40 18.57 -8.34
C ASP A 29 5.87 19.66 -9.30
N ASN A 30 5.73 19.42 -10.59
CA ASN A 30 6.23 20.34 -11.62
C ASN A 30 5.40 21.61 -11.67
N ASP A 31 4.10 21.46 -11.85
CA ASP A 31 3.21 22.61 -11.99
C ASP A 31 2.48 22.90 -10.69
N GLY A 32 1.74 21.92 -10.22
CA GLY A 32 0.98 22.09 -8.99
C GLY A 32 0.08 20.91 -8.72
N ASN A 33 -0.39 20.81 -7.49
CA ASN A 33 -1.25 19.70 -7.08
C ASN A 33 -2.53 20.22 -6.47
N LYS A 34 -3.65 19.83 -7.04
CA LYS A 34 -4.95 20.21 -6.51
C LYS A 34 -5.37 19.19 -5.46
N VAL A 35 -4.83 17.98 -5.58
CA VAL A 35 -5.15 16.90 -4.66
C VAL A 35 -4.76 17.26 -3.22
N ASN A 36 -5.77 17.35 -2.37
CA ASN A 36 -5.57 17.64 -0.97
C ASN A 36 -6.54 16.83 -0.12
N VAL A 37 -6.08 16.38 1.04
CA VAL A 37 -6.88 15.52 1.90
C VAL A 37 -7.29 14.25 1.14
N ASP A 38 -6.29 13.45 0.80
CA ASP A 38 -6.50 12.21 0.04
C ASP A 38 -5.24 11.36 0.11
N ASN A 39 -4.09 12.00 -0.08
CA ASN A 39 -2.81 11.30 -0.11
C ASN A 39 -2.48 10.75 1.28
N ARG A 40 -3.20 11.20 2.28
CA ARG A 40 -3.06 10.66 3.64
C ARG A 40 -3.38 9.17 3.64
N PHE A 41 -4.18 8.75 2.67
CA PHE A 41 -4.53 7.35 2.51
C PHE A 41 -3.99 6.84 1.18
N ALA A 42 -3.93 5.52 1.05
CA ALA A 42 -3.48 4.92 -0.19
C ALA A 42 -4.62 4.16 -0.85
N THR A 43 -5.05 4.62 -2.01
CA THR A 43 -6.12 3.97 -2.74
C THR A 43 -5.59 2.83 -3.58
N VAL A 44 -5.80 1.61 -3.09
CA VAL A 44 -5.32 0.42 -3.75
C VAL A 44 -6.27 -0.02 -4.84
N THR A 45 -5.75 -0.16 -6.05
CA THR A 45 -6.55 -0.59 -7.18
C THR A 45 -6.36 -2.09 -7.41
N LEU A 46 -7.37 -2.87 -7.04
CA LEU A 46 -7.26 -4.32 -7.09
C LEU A 46 -8.37 -4.89 -7.96
N SER A 47 -8.25 -6.15 -8.35
CA SER A 47 -9.26 -6.78 -9.17
C SER A 47 -10.62 -6.70 -8.47
N ALA A 48 -10.66 -7.23 -7.27
CA ALA A 48 -11.85 -7.18 -6.44
C ALA A 48 -11.44 -6.86 -5.02
N THR A 49 -12.14 -5.96 -4.38
CA THR A 49 -11.88 -5.67 -2.98
C THR A 49 -13.16 -5.86 -2.19
N THR A 50 -14.04 -6.68 -2.76
CA THR A 50 -15.26 -7.10 -2.10
C THR A 50 -14.94 -8.13 -1.03
N GLY A 51 -15.47 -7.92 0.16
CA GLY A 51 -15.09 -8.73 1.29
C GLY A 51 -14.31 -7.89 2.27
N MET A 52 -13.65 -6.87 1.75
CA MET A 52 -12.98 -5.88 2.57
C MET A 52 -14.01 -4.94 3.17
N LYS A 53 -13.79 -4.58 4.42
CA LYS A 53 -14.71 -3.71 5.14
C LYS A 53 -13.96 -2.97 6.23
N ARG A 54 -14.39 -1.74 6.49
CA ARG A 54 -13.70 -0.82 7.41
C ARG A 54 -13.22 -1.52 8.68
N GLY A 55 -11.91 -1.48 8.90
CA GLY A 55 -11.33 -2.05 10.10
C GLY A 55 -10.53 -3.31 9.85
N ASP A 56 -10.59 -3.85 8.63
CA ASP A 56 -9.88 -5.09 8.32
C ASP A 56 -8.39 -4.86 8.12
N LYS A 57 -7.69 -5.94 7.80
CA LYS A 57 -6.27 -5.92 7.59
C LYS A 57 -5.92 -6.63 6.29
N ILE A 58 -5.36 -5.91 5.35
CA ILE A 58 -4.98 -6.51 4.08
C ILE A 58 -3.47 -6.54 3.92
N SER A 59 -2.98 -7.65 3.38
CA SER A 59 -1.56 -7.81 3.13
C SER A 59 -1.33 -8.06 1.65
N PHE A 60 -0.22 -7.56 1.14
CA PHE A 60 0.12 -7.75 -0.26
C PHE A 60 1.35 -8.63 -0.39
N ALA A 61 1.15 -9.84 -0.91
CA ALA A 61 2.23 -10.79 -1.06
C ALA A 61 3.20 -10.33 -2.13
N GLY A 62 4.45 -10.14 -1.74
CA GLY A 62 5.47 -9.66 -2.66
C GLY A 62 5.94 -8.28 -2.29
N VAL A 63 5.03 -7.47 -1.77
CA VAL A 63 5.38 -6.17 -1.24
C VAL A 63 5.70 -6.31 0.23
N LYS A 64 6.95 -6.04 0.62
CA LYS A 64 7.38 -6.29 1.98
C LYS A 64 8.10 -5.09 2.56
N PHE A 65 8.02 -4.96 3.88
CA PHE A 65 8.72 -3.91 4.60
C PHE A 65 10.22 -4.20 4.58
N LEU A 66 10.98 -3.33 3.93
CA LEU A 66 12.41 -3.57 3.77
C LEU A 66 13.16 -3.32 5.06
N GLY A 67 12.52 -2.59 5.97
CA GLY A 67 13.11 -2.36 7.29
C GLY A 67 13.11 -3.64 8.11
N GLN A 68 12.24 -4.56 7.72
CA GLN A 68 12.16 -5.86 8.38
C GLN A 68 13.38 -6.71 8.04
N MET A 69 14.08 -6.32 6.98
CA MET A 69 15.24 -7.05 6.51
C MET A 69 16.47 -6.73 7.36
N ALA A 70 16.28 -5.91 8.38
CA ALA A 70 17.37 -5.50 9.25
C ALA A 70 18.06 -6.70 9.89
N LYS A 71 17.28 -7.69 10.26
CA LYS A 71 17.81 -8.91 10.87
C LYS A 71 16.99 -10.13 10.45
N ASN A 72 15.70 -9.93 10.23
CA ASN A 72 14.82 -11.00 9.79
C ASN A 72 14.87 -11.15 8.28
N VAL A 73 15.32 -12.31 7.81
CA VAL A 73 15.42 -12.58 6.38
C VAL A 73 14.05 -12.86 5.80
N LEU A 74 13.17 -13.41 6.62
CA LEU A 74 11.83 -13.78 6.19
C LEU A 74 10.90 -12.59 6.41
N ALA A 75 11.22 -11.51 5.72
CA ALA A 75 10.52 -10.26 5.87
C ALA A 75 9.04 -10.39 5.55
N GLN A 76 8.21 -10.03 6.52
CA GLN A 76 6.76 -10.09 6.40
C GLN A 76 6.27 -9.20 5.26
N ASP A 77 5.22 -9.65 4.59
CA ASP A 77 4.60 -8.87 3.53
C ASP A 77 3.85 -7.69 4.15
N ALA A 78 3.70 -6.63 3.38
CA ALA A 78 3.11 -5.38 3.85
C ALA A 78 1.68 -5.58 4.34
N THR A 79 1.43 -5.13 5.56
CA THR A 79 0.13 -5.26 6.18
C THR A 79 -0.44 -3.89 6.52
N PHE A 80 -1.63 -3.58 5.99
CA PHE A 80 -2.26 -2.30 6.24
C PHE A 80 -3.73 -2.50 6.60
N SER A 81 -4.28 -1.59 7.37
CA SER A 81 -5.68 -1.67 7.77
C SER A 81 -6.53 -0.82 6.83
N VAL A 82 -7.65 -1.38 6.40
CA VAL A 82 -8.57 -0.67 5.52
C VAL A 82 -9.27 0.45 6.29
N VAL A 83 -9.45 1.58 5.64
CA VAL A 83 -10.18 2.69 6.24
C VAL A 83 -11.57 2.80 5.61
N ARG A 84 -11.65 2.56 4.31
CA ARG A 84 -12.92 2.63 3.60
C ARG A 84 -12.81 1.92 2.25
N VAL A 85 -13.87 1.21 1.88
CA VAL A 85 -13.99 0.61 0.56
C VAL A 85 -14.95 1.46 -0.28
N VAL A 86 -14.42 2.16 -1.26
CA VAL A 86 -15.22 3.10 -2.04
C VAL A 86 -16.06 2.39 -3.10
N ASP A 87 -15.40 1.66 -4.00
CA ASP A 87 -16.12 1.03 -5.11
C ASP A 87 -16.14 -0.49 -4.97
N GLY A 88 -15.31 -1.00 -4.08
CA GLY A 88 -15.14 -2.44 -3.96
C GLY A 88 -14.18 -2.98 -4.99
N THR A 89 -13.45 -2.06 -5.61
CA THR A 89 -12.33 -2.38 -6.48
C THR A 89 -11.19 -1.42 -6.15
N HIS A 90 -11.39 -0.69 -5.06
CA HIS A 90 -10.55 0.44 -4.71
C HIS A 90 -10.68 0.70 -3.22
N VAL A 91 -9.61 0.50 -2.48
CA VAL A 91 -9.66 0.65 -1.02
C VAL A 91 -8.70 1.75 -0.60
N GLU A 92 -9.00 2.42 0.50
CA GLU A 92 -8.08 3.40 1.05
C GLU A 92 -7.51 2.89 2.38
N ILE A 93 -6.20 2.69 2.39
CA ILE A 93 -5.50 2.19 3.57
C ILE A 93 -4.52 3.22 4.10
N THR A 94 -3.95 2.93 5.26
CA THR A 94 -2.94 3.78 5.85
C THR A 94 -2.06 2.93 6.78
N PRO A 95 -0.73 3.19 6.82
CA PRO A 95 -0.09 4.19 5.97
C PRO A 95 0.07 3.74 4.52
N LYS A 96 0.64 4.61 3.70
CA LYS A 96 0.82 4.35 2.28
C LYS A 96 2.08 3.53 2.01
N PRO A 97 1.95 2.42 1.27
CA PRO A 97 3.10 1.62 0.84
C PRO A 97 3.92 2.33 -0.23
N VAL A 98 5.10 2.78 0.14
CA VAL A 98 5.97 3.50 -0.78
C VAL A 98 7.33 2.82 -0.88
N ALA A 99 7.84 2.71 -2.09
CA ALA A 99 9.06 1.95 -2.37
C ALA A 99 10.31 2.81 -2.19
N LEU A 100 11.31 2.19 -1.58
CA LEU A 100 12.61 2.82 -1.34
C LEU A 100 13.43 2.85 -2.64
N ASP A 101 13.25 1.82 -3.46
CA ASP A 101 14.02 1.70 -4.69
C ASP A 101 13.31 2.39 -5.85
N ASP A 102 12.32 3.22 -5.53
CA ASP A 102 11.57 3.95 -6.54
C ASP A 102 12.43 5.08 -7.10
N VAL A 103 12.62 5.08 -8.42
CA VAL A 103 13.49 6.04 -9.08
C VAL A 103 12.76 7.36 -9.35
N SER A 104 11.44 7.33 -9.29
CA SER A 104 10.63 8.46 -9.71
C SER A 104 10.57 9.53 -8.60
N LEU A 105 10.57 9.09 -7.36
CA LEU A 105 10.46 10.02 -6.23
C LEU A 105 11.81 10.64 -5.87
N SER A 106 11.75 11.77 -5.18
CA SER A 106 12.94 12.51 -4.78
C SER A 106 13.57 11.92 -3.51
N PRO A 107 14.84 12.28 -3.21
CA PRO A 107 15.56 11.79 -2.03
C PRO A 107 14.73 11.77 -0.74
N GLU A 108 14.11 12.89 -0.39
CA GLU A 108 13.35 12.99 0.86
C GLU A 108 12.15 12.02 0.84
N GLN A 109 11.66 11.74 -0.35
CA GLN A 109 10.52 10.86 -0.53
C GLN A 109 10.89 9.42 -0.18
N ARG A 110 12.03 8.97 -0.70
CA ARG A 110 12.48 7.60 -0.44
C ARG A 110 12.91 7.44 1.01
N ALA A 111 13.23 8.55 1.65
CA ALA A 111 13.52 8.56 3.08
C ALA A 111 12.26 8.18 3.87
N TYR A 112 11.10 8.48 3.31
CA TYR A 112 9.83 8.16 3.95
C TYR A 112 9.28 6.83 3.44
N ALA A 113 10.01 6.19 2.54
CA ALA A 113 9.61 4.90 2.00
C ALA A 113 9.52 3.84 3.10
N ASN A 114 8.63 2.86 2.92
CA ASN A 114 8.41 1.84 3.93
C ASN A 114 8.59 0.44 3.35
N VAL A 115 8.51 0.31 2.04
CA VAL A 115 8.70 -0.99 1.39
C VAL A 115 9.74 -0.85 0.29
N ASN A 116 10.26 -1.98 -0.16
CA ASN A 116 11.33 -1.98 -1.16
C ASN A 116 10.77 -1.84 -2.57
N THR A 117 9.61 -2.42 -2.80
CA THR A 117 8.99 -2.40 -4.11
C THR A 117 7.52 -2.02 -3.99
N SER A 118 7.01 -1.32 -4.99
CA SER A 118 5.63 -0.87 -5.00
C SER A 118 4.70 -1.99 -5.47
N LEU A 119 3.43 -1.68 -5.59
CA LEU A 119 2.44 -2.68 -5.96
C LEU A 119 2.53 -2.98 -7.46
N ALA A 120 3.12 -4.12 -7.79
CA ALA A 120 3.28 -4.55 -9.17
C ALA A 120 2.00 -5.20 -9.68
N ASP A 121 1.94 -5.44 -10.99
CA ASP A 121 0.71 -5.87 -11.65
C ASP A 121 0.45 -7.37 -11.47
N ALA A 122 1.02 -7.95 -10.42
CA ALA A 122 0.80 -9.36 -10.12
C ALA A 122 1.02 -9.63 -8.64
N MET A 123 0.45 -8.79 -7.79
CA MET A 123 0.56 -8.96 -6.36
C MET A 123 -0.71 -9.60 -5.80
N ALA A 124 -0.55 -10.62 -4.98
CA ALA A 124 -1.68 -11.31 -4.37
C ALA A 124 -2.06 -10.64 -3.06
N VAL A 125 -3.34 -10.34 -2.92
CA VAL A 125 -3.87 -9.70 -1.72
C VAL A 125 -4.47 -10.76 -0.80
N ASN A 126 -4.39 -10.55 0.50
CA ASN A 126 -4.99 -11.47 1.47
C ASN A 126 -5.19 -10.79 2.82
N ILE A 127 -6.34 -11.02 3.44
CA ILE A 127 -6.60 -10.49 4.77
C ILE A 127 -6.13 -11.46 5.84
N LEU A 128 -5.24 -11.00 6.70
CA LEU A 128 -4.72 -11.82 7.78
C LEU A 128 -5.69 -11.83 8.95
N ASN A 129 -5.78 -12.98 9.61
CA ASN A 129 -6.69 -13.16 10.72
C ASN A 129 -5.93 -13.62 11.97
N VAL A 130 -6.29 -13.06 13.11
CA VAL A 130 -5.70 -13.46 14.38
C VAL A 130 -6.76 -14.10 15.25
#